data_7U0Q
#
_entry.id   7U0Q
#
_cell.length_a   1.00
_cell.length_b   1.00
_cell.length_c   1.00
_cell.angle_alpha   90.00
_cell.angle_beta   90.00
_cell.angle_gamma   90.00
#
_symmetry.space_group_name_H-M   'P 1'
#
loop_
_entity.id
_entity.type
_entity.pdbx_description
1 polymer 'Spike glycoprotein'
2 polymer 'mAb 002-02 light chain'
3 polymer 'mAb 002-02 Heavy chain'
4 branched 2-acetamido-2-deoxy-beta-D-glucopyranose-(1-4)-2-acetamido-2-deoxy-beta-D-glucopyranose
5 branched beta-D-mannopyranose-(1-4)-2-acetamido-2-deoxy-beta-D-glucopyranose-(1-4)-2-acetamido-2-deoxy-beta-D-glucopyranose
6 non-polymer 2-acetamido-2-deoxy-beta-D-glucopyranose
#
loop_
_entity_poly.entity_id
_entity_poly.type
_entity_poly.pdbx_seq_one_letter_code
_entity_poly.pdbx_strand_id
1 'polypeptide(L)'
;MFVFLVLLPLVSSQCVNLTTRTQLPPAYTNSFTRGVYYPDKVFRSSVLHSTQDLFLPFFSNVTWFHAIHVSGTNGTKRFD
NPVLPFNDGVYFASTEKSNIIRGWIFGTTLDSKTQSLLIVNNATNVVIKVCEFQFCNDPFLGVYYHKNNKSWMESEFRVY
SSANNCTFEYVSQPFLMDLEGKQGNFKNLREFVFKNIDGYFKIYSKHTPINLVRDLPQGFSALEPLVDLPIGINITRFQT
LLALHRSYLTPGDSSSGWTAGAAAYYVGYLQPRTFLLKYNENGTITDAVDCALDPLSETKCTLKSFTVEKGIYQTSNFRV
QPTESIVRFPNITNLCPFGEVFNATRFASVYAWNRKRISNCVADYSVLYNSASFSTFKCYGVSPTKLNDLCFTNVYADSF
VIRGDEVRQIAPGQTGKIADYNYKLPDDFTGCVIAWNSNNLDSKVGGNYNYLYRLFRKSNLKPFERDISTEIYQAGSTPC
NGVEGFNCYFPLQSYGFQPTNGVGYQPYRVVVLSFELLHAPATVCGPKKSTNLVKNKCVNFNFNGLTGTGVLTESNKKFL
PFQQFGRDIADTTDAVRDPQTLEILDITPCSFGGVSVITPGTNTSNQVAVLYQDVNCTEVPVAIHADQLTPTWRVYSTGS
NVFQTRAGCLIGAEHVNNSYECDIPIGAGICASYQTQTNSPGSASSVASQSIIAYTMSLGAENSVAYSNNSIAIPTNFTI
SVTTEILPVSMTKTSVDCTMYICGDSTECSNLLLQYGSFCTQLNRALTGIAVEQDKNTQEVFAQVKQIYKTPPIKDFGGF
NFSQILPDPSKPSKRSPIEDLLFNKVTLADAGFIKQYGDCLGDIAARDLICAQKFNGLTVLPPLLTDEMIAQYTSALLAG
TITSGWTFGAGPALQIPFPMQMAYRFNGIGVTQNVLYENQKLIANQFNSAIGKIQDSLSSTPSALGKLQDVVNQNAQALN
TLVKQLSSNFGAISSVLNDILSRLDPPEAEVQIDRLITGRLQSLQTYVTQQLIRAAEIRASANLAATKMSECVLGQSKRV
DFCGKGYHLMSFPQSAPHGVVFLHVTYVPAQEKNFTTAPAICHDGKAHFPREGVFVSNGTHWFVTQRNFYEPQIITTDNT
FVSGNCDVVIGIVNNTVYDPLQPELDSFKEELDKYFKNHTSPDVDLGDISGINASVVNIQKEIDRLNEVAKNLNESLIDL
QELGKYEQ
;
A,B,C
2 'polypeptide(L)'
;EIVLTQSPGTLSLSPGERATLSCRASQSISSYLAWYQQKPGQAPRLLIYGASSRATGIPDRFSGSGSETDFTLTISRLEP
EDFAVYFCQQYGSSPRTFGQGTKLEIKRTVAAPSVFIFPPSDEQLKSGTASVVCLLNNFYPREAKVQWKVDNALQSGNSQ
ESVTEQDSKDSTYSLSSTLTLSKADYEKHKVYACEVTHQGLSSPVTKSFNRGEC
;
F,I
3 'polypeptide(L)'
;EVQLVESGGGLVQPGGSLRLSCAASEITVSRNYMSWVRQAPGKGLEWVSVIYSGGSTFYADSVKGRFTISRDNSRNTLYL
QMNSLRADDTAVYYCARDYGDFYFDYWGQGTLVTVSSASTKGPSVFPLAPSSKSTSGGTAALGCLVKDYFPEPVTVSWNS
GALTSGVHTFPAVLQSSGLYSLSSVVTVPSSSLGTQTYICNVNHKPSNTKVDKRVEPKSCDKTHTCPPCPAPELLGGPSV
FLFPPKPKDTLMISRTPEVTCVVVDVSHEDPEVKFNWYVDGVEVHNAKTKPREEQYNSTYRVVSVLTVLHQDWLNGKEYK
CKVSNKALPAPIEKTISKAKGQPREPQVYTLPPSREEMTKNQVSLTCLVKGFYPSDIAVEWESNGQPENNYKTTPPVLDS
DGSFFLYSKLTVDKSRWQQGNVFSCSVMHEALHNHYTQKSLSLSPGK
;
G,J
#
loop_
_chem_comp.id
_chem_comp.type
_chem_comp.name
_chem_comp.formula
BMA D-saccharide, beta linking beta-D-mannopyranose 'C6 H12 O6'
NAG D-saccharide, beta linking 2-acetamido-2-deoxy-beta-D-glucopyranose 'C8 H15 N O6'
#
# COMPACT_ATOMS: atom_id res chain seq x y z
N GLN A 14 43.90 -26.63 -39.98
CA GLN A 14 42.56 -26.87 -40.50
C GLN A 14 41.66 -27.46 -39.41
N CYS A 15 42.03 -28.62 -38.90
CA CYS A 15 41.26 -29.30 -37.86
C CYS A 15 42.20 -29.82 -36.78
N VAL A 16 41.67 -29.92 -35.57
CA VAL A 16 42.42 -30.41 -34.42
C VAL A 16 41.63 -31.54 -33.77
N ASN A 17 42.31 -32.63 -33.45
CA ASN A 17 41.67 -33.78 -32.83
C ASN A 17 41.41 -33.50 -31.35
N LEU A 18 40.14 -33.44 -30.98
CA LEU A 18 39.74 -33.17 -29.59
C LEU A 18 38.51 -34.02 -29.30
N THR A 19 38.71 -35.15 -28.62
CA THR A 19 37.62 -36.04 -28.25
C THR A 19 37.74 -36.40 -26.78
N THR A 20 36.65 -36.95 -26.24
CA THR A 20 36.60 -37.43 -24.86
C THR A 20 36.35 -38.93 -24.83
N ARG A 21 36.98 -39.66 -25.74
CA ARG A 21 36.75 -41.10 -25.86
C ARG A 21 37.16 -41.84 -24.61
N THR A 22 38.34 -41.50 -24.06
CA THR A 22 38.83 -42.14 -22.85
C THR A 22 38.24 -41.42 -21.63
N GLN A 23 37.48 -42.15 -20.82
CA GLN A 23 36.80 -41.56 -19.67
C GLN A 23 37.18 -42.33 -18.41
N LEU A 24 37.62 -41.59 -17.37
CA LEU A 24 37.92 -42.17 -16.07
C LEU A 24 36.66 -42.20 -15.20
N PRO A 25 36.53 -43.19 -14.33
CA PRO A 25 35.34 -43.27 -13.48
C PRO A 25 35.32 -42.15 -12.47
N PRO A 26 34.13 -41.65 -12.11
CA PRO A 26 34.04 -40.58 -11.10
C PRO A 26 34.16 -41.13 -9.69
N ALA A 27 35.27 -40.81 -9.04
CA ALA A 27 35.52 -41.22 -7.66
C ALA A 27 34.91 -40.21 -6.70
N TYR A 28 34.40 -40.70 -5.57
CA TYR A 28 33.71 -39.87 -4.60
C TYR A 28 34.41 -39.97 -3.24
N THR A 29 34.21 -38.93 -2.43
CA THR A 29 34.71 -38.90 -1.06
C THR A 29 33.80 -38.00 -0.25
N ASN A 30 34.18 -37.76 1.00
CA ASN A 30 33.36 -36.97 1.92
C ASN A 30 34.15 -35.79 2.45
N SER A 31 33.48 -34.65 2.57
CA SER A 31 34.08 -33.43 3.11
C SER A 31 33.78 -33.36 4.60
N PHE A 32 34.82 -33.20 5.40
CA PHE A 32 34.69 -33.27 6.85
C PHE A 32 34.76 -31.84 7.40
N THR A 33 33.60 -31.21 7.54
CA THR A 33 33.45 -29.93 8.24
C THR A 33 34.29 -28.82 7.60
N ARG A 34 34.78 -29.01 6.39
CA ARG A 34 35.51 -27.95 5.72
C ARG A 34 34.55 -26.92 5.14
N GLY A 35 35.10 -25.76 4.78
CA GLY A 35 34.33 -24.77 4.06
C GLY A 35 33.57 -23.77 4.90
N VAL A 36 34.05 -23.46 6.10
CA VAL A 36 33.46 -22.41 6.92
C VAL A 36 34.26 -21.14 6.65
N TYR A 37 33.66 -20.20 5.95
CA TYR A 37 34.31 -18.94 5.59
C TYR A 37 33.53 -17.78 6.20
N TYR A 38 34.26 -16.69 6.48
CA TYR A 38 33.67 -15.51 7.09
C TYR A 38 32.55 -14.96 6.21
N PRO A 39 31.29 -15.12 6.64
CA PRO A 39 30.17 -14.71 5.78
C PRO A 39 30.18 -13.22 5.47
N ASP A 40 30.61 -12.40 6.41
CA ASP A 40 30.76 -10.97 6.18
C ASP A 40 32.11 -10.52 6.73
N LYS A 41 32.33 -9.22 6.80
CA LYS A 41 33.61 -8.67 7.23
C LYS A 41 33.47 -7.85 8.50
N VAL A 42 32.70 -8.35 9.46
CA VAL A 42 32.46 -7.66 10.72
C VAL A 42 33.12 -8.44 11.84
N PHE A 43 33.98 -7.77 12.59
CA PHE A 43 34.68 -8.41 13.70
C PHE A 43 33.76 -8.55 14.90
N ARG A 44 33.84 -9.70 15.57
CA ARG A 44 33.01 -9.98 16.72
C ARG A 44 33.87 -10.60 17.83
N SER A 45 33.46 -10.34 19.07
CA SER A 45 34.14 -10.89 20.23
C SER A 45 33.72 -12.34 20.44
N SER A 46 34.01 -12.91 21.61
CA SER A 46 33.67 -14.30 21.86
C SER A 46 32.17 -14.45 21.98
N VAL A 47 31.49 -14.51 20.83
CA VAL A 47 30.03 -14.53 20.78
C VAL A 47 29.62 -15.57 19.75
N LEU A 48 28.40 -16.08 19.91
CA LEU A 48 27.82 -17.06 18.99
C LEU A 48 26.82 -16.34 18.10
N HIS A 49 27.16 -16.19 16.83
CA HIS A 49 26.33 -15.49 15.86
C HIS A 49 25.82 -16.45 14.81
N SER A 50 24.55 -16.30 14.45
CA SER A 50 23.92 -17.12 13.43
C SER A 50 23.82 -16.33 12.14
N THR A 51 24.27 -16.93 11.05
CA THR A 51 24.33 -16.26 9.76
C THR A 51 23.66 -17.11 8.69
N GLN A 52 23.05 -16.44 7.72
CA GLN A 52 22.45 -17.09 6.56
C GLN A 52 23.21 -16.67 5.31
N ASP A 53 23.80 -17.65 4.63
CA ASP A 53 24.53 -17.43 3.39
C ASP A 53 24.76 -18.80 2.77
N LEU A 54 25.64 -18.86 1.76
CA LEU A 54 25.92 -20.10 1.05
C LEU A 54 27.16 -20.75 1.65
N PHE A 55 26.97 -21.87 2.33
CA PHE A 55 28.06 -22.62 2.94
C PHE A 55 28.06 -24.04 2.38
N LEU A 56 29.11 -24.80 2.73
CA LEU A 56 29.17 -26.21 2.37
C LEU A 56 28.52 -27.04 3.45
N PRO A 57 27.51 -27.85 3.14
CA PRO A 57 26.92 -28.71 4.16
C PRO A 57 27.97 -29.59 4.80
N PHE A 58 27.89 -29.74 6.12
CA PHE A 58 29.03 -30.21 6.90
C PHE A 58 29.48 -31.60 6.47
N PHE A 59 28.54 -32.51 6.26
CA PHE A 59 28.85 -33.87 5.82
C PHE A 59 28.25 -34.06 4.43
N SER A 60 29.05 -33.80 3.41
CA SER A 60 28.61 -33.85 2.02
C SER A 60 29.59 -34.69 1.21
N ASN A 61 29.08 -35.24 0.09
CA ASN A 61 29.89 -36.01 -0.85
C ASN A 61 30.45 -35.05 -1.89
N VAL A 62 31.71 -34.62 -1.70
CA VAL A 62 32.40 -33.85 -2.72
C VAL A 62 32.93 -34.82 -3.77
N THR A 63 33.36 -34.31 -4.91
CA THR A 63 33.79 -35.14 -6.03
C THR A 63 35.31 -35.11 -6.14
N TRP A 64 35.92 -36.29 -6.17
CA TRP A 64 37.36 -36.43 -6.28
C TRP A 64 37.71 -36.82 -7.71
N PHE A 65 38.47 -35.97 -8.38
CA PHE A 65 38.96 -36.24 -9.73
C PHE A 65 40.46 -36.46 -9.67
N HIS A 66 40.89 -37.63 -10.14
CA HIS A 66 42.28 -38.06 -10.04
C HIS A 66 42.85 -38.17 -11.46
N ALA A 67 43.49 -37.11 -11.92
CA ALA A 67 44.16 -37.15 -13.22
C ALA A 67 45.42 -38.02 -13.11
N ILE A 68 45.56 -38.97 -14.01
CA ILE A 68 46.55 -40.04 -13.88
C ILE A 68 47.58 -39.92 -14.99
N HIS A 69 48.86 -39.92 -14.61
CA HIS A 69 49.97 -39.98 -15.55
C HIS A 69 50.89 -41.12 -15.12
N VAL A 70 51.21 -42.01 -16.05
CA VAL A 70 52.05 -43.15 -15.74
C VAL A 70 53.51 -42.85 -16.09
N THR A 76 46.71 -44.37 -24.22
CA THR A 76 47.96 -44.59 -23.53
C THR A 76 47.88 -44.09 -22.09
N LYS A 77 47.57 -42.81 -21.93
CA LYS A 77 47.42 -42.17 -20.63
C LYS A 77 46.69 -40.85 -20.82
N ARG A 78 46.03 -40.39 -19.77
CA ARG A 78 45.25 -39.16 -19.86
C ARG A 78 45.28 -38.43 -18.53
N PHE A 79 45.87 -37.23 -18.54
CA PHE A 79 45.78 -36.29 -17.43
C PHE A 79 44.60 -35.38 -17.73
N ASP A 80 43.43 -35.70 -17.18
CA ASP A 80 42.17 -35.14 -17.64
C ASP A 80 41.46 -34.40 -16.51
N ASN A 81 40.58 -33.48 -16.91
CA ASN A 81 39.76 -32.68 -16.00
C ASN A 81 38.53 -32.16 -16.74
N PRO A 82 37.45 -32.92 -16.79
CA PRO A 82 36.25 -32.45 -17.50
C PRO A 82 35.70 -31.17 -16.89
N VAL A 83 34.86 -30.48 -17.67
CA VAL A 83 34.20 -29.28 -17.17
C VAL A 83 33.19 -29.66 -16.10
N LEU A 84 32.99 -28.76 -15.14
CA LEU A 84 32.01 -28.98 -14.08
C LEU A 84 31.10 -27.77 -13.93
N PRO A 85 29.84 -27.98 -13.57
CA PRO A 85 28.94 -26.86 -13.35
C PRO A 85 29.34 -26.05 -12.13
N PHE A 86 28.80 -24.83 -12.05
CA PHE A 86 29.14 -23.89 -11.00
C PHE A 86 28.05 -23.72 -9.96
N ASN A 87 26.78 -23.84 -10.34
CA ASN A 87 25.62 -23.67 -9.44
C ASN A 87 25.75 -22.30 -8.78
N ASP A 88 25.55 -22.19 -7.47
CA ASP A 88 25.60 -20.91 -6.78
C ASP A 88 26.90 -20.70 -6.01
N GLY A 89 27.88 -21.56 -6.22
CA GLY A 89 29.14 -21.47 -5.50
C GLY A 89 29.87 -22.79 -5.54
N VAL A 90 31.18 -22.71 -5.38
CA VAL A 90 32.04 -23.88 -5.52
C VAL A 90 33.03 -23.90 -4.37
N TYR A 91 33.17 -25.06 -3.72
CA TYR A 91 34.25 -25.32 -2.78
C TYR A 91 35.34 -26.06 -3.54
N PHE A 92 36.52 -25.45 -3.63
CA PHE A 92 37.64 -26.00 -4.37
C PHE A 92 38.79 -26.27 -3.42
N ALA A 93 39.26 -27.51 -3.39
CA ALA A 93 40.33 -27.90 -2.49
C ALA A 93 41.33 -28.76 -3.26
N SER A 94 42.59 -28.71 -2.83
CA SER A 94 43.64 -29.42 -3.56
C SER A 94 44.84 -29.65 -2.66
N THR A 95 45.57 -30.72 -2.96
CA THR A 95 46.90 -30.95 -2.42
C THR A 95 47.87 -31.13 -3.58
N GLU A 96 49.04 -30.53 -3.47
CA GLU A 96 50.03 -30.57 -4.53
C GLU A 96 51.39 -30.19 -3.97
N LYS A 97 52.43 -30.42 -4.75
CA LYS A 97 53.79 -30.08 -4.37
C LYS A 97 54.58 -29.34 -5.44
N SER A 98 54.18 -29.42 -6.70
CA SER A 98 54.93 -28.79 -7.79
C SER A 98 54.13 -27.67 -8.46
N ASN A 99 53.19 -27.07 -7.73
CA ASN A 99 52.35 -25.98 -8.26
C ASN A 99 51.64 -26.43 -9.52
N ILE A 100 51.12 -27.66 -9.49
CA ILE A 100 50.49 -28.26 -10.65
C ILE A 100 49.24 -27.49 -11.05
N ILE A 101 48.42 -27.10 -10.06
CA ILE A 101 47.19 -26.36 -10.34
C ILE A 101 47.53 -24.89 -10.47
N ARG A 102 47.14 -24.29 -11.58
CA ARG A 102 47.53 -22.92 -11.91
C ARG A 102 46.36 -21.95 -11.97
N GLY A 103 45.22 -22.34 -12.53
CA GLY A 103 44.17 -21.37 -12.72
C GLY A 103 42.80 -21.97 -12.95
N TRP A 104 41.84 -21.08 -13.17
CA TRP A 104 40.44 -21.44 -13.36
C TRP A 104 39.88 -20.66 -14.55
N ILE A 105 38.82 -21.20 -15.13
CA ILE A 105 38.07 -20.51 -16.17
C ILE A 105 36.59 -20.61 -15.84
N PHE A 106 35.88 -19.50 -15.97
CA PHE A 106 34.44 -19.45 -15.72
C PHE A 106 33.74 -18.80 -16.91
N GLY A 107 32.50 -19.20 -17.15
CA GLY A 107 31.74 -18.62 -18.24
C GLY A 107 30.35 -19.22 -18.29
N THR A 108 29.57 -18.73 -19.26
CA THR A 108 28.21 -19.20 -19.48
C THR A 108 28.10 -20.08 -20.72
N THR A 109 28.49 -19.56 -21.88
CA THR A 109 28.51 -20.33 -23.11
C THR A 109 29.89 -20.88 -23.44
N LEU A 110 30.92 -20.35 -22.80
CA LEU A 110 32.30 -20.82 -22.96
C LEU A 110 32.78 -20.69 -24.41
N ASP A 111 32.30 -19.67 -25.11
CA ASP A 111 32.75 -19.38 -26.47
C ASP A 111 32.88 -17.88 -26.64
N SER A 112 33.22 -17.46 -27.86
CA SER A 112 33.41 -16.04 -28.13
C SER A 112 32.13 -15.23 -28.00
N LYS A 113 30.97 -15.89 -28.01
CA LYS A 113 29.70 -15.17 -27.96
C LYS A 113 29.55 -14.37 -26.67
N THR A 114 29.92 -14.96 -25.53
CA THR A 114 29.76 -14.34 -24.24
C THR A 114 31.10 -14.24 -23.52
N GLN A 115 31.21 -13.25 -22.64
CA GLN A 115 32.42 -12.98 -21.90
C GLN A 115 32.72 -14.12 -20.91
N SER A 116 33.98 -14.25 -20.55
CA SER A 116 34.44 -15.29 -19.64
C SER A 116 35.50 -14.73 -18.72
N LEU A 117 35.64 -15.35 -17.55
CA LEU A 117 36.62 -14.94 -16.55
C LEU A 117 37.76 -15.94 -16.52
N LEU A 118 38.99 -15.43 -16.61
CA LEU A 118 40.19 -16.26 -16.66
C LEU A 118 41.14 -15.81 -15.56
N ILE A 119 41.36 -16.66 -14.57
CA ILE A 119 42.27 -16.38 -13.46
C ILE A 119 43.38 -17.42 -13.51
N VAL A 120 44.62 -16.96 -13.51
CA VAL A 120 45.78 -17.84 -13.61
C VAL A 120 46.92 -17.28 -12.77
N ASN A 121 47.71 -18.18 -12.18
CA ASN A 121 48.81 -17.81 -11.31
C ASN A 121 50.13 -18.29 -11.89
N ASN A 122 51.20 -17.55 -11.61
CA ASN A 122 52.56 -17.94 -11.99
C ASN A 122 53.49 -17.61 -10.84
N ALA A 123 54.78 -17.90 -11.03
CA ALA A 123 55.77 -17.68 -9.98
C ALA A 123 55.85 -16.22 -9.58
N THR A 124 55.55 -15.30 -10.51
CA THR A 124 55.80 -13.89 -10.29
C THR A 124 54.59 -13.17 -9.70
N ASN A 125 53.40 -13.36 -10.28
CA ASN A 125 52.24 -12.59 -9.89
C ASN A 125 50.97 -13.38 -10.23
N VAL A 126 49.83 -12.68 -10.16
CA VAL A 126 48.54 -13.23 -10.54
C VAL A 126 47.94 -12.35 -11.63
N VAL A 127 47.33 -12.98 -12.62
CA VAL A 127 46.67 -12.29 -13.73
C VAL A 127 45.21 -12.72 -13.75
N ILE A 128 44.32 -11.74 -13.86
CA ILE A 128 42.88 -11.99 -13.95
C ILE A 128 42.31 -11.14 -15.07
N LYS A 129 41.63 -11.78 -16.03
CA LYS A 129 41.09 -11.10 -17.19
C LYS A 129 39.66 -11.55 -17.44
N VAL A 130 38.88 -10.65 -18.05
CA VAL A 130 37.52 -10.94 -18.48
C VAL A 130 37.41 -10.58 -19.95
N CYS A 131 37.18 -11.58 -20.79
CA CYS A 131 37.16 -11.39 -22.23
C CYS A 131 36.19 -12.35 -22.88
N GLU A 132 35.88 -12.08 -24.16
CA GLU A 132 35.10 -12.99 -24.99
C GLU A 132 36.01 -14.11 -25.48
N PHE A 133 36.45 -14.93 -24.53
CA PHE A 133 37.43 -15.97 -24.81
C PHE A 133 36.83 -17.08 -25.68
N GLN A 134 37.72 -17.92 -26.19
CA GLN A 134 37.34 -19.16 -26.86
C GLN A 134 38.00 -20.32 -26.14
N PHE A 135 37.26 -21.40 -25.93
CA PHE A 135 37.72 -22.49 -25.09
C PHE A 135 37.94 -23.76 -25.91
N CYS A 136 38.90 -24.55 -25.47
CA CYS A 136 39.25 -25.82 -26.10
C CYS A 136 39.18 -26.92 -25.05
N ASN A 137 38.95 -28.15 -25.52
CA ASN A 137 38.78 -29.28 -24.62
C ASN A 137 40.05 -29.61 -23.84
N ASP A 138 41.21 -29.15 -24.29
CA ASP A 138 42.47 -29.42 -23.63
C ASP A 138 43.21 -28.11 -23.36
N PRO A 139 42.76 -27.34 -22.38
CA PRO A 139 43.46 -26.11 -22.01
C PRO A 139 44.49 -26.36 -20.91
N PHE A 140 45.59 -25.64 -21.01
CA PHE A 140 46.70 -25.82 -20.09
C PHE A 140 47.68 -24.66 -20.26
N LEU A 141 48.58 -24.52 -19.31
CA LEU A 141 49.62 -23.50 -19.34
C LEU A 141 50.93 -24.16 -19.75
N GLY A 142 51.50 -23.69 -20.86
CA GLY A 142 52.72 -24.30 -21.37
C GLY A 142 53.95 -23.68 -20.73
N VAL A 143 54.92 -24.54 -20.40
CA VAL A 143 56.22 -24.13 -19.90
C VAL A 143 57.27 -24.90 -20.69
N TYR A 144 58.40 -24.24 -20.97
CA TYR A 144 59.44 -24.84 -21.78
C TYR A 144 60.81 -24.30 -21.36
N TYR A 145 61.85 -24.83 -21.97
CA TYR A 145 63.23 -24.50 -21.66
C TYR A 145 63.79 -23.62 -22.77
N HIS A 146 64.38 -22.48 -22.39
CA HIS A 146 64.90 -21.52 -23.34
C HIS A 146 66.35 -21.88 -23.69
N LYS A 147 66.58 -22.23 -24.96
CA LYS A 147 67.92 -22.63 -25.38
C LYS A 147 68.91 -21.48 -25.27
N ASN A 148 68.49 -20.27 -25.67
CA ASN A 148 69.41 -19.13 -25.66
C ASN A 148 69.79 -18.74 -24.24
N ASN A 149 68.81 -18.68 -23.34
CA ASN A 149 69.06 -18.26 -21.96
C ASN A 149 69.43 -19.41 -21.04
N LYS A 150 69.31 -20.66 -21.51
CA LYS A 150 69.75 -21.83 -20.75
C LYS A 150 69.06 -21.92 -19.39
N SER A 151 67.73 -21.80 -19.40
CA SER A 151 66.95 -21.89 -18.17
C SER A 151 65.51 -22.19 -18.53
N TRP A 152 64.76 -22.67 -17.52
CA TRP A 152 63.34 -22.91 -17.68
C TRP A 152 62.57 -21.60 -17.51
N MET A 153 61.57 -21.41 -18.35
CA MET A 153 60.79 -20.18 -18.36
C MET A 153 59.37 -20.54 -18.78
N GLU A 154 58.41 -19.69 -18.40
CA GLU A 154 56.98 -19.98 -18.60
C GLU A 154 56.29 -18.76 -19.22
N SER A 155 56.09 -18.78 -20.55
CA SER A 155 55.32 -17.73 -21.20
C SER A 155 54.67 -18.30 -22.46
N GLU A 156 53.42 -18.77 -22.31
CA GLU A 156 52.56 -19.11 -23.44
C GLU A 156 51.15 -19.44 -22.93
N PHE A 157 50.14 -19.12 -23.72
CA PHE A 157 48.75 -19.40 -23.38
C PHE A 157 48.17 -20.35 -24.42
N ARG A 158 47.64 -21.49 -23.96
CA ARG A 158 46.89 -22.39 -24.83
C ARG A 158 45.52 -22.58 -24.19
N VAL A 159 44.65 -21.61 -24.41
CA VAL A 159 43.25 -21.67 -24.04
C VAL A 159 42.42 -21.24 -25.23
N TYR A 160 42.79 -20.08 -25.80
CA TYR A 160 42.01 -19.39 -26.82
C TYR A 160 42.90 -19.06 -28.00
N SER A 161 42.26 -18.85 -29.15
CA SER A 161 42.98 -18.35 -30.31
C SER A 161 43.25 -16.86 -30.19
N SER A 162 42.24 -16.08 -29.80
CA SER A 162 42.39 -14.64 -29.62
C SER A 162 41.37 -14.18 -28.58
N ALA A 163 41.63 -13.01 -28.02
CA ALA A 163 40.78 -12.42 -26.98
C ALA A 163 40.25 -11.07 -27.45
N ASN A 164 38.94 -10.87 -27.29
CA ASN A 164 38.28 -9.65 -27.71
C ASN A 164 37.27 -9.24 -26.66
N ASN A 165 36.86 -7.97 -26.71
CA ASN A 165 35.91 -7.39 -25.76
C ASN A 165 36.41 -7.54 -24.32
N CYS A 166 37.61 -7.04 -24.09
CA CYS A 166 38.24 -7.10 -22.78
C CYS A 166 37.68 -5.98 -21.91
N THR A 167 36.99 -6.35 -20.83
CA THR A 167 36.32 -5.38 -19.97
C THR A 167 36.98 -5.22 -18.60
N PHE A 168 37.89 -6.11 -18.22
CA PHE A 168 38.48 -6.04 -16.89
C PHE A 168 39.90 -6.60 -16.92
N GLU A 169 40.69 -6.19 -15.93
CA GLU A 169 42.05 -6.66 -15.77
C GLU A 169 42.47 -6.37 -14.33
N TYR A 170 43.15 -7.33 -13.71
CA TYR A 170 43.56 -7.18 -12.32
C TYR A 170 44.84 -7.98 -12.12
N VAL A 171 45.81 -7.36 -11.43
CA VAL A 171 47.09 -8.00 -11.12
C VAL A 171 47.37 -7.83 -9.64
N SER A 172 47.87 -8.89 -9.00
CA SER A 172 48.24 -8.83 -7.59
C SER A 172 49.36 -9.84 -7.32
N GLN A 173 49.80 -9.86 -6.07
CA GLN A 173 50.90 -10.71 -5.67
C GLN A 173 50.50 -12.18 -5.76
N PRO A 174 51.46 -13.06 -6.06
CA PRO A 174 51.13 -14.49 -6.19
C PRO A 174 50.76 -15.07 -4.83
N PHE A 175 49.59 -15.71 -4.77
CA PHE A 175 49.07 -16.26 -3.53
C PHE A 175 49.14 -17.78 -3.59
N LEU A 176 49.51 -18.37 -2.45
CA LEU A 176 49.39 -19.80 -2.21
C LEU A 176 50.18 -20.62 -3.23
N MET A 177 51.39 -20.17 -3.52
CA MET A 177 52.30 -20.89 -4.41
C MET A 177 53.72 -20.82 -3.86
N ASP A 178 54.54 -21.76 -4.27
CA ASP A 178 55.91 -21.88 -3.79
C ASP A 178 56.91 -21.35 -4.81
N LEU A 179 58.15 -21.17 -4.35
CA LEU A 179 59.19 -20.59 -5.21
C LEU A 179 59.50 -21.48 -6.40
N GLU A 180 59.60 -22.79 -6.17
CA GLU A 180 59.95 -23.73 -7.23
C GLU A 180 59.09 -24.97 -7.12
N GLY A 181 58.95 -25.67 -8.25
CA GLY A 181 58.17 -26.89 -8.28
C GLY A 181 58.98 -28.12 -7.89
N LYS A 182 59.80 -27.99 -6.85
CA LYS A 182 60.62 -29.10 -6.40
C LYS A 182 59.76 -30.21 -5.81
N GLN A 183 60.37 -31.38 -5.65
CA GLN A 183 59.69 -32.50 -5.04
C GLN A 183 59.31 -32.17 -3.60
N GLY A 184 58.29 -32.86 -3.10
CA GLY A 184 57.78 -32.56 -1.78
C GLY A 184 57.11 -33.75 -1.15
N ASN A 185 56.41 -33.49 -0.05
CA ASN A 185 55.76 -34.52 0.74
C ASN A 185 54.26 -34.32 0.92
N PHE A 186 53.66 -33.32 0.25
CA PHE A 186 52.25 -33.00 0.40
C PHE A 186 51.91 -32.70 1.87
N LYS A 187 52.52 -31.63 2.38
CA LYS A 187 52.42 -31.26 3.78
C LYS A 187 51.63 -29.98 4.01
N ASN A 188 50.81 -29.57 3.05
CA ASN A 188 49.98 -28.37 3.21
C ASN A 188 48.78 -28.45 2.27
N LEU A 189 47.59 -28.43 2.85
CA LEU A 189 46.37 -28.40 2.07
C LEU A 189 46.03 -26.99 1.65
N ARG A 190 45.55 -26.83 0.42
CA ARG A 190 45.16 -25.54 -0.13
C ARG A 190 43.68 -25.57 -0.47
N GLU A 191 42.94 -24.56 -0.04
CA GLU A 191 41.49 -24.51 -0.19
C GLU A 191 41.06 -23.18 -0.76
N PHE A 192 39.98 -23.20 -1.54
CA PHE A 192 39.41 -22.00 -2.12
C PHE A 192 37.89 -22.08 -2.00
N VAL A 193 37.26 -20.92 -1.98
CA VAL A 193 35.80 -20.82 -1.98
C VAL A 193 35.41 -19.68 -2.91
N PHE A 194 34.69 -20.00 -3.99
CA PHE A 194 34.26 -19.01 -4.98
C PHE A 194 32.78 -18.72 -4.80
N LYS A 195 32.42 -17.46 -4.81
CA LYS A 195 31.02 -17.04 -4.79
C LYS A 195 30.80 -15.98 -5.86
N ASN A 196 29.59 -15.96 -6.41
CA ASN A 196 29.22 -15.00 -7.44
C ASN A 196 27.75 -14.63 -7.24
N ILE A 197 27.51 -13.56 -6.51
CA ILE A 197 26.17 -13.02 -6.30
C ILE A 197 26.23 -11.50 -6.37
N ASP A 198 25.07 -10.90 -6.63
CA ASP A 198 24.90 -9.45 -6.60
C ASP A 198 25.91 -8.73 -7.49
N GLY A 199 26.25 -9.34 -8.63
CA GLY A 199 27.19 -8.73 -9.54
C GLY A 199 28.60 -8.65 -9.02
N TYR A 200 28.96 -9.44 -8.02
CA TYR A 200 30.30 -9.43 -7.45
C TYR A 200 30.88 -10.83 -7.45
N PHE A 201 32.10 -10.97 -7.93
CA PHE A 201 32.83 -12.23 -7.90
C PHE A 201 33.76 -12.19 -6.69
N LYS A 202 33.46 -12.99 -5.68
CA LYS A 202 34.21 -13.01 -4.43
C LYS A 202 35.01 -14.30 -4.33
N ILE A 203 36.26 -14.18 -3.88
CA ILE A 203 37.16 -15.29 -3.73
C ILE A 203 37.59 -15.38 -2.27
N TYR A 204 37.69 -16.61 -1.76
CA TYR A 204 38.20 -16.86 -0.42
C TYR A 204 39.24 -17.96 -0.49
N SER A 205 40.17 -17.96 0.47
CA SER A 205 41.27 -18.91 0.45
C SER A 205 41.74 -19.18 1.87
N LYS A 206 42.63 -20.16 1.99
CA LYS A 206 43.21 -20.54 3.27
C LYS A 206 44.35 -21.52 3.03
N HIS A 207 45.39 -21.44 3.85
CA HIS A 207 46.51 -22.36 3.82
C HIS A 207 46.58 -23.11 5.14
N THR A 208 46.72 -24.44 5.06
CA THR A 208 46.74 -25.29 6.26
C THR A 208 47.76 -26.42 6.12
N PRO A 209 48.74 -26.52 7.02
CA PRO A 209 49.62 -27.70 7.01
C PRO A 209 48.90 -28.90 7.61
N ILE A 210 49.09 -30.06 6.99
CA ILE A 210 48.39 -31.28 7.38
C ILE A 210 49.31 -32.48 7.19
N ASN A 211 49.06 -33.53 7.97
CA ASN A 211 49.75 -34.81 7.79
C ASN A 211 48.86 -35.92 8.34
N LEU A 212 48.12 -36.58 7.44
CA LEU A 212 47.26 -37.69 7.83
C LEU A 212 47.10 -38.62 6.64
N VAL A 213 46.69 -39.86 6.94
CA VAL A 213 46.37 -40.81 5.87
C VAL A 213 45.16 -40.32 5.09
N ARG A 214 44.13 -39.86 5.79
CA ARG A 214 42.98 -39.26 5.14
C ARG A 214 43.36 -37.92 4.53
N ASP A 215 42.73 -37.60 3.41
CA ASP A 215 43.13 -36.44 2.63
C ASP A 215 42.66 -35.12 3.25
N LEU A 216 41.45 -35.09 3.80
CA LEU A 216 40.88 -33.85 4.32
C LEU A 216 40.63 -33.98 5.82
N PRO A 217 41.53 -33.52 6.67
CA PRO A 217 41.28 -33.54 8.12
C PRO A 217 40.33 -32.43 8.54
N GLN A 218 39.72 -32.63 9.70
CA GLN A 218 38.55 -31.84 10.10
C GLN A 218 38.81 -31.08 11.38
N GLY A 219 38.70 -29.76 11.32
CA GLY A 219 38.71 -28.95 12.52
C GLY A 219 39.35 -27.59 12.39
N PHE A 220 38.68 -26.57 12.92
CA PHE A 220 39.33 -25.30 13.27
C PHE A 220 39.80 -24.54 12.03
N SER A 221 39.60 -25.12 10.84
CA SER A 221 40.09 -24.52 9.61
C SER A 221 39.01 -23.61 9.02
N ALA A 222 39.28 -22.31 9.00
CA ALA A 222 38.37 -21.33 8.45
C ALA A 222 39.06 -20.60 7.31
N LEU A 223 38.25 -20.09 6.38
CA LEU A 223 38.75 -19.44 5.17
C LEU A 223 38.52 -17.94 5.26
N GLU A 224 39.56 -17.16 4.90
CA GLU A 224 39.65 -15.71 4.91
C GLU A 224 39.44 -15.15 3.51
N PRO A 225 38.84 -13.96 3.39
CA PRO A 225 38.71 -13.33 2.09
C PRO A 225 40.05 -12.92 1.52
N LEU A 226 40.14 -12.94 0.20
CA LEU A 226 41.35 -12.53 -0.50
C LEU A 226 41.12 -11.32 -1.39
N VAL A 227 40.16 -11.41 -2.30
CA VAL A 227 39.83 -10.31 -3.22
C VAL A 227 38.33 -10.24 -3.37
N ASP A 228 37.85 -9.08 -3.83
CA ASP A 228 36.43 -8.88 -4.16
C ASP A 228 36.40 -8.25 -5.55
N LEU A 229 36.26 -9.06 -6.58
CA LEU A 229 36.34 -8.58 -7.95
C LEU A 229 35.01 -7.94 -8.35
N PRO A 230 34.98 -6.66 -8.69
CA PRO A 230 33.74 -5.97 -9.10
C PRO A 230 33.46 -6.07 -10.60
N ILE A 231 33.04 -7.25 -11.03
CA ILE A 231 32.76 -7.53 -12.44
C ILE A 231 31.39 -8.17 -12.54
N GLY A 232 30.58 -7.69 -13.48
CA GLY A 232 29.28 -8.26 -13.75
C GLY A 232 29.36 -9.26 -14.89
N ILE A 233 29.03 -10.51 -14.58
CA ILE A 233 29.19 -11.60 -15.54
C ILE A 233 28.32 -12.76 -15.10
N ASN A 234 27.79 -13.50 -16.08
CA ASN A 234 27.00 -14.69 -15.81
C ASN A 234 27.92 -15.91 -15.80
N ILE A 235 27.96 -16.62 -14.67
CA ILE A 235 28.81 -17.79 -14.51
C ILE A 235 27.90 -19.01 -14.34
N THR A 236 28.12 -20.03 -15.15
CA THR A 236 27.38 -21.28 -15.04
C THR A 236 28.27 -22.53 -15.04
N ARG A 237 29.40 -22.51 -15.73
CA ARG A 237 30.31 -23.65 -15.77
C ARG A 237 31.71 -23.18 -15.42
N PHE A 238 32.54 -24.11 -14.97
CA PHE A 238 33.91 -23.76 -14.61
C PHE A 238 34.82 -24.97 -14.81
N GLN A 239 36.12 -24.68 -14.95
CA GLN A 239 37.11 -25.70 -15.23
C GLN A 239 38.44 -25.26 -14.62
N THR A 240 39.26 -26.25 -14.28
CA THR A 240 40.59 -25.98 -13.73
C THR A 240 41.62 -25.93 -14.85
N LEU A 241 42.70 -25.21 -14.58
CA LEU A 241 43.81 -25.06 -15.52
C LEU A 241 45.04 -25.76 -14.94
N LEU A 242 45.71 -26.53 -15.79
CA LEU A 242 46.83 -27.36 -15.36
C LEU A 242 48.10 -26.95 -16.09
N ALA A 243 49.22 -27.00 -15.39
CA ALA A 243 50.52 -26.68 -15.97
C ALA A 243 51.13 -27.94 -16.56
N LEU A 244 51.60 -27.86 -17.81
CA LEU A 244 52.17 -28.99 -18.51
C LEU A 244 53.58 -28.63 -18.96
N HIS A 245 54.53 -29.52 -18.68
CA HIS A 245 55.93 -29.33 -19.06
C HIS A 245 56.18 -29.94 -20.43
N ARG A 246 56.82 -29.17 -21.31
CA ARG A 246 57.12 -29.65 -22.65
C ARG A 246 58.04 -30.86 -22.58
N SER A 247 57.70 -31.90 -23.34
CA SER A 247 58.49 -33.12 -23.41
C SER A 247 59.33 -33.09 -24.68
N TYR A 248 60.65 -33.17 -24.52
CA TYR A 248 61.58 -33.13 -25.64
C TYR A 248 61.78 -34.55 -26.13
N LEU A 249 61.20 -34.86 -27.29
CA LEU A 249 61.18 -36.21 -27.83
C LEU A 249 62.28 -36.40 -28.87
N THR A 250 62.64 -37.66 -29.08
CA THR A 250 63.54 -38.05 -30.15
C THR A 250 62.81 -37.97 -31.48
N PRO A 251 63.54 -37.97 -32.61
CA PRO A 251 62.87 -37.83 -33.91
C PRO A 251 61.83 -38.90 -34.18
N GLY A 252 61.97 -40.10 -33.63
CA GLY A 252 61.04 -41.18 -33.85
C GLY A 252 60.09 -41.53 -32.74
N ASP A 253 60.01 -40.71 -31.67
CA ASP A 253 59.11 -41.04 -30.57
C ASP A 253 57.65 -40.89 -30.96
N SER A 254 57.31 -39.75 -31.56
CA SER A 254 55.92 -39.45 -31.95
C SER A 254 54.96 -39.59 -30.77
N SER A 255 55.39 -39.11 -29.61
CA SER A 255 54.60 -39.22 -28.39
C SER A 255 53.70 -38.00 -28.24
N SER A 256 53.08 -37.86 -27.07
CA SER A 256 52.18 -36.73 -26.82
C SER A 256 52.93 -35.42 -26.87
N GLY A 257 54.12 -35.36 -26.27
CA GLY A 257 54.93 -34.17 -26.26
C GLY A 257 54.71 -33.25 -25.06
N TRP A 258 53.67 -33.47 -24.28
CA TRP A 258 53.41 -32.69 -23.08
C TRP A 258 53.21 -33.64 -21.90
N THR A 259 53.87 -33.34 -20.79
CA THR A 259 53.86 -34.20 -19.61
C THR A 259 53.60 -33.36 -18.36
N ALA A 260 53.07 -34.01 -17.34
CA ALA A 260 52.81 -33.35 -16.07
C ALA A 260 52.86 -34.38 -14.95
N GLY A 261 53.15 -33.91 -13.73
CA GLY A 261 53.15 -34.77 -12.58
C GLY A 261 51.75 -35.07 -12.06
N ALA A 262 51.65 -36.14 -11.29
CA ALA A 262 50.36 -36.58 -10.76
C ALA A 262 49.82 -35.58 -9.74
N ALA A 263 48.52 -35.31 -9.83
CA ALA A 263 47.87 -34.37 -8.92
C ALA A 263 46.39 -34.69 -8.86
N ALA A 264 45.74 -34.14 -7.83
CA ALA A 264 44.31 -34.36 -7.64
C ALA A 264 43.72 -33.18 -6.86
N TYR A 265 42.41 -33.03 -6.95
CA TYR A 265 41.70 -31.96 -6.27
C TYR A 265 40.26 -32.40 -6.02
N TYR A 266 39.60 -31.72 -5.08
CA TYR A 266 38.24 -32.03 -4.70
C TYR A 266 37.36 -30.82 -4.94
N VAL A 267 36.16 -31.06 -5.47
CA VAL A 267 35.21 -30.01 -5.80
C VAL A 267 33.95 -30.25 -4.99
N GLY A 268 33.55 -29.25 -4.21
CA GLY A 268 32.29 -29.30 -3.49
C GLY A 268 31.34 -28.26 -4.02
N TYR A 269 30.06 -28.39 -3.72
CA TYR A 269 29.05 -27.46 -4.24
C TYR A 269 28.35 -26.80 -3.07
N LEU A 270 28.34 -25.47 -3.06
CA LEU A 270 27.69 -24.73 -1.99
C LEU A 270 26.17 -24.87 -2.11
N GLN A 271 25.47 -24.41 -1.09
CA GLN A 271 24.05 -24.64 -0.97
C GLN A 271 23.49 -23.74 0.13
N PRO A 272 22.31 -23.13 -0.07
CA PRO A 272 21.79 -22.22 0.96
C PRO A 272 21.55 -22.93 2.28
N ARG A 273 22.23 -22.45 3.32
CA ARG A 273 22.12 -23.01 4.66
C ARG A 273 22.18 -21.87 5.66
N THR A 274 21.89 -22.19 6.91
CA THR A 274 22.10 -21.25 8.02
C THR A 274 23.09 -21.88 8.99
N PHE A 275 24.11 -21.11 9.35
CA PHE A 275 25.20 -21.62 10.18
C PHE A 275 25.25 -20.90 11.51
N LEU A 276 25.96 -21.50 12.46
CA LEU A 276 26.22 -20.90 13.76
C LEU A 276 27.71 -20.99 14.01
N LEU A 277 28.38 -19.85 14.03
CA LEU A 277 29.83 -19.79 14.14
C LEU A 277 30.24 -19.30 15.52
N LYS A 278 31.39 -19.77 15.99
CA LYS A 278 31.95 -19.36 17.27
C LYS A 278 33.21 -18.55 17.04
N TYR A 279 33.22 -17.32 17.55
CA TYR A 279 34.40 -16.48 17.55
C TYR A 279 35.06 -16.54 18.92
N ASN A 280 36.37 -16.29 18.96
CA ASN A 280 37.13 -16.22 20.20
C ASN A 280 37.44 -14.76 20.52
N GLU A 281 38.27 -14.54 21.54
CA GLU A 281 38.61 -13.16 21.89
C GLU A 281 39.69 -12.65 20.95
N ASN A 282 39.46 -12.85 19.66
CA ASN A 282 40.24 -12.37 18.53
C ASN A 282 39.31 -12.49 17.32
N GLY A 283 39.78 -12.05 16.17
CA GLY A 283 38.93 -12.09 15.00
C GLY A 283 38.91 -13.41 14.27
N THR A 284 39.11 -14.52 14.99
CA THR A 284 39.26 -15.84 14.40
C THR A 284 38.09 -16.74 14.75
N ILE A 285 37.57 -17.44 13.76
CA ILE A 285 36.51 -18.43 13.94
C ILE A 285 37.15 -19.79 14.18
N THR A 286 36.71 -20.48 15.23
CA THR A 286 37.28 -21.77 15.58
C THR A 286 36.31 -22.94 15.42
N ASP A 287 35.02 -22.74 15.59
CA ASP A 287 34.07 -23.84 15.52
C ASP A 287 32.74 -23.34 14.97
N ALA A 288 32.09 -24.22 14.20
CA ALA A 288 30.79 -23.90 13.63
C ALA A 288 29.93 -25.16 13.63
N VAL A 289 28.61 -24.96 13.65
CA VAL A 289 27.67 -26.06 13.66
C VAL A 289 26.54 -25.75 12.69
N ASP A 290 26.21 -26.72 11.84
CA ASP A 290 25.11 -26.58 10.90
C ASP A 290 23.79 -26.60 11.66
N CYS A 291 22.80 -25.92 11.12
CA CYS A 291 21.47 -25.87 11.71
C CYS A 291 20.52 -26.88 11.10
N ALA A 292 20.96 -27.61 10.08
CA ALA A 292 20.13 -28.62 9.44
C ALA A 292 20.75 -30.00 9.47
N LEU A 293 21.93 -30.16 10.07
CA LEU A 293 22.63 -31.45 10.01
C LEU A 293 21.86 -32.51 10.78
N ASP A 294 21.72 -32.33 12.09
CA ASP A 294 21.16 -33.34 12.99
C ASP A 294 20.30 -32.63 14.00
N PRO A 295 19.25 -33.27 14.51
CA PRO A 295 18.43 -32.65 15.56
C PRO A 295 19.24 -32.14 16.74
N LEU A 296 20.35 -32.79 17.08
CA LEU A 296 21.26 -32.22 18.07
C LEU A 296 21.75 -30.85 17.60
N SER A 297 22.14 -30.74 16.34
CA SER A 297 22.63 -29.47 15.81
C SER A 297 21.52 -28.45 15.74
N GLU A 298 20.30 -28.88 15.42
CA GLU A 298 19.18 -27.95 15.42
C GLU A 298 18.92 -27.40 16.82
N THR A 299 19.03 -28.26 17.84
CA THR A 299 18.91 -27.80 19.21
C THR A 299 20.00 -26.79 19.56
N LYS A 300 21.25 -27.11 19.18
CA LYS A 300 22.36 -26.20 19.42
C LYS A 300 22.07 -24.83 18.82
N CYS A 301 21.50 -24.84 17.61
CA CYS A 301 21.18 -23.59 16.95
C CYS A 301 20.11 -22.81 17.69
N THR A 302 18.98 -23.46 17.95
CA THR A 302 17.85 -22.74 18.51
C THR A 302 18.17 -22.23 19.91
N LEU A 303 19.05 -22.93 20.63
CA LEU A 303 19.46 -22.42 21.93
C LEU A 303 20.64 -21.44 21.84
N LYS A 304 21.29 -21.36 20.68
CA LYS A 304 22.42 -20.48 20.42
C LYS A 304 23.61 -20.75 21.32
N SER A 305 23.60 -21.85 22.06
CA SER A 305 24.76 -22.30 22.82
C SER A 305 25.41 -23.48 22.10
N PHE A 306 26.66 -23.75 22.48
CA PHE A 306 27.37 -24.88 21.91
C PHE A 306 27.29 -26.13 22.78
N THR A 307 26.69 -26.03 23.96
CA THR A 307 26.39 -27.19 24.79
C THR A 307 25.00 -27.01 25.38
N VAL A 308 24.30 -28.11 25.56
CA VAL A 308 22.93 -28.07 26.07
C VAL A 308 22.82 -29.02 27.26
N GLU A 309 21.91 -28.69 28.18
CA GLU A 309 21.65 -29.51 29.35
C GLU A 309 20.38 -30.33 29.13
N LYS A 310 20.28 -31.42 29.87
CA LYS A 310 19.20 -32.38 29.65
C LYS A 310 17.84 -31.72 29.82
N GLY A 311 16.94 -32.02 28.90
CA GLY A 311 15.58 -31.50 28.94
C GLY A 311 15.00 -31.41 27.55
N ILE A 312 13.66 -31.46 27.50
CA ILE A 312 12.98 -31.28 26.22
C ILE A 312 13.30 -29.91 25.66
N TYR A 313 13.43 -29.83 24.34
CA TYR A 313 13.60 -28.57 23.65
C TYR A 313 12.76 -28.59 22.39
N GLN A 314 11.95 -27.55 22.20
CA GLN A 314 11.21 -27.37 20.95
C GLN A 314 12.16 -26.70 19.97
N THR A 315 12.31 -27.29 18.79
CA THR A 315 13.21 -26.77 17.77
C THR A 315 12.48 -26.16 16.59
N SER A 316 11.60 -26.92 15.96
CA SER A 316 10.92 -26.47 14.76
C SER A 316 9.55 -27.12 14.72
N ASN A 317 8.96 -27.16 13.52
CA ASN A 317 7.58 -27.57 13.32
C ASN A 317 7.51 -28.58 12.20
N PHE A 318 6.67 -29.59 12.38
CA PHE A 318 6.58 -30.70 11.44
C PHE A 318 5.18 -30.74 10.86
N ARG A 319 5.07 -30.63 9.54
CA ARG A 319 3.80 -30.72 8.84
C ARG A 319 3.95 -31.62 7.63
N VAL A 320 2.89 -32.36 7.31
CA VAL A 320 2.91 -33.21 6.13
C VAL A 320 2.60 -32.38 4.89
N GLN A 321 3.17 -32.79 3.76
CA GLN A 321 2.92 -32.06 2.53
C GLN A 321 1.95 -32.82 1.63
N PRO A 322 1.01 -32.11 0.99
CA PRO A 322 0.05 -32.79 0.12
C PRO A 322 0.75 -33.50 -1.04
N THR A 323 0.23 -34.68 -1.39
CA THR A 323 0.85 -35.47 -2.45
C THR A 323 0.36 -35.08 -3.84
N GLU A 324 -0.88 -34.60 -3.94
CA GLU A 324 -1.46 -34.27 -5.24
C GLU A 324 -2.64 -33.33 -5.02
N SER A 325 -3.27 -32.93 -6.11
CA SER A 325 -4.45 -32.07 -6.07
C SER A 325 -5.57 -32.69 -6.88
N ILE A 326 -6.80 -32.49 -6.41
CA ILE A 326 -7.98 -33.02 -7.09
C ILE A 326 -9.03 -31.93 -7.18
N VAL A 327 -9.92 -32.07 -8.16
CA VAL A 327 -11.05 -31.16 -8.34
C VAL A 327 -12.27 -32.00 -8.72
N ARG A 328 -13.41 -31.70 -8.10
CA ARG A 328 -14.67 -32.35 -8.42
C ARG A 328 -15.73 -31.29 -8.75
N PHE A 329 -16.58 -31.60 -9.73
CA PHE A 329 -17.65 -30.71 -10.14
C PHE A 329 -18.87 -31.52 -10.50
N PRO A 330 -20.06 -30.94 -10.40
CA PRO A 330 -21.28 -31.65 -10.81
C PRO A 330 -21.52 -31.54 -12.30
N ASN A 331 -22.39 -32.42 -12.78
CA ASN A 331 -22.84 -32.40 -14.17
C ASN A 331 -24.36 -32.42 -14.21
N ILE A 332 -24.92 -31.83 -15.25
CA ILE A 332 -26.35 -31.86 -15.50
C ILE A 332 -26.62 -32.74 -16.72
N THR A 333 -27.91 -32.98 -16.97
CA THR A 333 -28.31 -34.02 -17.91
C THR A 333 -27.84 -33.72 -19.33
N ASN A 334 -28.06 -32.50 -19.81
CA ASN A 334 -27.83 -32.18 -21.21
C ASN A 334 -26.96 -30.93 -21.35
N LEU A 335 -26.28 -30.86 -22.48
CA LEU A 335 -25.41 -29.75 -22.83
C LEU A 335 -26.21 -28.68 -23.58
N CYS A 336 -25.52 -27.73 -24.20
CA CYS A 336 -26.19 -26.76 -25.05
C CYS A 336 -26.81 -27.45 -26.25
N PRO A 337 -27.94 -26.94 -26.76
CA PRO A 337 -28.61 -27.52 -27.93
C PRO A 337 -28.02 -27.06 -29.26
N PHE A 338 -26.69 -27.14 -29.39
CA PHE A 338 -26.03 -26.75 -30.63
C PHE A 338 -26.39 -27.68 -31.78
N GLY A 339 -26.79 -28.92 -31.46
CA GLY A 339 -27.08 -29.88 -32.52
C GLY A 339 -28.25 -29.46 -33.40
N GLU A 340 -29.34 -29.01 -32.77
CA GLU A 340 -30.53 -28.65 -33.52
C GLU A 340 -30.32 -27.44 -34.42
N VAL A 341 -29.26 -26.68 -34.22
CA VAL A 341 -28.93 -25.55 -35.08
C VAL A 341 -27.94 -25.93 -36.17
N PHE A 342 -26.83 -26.58 -35.79
CA PHE A 342 -25.84 -26.98 -36.78
C PHE A 342 -26.33 -28.16 -37.62
N ASN A 343 -26.95 -29.14 -36.97
CA ASN A 343 -27.49 -30.33 -37.65
C ASN A 343 -28.98 -30.18 -37.92
N ALA A 344 -29.43 -28.97 -38.21
CA ALA A 344 -30.85 -28.71 -38.40
C ALA A 344 -31.38 -29.40 -39.66
N THR A 345 -32.63 -29.86 -39.57
CA THR A 345 -33.26 -30.48 -40.72
C THR A 345 -33.65 -29.45 -41.77
N ARG A 346 -34.18 -28.31 -41.34
CA ARG A 346 -34.63 -27.27 -42.24
C ARG A 346 -33.67 -26.09 -42.22
N PHE A 347 -33.64 -25.34 -43.31
CA PHE A 347 -32.75 -24.21 -43.49
C PHE A 347 -33.49 -22.91 -43.24
N ALA A 348 -32.73 -21.82 -43.15
CA ALA A 348 -33.29 -20.50 -42.92
C ALA A 348 -32.81 -19.54 -44.02
N SER A 349 -33.74 -18.71 -44.51
CA SER A 349 -33.39 -17.70 -45.49
C SER A 349 -32.73 -16.51 -44.79
N VAL A 350 -31.74 -15.91 -45.47
CA VAL A 350 -30.92 -14.90 -44.81
C VAL A 350 -31.74 -13.66 -44.48
N TYR A 351 -32.63 -13.25 -45.37
CA TYR A 351 -33.42 -12.07 -45.10
C TYR A 351 -34.28 -12.25 -43.86
N ALA A 352 -34.53 -13.50 -43.47
CA ALA A 352 -35.26 -13.82 -42.24
C ALA A 352 -34.39 -14.68 -41.33
N TRP A 353 -33.13 -14.28 -41.15
CA TRP A 353 -32.16 -15.10 -40.42
C TRP A 353 -32.68 -15.46 -39.03
N ASN A 354 -32.63 -16.75 -38.72
CA ASN A 354 -33.06 -17.22 -37.41
C ASN A 354 -32.02 -16.85 -36.34
N ARG A 355 -32.49 -16.77 -35.10
CA ARG A 355 -31.63 -16.49 -33.96
C ARG A 355 -32.05 -17.40 -32.81
N LYS A 356 -31.13 -18.23 -32.34
CA LYS A 356 -31.39 -19.13 -31.23
C LYS A 356 -30.70 -18.63 -29.98
N ARG A 357 -31.47 -18.48 -28.90
CA ARG A 357 -30.93 -18.03 -27.63
C ARG A 357 -30.49 -19.24 -26.81
N ILE A 358 -29.26 -19.20 -26.31
CA ILE A 358 -28.69 -20.29 -25.54
C ILE A 358 -28.35 -19.77 -24.15
N SER A 359 -28.93 -20.41 -23.13
CA SER A 359 -28.71 -20.01 -21.76
C SER A 359 -29.02 -21.18 -20.84
N ASN A 360 -28.31 -21.24 -19.71
CA ASN A 360 -28.55 -22.23 -18.66
C ASN A 360 -28.45 -23.65 -19.19
N CYS A 361 -27.26 -23.98 -19.71
CA CYS A 361 -26.93 -25.31 -20.21
C CYS A 361 -25.44 -25.35 -20.49
N VAL A 362 -24.85 -26.54 -20.40
CA VAL A 362 -23.41 -26.70 -20.50
C VAL A 362 -22.97 -26.49 -21.95
N ALA A 363 -21.94 -25.67 -22.12
CA ALA A 363 -21.40 -25.37 -23.45
C ALA A 363 -20.09 -26.12 -23.65
N ASP A 364 -19.99 -26.82 -24.78
CA ASP A 364 -18.78 -27.55 -25.17
C ASP A 364 -18.46 -27.16 -26.60
N TYR A 365 -17.70 -26.06 -26.76
CA TYR A 365 -17.34 -25.61 -28.08
C TYR A 365 -16.26 -26.46 -28.72
N SER A 366 -15.63 -27.34 -27.95
CA SER A 366 -14.65 -28.26 -28.53
C SER A 366 -15.29 -29.15 -29.58
N VAL A 367 -16.59 -29.45 -29.44
CA VAL A 367 -17.29 -30.27 -30.41
C VAL A 367 -17.31 -29.61 -31.78
N LEU A 368 -17.20 -28.27 -31.82
CA LEU A 368 -17.27 -27.57 -33.11
C LEU A 368 -16.01 -27.78 -33.93
N TYR A 369 -14.86 -27.35 -33.41
CA TYR A 369 -13.63 -27.46 -34.19
C TYR A 369 -13.03 -28.86 -34.19
N ASN A 370 -13.54 -29.77 -33.36
CA ASN A 370 -13.14 -31.16 -33.47
C ASN A 370 -13.82 -31.85 -34.64
N SER A 371 -15.01 -31.39 -35.03
CA SER A 371 -15.71 -31.94 -36.17
C SER A 371 -15.14 -31.36 -37.45
N ALA A 372 -14.60 -32.22 -38.31
CA ALA A 372 -13.96 -31.79 -39.55
C ALA A 372 -14.99 -31.61 -40.66
N SER A 373 -15.95 -30.71 -40.39
CA SER A 373 -17.03 -30.45 -41.34
C SER A 373 -17.19 -28.97 -41.66
N PHE A 374 -16.43 -28.08 -41.04
CA PHE A 374 -16.54 -26.64 -41.26
C PHE A 374 -15.32 -26.16 -42.04
N SER A 375 -15.57 -25.66 -43.25
CA SER A 375 -14.50 -25.11 -44.08
C SER A 375 -14.05 -23.74 -43.63
N THR A 376 -14.90 -23.01 -42.88
CA THR A 376 -14.58 -21.68 -42.41
C THR A 376 -14.79 -21.61 -40.91
N PHE A 377 -13.76 -21.14 -40.20
CA PHE A 377 -13.85 -20.98 -38.75
C PHE A 377 -12.98 -19.77 -38.38
N LYS A 378 -13.62 -18.61 -38.26
CA LYS A 378 -12.94 -17.38 -37.93
C LYS A 378 -13.58 -16.75 -36.69
N CYS A 379 -12.76 -16.27 -35.78
CA CYS A 379 -13.21 -15.73 -34.51
C CYS A 379 -12.68 -14.31 -34.35
N TYR A 380 -13.44 -13.50 -33.61
CA TYR A 380 -13.11 -12.09 -33.40
C TYR A 380 -13.25 -11.78 -31.91
N GLY A 381 -12.15 -11.32 -31.31
CA GLY A 381 -12.15 -10.99 -29.89
C GLY A 381 -12.06 -12.17 -28.95
N VAL A 382 -11.91 -13.38 -29.48
CA VAL A 382 -11.88 -14.59 -28.66
C VAL A 382 -11.25 -15.70 -29.49
N SER A 383 -10.78 -16.74 -28.81
CA SER A 383 -10.14 -17.85 -29.48
C SER A 383 -10.90 -19.15 -29.22
N PRO A 384 -11.00 -20.04 -30.22
CA PRO A 384 -11.70 -21.31 -30.00
C PRO A 384 -11.03 -22.19 -28.96
N THR A 385 -9.71 -22.09 -28.81
CA THR A 385 -9.00 -22.95 -27.88
C THR A 385 -9.41 -22.69 -26.44
N LYS A 386 -9.62 -21.42 -26.08
CA LYS A 386 -9.89 -21.04 -24.71
C LYS A 386 -11.39 -21.04 -24.37
N LEU A 387 -12.26 -21.35 -25.33
CA LEU A 387 -13.70 -21.26 -25.09
C LEU A 387 -14.17 -22.19 -23.98
N ASN A 388 -13.38 -23.21 -23.64
CA ASN A 388 -13.77 -24.15 -22.60
C ASN A 388 -13.68 -23.56 -21.20
N ASP A 389 -13.13 -22.36 -21.04
CA ASP A 389 -12.82 -21.85 -19.70
C ASP A 389 -13.32 -20.42 -19.50
N LEU A 390 -14.49 -20.08 -20.06
CA LEU A 390 -15.06 -18.76 -19.87
C LEU A 390 -16.55 -18.86 -19.59
N CYS A 391 -17.09 -17.82 -18.96
CA CYS A 391 -18.50 -17.72 -18.65
C CYS A 391 -19.07 -16.46 -19.31
N PHE A 392 -20.26 -16.59 -19.89
CA PHE A 392 -20.90 -15.48 -20.58
C PHE A 392 -22.37 -15.43 -20.20
N THR A 393 -22.93 -14.21 -20.22
CA THR A 393 -24.32 -14.03 -19.83
C THR A 393 -25.27 -14.76 -20.78
N ASN A 394 -25.12 -14.53 -22.08
CA ASN A 394 -25.97 -15.16 -23.07
C ASN A 394 -25.19 -15.35 -24.36
N VAL A 395 -25.58 -16.36 -25.14
CA VAL A 395 -24.97 -16.67 -26.42
C VAL A 395 -26.08 -16.75 -27.46
N TYR A 396 -25.97 -15.94 -28.52
CA TYR A 396 -26.93 -15.92 -29.60
C TYR A 396 -26.35 -16.63 -30.81
N ALA A 397 -27.09 -17.58 -31.34
CA ALA A 397 -26.68 -18.36 -32.50
C ALA A 397 -27.58 -17.98 -33.67
N ASP A 398 -27.02 -17.27 -34.64
CA ASP A 398 -27.72 -16.88 -35.85
C ASP A 398 -27.30 -17.76 -37.01
N SER A 399 -28.28 -18.18 -37.81
CA SER A 399 -28.04 -19.06 -38.95
C SER A 399 -28.75 -18.51 -40.19
N PHE A 400 -28.10 -18.69 -41.34
CA PHE A 400 -28.69 -18.32 -42.63
C PHE A 400 -27.91 -19.02 -43.73
N VAL A 401 -28.49 -19.05 -44.93
CA VAL A 401 -27.93 -19.79 -46.06
C VAL A 401 -27.54 -18.81 -47.16
N ILE A 402 -26.23 -18.70 -47.41
CA ILE A 402 -25.67 -17.79 -48.41
C ILE A 402 -24.72 -18.53 -49.31
N ARG A 403 -24.17 -17.84 -50.29
CA ARG A 403 -23.15 -18.40 -51.15
C ARG A 403 -21.75 -18.05 -50.64
N GLY A 404 -20.79 -18.90 -50.99
CA GLY A 404 -19.44 -18.74 -50.48
C GLY A 404 -18.80 -17.42 -50.87
N ASP A 405 -19.23 -16.83 -51.99
CA ASP A 405 -18.70 -15.53 -52.39
C ASP A 405 -19.01 -14.47 -51.36
N GLU A 406 -20.22 -14.52 -50.77
CA GLU A 406 -20.63 -13.54 -49.79
C GLU A 406 -20.22 -13.89 -48.37
N VAL A 407 -19.58 -15.05 -48.17
CA VAL A 407 -19.14 -15.44 -46.83
C VAL A 407 -18.18 -14.41 -46.27
N ARG A 408 -17.29 -13.89 -47.12
CA ARG A 408 -16.33 -12.90 -46.67
C ARG A 408 -17.01 -11.64 -46.12
N GLN A 409 -18.25 -11.39 -46.53
CA GLN A 409 -18.99 -10.24 -46.03
C GLN A 409 -19.34 -10.36 -44.55
N ILE A 410 -19.25 -11.55 -43.97
CA ILE A 410 -19.56 -11.73 -42.55
C ILE A 410 -18.25 -11.50 -41.78
N ALA A 411 -18.05 -10.25 -41.38
CA ALA A 411 -16.89 -9.81 -40.62
C ALA A 411 -17.16 -8.39 -40.14
N PRO A 412 -16.61 -7.97 -39.00
CA PRO A 412 -16.89 -6.60 -38.51
C PRO A 412 -16.38 -5.56 -39.50
N GLY A 413 -17.18 -4.50 -39.68
CA GLY A 413 -16.75 -3.36 -40.46
C GLY A 413 -16.75 -3.56 -41.96
N GLN A 414 -17.25 -4.68 -42.47
CA GLN A 414 -17.28 -4.90 -43.90
C GLN A 414 -18.53 -4.26 -44.52
N THR A 415 -18.53 -4.20 -45.84
CA THR A 415 -19.68 -3.69 -46.58
C THR A 415 -19.99 -4.62 -47.74
N GLY A 416 -21.25 -4.63 -48.15
CA GLY A 416 -21.69 -5.49 -49.22
C GLY A 416 -23.18 -5.72 -49.13
N LYS A 417 -23.72 -6.36 -50.18
CA LYS A 417 -25.17 -6.52 -50.29
C LYS A 417 -25.75 -7.20 -49.07
N ILE A 418 -25.20 -8.35 -48.70
CA ILE A 418 -25.62 -9.02 -47.47
C ILE A 418 -25.32 -8.14 -46.27
N ALA A 419 -24.12 -7.54 -46.25
CA ALA A 419 -23.72 -6.71 -45.12
C ALA A 419 -24.61 -5.50 -44.98
N ASP A 420 -24.94 -4.83 -46.09
CA ASP A 420 -25.63 -3.56 -46.03
C ASP A 420 -27.14 -3.67 -46.22
N TYR A 421 -27.68 -4.87 -46.39
CA TYR A 421 -29.14 -5.03 -46.43
C TYR A 421 -29.66 -6.21 -45.64
N ASN A 422 -28.83 -7.15 -45.22
CA ASN A 422 -29.32 -8.39 -44.62
C ASN A 422 -28.83 -8.61 -43.20
N TYR A 423 -27.53 -8.45 -42.95
CA TYR A 423 -26.97 -8.76 -41.64
C TYR A 423 -25.83 -7.80 -41.34
N LYS A 424 -25.91 -7.11 -40.21
CA LYS A 424 -24.95 -6.08 -39.84
C LYS A 424 -24.24 -6.47 -38.55
N LEU A 425 -22.93 -6.25 -38.52
CA LEU A 425 -22.10 -6.58 -37.38
C LEU A 425 -21.59 -5.31 -36.69
N PRO A 426 -21.38 -5.35 -35.38
CA PRO A 426 -20.76 -4.22 -34.69
C PRO A 426 -19.27 -4.14 -34.98
N ASP A 427 -18.73 -2.93 -34.84
CA ASP A 427 -17.32 -2.71 -35.11
C ASP A 427 -16.43 -3.47 -34.13
N ASP A 428 -16.86 -3.53 -32.86
CA ASP A 428 -16.13 -4.24 -31.81
C ASP A 428 -16.73 -5.61 -31.54
N PHE A 429 -17.20 -6.30 -32.58
CA PHE A 429 -17.87 -7.58 -32.40
C PHE A 429 -16.96 -8.59 -31.70
N THR A 430 -17.54 -9.35 -30.78
CA THR A 430 -16.85 -10.41 -30.07
C THR A 430 -17.61 -11.71 -30.28
N GLY A 431 -16.96 -12.67 -30.94
CA GLY A 431 -17.61 -13.94 -31.20
C GLY A 431 -16.87 -14.72 -32.27
N CYS A 432 -17.55 -15.72 -32.82
CA CYS A 432 -16.98 -16.60 -33.82
C CYS A 432 -17.91 -16.70 -35.02
N VAL A 433 -17.32 -16.91 -36.19
CA VAL A 433 -18.05 -17.07 -37.44
C VAL A 433 -17.71 -18.44 -38.02
N ILE A 434 -18.74 -19.23 -38.31
CA ILE A 434 -18.58 -20.58 -38.84
C ILE A 434 -19.49 -20.74 -40.04
N ALA A 435 -18.95 -21.32 -41.11
CA ALA A 435 -19.73 -21.61 -42.30
C ALA A 435 -19.12 -22.80 -43.02
N TRP A 436 -19.95 -23.46 -43.82
CA TRP A 436 -19.50 -24.62 -44.58
C TRP A 436 -20.44 -24.84 -45.76
N ASN A 437 -19.92 -25.49 -46.80
CA ASN A 437 -20.70 -25.71 -48.01
C ASN A 437 -21.90 -26.60 -47.73
N SER A 438 -22.99 -26.36 -48.45
CA SER A 438 -24.19 -27.17 -48.37
C SER A 438 -24.61 -27.64 -49.76
N ASN A 439 -23.63 -27.81 -50.66
CA ASN A 439 -23.94 -28.17 -52.04
C ASN A 439 -24.63 -29.52 -52.12
N ASN A 440 -24.15 -30.49 -51.33
CA ASN A 440 -24.74 -31.83 -51.35
C ASN A 440 -26.13 -31.88 -50.74
N LEU A 441 -26.58 -30.80 -50.09
CA LEU A 441 -27.88 -30.79 -49.42
C LEU A 441 -28.88 -29.82 -50.01
N ASP A 442 -28.44 -28.80 -50.75
CA ASP A 442 -29.35 -27.80 -51.31
C ASP A 442 -29.42 -27.79 -52.82
N SER A 443 -28.49 -28.44 -53.52
CA SER A 443 -28.42 -28.35 -54.97
C SER A 443 -29.36 -29.37 -55.62
N LYS A 444 -30.17 -28.89 -56.55
CA LYS A 444 -31.07 -29.73 -57.32
C LYS A 444 -30.77 -29.56 -58.80
N VAL A 445 -30.92 -30.64 -59.56
CA VAL A 445 -30.62 -30.62 -60.99
C VAL A 445 -31.53 -29.61 -61.70
N GLY A 446 -32.82 -29.61 -61.34
CA GLY A 446 -33.73 -28.62 -61.90
C GLY A 446 -33.56 -27.23 -61.33
N GLY A 447 -32.76 -27.08 -60.28
CA GLY A 447 -32.51 -25.78 -59.69
C GLY A 447 -33.25 -25.55 -58.38
N ASN A 448 -32.52 -25.12 -57.36
CA ASN A 448 -33.12 -24.78 -56.07
C ASN A 448 -33.44 -23.30 -56.05
N TYR A 449 -34.70 -22.96 -55.80
CA TYR A 449 -35.15 -21.58 -55.84
C TYR A 449 -35.96 -21.20 -54.59
N ASN A 450 -35.84 -21.96 -53.51
CA ASN A 450 -36.59 -21.66 -52.29
C ASN A 450 -35.89 -20.64 -51.39
N TYR A 451 -34.65 -20.29 -51.68
CA TYR A 451 -33.89 -19.36 -50.84
C TYR A 451 -34.00 -17.95 -51.41
N LEU A 452 -34.32 -17.00 -50.55
CA LEU A 452 -34.53 -15.62 -50.94
C LEU A 452 -33.66 -14.70 -50.08
N TYR A 453 -33.32 -13.55 -50.65
CA TYR A 453 -32.51 -12.56 -49.94
C TYR A 453 -33.08 -11.17 -50.18
N ARG A 454 -33.06 -10.35 -49.13
CA ARG A 454 -33.50 -8.97 -49.26
C ARG A 454 -32.52 -8.18 -50.12
N LEU A 455 -33.06 -7.40 -51.05
CA LEU A 455 -32.25 -6.64 -51.98
C LEU A 455 -32.44 -5.14 -51.90
N PHE A 456 -33.56 -4.65 -51.37
CA PHE A 456 -33.86 -3.23 -51.39
C PHE A 456 -34.29 -2.74 -50.01
N ARG A 457 -33.72 -1.62 -49.59
CA ARG A 457 -34.16 -0.86 -48.43
C ARG A 457 -33.60 0.54 -48.55
N LYS A 458 -34.27 1.50 -47.89
CA LYS A 458 -33.93 2.90 -48.06
C LYS A 458 -32.55 3.23 -47.48
N SER A 459 -32.09 2.45 -46.51
CA SER A 459 -30.84 2.78 -45.83
C SER A 459 -30.25 1.52 -45.21
N ASN A 460 -29.03 1.67 -44.70
CA ASN A 460 -28.38 0.57 -43.99
C ASN A 460 -29.11 0.27 -42.69
N LEU A 461 -29.01 -0.99 -42.27
CA LEU A 461 -29.66 -1.44 -41.05
C LEU A 461 -28.70 -1.37 -39.87
N LYS A 462 -29.28 -1.26 -38.68
CA LYS A 462 -28.49 -1.24 -37.45
C LYS A 462 -27.94 -2.62 -37.15
N PRO A 463 -26.89 -2.70 -36.33
CA PRO A 463 -26.31 -4.02 -36.03
C PRO A 463 -27.33 -4.97 -35.42
N PHE A 464 -27.27 -6.22 -35.87
CA PHE A 464 -28.13 -7.31 -35.41
C PHE A 464 -29.62 -7.00 -35.61
N GLU A 465 -29.95 -6.15 -36.59
CA GLU A 465 -31.33 -5.87 -36.91
C GLU A 465 -31.84 -6.87 -37.93
N ARG A 466 -33.12 -7.23 -37.81
CA ARG A 466 -33.78 -8.11 -38.77
C ARG A 466 -35.04 -7.42 -39.27
N ASP A 467 -35.18 -7.36 -40.59
CA ASP A 467 -36.34 -6.76 -41.24
C ASP A 467 -36.92 -7.75 -42.24
N ILE A 468 -38.22 -8.03 -42.09
CA ILE A 468 -38.89 -9.01 -42.93
C ILE A 468 -40.02 -8.37 -43.75
N SER A 469 -39.98 -7.05 -43.91
CA SER A 469 -40.98 -6.37 -44.72
C SER A 469 -40.88 -6.79 -46.18
N THR A 470 -42.04 -6.87 -46.85
CA THR A 470 -42.11 -7.31 -48.24
C THR A 470 -42.73 -6.25 -49.14
N GLU A 471 -42.69 -4.98 -48.74
CA GLU A 471 -43.29 -3.93 -49.54
C GLU A 471 -42.52 -3.72 -50.83
N ILE A 472 -43.25 -3.56 -51.93
CA ILE A 472 -42.62 -3.30 -53.22
C ILE A 472 -41.88 -1.97 -53.18
N TYR A 473 -40.75 -1.92 -53.89
CA TYR A 473 -39.93 -0.71 -53.94
C TYR A 473 -40.44 0.19 -55.06
N GLN A 474 -40.83 1.41 -54.70
CA GLN A 474 -41.34 2.39 -55.65
C GLN A 474 -40.16 3.15 -56.24
N ALA A 475 -39.75 2.76 -57.45
CA ALA A 475 -38.60 3.38 -58.08
C ALA A 475 -38.92 4.71 -58.74
N GLY A 476 -40.18 4.98 -59.06
CA GLY A 476 -40.54 6.22 -59.71
C GLY A 476 -41.60 7.01 -58.96
N SER A 477 -42.21 7.99 -59.63
CA SER A 477 -43.28 8.74 -58.99
C SER A 477 -44.57 7.94 -58.93
N THR A 478 -44.77 7.03 -59.89
CA THR A 478 -45.99 6.25 -59.93
C THR A 478 -46.03 5.25 -58.78
N PRO A 479 -47.12 5.20 -58.00
CA PRO A 479 -47.22 4.19 -56.95
C PRO A 479 -47.27 2.78 -57.52
N CYS A 480 -46.73 1.83 -56.74
CA CYS A 480 -46.69 0.45 -57.20
C CYS A 480 -48.08 -0.16 -57.27
N ASN A 481 -48.96 0.18 -56.32
CA ASN A 481 -50.29 -0.41 -56.21
C ASN A 481 -50.23 -1.92 -56.03
N GLY A 482 -49.14 -2.41 -55.43
CA GLY A 482 -49.04 -3.82 -55.11
C GLY A 482 -48.84 -4.75 -56.29
N VAL A 483 -48.46 -4.22 -57.45
CA VAL A 483 -48.24 -5.02 -58.64
C VAL A 483 -46.82 -4.80 -59.13
N GLU A 484 -46.08 -5.89 -59.31
CA GLU A 484 -44.72 -5.79 -59.82
C GLU A 484 -44.74 -5.36 -61.28
N GLY A 485 -43.71 -4.60 -61.67
CA GLY A 485 -43.62 -4.12 -63.03
C GLY A 485 -42.49 -3.11 -63.17
N PHE A 486 -42.59 -2.31 -64.22
CA PHE A 486 -41.58 -1.29 -64.50
C PHE A 486 -41.46 -0.34 -63.32
N ASN A 487 -40.25 -0.21 -62.79
CA ASN A 487 -39.95 0.64 -61.64
C ASN A 487 -40.79 0.25 -60.41
N CYS A 488 -41.18 -1.03 -60.34
CA CYS A 488 -41.92 -1.58 -59.20
C CYS A 488 -41.33 -2.97 -58.95
N TYR A 489 -40.31 -3.03 -58.09
CA TYR A 489 -39.53 -4.23 -57.87
C TYR A 489 -39.88 -4.85 -56.53
N PHE A 490 -39.99 -6.18 -56.52
CA PHE A 490 -40.10 -6.90 -55.26
C PHE A 490 -38.83 -6.67 -54.45
N PRO A 491 -38.94 -6.37 -53.14
CA PRO A 491 -37.73 -6.11 -52.35
C PRO A 491 -36.81 -7.31 -52.24
N LEU A 492 -37.32 -8.52 -52.47
CA LEU A 492 -36.54 -9.74 -52.34
C LEU A 492 -36.23 -10.33 -53.70
N GLN A 493 -35.12 -11.06 -53.77
CA GLN A 493 -34.72 -11.77 -54.98
C GLN A 493 -34.34 -13.19 -54.59
N SER A 494 -34.63 -14.14 -55.47
CA SER A 494 -34.39 -15.55 -55.19
C SER A 494 -32.95 -15.93 -55.53
N TYR A 495 -32.56 -17.09 -55.03
CA TYR A 495 -31.29 -17.72 -55.41
C TYR A 495 -31.56 -18.89 -56.34
N GLY A 496 -30.51 -19.30 -57.05
CA GLY A 496 -30.63 -20.44 -57.93
C GLY A 496 -29.39 -21.30 -57.85
N PHE A 497 -29.56 -22.58 -57.51
CA PHE A 497 -28.43 -23.45 -57.22
C PHE A 497 -28.62 -24.82 -57.86
N GLN A 498 -27.55 -25.28 -58.51
CA GLN A 498 -27.54 -26.54 -59.23
C GLN A 498 -26.23 -27.27 -58.91
N PRO A 499 -26.24 -28.60 -58.91
CA PRO A 499 -25.01 -29.34 -58.57
C PRO A 499 -23.86 -29.07 -59.52
N THR A 500 -24.16 -28.69 -60.76
CA THR A 500 -23.12 -28.43 -61.76
C THR A 500 -22.36 -27.14 -61.49
N ASN A 501 -22.86 -26.28 -60.61
CA ASN A 501 -22.31 -24.94 -60.48
C ASN A 501 -20.94 -24.96 -59.82
N GLY A 502 -20.22 -23.84 -59.97
CA GLY A 502 -18.90 -23.72 -59.38
C GLY A 502 -18.96 -23.53 -57.88
N VAL A 503 -17.81 -23.77 -57.24
CA VAL A 503 -17.75 -23.78 -55.79
C VAL A 503 -18.09 -22.40 -55.23
N GLY A 504 -17.66 -21.34 -55.92
CA GLY A 504 -17.85 -20.00 -55.39
C GLY A 504 -19.30 -19.63 -55.21
N TYR A 505 -20.17 -20.09 -56.10
CA TYR A 505 -21.58 -19.74 -56.06
C TYR A 505 -22.45 -20.83 -55.46
N GLN A 506 -21.83 -21.88 -54.92
CA GLN A 506 -22.58 -22.93 -54.25
C GLN A 506 -23.16 -22.41 -52.93
N PRO A 507 -24.31 -22.92 -52.53
CA PRO A 507 -24.89 -22.51 -51.24
C PRO A 507 -24.05 -22.98 -50.06
N TYR A 508 -24.08 -22.16 -49.00
CA TYR A 508 -23.31 -22.44 -47.81
C TYR A 508 -24.21 -22.24 -46.60
N ARG A 509 -24.01 -23.07 -45.58
CA ARG A 509 -24.68 -22.88 -44.30
C ARG A 509 -23.80 -22.04 -43.41
N VAL A 510 -24.39 -21.02 -42.78
CA VAL A 510 -23.65 -20.06 -41.99
C VAL A 510 -24.24 -20.03 -40.58
N VAL A 511 -23.36 -20.04 -39.58
CA VAL A 511 -23.76 -19.89 -38.19
C VAL A 511 -22.87 -18.84 -37.55
N VAL A 512 -23.47 -17.91 -36.82
CA VAL A 512 -22.76 -16.84 -36.14
C VAL A 512 -23.01 -16.97 -34.64
N LEU A 513 -21.94 -16.97 -33.86
CA LEU A 513 -22.01 -17.06 -32.41
C LEU A 513 -21.52 -15.75 -31.81
N SER A 514 -22.34 -15.17 -30.93
CA SER A 514 -22.01 -13.94 -30.24
C SER A 514 -22.11 -14.16 -28.74
N PHE A 515 -21.28 -13.44 -27.98
CA PHE A 515 -21.17 -13.62 -26.55
C PHE A 515 -21.52 -12.33 -25.84
N GLU A 516 -22.30 -12.44 -24.76
CA GLU A 516 -22.77 -11.29 -24.00
C GLU A 516 -22.18 -11.33 -22.60
N LEU A 517 -21.68 -10.18 -22.14
CA LEU A 517 -21.10 -10.02 -20.81
C LEU A 517 -21.68 -8.76 -20.19
N LEU A 518 -22.81 -8.91 -19.49
CA LEU A 518 -23.45 -7.81 -18.79
C LEU A 518 -23.36 -8.01 -17.29
N HIS A 519 -23.75 -6.97 -16.55
CA HIS A 519 -23.84 -7.06 -15.10
C HIS A 519 -25.08 -7.89 -14.75
N ALA A 520 -25.01 -9.18 -15.02
CA ALA A 520 -26.16 -10.07 -14.93
C ALA A 520 -25.65 -11.48 -14.67
N PRO A 521 -26.49 -12.37 -14.13
CA PRO A 521 -26.02 -13.74 -13.85
C PRO A 521 -25.56 -14.46 -15.10
N ALA A 522 -24.48 -15.23 -14.94
CA ALA A 522 -23.92 -15.97 -16.07
C ALA A 522 -24.70 -17.25 -16.31
N THR A 523 -25.08 -17.48 -17.56
CA THR A 523 -25.87 -18.63 -17.94
C THR A 523 -25.13 -19.63 -18.81
N VAL A 524 -23.98 -19.25 -19.36
CA VAL A 524 -23.21 -20.12 -20.26
C VAL A 524 -21.87 -20.39 -19.60
N CYS A 525 -21.53 -21.68 -19.47
CA CYS A 525 -20.31 -22.09 -18.79
C CYS A 525 -19.63 -23.19 -19.58
N GLY A 526 -18.37 -23.45 -19.24
CA GLY A 526 -17.57 -24.42 -19.94
C GLY A 526 -17.95 -25.84 -19.59
N PRO A 527 -17.23 -26.79 -20.19
CA PRO A 527 -17.60 -28.20 -20.02
C PRO A 527 -17.14 -28.78 -18.68
N LYS A 528 -17.34 -30.09 -18.52
CA LYS A 528 -17.01 -30.75 -17.27
C LYS A 528 -15.50 -30.82 -17.05
N LYS A 529 -15.11 -30.68 -15.79
CA LYS A 529 -13.73 -30.89 -15.36
C LYS A 529 -13.76 -31.75 -14.11
N SER A 530 -13.04 -32.88 -14.14
CA SER A 530 -13.08 -33.80 -13.01
C SER A 530 -11.79 -34.60 -12.97
N THR A 531 -11.39 -34.97 -11.76
CA THR A 531 -10.27 -35.86 -11.51
C THR A 531 -10.71 -36.95 -10.56
N ASN A 532 -10.08 -38.12 -10.67
CA ASN A 532 -10.49 -39.26 -9.86
C ASN A 532 -10.38 -38.92 -8.37
N LEU A 533 -11.43 -39.26 -7.62
CA LEU A 533 -11.47 -38.96 -6.20
C LEU A 533 -10.47 -39.82 -5.44
N VAL A 534 -9.79 -39.20 -4.48
CA VAL A 534 -8.77 -39.87 -3.67
C VAL A 534 -9.14 -39.67 -2.20
N LYS A 535 -8.98 -40.74 -1.41
CA LYS A 535 -9.35 -40.71 -0.01
C LYS A 535 -8.20 -41.18 0.87
N ASN A 536 -8.18 -40.66 2.10
CA ASN A 536 -7.20 -41.04 3.12
C ASN A 536 -5.77 -40.65 2.75
N LYS A 537 -5.61 -39.60 1.94
CA LYS A 537 -4.30 -39.03 1.67
C LYS A 537 -4.43 -37.52 1.66
N CYS A 538 -3.45 -36.83 2.24
CA CYS A 538 -3.48 -35.37 2.30
C CYS A 538 -3.39 -34.78 0.90
N VAL A 539 -4.47 -34.14 0.43
CA VAL A 539 -4.53 -33.59 -0.91
C VAL A 539 -5.09 -32.17 -0.87
N ASN A 540 -4.83 -31.44 -1.94
CA ASN A 540 -5.58 -30.23 -2.23
C ASN A 540 -6.91 -30.61 -2.86
N PHE A 541 -7.97 -29.88 -2.49
CA PHE A 541 -9.31 -30.21 -2.95
C PHE A 541 -10.03 -28.95 -3.41
N ASN A 542 -11.03 -29.16 -4.27
CA ASN A 542 -11.89 -28.08 -4.73
C ASN A 542 -13.34 -28.54 -4.77
N ASN A 544 -16.27 -27.79 -5.93
CA ASN A 544 -17.55 -27.10 -5.93
C ASN A 544 -17.28 -25.61 -5.67
N GLY A 545 -16.14 -25.14 -6.17
CA GLY A 545 -15.72 -23.76 -5.96
C GLY A 545 -15.01 -23.53 -4.65
N LEU A 546 -15.52 -24.09 -3.55
CA LEU A 546 -14.82 -24.03 -2.28
C LEU A 546 -13.55 -24.88 -2.35
N THR A 547 -12.47 -24.38 -1.77
CA THR A 547 -11.17 -25.02 -1.90
C THR A 547 -10.41 -24.95 -0.58
N GLY A 548 -9.50 -25.89 -0.42
CA GLY A 548 -8.67 -25.94 0.78
C GLY A 548 -7.76 -27.14 0.74
N THR A 549 -7.07 -27.36 1.85
CA THR A 549 -6.15 -28.48 1.99
C THR A 549 -6.61 -29.37 3.13
N GLY A 550 -6.45 -30.68 2.95
CA GLY A 550 -6.86 -31.62 3.97
C GLY A 550 -6.73 -33.04 3.46
N VAL A 551 -7.24 -33.98 4.25
CA VAL A 551 -7.24 -35.38 3.89
C VAL A 551 -8.68 -35.87 3.88
N LEU A 552 -9.21 -36.14 2.69
CA LEU A 552 -10.58 -36.60 2.52
C LEU A 552 -10.70 -38.01 3.09
N THR A 553 -11.41 -38.16 4.21
CA THR A 553 -11.63 -39.46 4.81
C THR A 553 -13.12 -39.77 4.82
N GLU A 554 -13.45 -41.04 4.58
CA GLU A 554 -14.84 -41.47 4.51
C GLU A 554 -15.55 -41.15 5.82
N SER A 555 -16.80 -40.72 5.70
CA SER A 555 -17.53 -40.12 6.83
C SER A 555 -18.93 -40.69 6.92
N ASN A 556 -19.62 -40.34 7.99
CA ASN A 556 -21.03 -40.66 8.15
C ASN A 556 -21.69 -39.59 9.02
N LYS A 557 -22.41 -38.68 8.38
CA LYS A 557 -23.27 -37.74 9.09
C LYS A 557 -24.34 -37.31 8.10
N LYS A 558 -25.57 -37.77 8.31
CA LYS A 558 -26.61 -37.66 7.30
C LYS A 558 -26.95 -36.21 6.98
N PHE A 559 -26.54 -35.75 5.81
CA PHE A 559 -26.92 -34.43 5.34
C PHE A 559 -28.38 -34.42 4.91
N LEU A 560 -28.98 -33.23 4.96
CA LEU A 560 -30.27 -33.04 4.34
C LEU A 560 -30.11 -33.08 2.82
N PRO A 561 -31.20 -33.33 2.09
CA PRO A 561 -31.06 -33.55 0.64
C PRO A 561 -30.40 -32.41 -0.12
N PHE A 562 -30.52 -31.17 0.36
CA PHE A 562 -30.05 -30.03 -0.41
C PHE A 562 -28.70 -29.48 0.05
N GLN A 563 -28.33 -29.66 1.32
CA GLN A 563 -27.14 -29.02 1.85
C GLN A 563 -25.89 -29.51 1.12
N GLN A 564 -24.93 -28.61 0.91
CA GLN A 564 -23.79 -28.90 0.06
C GLN A 564 -22.50 -29.18 0.83
N PHE A 565 -22.25 -28.47 1.93
CA PHE A 565 -21.02 -28.76 2.67
C PHE A 565 -21.20 -28.38 4.12
N GLY A 566 -20.59 -29.18 5.01
CA GLY A 566 -20.72 -28.95 6.43
C GLY A 566 -19.70 -27.96 6.96
N ARG A 567 -20.12 -27.22 7.99
CA ARG A 567 -19.29 -26.22 8.63
C ARG A 567 -19.42 -26.39 10.14
N ASP A 568 -18.34 -26.17 10.87
CA ASP A 568 -18.32 -26.32 12.31
C ASP A 568 -18.31 -24.95 12.98
N ILE A 569 -18.32 -24.95 14.31
CA ILE A 569 -18.20 -23.74 15.11
C ILE A 569 -16.95 -22.99 14.68
N ALA A 570 -17.01 -21.67 14.73
CA ALA A 570 -15.96 -20.75 14.26
C ALA A 570 -15.77 -20.79 12.76
N ASP A 571 -16.76 -21.32 12.03
CA ASP A 571 -16.85 -21.25 10.56
C ASP A 571 -15.77 -22.04 9.83
N THR A 572 -15.05 -22.93 10.52
CA THR A 572 -14.10 -23.78 9.82
C THR A 572 -14.84 -24.87 9.04
N THR A 573 -14.36 -25.16 7.84
CA THR A 573 -14.95 -26.22 7.03
C THR A 573 -14.63 -27.58 7.63
N ASP A 574 -15.63 -28.42 7.75
CA ASP A 574 -15.45 -29.72 8.36
C ASP A 574 -15.83 -30.88 7.46
N ALA A 575 -16.96 -30.79 6.76
CA ALA A 575 -17.44 -31.89 5.93
C ALA A 575 -17.94 -31.36 4.61
N VAL A 576 -17.79 -32.18 3.57
CA VAL A 576 -18.21 -31.86 2.22
C VAL A 576 -18.83 -33.10 1.60
N ARG A 577 -19.87 -32.91 0.79
CA ARG A 577 -20.41 -33.98 -0.04
C ARG A 577 -19.92 -33.76 -1.46
N ASP A 578 -19.45 -34.83 -2.09
CA ASP A 578 -18.96 -34.75 -3.45
C ASP A 578 -20.11 -34.43 -4.37
N PRO A 579 -20.03 -33.37 -5.18
CA PRO A 579 -21.13 -33.09 -6.12
C PRO A 579 -21.33 -34.19 -7.14
N GLN A 580 -20.33 -35.06 -7.32
CA GLN A 580 -20.41 -36.09 -8.34
C GLN A 580 -21.20 -37.31 -7.87
N THR A 581 -20.71 -37.99 -6.82
CA THR A 581 -21.34 -39.22 -6.35
C THR A 581 -22.12 -39.02 -5.06
N LEU A 582 -22.30 -37.77 -4.61
CA LEU A 582 -23.11 -37.41 -3.44
C LEU A 582 -22.69 -38.16 -2.18
N GLU A 583 -21.48 -38.71 -2.14
CA GLU A 583 -20.97 -39.29 -0.91
C GLU A 583 -20.35 -38.21 -0.03
N ILE A 584 -20.44 -38.41 1.28
CA ILE A 584 -20.06 -37.40 2.26
C ILE A 584 -18.66 -37.69 2.78
N LEU A 585 -17.87 -36.64 2.97
CA LEU A 585 -16.47 -36.77 3.37
C LEU A 585 -16.16 -35.83 4.52
N ASP A 586 -15.29 -36.27 5.43
CA ASP A 586 -14.76 -35.40 6.48
C ASP A 586 -13.50 -34.71 5.97
N ILE A 587 -13.38 -33.42 6.24
CA ILE A 587 -12.16 -32.66 5.96
C ILE A 587 -11.38 -32.63 7.27
N THR A 588 -10.57 -33.65 7.51
CA THR A 588 -9.85 -33.34 8.73
C THR A 588 -8.50 -32.72 8.40
N PRO A 589 -8.04 -31.75 9.19
CA PRO A 589 -6.83 -31.00 8.81
C PRO A 589 -5.62 -31.90 8.70
N CYS A 590 -4.72 -31.51 7.79
CA CYS A 590 -3.50 -32.29 7.58
C CYS A 590 -2.69 -32.37 8.86
N SER A 591 -2.22 -33.58 9.18
CA SER A 591 -1.51 -33.81 10.43
C SER A 591 -0.29 -32.90 10.54
N PHE A 592 -0.13 -32.29 11.70
CA PHE A 592 0.98 -31.38 11.91
C PHE A 592 1.19 -31.19 13.41
N GLY A 593 2.35 -30.66 13.75
CA GLY A 593 2.66 -30.36 15.13
C GLY A 593 4.12 -30.01 15.27
N GLY A 594 4.45 -29.48 16.44
CA GLY A 594 5.83 -29.15 16.72
C GLY A 594 6.69 -30.38 16.87
N VAL A 595 8.00 -30.18 16.73
CA VAL A 595 8.98 -31.24 16.95
C VAL A 595 9.77 -30.85 18.18
N SER A 596 10.34 -31.86 18.85
CA SER A 596 11.15 -31.63 20.03
C SER A 596 12.28 -32.64 20.06
N VAL A 597 13.35 -32.28 20.77
CA VAL A 597 14.55 -33.09 20.85
C VAL A 597 14.80 -33.45 22.31
N ILE A 598 14.99 -34.74 22.57
CA ILE A 598 15.27 -35.25 23.90
C ILE A 598 16.75 -35.56 23.99
N THR A 599 17.47 -34.83 24.85
CA THR A 599 18.91 -34.98 24.93
C THR A 599 19.34 -35.14 26.38
N PRO A 600 20.23 -36.07 26.69
CA PRO A 600 20.80 -36.16 28.04
C PRO A 600 21.86 -35.11 28.32
N GLY A 601 22.11 -34.22 27.38
CA GLY A 601 23.11 -33.17 27.55
C GLY A 601 24.39 -33.43 26.78
N THR A 602 24.90 -32.40 26.11
CA THR A 602 26.22 -32.50 25.47
C THR A 602 27.27 -32.86 26.50
N ASN A 603 27.01 -32.52 27.77
CA ASN A 603 27.82 -32.94 28.90
C ASN A 603 28.27 -34.40 28.81
N THR A 604 27.37 -35.31 28.45
CA THR A 604 27.64 -36.74 28.60
C THR A 604 27.68 -37.50 27.28
N SER A 605 26.59 -37.49 26.50
CA SER A 605 26.37 -38.55 25.52
C SER A 605 26.47 -38.14 24.07
N ASN A 606 26.05 -36.92 23.71
CA ASN A 606 26.06 -36.44 22.33
C ASN A 606 25.18 -37.30 21.43
N GLN A 607 24.10 -37.86 21.98
CA GLN A 607 23.10 -38.59 21.22
C GLN A 607 21.73 -38.14 21.70
N VAL A 608 20.77 -38.05 20.77
CA VAL A 608 19.45 -37.50 21.11
C VAL A 608 18.36 -38.36 20.50
N ALA A 609 17.19 -38.32 21.11
CA ALA A 609 15.95 -38.83 20.56
C ALA A 609 15.10 -37.67 20.07
N VAL A 610 14.04 -37.98 19.34
CA VAL A 610 13.18 -36.97 18.73
C VAL A 610 11.74 -37.23 19.13
N LEU A 611 10.98 -36.16 19.35
CA LEU A 611 9.57 -36.25 19.69
C LEU A 611 8.76 -35.37 18.75
N TYR A 612 7.75 -35.96 18.11
CA TYR A 612 6.79 -35.22 17.29
C TYR A 612 5.50 -35.12 18.08
N GLN A 613 4.94 -33.91 18.14
CA GLN A 613 3.95 -33.59 19.18
C GLN A 613 2.71 -34.47 19.07
N ASP A 614 1.98 -34.38 17.96
CA ASP A 614 0.66 -34.97 17.90
C ASP A 614 0.44 -35.97 16.77
N VAL A 615 1.39 -36.14 15.87
CA VAL A 615 1.16 -36.93 14.67
C VAL A 615 1.24 -38.42 14.98
N ASN A 616 0.59 -39.21 14.15
CA ASN A 616 0.70 -40.67 14.23
C ASN A 616 2.08 -41.10 13.75
N CYS A 617 2.46 -42.32 14.13
CA CYS A 617 3.78 -42.83 13.76
C CYS A 617 3.94 -42.98 12.25
N THR A 618 2.84 -43.08 11.51
CA THR A 618 2.94 -43.28 10.06
C THR A 618 3.28 -41.99 9.32
N GLU A 619 2.98 -40.83 9.90
CA GLU A 619 3.18 -39.56 9.22
C GLU A 619 4.61 -39.07 9.27
N VAL A 620 5.48 -39.69 10.09
CA VAL A 620 6.80 -39.12 10.31
C VAL A 620 7.68 -39.08 9.05
N PRO A 621 7.76 -40.12 8.22
CA PRO A 621 8.75 -40.09 7.14
C PRO A 621 8.48 -39.04 6.09
N VAL A 622 7.27 -38.50 6.02
CA VAL A 622 6.91 -37.59 4.94
C VAL A 622 7.75 -36.31 5.02
N ALA A 623 7.89 -35.75 6.21
CA ALA A 623 8.66 -34.52 6.37
C ALA A 623 9.24 -34.42 7.78
N TRP A 633 15.16 -34.29 5.59
CA TRP A 633 14.88 -34.63 6.97
C TRP A 633 14.48 -36.09 7.08
N ARG A 634 14.96 -36.91 6.15
CA ARG A 634 14.74 -38.36 6.22
C ARG A 634 15.48 -39.01 7.38
N VAL A 635 16.39 -38.28 8.03
CA VAL A 635 17.13 -38.78 9.18
C VAL A 635 16.16 -39.21 10.27
N TYR A 636 16.56 -40.21 11.07
CA TYR A 636 15.75 -40.72 12.17
C TYR A 636 14.41 -41.25 11.68
N SER A 637 14.42 -41.90 10.52
CA SER A 637 13.28 -42.66 10.03
C SER A 637 13.46 -44.16 10.23
N THR A 638 14.43 -44.56 11.05
CA THR A 638 14.68 -45.97 11.31
C THR A 638 13.47 -46.62 11.98
N GLY A 639 13.18 -47.86 11.59
CA GLY A 639 12.06 -48.59 12.14
C GLY A 639 12.36 -49.40 13.38
N SER A 640 13.64 -49.60 13.71
CA SER A 640 14.00 -50.39 14.87
C SER A 640 13.78 -49.65 16.19
N ASN A 641 13.67 -48.32 16.15
CA ASN A 641 13.53 -47.51 17.35
C ASN A 641 12.47 -46.44 17.17
N VAL A 642 11.33 -46.81 16.59
CA VAL A 642 10.20 -45.91 16.45
C VAL A 642 9.13 -46.34 17.45
N PHE A 643 8.68 -45.39 18.26
CA PHE A 643 7.73 -45.67 19.34
C PHE A 643 6.53 -44.75 19.20
N GLN A 644 5.43 -45.15 19.84
CA GLN A 644 4.21 -44.35 19.84
C GLN A 644 3.72 -44.18 21.27
N THR A 645 3.35 -42.95 21.62
CA THR A 645 2.86 -42.62 22.95
C THR A 645 1.66 -41.70 22.83
N ARG A 646 0.89 -41.62 23.91
CA ARG A 646 -0.19 -40.64 24.00
C ARG A 646 0.34 -39.22 23.91
N ALA A 647 1.62 -39.00 24.22
CA ALA A 647 2.22 -37.69 24.10
C ALA A 647 2.68 -37.38 22.68
N GLY A 648 2.76 -38.38 21.82
CA GLY A 648 3.17 -38.18 20.44
C GLY A 648 4.12 -39.25 19.93
N CYS A 649 4.58 -39.12 18.70
CA CYS A 649 5.54 -40.07 18.15
C CYS A 649 6.91 -39.81 18.74
N LEU A 650 7.55 -40.86 19.24
CA LEU A 650 8.85 -40.78 19.89
C LEU A 650 9.83 -41.68 19.16
N ILE A 651 10.96 -41.12 18.73
CA ILE A 651 11.90 -41.82 17.87
C ILE A 651 13.26 -41.87 18.54
N GLY A 652 13.89 -43.03 18.49
CA GLY A 652 15.22 -43.21 19.05
C GLY A 652 15.28 -43.78 20.45
N ALA A 653 14.52 -43.19 21.37
CA ALA A 653 14.50 -43.68 22.74
C ALA A 653 13.79 -45.02 22.81
N GLU A 654 14.45 -46.01 23.39
CA GLU A 654 13.89 -47.36 23.47
C GLU A 654 12.94 -47.46 24.66
N HIS A 655 11.77 -48.02 24.42
CA HIS A 655 10.78 -48.18 25.48
C HIS A 655 11.14 -49.34 26.39
N VAL A 656 10.89 -49.16 27.69
CA VAL A 656 11.20 -50.17 28.69
C VAL A 656 9.98 -50.41 29.56
N ASN A 657 9.90 -51.61 30.13
CA ASN A 657 8.79 -51.99 31.00
C ASN A 657 9.03 -51.65 32.45
N ASN A 658 10.21 -51.17 32.81
CA ASN A 658 10.52 -50.84 34.19
C ASN A 658 9.89 -49.49 34.52
N SER A 659 10.28 -48.91 35.65
CA SER A 659 9.80 -47.59 36.03
C SER A 659 10.84 -46.91 36.91
N TYR A 660 10.92 -45.59 36.78
CA TYR A 660 11.91 -44.81 37.52
C TYR A 660 11.29 -43.46 37.86
N GLU A 661 12.10 -42.56 38.41
CA GLU A 661 11.66 -41.22 38.71
C GLU A 661 11.76 -40.34 37.46
N CYS A 662 11.36 -39.08 37.61
CA CYS A 662 11.42 -38.12 36.51
C CYS A 662 12.85 -37.77 36.18
N ASP A 663 13.20 -37.82 34.90
CA ASP A 663 14.44 -37.22 34.40
C ASP A 663 14.19 -36.15 33.36
N ILE A 664 13.42 -36.46 32.33
CA ILE A 664 13.06 -35.50 31.29
C ILE A 664 11.57 -35.62 31.02
N PRO A 665 10.80 -34.55 31.15
CA PRO A 665 9.35 -34.65 31.01
C PRO A 665 8.90 -34.69 29.56
N ILE A 666 8.46 -35.86 29.10
CA ILE A 666 7.59 -35.95 27.94
C ILE A 666 6.18 -35.72 28.46
N GLY A 667 5.23 -35.50 27.57
CA GLY A 667 3.86 -35.33 28.01
C GLY A 667 3.24 -36.63 28.49
N ALA A 668 2.06 -36.49 29.11
CA ALA A 668 1.19 -37.61 29.46
C ALA A 668 1.92 -38.69 30.26
N GLY A 669 2.67 -38.25 31.26
CA GLY A 669 3.22 -39.17 32.22
C GLY A 669 4.25 -40.14 31.69
N ILE A 670 5.07 -39.72 30.74
CA ILE A 670 6.21 -40.50 30.26
C ILE A 670 7.45 -39.65 30.40
N CYS A 671 8.53 -40.24 30.92
CA CYS A 671 9.77 -39.51 31.08
C CYS A 671 10.91 -40.31 30.47
N ALA A 672 11.86 -39.58 29.88
CA ALA A 672 12.98 -40.18 29.18
C ALA A 672 14.27 -39.89 29.94
N SER A 673 15.17 -40.87 29.97
CA SER A 673 16.40 -40.73 30.72
C SER A 673 17.51 -41.47 30.00
N TYR A 674 18.75 -41.15 30.38
CA TYR A 674 19.93 -41.79 29.79
C TYR A 674 20.27 -43.04 30.58
N GLN A 675 20.23 -44.19 29.89
CA GLN A 675 20.55 -45.49 30.49
C GLN A 675 19.84 -45.72 31.81
N GLN A 690 24.42 -45.91 27.93
CA GLN A 690 24.80 -46.22 26.56
C GLN A 690 23.57 -46.29 25.65
N SER A 691 22.48 -45.66 26.10
CA SER A 691 21.24 -45.61 25.34
C SER A 691 20.32 -44.62 26.02
N ILE A 692 19.20 -44.33 25.37
CA ILE A 692 18.14 -43.50 25.93
C ILE A 692 16.89 -44.36 26.08
N ILE A 693 16.23 -44.25 27.22
CA ILE A 693 15.01 -45.01 27.49
C ILE A 693 13.89 -44.05 27.84
N ALA A 694 12.66 -44.46 27.54
CA ALA A 694 11.45 -43.72 27.89
C ALA A 694 10.51 -44.66 28.61
N TYR A 695 9.99 -44.22 29.76
CA TYR A 695 9.23 -45.10 30.64
C TYR A 695 8.06 -44.34 31.22
N THR A 696 7.15 -45.07 31.85
CA THR A 696 6.05 -44.46 32.57
C THR A 696 6.51 -44.05 33.96
N MET A 697 6.01 -42.92 34.44
CA MET A 697 6.49 -42.33 35.68
C MET A 697 6.21 -43.23 36.87
N SER A 698 7.15 -43.23 37.83
CA SER A 698 6.93 -43.82 39.14
C SER A 698 6.82 -42.69 40.15
N LEU A 699 5.75 -42.71 40.94
CA LEU A 699 5.41 -41.60 41.82
C LEU A 699 6.03 -41.73 43.21
N GLY A 700 7.16 -42.41 43.32
CA GLY A 700 7.78 -42.63 44.62
C GLY A 700 7.60 -44.06 45.09
N ALA A 701 8.61 -44.60 45.75
CA ALA A 701 8.55 -45.99 46.18
C ALA A 701 7.36 -46.22 47.11
N GLU A 702 6.68 -47.35 46.91
CA GLU A 702 5.55 -47.68 47.75
C GLU A 702 6.00 -47.94 49.19
N ASN A 703 5.27 -47.35 50.14
CA ASN A 703 5.55 -47.55 51.55
C ASN A 703 4.21 -47.69 52.28
N SER A 704 4.07 -48.77 53.04
CA SER A 704 2.84 -49.05 53.77
C SER A 704 3.12 -48.95 55.26
N VAL A 705 2.30 -48.18 55.96
CA VAL A 705 2.43 -48.00 57.40
C VAL A 705 1.67 -49.10 58.11
N ALA A 706 2.37 -49.87 58.93
CA ALA A 706 1.71 -50.89 59.72
C ALA A 706 0.74 -50.23 60.69
N TYR A 707 -0.52 -50.62 60.63
CA TYR A 707 -1.57 -49.92 61.37
C TYR A 707 -2.48 -50.93 62.04
N SER A 708 -2.98 -50.56 63.22
CA SER A 708 -3.95 -51.35 63.96
C SER A 708 -4.65 -50.41 64.93
N ASN A 709 -5.66 -50.94 65.61
CA ASN A 709 -6.41 -50.06 66.50
C ASN A 709 -5.67 -49.78 67.80
N ASN A 710 -4.52 -50.43 68.05
CA ASN A 710 -3.83 -50.22 69.32
C ASN A 710 -2.32 -50.10 69.19
N SER A 711 -1.80 -49.61 68.06
CA SER A 711 -0.36 -49.47 67.87
C SER A 711 0.02 -48.02 67.62
N ILE A 712 1.12 -47.59 68.25
CA ILE A 712 1.66 -46.26 68.07
C ILE A 712 3.13 -46.39 67.69
N ALA A 713 3.71 -45.28 67.24
CA ALA A 713 5.13 -45.23 66.95
C ALA A 713 5.63 -43.83 67.26
N ILE A 714 6.49 -43.70 68.27
CA ILE A 714 7.04 -42.41 68.65
C ILE A 714 8.54 -42.42 68.42
N PRO A 715 9.14 -41.34 67.95
CA PRO A 715 10.57 -41.35 67.67
C PRO A 715 11.38 -41.47 68.95
N THR A 716 12.59 -42.00 68.81
CA THR A 716 13.53 -42.10 69.93
C THR A 716 14.77 -41.25 69.73
N ASN A 717 14.78 -40.41 68.69
CA ASN A 717 15.94 -39.59 68.38
C ASN A 717 15.49 -38.50 67.40
N PHE A 718 16.34 -37.50 67.23
CA PHE A 718 16.05 -36.41 66.31
C PHE A 718 17.25 -36.18 65.40
N THR A 719 17.01 -35.45 64.32
CA THR A 719 18.10 -34.94 63.49
C THR A 719 17.75 -33.51 63.09
N ILE A 720 18.64 -32.58 63.42
CA ILE A 720 18.50 -31.23 62.91
C ILE A 720 18.90 -31.20 61.45
N SER A 721 18.35 -30.23 60.72
CA SER A 721 18.70 -30.07 59.31
C SER A 721 18.44 -28.63 58.92
N VAL A 722 19.13 -28.20 57.87
CA VAL A 722 18.96 -26.85 57.33
C VAL A 722 18.54 -26.98 55.87
N THR A 723 17.56 -26.16 55.48
CA THR A 723 16.99 -26.20 54.15
C THR A 723 16.97 -24.79 53.58
N THR A 724 17.49 -24.63 52.36
CA THR A 724 17.44 -23.33 51.74
C THR A 724 16.09 -23.10 51.07
N GLU A 725 15.82 -21.84 50.76
CA GLU A 725 14.68 -21.48 49.94
C GLU A 725 15.00 -20.15 49.27
N ILE A 726 15.14 -20.17 47.95
CA ILE A 726 15.63 -19.02 47.20
C ILE A 726 14.42 -18.32 46.59
N LEU A 727 14.26 -17.04 46.91
CA LEU A 727 13.09 -16.28 46.48
C LEU A 727 13.55 -14.98 45.83
N PRO A 728 13.20 -14.75 44.57
CA PRO A 728 13.54 -13.47 43.95
C PRO A 728 12.79 -12.35 44.64
N VAL A 729 13.43 -11.19 44.75
CA VAL A 729 12.85 -10.10 45.52
C VAL A 729 12.77 -8.81 44.71
N SER A 730 13.61 -8.68 43.69
CA SER A 730 13.65 -7.42 42.95
C SER A 730 14.33 -7.62 41.61
N MET A 731 13.63 -7.32 40.54
CA MET A 731 14.20 -7.31 39.20
C MET A 731 14.92 -5.99 38.95
N THR A 732 15.71 -5.95 37.89
CA THR A 732 16.52 -4.78 37.59
C THR A 732 15.64 -3.61 37.16
N LYS A 733 15.83 -2.46 37.79
CA LYS A 733 15.13 -1.25 37.38
C LYS A 733 15.61 -0.82 36.01
N THR A 734 14.67 -0.44 35.16
CA THR A 734 15.02 0.03 33.82
C THR A 734 14.14 1.21 33.45
N SER A 735 14.61 1.98 32.48
CA SER A 735 13.83 3.08 31.92
C SER A 735 14.25 3.25 30.47
N VAL A 736 13.32 3.73 29.65
CA VAL A 736 13.60 4.00 28.25
C VAL A 736 13.14 5.41 27.93
N ASP A 737 13.96 6.15 27.18
CA ASP A 737 13.53 7.41 26.59
C ASP A 737 12.88 7.07 25.25
N CYS A 738 11.59 6.77 25.32
CA CYS A 738 10.88 6.19 24.18
C CYS A 738 11.02 7.02 22.92
N THR A 739 11.07 8.36 23.05
CA THR A 739 11.28 9.18 21.88
C THR A 739 12.65 8.91 21.26
N MET A 740 13.69 8.81 22.09
CA MET A 740 15.02 8.51 21.58
C MET A 740 15.05 7.14 20.91
N TYR A 741 14.48 6.14 21.57
CA TYR A 741 14.52 4.78 21.04
C TYR A 741 13.78 4.70 19.72
N ILE A 742 12.57 5.24 19.67
CA ILE A 742 11.72 5.08 18.49
C ILE A 742 12.27 5.91 17.33
N CYS A 743 12.59 7.18 17.58
CA CYS A 743 12.86 8.13 16.50
C CYS A 743 14.34 8.38 16.25
N GLY A 744 15.23 7.92 17.11
CA GLY A 744 16.66 8.01 16.84
C GLY A 744 17.17 9.42 16.63
N ASP A 745 16.82 10.33 17.55
CA ASP A 745 17.30 11.71 17.59
C ASP A 745 17.07 12.47 16.28
N SER A 746 16.22 11.97 15.40
CA SER A 746 15.90 12.65 14.15
C SER A 746 14.76 13.63 14.39
N THR A 747 15.02 14.91 14.12
CA THR A 747 13.99 15.93 14.30
C THR A 747 12.82 15.69 13.35
N GLU A 748 13.10 15.33 12.10
CA GLU A 748 12.06 15.09 11.11
C GLU A 748 11.29 13.81 11.40
N CYS A 749 11.75 12.98 12.32
CA CYS A 749 11.03 11.76 12.68
C CYS A 749 10.16 11.95 13.92
N SER A 750 10.70 12.59 14.95
CA SER A 750 9.96 12.78 16.19
C SER A 750 8.73 13.65 15.99
N ASN A 751 8.83 14.65 15.10
CA ASN A 751 7.71 15.54 14.85
C ASN A 751 6.50 14.77 14.31
N LEU A 752 6.73 13.67 13.61
CA LEU A 752 5.62 12.83 13.17
C LEU A 752 5.10 11.97 14.30
N LEU A 753 5.98 11.49 15.18
CA LEU A 753 5.52 10.70 16.32
C LEU A 753 4.62 11.53 17.23
N LEU A 754 4.91 12.83 17.35
CA LEU A 754 4.10 13.70 18.19
C LEU A 754 2.61 13.57 17.89
N GLN A 755 2.26 13.18 16.66
CA GLN A 755 0.87 13.00 16.29
C GLN A 755 0.23 11.79 16.96
N TYR A 756 1.00 10.94 17.65
CA TYR A 756 0.43 9.83 18.39
C TYR A 756 0.05 10.22 19.82
N GLY A 757 0.42 11.41 20.28
CA GLY A 757 -0.08 11.90 21.55
C GLY A 757 0.65 11.31 22.73
N SER A 758 -0.12 10.79 23.69
CA SER A 758 0.39 10.41 25.00
C SER A 758 1.15 9.09 25.00
N PHE A 759 1.26 8.40 23.85
CA PHE A 759 2.01 7.16 23.80
C PHE A 759 3.47 7.37 24.21
N CYS A 760 3.99 8.58 24.09
CA CYS A 760 5.34 8.87 24.55
C CYS A 760 5.43 8.82 26.08
N THR A 761 4.51 9.49 26.76
CA THR A 761 4.59 9.62 28.21
C THR A 761 4.16 8.36 28.95
N GLN A 762 3.19 7.63 28.40
CA GLN A 762 2.57 6.53 29.13
C GLN A 762 3.57 5.42 29.47
N LEU A 763 4.41 5.05 28.50
CA LEU A 763 5.35 3.97 28.73
C LEU A 763 6.42 4.37 29.73
N ASN A 764 6.89 5.60 29.65
CA ASN A 764 7.83 6.10 30.65
C ASN A 764 7.21 6.06 32.03
N ARG A 765 5.94 6.43 32.14
CA ARG A 765 5.26 6.39 33.44
C ARG A 765 5.15 4.97 33.96
N ALA A 766 4.79 4.02 33.11
CA ALA A 766 4.67 2.63 33.56
C ALA A 766 6.03 2.09 34.01
N LEU A 767 7.08 2.38 33.25
CA LEU A 767 8.40 1.89 33.62
C LEU A 767 8.89 2.52 34.91
N THR A 768 8.64 3.82 35.12
CA THR A 768 9.06 4.42 36.38
C THR A 768 8.26 3.87 37.56
N GLY A 769 6.99 3.51 37.32
CA GLY A 769 6.24 2.83 38.37
C GLY A 769 6.85 1.51 38.75
N ILE A 770 7.23 0.71 37.75
CA ILE A 770 7.90 -0.56 38.04
C ILE A 770 9.22 -0.32 38.79
N ALA A 771 9.97 0.69 38.36
CA ALA A 771 11.26 0.97 38.99
C ALA A 771 11.10 1.31 40.46
N VAL A 772 10.13 2.17 40.79
CA VAL A 772 9.93 2.54 42.19
C VAL A 772 9.39 1.35 42.98
N GLU A 773 8.58 0.50 42.34
CA GLU A 773 8.06 -0.67 43.04
C GLU A 773 9.19 -1.63 43.41
N GLN A 774 10.24 -1.70 42.60
CA GLN A 774 11.37 -2.56 42.97
C GLN A 774 12.01 -2.12 44.28
N ASP A 775 12.23 -0.80 44.43
CA ASP A 775 12.78 -0.28 45.67
C ASP A 775 11.84 -0.54 46.84
N LYS A 776 10.53 -0.39 46.60
CA LYS A 776 9.58 -0.70 47.67
C LYS A 776 9.65 -2.17 48.07
N ASN A 777 9.84 -3.06 47.09
CA ASN A 777 9.95 -4.48 47.40
C ASN A 777 11.14 -4.77 48.29
N THR A 778 12.32 -4.26 47.91
CA THR A 778 13.50 -4.50 48.73
C THR A 778 13.32 -3.91 50.12
N GLN A 779 12.76 -2.70 50.21
CA GLN A 779 12.54 -2.07 51.50
C GLN A 779 11.61 -2.91 52.36
N GLU A 780 10.54 -3.44 51.77
CA GLU A 780 9.59 -4.23 52.53
C GLU A 780 10.23 -5.51 53.04
N VAL A 781 10.99 -6.20 52.21
CA VAL A 781 11.52 -7.50 52.62
C VAL A 781 12.61 -7.35 53.67
N PHE A 782 13.53 -6.39 53.47
CA PHE A 782 14.73 -6.41 54.30
C PHE A 782 14.72 -5.45 55.48
N ALA A 783 13.92 -4.37 55.43
CA ALA A 783 13.98 -3.33 56.45
C ALA A 783 13.01 -3.54 57.60
N GLN A 784 12.69 -4.79 57.94
CA GLN A 784 11.70 -5.06 58.97
C GLN A 784 12.17 -4.63 60.35
N VAL A 785 13.46 -4.42 60.54
CA VAL A 785 13.97 -3.95 61.82
C VAL A 785 14.05 -2.44 61.82
N LYS A 786 13.93 -1.84 62.99
CA LYS A 786 14.10 -0.40 63.16
C LYS A 786 15.44 -0.06 63.82
N GLN A 787 16.29 -1.05 64.03
CA GLN A 787 17.61 -0.84 64.60
C GLN A 787 18.60 -1.77 63.93
N ILE A 788 19.89 -1.45 64.07
CA ILE A 788 20.96 -2.24 63.48
C ILE A 788 21.76 -2.83 64.63
N TYR A 789 21.60 -4.13 64.85
CA TYR A 789 22.23 -4.82 65.96
C TYR A 789 23.65 -5.23 65.59
N LYS A 790 24.41 -5.60 66.61
CA LYS A 790 25.78 -6.10 66.45
C LYS A 790 25.96 -7.32 67.32
N THR A 791 26.43 -8.41 66.71
CA THR A 791 26.73 -9.61 67.47
C THR A 791 27.91 -9.34 68.41
N PRO A 792 27.93 -9.97 69.58
CA PRO A 792 29.04 -9.76 70.51
C PRO A 792 30.33 -10.27 69.92
N PRO A 793 31.47 -9.71 70.33
CA PRO A 793 32.75 -10.09 69.73
C PRO A 793 33.27 -11.46 70.17
N ILE A 794 33.02 -11.82 71.43
CA ILE A 794 33.62 -13.04 71.97
C ILE A 794 33.07 -14.29 71.29
N LYS A 795 31.80 -14.24 70.85
CA LYS A 795 31.18 -15.33 70.09
C LYS A 795 31.22 -16.65 70.85
N ASP A 796 30.52 -16.68 71.99
CA ASP A 796 30.32 -17.90 72.76
C ASP A 796 28.82 -18.14 72.86
N PHE A 797 28.35 -19.22 72.22
CA PHE A 797 26.93 -19.57 72.22
C PHE A 797 26.69 -20.96 72.80
N GLY A 798 27.59 -21.47 73.64
CA GLY A 798 27.39 -22.74 74.28
C GLY A 798 27.63 -23.95 73.41
N GLY A 799 28.15 -23.78 72.20
CA GLY A 799 28.46 -24.91 71.35
C GLY A 799 28.08 -24.71 69.89
N PHE A 800 27.03 -23.95 69.65
CA PHE A 800 26.66 -23.60 68.29
C PHE A 800 27.71 -22.67 67.71
N ASN A 801 27.99 -22.81 66.41
CA ASN A 801 29.07 -22.08 65.76
C ASN A 801 28.52 -21.47 64.48
N PHE A 802 28.17 -20.18 64.56
CA PHE A 802 27.55 -19.45 63.46
C PHE A 802 28.56 -18.83 62.51
N SER A 803 29.81 -19.31 62.50
CA SER A 803 30.85 -18.66 61.73
C SER A 803 30.55 -18.65 60.23
N GLN A 804 29.66 -19.50 59.76
CA GLN A 804 29.35 -19.59 58.35
C GLN A 804 28.19 -18.70 57.91
N ILE A 805 27.59 -17.93 58.83
CA ILE A 805 26.47 -17.07 58.44
C ILE A 805 26.70 -15.63 58.90
N LEU A 806 27.55 -15.43 59.90
CA LEU A 806 27.87 -14.08 60.34
C LEU A 806 28.88 -13.45 59.39
N PRO A 807 28.92 -12.12 59.32
CA PRO A 807 29.92 -11.46 58.49
C PRO A 807 31.33 -11.70 58.99
N ASP A 808 32.27 -11.67 58.04
CA ASP A 808 33.69 -11.83 58.35
C ASP A 808 34.37 -10.47 58.25
N PRO A 809 34.77 -9.86 59.36
CA PRO A 809 35.42 -8.54 59.27
C PRO A 809 36.71 -8.55 58.47
N SER A 810 37.47 -9.65 58.48
CA SER A 810 38.74 -9.69 57.79
C SER A 810 38.57 -9.64 56.27
N LYS A 811 37.44 -10.12 55.77
CA LYS A 811 37.20 -10.10 54.34
C LYS A 811 37.11 -8.66 53.84
N PRO A 812 37.57 -8.40 52.60
CA PRO A 812 37.42 -7.04 52.06
C PRO A 812 35.99 -6.56 52.00
N SER A 813 35.04 -7.47 51.79
CA SER A 813 33.62 -7.14 51.80
C SER A 813 32.99 -7.57 53.11
N LYS A 814 31.89 -6.92 53.47
CA LYS A 814 31.21 -7.20 54.73
C LYS A 814 30.29 -8.40 54.67
N ARG A 815 30.19 -9.06 53.51
CA ARG A 815 29.30 -10.19 53.37
C ARG A 815 29.81 -11.40 54.16
N SER A 816 28.89 -12.27 54.53
CA SER A 816 29.21 -13.54 55.16
C SER A 816 29.64 -14.56 54.11
N PRO A 817 30.41 -15.58 54.50
CA PRO A 817 30.94 -16.51 53.50
C PRO A 817 29.87 -17.19 52.66
N ILE A 818 28.73 -17.55 53.24
CA ILE A 818 27.65 -18.10 52.42
C ILE A 818 27.08 -17.03 51.52
N GLU A 819 26.97 -15.80 52.02
CA GLU A 819 26.57 -14.68 51.16
C GLU A 819 27.58 -14.48 50.04
N ASP A 820 28.87 -14.63 50.34
CA ASP A 820 29.88 -14.49 49.30
C ASP A 820 29.75 -15.58 48.24
N LEU A 821 29.52 -16.82 48.67
CA LEU A 821 29.33 -17.91 47.71
C LEU A 821 28.11 -17.65 46.84
N LEU A 822 27.01 -17.18 47.44
CA LEU A 822 25.82 -16.86 46.66
C LEU A 822 26.09 -15.74 45.67
N PHE A 823 26.77 -14.68 46.12
CA PHE A 823 27.04 -13.54 45.25
C PHE A 823 28.00 -13.91 44.13
N ASN A 824 28.82 -14.93 44.33
CA ASN A 824 29.75 -15.34 43.27
C ASN A 824 29.09 -16.32 42.30
N LYS A 825 28.20 -17.18 42.80
CA LYS A 825 27.57 -18.19 41.94
C LYS A 825 26.72 -17.52 40.86
N VAL A 826 25.92 -16.53 41.23
CA VAL A 826 25.10 -15.83 40.26
C VAL A 826 25.99 -14.95 39.39
N THR A 827 25.82 -15.06 38.08
CA THR A 827 26.67 -14.34 37.13
C THR A 827 25.82 -13.86 35.96
N LEU A 828 26.10 -12.64 35.51
CA LEU A 828 25.45 -12.06 34.34
C LEU A 828 25.58 -12.96 33.12
N ALA A 852 24.33 -6.08 32.50
CA ALA A 852 23.60 -5.46 31.40
C ALA A 852 24.31 -4.19 30.94
N GLN A 853 24.05 -3.79 29.69
CA GLN A 853 24.67 -2.63 29.09
C GLN A 853 23.59 -1.69 28.56
N LYS A 854 23.96 -0.42 28.41
CA LYS A 854 23.02 0.62 28.01
C LYS A 854 23.40 1.19 26.64
N PHE A 855 22.43 1.19 25.72
CA PHE A 855 22.59 1.77 24.41
C PHE A 855 21.22 2.22 23.91
N ASN A 856 21.22 3.07 22.89
CA ASN A 856 19.99 3.65 22.32
C ASN A 856 19.29 4.40 23.46
N GLY A 857 17.97 4.33 23.56
CA GLY A 857 17.27 4.97 24.65
C GLY A 857 17.25 4.21 25.96
N LEU A 858 17.79 3.00 25.96
CA LEU A 858 17.77 2.17 27.16
C LEU A 858 18.67 2.74 28.25
N THR A 859 18.31 2.47 29.50
CA THR A 859 19.07 2.95 30.65
C THR A 859 18.67 2.16 31.88
N VAL A 860 19.66 1.62 32.57
CA VAL A 860 19.42 0.93 33.84
C VAL A 860 19.59 1.92 34.97
N LEU A 861 18.95 1.66 36.10
CA LEU A 861 19.06 2.53 37.25
C LEU A 861 19.56 1.75 38.45
N PRO A 862 20.39 2.34 39.29
CA PRO A 862 20.92 1.62 40.45
C PRO A 862 19.87 1.51 41.53
N PRO A 863 19.89 0.41 42.29
CA PRO A 863 18.89 0.26 43.36
C PRO A 863 19.13 1.27 44.46
N LEU A 864 18.04 1.62 45.17
CA LEU A 864 18.16 2.56 46.27
C LEU A 864 19.04 2.00 47.38
N LEU A 865 18.88 0.73 47.70
CA LEU A 865 19.68 0.06 48.72
C LEU A 865 20.84 -0.66 48.05
N THR A 866 22.05 -0.14 48.23
CA THR A 866 23.21 -0.77 47.64
C THR A 866 23.52 -2.09 48.34
N ASP A 867 24.39 -2.88 47.70
CA ASP A 867 24.62 -4.25 48.16
C ASP A 867 25.15 -4.29 49.58
N GLU A 868 26.09 -3.40 49.91
CA GLU A 868 26.63 -3.38 51.27
C GLU A 868 25.54 -3.05 52.28
N MET A 869 24.58 -2.19 51.92
CA MET A 869 23.48 -1.90 52.82
C MET A 869 22.60 -3.13 53.05
N ILE A 870 22.35 -3.91 52.01
CA ILE A 870 21.56 -5.12 52.18
C ILE A 870 22.29 -6.12 53.06
N ALA A 871 23.60 -6.25 52.87
CA ALA A 871 24.39 -7.12 53.74
C ALA A 871 24.33 -6.64 55.18
N GLN A 872 24.37 -5.33 55.39
CA GLN A 872 24.24 -4.78 56.74
C GLN A 872 22.89 -5.12 57.34
N TYR A 873 21.82 -5.01 56.55
CA TYR A 873 20.48 -5.34 57.03
C TYR A 873 20.40 -6.80 57.46
N THR A 874 20.92 -7.70 56.62
CA THR A 874 20.86 -9.12 56.94
C THR A 874 21.71 -9.45 58.16
N SER A 875 22.87 -8.80 58.29
CA SER A 875 23.69 -9.00 59.48
C SER A 875 22.97 -8.53 60.73
N ALA A 876 22.26 -7.40 60.63
CA ALA A 876 21.49 -6.93 61.78
C ALA A 876 20.38 -7.91 62.16
N LEU A 877 19.65 -8.40 61.16
CA LEU A 877 18.59 -9.38 61.43
C LEU A 877 19.17 -10.62 62.08
N LEU A 878 20.32 -11.09 61.58
CA LEU A 878 20.91 -12.32 62.09
C LEU A 878 21.39 -12.13 63.53
N ALA A 879 22.05 -11.00 63.82
CA ALA A 879 22.47 -10.74 65.20
C ALA A 879 21.26 -10.64 66.12
N GLY A 880 20.18 -10.03 65.65
CA GLY A 880 18.99 -9.95 66.46
C GLY A 880 18.38 -11.30 66.77
N THR A 881 18.33 -12.18 65.77
CA THR A 881 17.80 -13.52 66.01
C THR A 881 18.78 -14.44 66.72
N ILE A 882 20.05 -14.04 66.85
CA ILE A 882 21.01 -14.85 67.58
C ILE A 882 21.02 -14.48 69.05
N THR A 883 21.16 -13.19 69.37
CA THR A 883 21.25 -12.79 70.76
C THR A 883 19.88 -12.73 71.43
N SER A 884 19.02 -11.85 70.93
CA SER A 884 17.70 -11.64 71.52
C SER A 884 16.66 -12.51 70.84
N GLY A 885 17.07 -13.68 70.37
CA GLY A 885 16.47 -14.38 69.25
C GLY A 885 14.98 -14.26 69.06
N TRP A 886 14.21 -14.33 70.14
CA TRP A 886 12.77 -14.37 70.00
C TRP A 886 12.16 -12.98 69.81
N THR A 887 12.49 -12.02 70.68
CA THR A 887 11.66 -10.85 70.90
C THR A 887 11.91 -9.69 69.95
N PHE A 888 13.15 -9.48 69.50
CA PHE A 888 13.53 -8.22 68.86
C PHE A 888 12.59 -7.78 67.76
N GLY A 889 11.81 -8.70 67.20
CA GLY A 889 10.86 -8.33 66.18
C GLY A 889 9.56 -7.77 66.68
N ALA A 890 9.37 -7.71 68.00
CA ALA A 890 8.09 -7.26 68.55
C ALA A 890 8.27 -6.39 69.78
N GLY A 891 9.38 -5.66 69.87
CA GLY A 891 9.61 -4.78 70.99
C GLY A 891 11.07 -4.51 71.24
N PRO A 892 11.44 -4.28 72.50
CA PRO A 892 12.85 -4.09 72.83
C PRO A 892 13.64 -5.38 72.68
N ALA A 893 14.93 -5.22 72.43
CA ALA A 893 15.82 -6.37 72.26
C ALA A 893 16.17 -6.92 73.63
N LEU A 894 15.72 -8.14 73.91
CA LEU A 894 15.91 -8.78 75.20
C LEU A 894 16.94 -9.90 75.05
N GLN A 895 18.12 -9.71 75.63
CA GLN A 895 19.15 -10.72 75.52
C GLN A 895 18.76 -11.98 76.26
N ILE A 896 19.20 -13.12 75.74
CA ILE A 896 18.87 -14.43 76.30
C ILE A 896 19.95 -15.39 75.84
N PRO A 897 20.50 -16.23 76.71
CA PRO A 897 21.56 -17.14 76.27
C PRO A 897 21.06 -18.07 75.18
N PHE A 898 21.88 -18.26 74.15
CA PHE A 898 21.40 -19.00 72.99
C PHE A 898 20.97 -20.44 73.29
N PRO A 899 21.67 -21.21 74.11
CA PRO A 899 21.12 -22.54 74.47
C PRO A 899 19.73 -22.44 75.05
N MET A 900 19.45 -21.42 75.87
CA MET A 900 18.12 -21.26 76.44
C MET A 900 17.10 -20.83 75.40
N GLN A 901 17.49 -19.96 74.47
CA GLN A 901 16.56 -19.58 73.41
C GLN A 901 16.20 -20.78 72.54
N MET A 902 17.18 -21.61 72.21
CA MET A 902 16.88 -22.84 71.50
C MET A 902 16.00 -23.75 72.33
N ALA A 903 16.26 -23.82 73.64
CA ALA A 903 15.43 -24.64 74.52
C ALA A 903 13.98 -24.22 74.44
N TYR A 904 13.72 -22.92 74.43
CA TYR A 904 12.34 -22.48 74.25
C TYR A 904 11.82 -22.86 72.88
N ARG A 905 12.65 -22.71 71.83
CA ARG A 905 12.22 -23.12 70.50
C ARG A 905 11.77 -24.57 70.51
N PHE A 906 12.51 -25.43 71.21
CA PHE A 906 12.13 -26.82 71.34
C PHE A 906 10.78 -26.95 72.03
N ASN A 907 10.54 -26.15 73.07
CA ASN A 907 9.28 -26.23 73.80
C ASN A 907 8.10 -25.91 72.91
N GLY A 908 8.32 -25.13 71.85
CA GLY A 908 7.22 -24.78 70.97
C GLY A 908 6.69 -25.96 70.18
N ILE A 909 7.58 -26.82 69.69
CA ILE A 909 7.19 -27.86 68.74
C ILE A 909 6.74 -29.11 69.47
N GLY A 910 6.53 -29.01 70.77
CA GLY A 910 5.98 -30.11 71.54
C GLY A 910 6.97 -30.99 72.25
N VAL A 911 8.25 -30.66 72.21
CA VAL A 911 9.30 -31.40 72.91
C VAL A 911 9.66 -30.63 74.18
N THR A 912 9.61 -31.30 75.32
CA THR A 912 9.91 -30.62 76.58
C THR A 912 11.36 -30.17 76.60
N GLN A 913 11.63 -29.17 77.44
CA GLN A 913 12.93 -28.49 77.41
C GLN A 913 14.07 -29.45 77.67
N ASN A 914 13.89 -30.39 78.60
CA ASN A 914 15.00 -31.21 79.07
C ASN A 914 15.61 -32.06 77.97
N VAL A 915 14.92 -32.25 76.85
CA VAL A 915 15.51 -32.96 75.73
C VAL A 915 16.71 -32.21 75.17
N LEU A 916 16.63 -30.88 75.12
CA LEU A 916 17.73 -30.12 74.55
C LEU A 916 18.92 -30.06 75.51
N TYR A 917 18.69 -29.62 76.75
CA TYR A 917 19.79 -29.41 77.68
C TYR A 917 20.59 -30.69 77.89
N GLU A 918 19.91 -31.83 77.92
CA GLU A 918 20.60 -33.09 78.13
C GLU A 918 21.28 -33.62 76.87
N ASN A 919 21.03 -33.01 75.72
CA ASN A 919 21.68 -33.39 74.47
C ASN A 919 22.24 -32.16 73.75
N GLN A 920 22.76 -31.19 74.51
CA GLN A 920 23.24 -29.96 73.90
C GLN A 920 24.45 -30.21 73.01
N LYS A 921 25.35 -31.09 73.42
CA LYS A 921 26.54 -31.39 72.61
C LYS A 921 26.13 -31.96 71.26
N LEU A 922 25.23 -32.93 71.26
CA LEU A 922 24.81 -33.56 70.01
C LEU A 922 24.09 -32.56 69.11
N ILE A 923 23.21 -31.75 69.69
CA ILE A 923 22.49 -30.74 68.91
C ILE A 923 23.48 -29.77 68.29
N ALA A 924 24.47 -29.33 69.06
CA ALA A 924 25.46 -28.40 68.54
C ALA A 924 26.23 -29.02 67.39
N ASN A 925 26.65 -30.27 67.54
CA ASN A 925 27.42 -30.90 66.48
C ASN A 925 26.58 -31.05 65.21
N GLN A 926 25.33 -31.48 65.35
CA GLN A 926 24.47 -31.64 64.18
C GLN A 926 24.22 -30.30 63.50
N PHE A 927 23.95 -29.25 64.28
CA PHE A 927 23.70 -27.93 63.70
C PHE A 927 24.92 -27.42 62.97
N ASN A 928 26.11 -27.56 63.57
CA ASN A 928 27.33 -27.11 62.92
C ASN A 928 27.58 -27.88 61.64
N SER A 929 27.38 -29.20 61.67
CA SER A 929 27.58 -30.00 60.46
C SER A 929 26.62 -29.59 59.35
N ALA A 930 25.37 -29.31 59.70
CA ALA A 930 24.41 -28.91 58.68
C ALA A 930 24.76 -27.55 58.08
N ILE A 931 25.10 -26.59 58.95
CA ILE A 931 25.47 -25.26 58.46
C ILE A 931 26.74 -25.34 57.62
N GLY A 932 27.60 -26.31 57.90
CA GLY A 932 28.74 -26.52 57.02
C GLY A 932 28.34 -27.11 55.68
N LYS A 933 27.57 -28.21 55.71
CA LYS A 933 27.25 -28.94 54.48
C LYS A 933 26.41 -28.11 53.52
N ILE A 934 25.65 -27.14 54.03
CA ILE A 934 24.83 -26.33 53.13
C ILE A 934 25.71 -25.54 52.17
N GLN A 935 26.88 -25.10 52.64
CA GLN A 935 27.80 -24.37 51.78
C GLN A 935 28.24 -25.23 50.60
N ASP A 936 28.63 -26.48 50.87
CA ASP A 936 29.02 -27.38 49.79
C ASP A 936 27.83 -27.70 48.89
N SER A 937 26.64 -27.80 49.47
CA SER A 937 25.45 -28.07 48.67
C SER A 937 25.22 -26.96 47.66
N LEU A 938 25.38 -25.70 48.08
CA LEU A 938 25.27 -24.60 47.14
C LEU A 938 26.43 -24.60 46.14
N SER A 939 27.63 -24.91 46.60
CA SER A 939 28.81 -24.80 45.75
C SER A 939 28.80 -25.83 44.62
N SER A 940 28.57 -27.10 44.94
CA SER A 940 28.73 -28.16 43.95
C SER A 940 27.64 -28.10 42.89
N THR A 941 26.39 -27.97 43.32
CA THR A 941 25.28 -28.03 42.37
C THR A 941 25.32 -26.83 41.45
N PRO A 942 25.29 -27.03 40.12
CA PRO A 942 25.35 -25.88 39.20
C PRO A 942 24.03 -25.18 38.99
N SER A 943 22.91 -25.78 39.41
CA SER A 943 21.58 -25.22 39.16
C SER A 943 20.82 -24.91 40.44
N ALA A 944 21.53 -24.75 41.56
CA ALA A 944 20.85 -24.52 42.84
C ALA A 944 20.11 -23.20 42.84
N LEU A 945 20.73 -22.14 42.29
CA LEU A 945 20.19 -20.79 42.35
C LEU A 945 19.36 -20.44 41.13
N GLY A 946 18.68 -21.41 40.53
CA GLY A 946 18.00 -21.18 39.28
C GLY A 946 16.91 -20.14 39.35
N LYS A 947 16.31 -19.96 40.53
CA LYS A 947 15.18 -19.05 40.63
C LYS A 947 15.60 -17.59 40.46
N LEU A 948 16.85 -17.25 40.78
CA LEU A 948 17.37 -15.91 40.56
C LEU A 948 17.95 -15.74 39.16
N GLN A 949 18.70 -16.75 38.71
CA GLN A 949 19.26 -16.71 37.37
C GLN A 949 18.15 -16.63 36.33
N ASP A 950 17.00 -17.21 36.61
CA ASP A 950 15.86 -17.08 35.70
C ASP A 950 15.45 -15.63 35.55
N VAL A 951 15.37 -14.89 36.66
CA VAL A 951 14.97 -13.49 36.60
C VAL A 951 16.01 -12.68 35.82
N VAL A 952 17.29 -12.89 36.14
CA VAL A 952 18.34 -12.12 35.48
C VAL A 952 18.35 -12.42 33.98
N ASN A 953 18.27 -13.69 33.62
CA ASN A 953 18.28 -14.09 32.22
C ASN A 953 17.07 -13.53 31.49
N GLN A 954 15.89 -13.59 32.10
CA GLN A 954 14.70 -13.08 31.45
C GLN A 954 14.81 -11.59 31.19
N ASN A 955 15.28 -10.82 32.18
CA ASN A 955 15.40 -9.38 31.99
C ASN A 955 16.41 -9.05 30.89
N ALA A 956 17.59 -9.68 30.95
CA ALA A 956 18.60 -9.40 29.94
C ALA A 956 18.13 -9.81 28.56
N GLN A 957 17.46 -10.95 28.46
CA GLN A 957 16.98 -11.44 27.17
C GLN A 957 15.89 -10.53 26.61
N ALA A 958 14.99 -10.05 27.46
CA ALA A 958 13.97 -9.13 27.00
C ALA A 958 14.59 -7.84 26.49
N LEU A 959 15.58 -7.31 27.20
CA LEU A 959 16.24 -6.10 26.74
C LEU A 959 16.94 -6.33 25.40
N ASN A 960 17.64 -7.46 25.26
CA ASN A 960 18.34 -7.74 24.01
C ASN A 960 17.37 -7.89 22.85
N THR A 961 16.29 -8.64 23.04
CA THR A 961 15.31 -8.81 21.97
C THR A 961 14.57 -7.51 21.68
N LEU A 962 14.52 -6.59 22.64
CA LEU A 962 14.05 -5.25 22.33
C LEU A 962 15.02 -4.54 21.39
N VAL A 963 16.31 -4.54 21.74
CA VAL A 963 17.29 -3.84 20.91
C VAL A 963 17.40 -4.49 19.54
N LYS A 964 17.44 -5.82 19.51
CA LYS A 964 17.52 -6.53 18.23
C LYS A 964 16.34 -6.19 17.33
N GLN A 965 15.18 -5.91 17.92
CA GLN A 965 14.01 -5.52 17.14
C GLN A 965 14.19 -4.16 16.47
N LEU A 966 15.16 -3.36 16.92
CA LEU A 966 15.37 -2.05 16.31
C LEU A 966 15.80 -2.19 14.85
N SER A 967 16.55 -3.23 14.52
CA SER A 967 17.02 -3.44 13.15
C SER A 967 16.03 -4.18 12.27
N SER A 968 14.85 -4.52 12.79
CA SER A 968 13.84 -5.15 11.97
C SER A 968 13.24 -4.14 11.00
N ASN A 969 12.70 -4.66 9.90
CA ASN A 969 12.26 -3.84 8.77
C ASN A 969 10.85 -3.31 8.96
N PHE A 970 9.91 -4.16 9.37
CA PHE A 970 8.49 -3.79 9.48
C PHE A 970 7.93 -3.37 8.14
N GLY A 971 8.37 -4.03 7.07
CA GLY A 971 7.86 -3.74 5.74
C GLY A 971 8.16 -2.34 5.28
N ALA A 972 9.44 -2.03 5.09
CA ALA A 972 9.86 -0.73 4.62
C ALA A 972 11.03 -0.93 3.67
N ILE A 973 11.32 0.10 2.87
CA ILE A 973 12.41 0.03 1.92
C ILE A 973 13.75 -0.16 2.63
N SER A 974 13.84 0.20 3.91
CA SER A 974 15.06 0.00 4.68
C SER A 974 14.71 -0.01 6.16
N SER A 975 15.67 -0.47 6.96
CA SER A 975 15.56 -0.45 8.41
C SER A 975 16.42 0.62 9.06
N VAL A 976 17.29 1.27 8.29
CA VAL A 976 18.12 2.36 8.80
C VAL A 976 17.36 3.67 8.61
N LEU A 977 17.30 4.47 9.67
CA LEU A 977 16.47 5.67 9.66
C LEU A 977 16.93 6.67 8.60
N ASN A 978 18.22 6.99 8.59
CA ASN A 978 18.72 8.03 7.71
C ASN A 978 18.57 7.65 6.24
N ASP A 979 18.70 6.36 5.92
CA ASP A 979 18.52 5.93 4.53
C ASP A 979 17.14 6.30 4.01
N ILE A 980 16.12 6.23 4.87
CA ILE A 980 14.78 6.64 4.48
C ILE A 980 14.78 8.12 4.11
N LEU A 981 15.55 8.93 4.84
CA LEU A 981 15.58 10.37 4.64
C LEU A 981 16.39 10.80 3.43
N SER A 982 17.03 9.87 2.73
CA SER A 982 17.86 10.21 1.57
C SER A 982 17.54 9.37 0.35
N ARG A 983 16.39 8.69 0.32
CA ARG A 983 16.08 7.80 -0.78
C ARG A 983 14.65 7.88 -1.29
N LEU A 984 13.77 8.66 -0.66
CA LEU A 984 12.39 8.75 -1.12
C LEU A 984 11.83 10.17 -1.12
N ASP A 985 12.57 11.16 -0.61
CA ASP A 985 12.17 12.56 -0.56
C ASP A 985 10.99 12.79 0.39
N PRO A 986 10.89 13.96 1.01
CA PRO A 986 9.88 14.19 2.06
C PRO A 986 8.45 13.89 1.62
N PRO A 987 8.06 14.19 0.38
CA PRO A 987 6.65 13.94 -0.01
C PRO A 987 6.20 12.50 0.17
N GLU A 988 7.08 11.51 0.06
CA GLU A 988 6.68 10.13 0.17
C GLU A 988 7.38 9.35 1.28
N ALA A 989 8.58 9.77 1.69
CA ALA A 989 9.30 9.05 2.75
C ALA A 989 8.56 9.11 4.07
N GLU A 990 7.60 10.03 4.23
CA GLU A 990 6.80 10.07 5.44
C GLU A 990 6.03 8.78 5.65
N VAL A 991 5.60 8.13 4.57
CA VAL A 991 4.86 6.88 4.70
C VAL A 991 5.75 5.78 5.28
N GLN A 992 6.97 5.65 4.75
CA GLN A 992 7.90 4.66 5.28
C GLN A 992 8.27 4.98 6.71
N ILE A 993 8.48 6.27 7.02
CA ILE A 993 8.77 6.68 8.38
C ILE A 993 7.63 6.29 9.31
N ASP A 994 6.39 6.50 8.87
CA ASP A 994 5.23 6.17 9.69
C ASP A 994 5.14 4.67 9.93
N ARG A 995 5.39 3.87 8.90
CA ARG A 995 5.36 2.41 9.08
C ARG A 995 6.40 1.97 10.09
N LEU A 996 7.62 2.49 9.97
CA LEU A 996 8.67 2.15 10.93
C LEU A 996 8.30 2.61 12.33
N ILE A 997 7.69 3.78 12.44
CA ILE A 997 7.28 4.32 13.74
C ILE A 997 6.29 3.38 14.39
N THR A 998 5.27 2.95 13.64
CA THR A 998 4.27 2.05 14.20
C THR A 998 4.89 0.74 14.63
N GLY A 999 5.78 0.18 13.82
CA GLY A 999 6.42 -1.07 14.19
C GLY A 999 7.23 -0.96 15.48
N ARG A 1000 8.08 0.06 15.56
CA ARG A 1000 8.91 0.22 16.75
C ARG A 1000 8.06 0.50 17.99
N LEU A 1001 7.02 1.32 17.84
CA LEU A 1001 6.15 1.61 18.97
C LEU A 1001 5.43 0.35 19.44
N GLN A 1002 5.00 -0.51 18.51
CA GLN A 1002 4.36 -1.76 18.91
C GLN A 1002 5.34 -2.65 19.65
N SER A 1003 6.59 -2.72 19.19
CA SER A 1003 7.58 -3.54 19.90
C SER A 1003 7.81 -3.01 21.31
N LEU A 1004 7.90 -1.69 21.46
CA LEU A 1004 8.07 -1.13 22.81
C LEU A 1004 6.85 -1.41 23.68
N GLN A 1005 5.66 -1.38 23.09
CA GLN A 1005 4.45 -1.74 23.81
C GLN A 1005 4.53 -3.14 24.35
N THR A 1006 4.92 -4.10 23.50
CA THR A 1006 5.02 -5.48 23.94
C THR A 1006 6.05 -5.63 25.05
N TYR A 1007 7.20 -4.95 24.91
CA TYR A 1007 8.22 -5.04 25.96
C TYR A 1007 7.69 -4.52 27.29
N VAL A 1008 6.99 -3.37 27.26
CA VAL A 1008 6.51 -2.79 28.51
C VAL A 1008 5.43 -3.67 29.14
N THR A 1009 4.55 -4.26 28.33
CA THR A 1009 3.53 -5.14 28.89
C THR A 1009 4.14 -6.39 29.50
N GLN A 1010 5.12 -7.00 28.83
CA GLN A 1010 5.82 -8.14 29.41
C GLN A 1010 6.48 -7.74 30.73
N GLN A 1011 7.08 -6.55 30.77
CA GLN A 1011 7.72 -6.09 31.99
C GLN A 1011 6.70 -5.89 33.10
N LEU A 1012 5.53 -5.38 32.79
CA LEU A 1012 4.50 -5.18 33.81
C LEU A 1012 4.05 -6.50 34.40
N ILE A 1013 3.81 -7.50 33.54
CA ILE A 1013 3.38 -8.80 34.05
C ILE A 1013 4.49 -9.43 34.91
N ARG A 1014 5.74 -9.36 34.44
CA ARG A 1014 6.83 -9.92 35.22
C ARG A 1014 7.02 -9.19 36.53
N ALA A 1015 6.81 -7.87 36.54
CA ALA A 1015 6.92 -7.11 37.77
C ALA A 1015 5.82 -7.48 38.75
N ALA A 1016 4.62 -7.78 38.25
CA ALA A 1016 3.58 -8.28 39.14
C ALA A 1016 3.98 -9.62 39.74
N GLU A 1017 4.55 -10.51 38.93
CA GLU A 1017 5.00 -11.80 39.45
C GLU A 1017 6.08 -11.62 40.52
N ILE A 1018 7.03 -10.73 40.27
CA ILE A 1018 8.09 -10.48 41.25
C ILE A 1018 7.52 -9.82 42.50
N ARG A 1019 6.51 -8.96 42.36
CA ARG A 1019 5.88 -8.38 43.54
C ARG A 1019 5.23 -9.46 44.40
N ALA A 1020 4.56 -10.42 43.77
CA ALA A 1020 3.99 -11.53 44.53
C ALA A 1020 5.09 -12.32 45.24
N SER A 1021 6.19 -12.59 44.54
CA SER A 1021 7.30 -13.31 45.16
C SER A 1021 7.89 -12.53 46.33
N ALA A 1022 8.01 -11.21 46.17
CA ALA A 1022 8.60 -10.39 47.23
C ALA A 1022 7.67 -10.30 48.44
N ASN A 1023 6.36 -10.24 48.21
CA ASN A 1023 5.42 -10.28 49.33
C ASN A 1023 5.53 -11.61 50.07
N LEU A 1024 5.66 -12.71 49.33
CA LEU A 1024 5.86 -14.01 49.98
C LEU A 1024 7.16 -14.02 50.78
N ALA A 1025 8.22 -13.45 50.22
CA ALA A 1025 9.49 -13.40 50.93
C ALA A 1025 9.40 -12.54 52.19
N ALA A 1026 8.66 -11.43 52.12
CA ALA A 1026 8.47 -10.59 53.30
C ALA A 1026 7.71 -11.34 54.38
N THR A 1027 6.66 -12.07 53.99
CA THR A 1027 5.93 -12.87 54.98
C THR A 1027 6.84 -13.93 55.59
N LYS A 1028 7.68 -14.56 54.77
CA LYS A 1028 8.60 -15.56 55.29
C LYS A 1028 9.58 -14.92 56.27
N MET A 1029 10.13 -13.76 55.93
CA MET A 1029 11.03 -13.09 56.86
C MET A 1029 10.33 -12.82 58.18
N SER A 1030 9.16 -12.19 58.12
CA SER A 1030 8.45 -11.81 59.34
C SER A 1030 8.11 -13.01 60.21
N GLU A 1031 7.69 -14.11 59.58
CA GLU A 1031 7.23 -15.25 60.37
C GLU A 1031 8.38 -16.15 60.80
N CYS A 1032 9.20 -16.61 59.85
CA CYS A 1032 10.30 -17.50 60.21
C CYS A 1032 11.38 -16.77 60.98
N VAL A 1033 11.98 -15.73 60.38
CA VAL A 1033 13.18 -15.15 60.97
C VAL A 1033 12.84 -14.44 62.29
N LEU A 1034 11.81 -13.60 62.28
CA LEU A 1034 11.51 -12.78 63.44
C LEU A 1034 10.76 -13.53 64.53
N GLY A 1035 10.34 -14.76 64.29
CA GLY A 1035 9.58 -15.52 65.26
C GLY A 1035 9.70 -17.01 65.01
N GLN A 1036 8.63 -17.74 65.33
CA GLN A 1036 8.53 -19.15 65.05
C GLN A 1036 7.12 -19.43 64.54
N SER A 1037 7.02 -20.18 63.45
CA SER A 1037 5.75 -20.37 62.76
C SER A 1037 5.29 -21.81 62.90
N LYS A 1038 4.05 -21.99 63.33
CA LYS A 1038 3.46 -23.32 63.46
C LYS A 1038 2.89 -23.85 62.14
N ARG A 1039 2.83 -23.02 61.10
CA ARG A 1039 2.37 -23.48 59.80
C ARG A 1039 3.28 -24.60 59.33
N VAL A 1040 2.71 -25.80 59.20
CA VAL A 1040 3.50 -27.03 59.26
C VAL A 1040 4.48 -27.15 58.10
N ASP A 1041 4.15 -26.62 56.93
CA ASP A 1041 5.04 -26.71 55.79
C ASP A 1041 5.22 -25.35 55.14
N PHE A 1042 5.37 -24.31 55.96
CA PHE A 1042 5.68 -22.98 55.49
C PHE A 1042 7.17 -22.69 55.47
N CYS A 1043 7.97 -23.47 56.19
CA CYS A 1043 9.38 -23.19 56.40
C CYS A 1043 10.22 -24.44 56.29
N GLY A 1044 9.99 -25.23 55.25
CA GLY A 1044 10.78 -26.42 55.02
C GLY A 1044 10.24 -27.65 55.72
N LYS A 1045 10.79 -28.79 55.34
CA LYS A 1045 10.32 -30.07 55.87
C LYS A 1045 10.69 -30.19 57.33
N GLY A 1046 9.76 -30.75 58.12
CA GLY A 1046 9.95 -30.88 59.54
C GLY A 1046 9.41 -29.71 60.33
N TYR A 1047 9.31 -29.90 61.64
CA TYR A 1047 8.91 -28.83 62.52
C TYR A 1047 9.99 -27.75 62.53
N HIS A 1048 9.56 -26.49 62.64
CA HIS A 1048 10.44 -25.36 62.47
C HIS A 1048 10.97 -24.87 63.82
N LEU A 1049 12.29 -24.68 63.89
CA LEU A 1049 12.96 -24.22 65.09
C LEU A 1049 13.33 -22.74 65.03
N MET A 1050 13.97 -22.33 63.94
CA MET A 1050 14.43 -20.97 63.73
C MET A 1050 14.91 -20.90 62.28
N SER A 1051 15.25 -19.69 61.85
CA SER A 1051 15.75 -19.52 60.49
C SER A 1051 16.72 -18.36 60.46
N PHE A 1052 17.55 -18.33 59.43
CA PHE A 1052 18.48 -17.25 59.22
C PHE A 1052 18.38 -16.77 57.78
N PRO A 1053 18.35 -15.46 57.56
CA PRO A 1053 18.32 -14.93 56.20
C PRO A 1053 19.73 -14.69 55.68
N GLN A 1054 19.86 -14.71 54.36
CA GLN A 1054 21.11 -14.40 53.70
C GLN A 1054 20.81 -13.65 52.42
N SER A 1055 21.57 -12.58 52.17
CA SER A 1055 21.35 -11.77 50.98
C SER A 1055 21.85 -12.47 49.74
N ALA A 1056 21.16 -12.23 48.64
CA ALA A 1056 21.49 -12.76 47.32
C ALA A 1056 21.35 -11.62 46.34
N PRO A 1057 22.01 -11.71 45.17
CA PRO A 1057 22.08 -10.52 44.29
C PRO A 1057 20.74 -9.93 43.91
N HIS A 1058 19.73 -10.74 43.62
CA HIS A 1058 18.40 -10.23 43.30
C HIS A 1058 17.34 -10.95 44.11
N GLY A 1059 17.70 -11.46 45.28
CA GLY A 1059 16.74 -12.16 46.10
C GLY A 1059 17.29 -12.34 47.50
N VAL A 1060 16.55 -13.13 48.29
CA VAL A 1060 16.94 -13.44 49.66
C VAL A 1060 17.01 -14.95 49.81
N VAL A 1061 18.01 -15.42 50.53
CA VAL A 1061 18.23 -16.85 50.75
C VAL A 1061 18.01 -17.12 52.23
N PHE A 1062 17.10 -18.02 52.55
CA PHE A 1062 16.85 -18.40 53.93
C PHE A 1062 17.62 -19.66 54.27
N LEU A 1063 17.83 -19.88 55.56
CA LEU A 1063 18.37 -21.13 56.09
C LEU A 1063 17.42 -21.59 57.18
N HIS A 1064 16.35 -22.28 56.78
CA HIS A 1064 15.43 -22.84 57.75
C HIS A 1064 16.13 -23.94 58.53
N VAL A 1065 16.01 -23.91 59.85
CA VAL A 1065 16.59 -24.94 60.71
C VAL A 1065 15.43 -25.71 61.31
N THR A 1066 15.26 -26.96 60.90
CA THR A 1066 14.05 -27.72 61.19
C THR A 1066 14.38 -28.99 61.96
N TYR A 1067 13.45 -29.38 62.83
CA TYR A 1067 13.60 -30.53 63.72
C TYR A 1067 12.89 -31.72 63.08
N VAL A 1068 13.67 -32.64 62.51
CA VAL A 1068 13.14 -33.80 61.81
C VAL A 1068 13.30 -35.01 62.72
N PRO A 1069 12.23 -35.60 63.24
CA PRO A 1069 12.37 -36.78 64.08
C PRO A 1069 12.78 -37.99 63.26
N ALA A 1070 13.42 -38.96 63.92
CA ALA A 1070 13.90 -40.15 63.24
C ALA A 1070 14.06 -41.29 64.23
N GLN A 1071 14.20 -42.49 63.69
CA GLN A 1071 14.40 -43.73 64.47
C GLN A 1071 13.18 -44.03 65.35
N GLU A 1072 12.03 -44.16 64.70
CA GLU A 1072 10.81 -44.54 65.40
C GLU A 1072 10.84 -46.02 65.75
N LYS A 1073 9.96 -46.41 66.68
CA LYS A 1073 9.84 -47.81 67.06
C LYS A 1073 8.44 -48.08 67.57
N ASN A 1074 8.01 -49.33 67.44
CA ASN A 1074 6.64 -49.73 67.73
C ASN A 1074 6.36 -49.71 69.24
N PHE A 1075 5.11 -49.40 69.58
CA PHE A 1075 4.59 -49.58 70.93
C PHE A 1075 3.10 -49.87 70.82
N THR A 1076 2.53 -50.45 71.87
CA THR A 1076 1.11 -50.73 71.95
C THR A 1076 0.49 -49.87 73.03
N THR A 1077 -0.55 -49.11 72.68
CA THR A 1077 -1.16 -48.16 73.60
C THR A 1077 -2.61 -48.50 73.87
N ALA A 1078 -3.19 -47.71 74.78
CA ALA A 1078 -4.60 -47.68 75.05
C ALA A 1078 -4.97 -46.22 75.20
N PRO A 1079 -6.18 -45.84 74.81
CA PRO A 1079 -6.58 -44.43 74.93
C PRO A 1079 -6.60 -43.91 76.35
N ALA A 1080 -6.80 -44.79 77.33
CA ALA A 1080 -6.92 -44.33 78.71
C ALA A 1080 -6.54 -45.47 79.64
N ILE A 1081 -6.30 -45.13 80.90
CA ILE A 1081 -5.88 -46.08 81.92
C ILE A 1081 -6.94 -46.12 83.01
N CYS A 1082 -7.39 -47.33 83.36
CA CYS A 1082 -8.40 -47.53 84.38
C CYS A 1082 -7.72 -48.00 85.67
N HIS A 1083 -8.08 -47.37 86.78
CA HIS A 1083 -7.43 -47.64 88.06
C HIS A 1083 -8.41 -47.25 89.16
N ASP A 1084 -8.96 -48.26 89.86
CA ASP A 1084 -10.09 -48.08 90.76
C ASP A 1084 -11.32 -47.55 90.04
N GLY A 1085 -11.46 -47.91 88.75
CA GLY A 1085 -12.64 -47.58 87.99
C GLY A 1085 -12.72 -46.16 87.47
N LYS A 1086 -11.70 -45.34 87.69
CA LYS A 1086 -11.69 -43.96 87.22
C LYS A 1086 -10.79 -43.86 86.01
N ALA A 1087 -11.34 -43.36 84.91
CA ALA A 1087 -10.65 -43.32 83.62
C ALA A 1087 -9.57 -42.25 83.67
N HIS A 1088 -8.31 -42.68 83.82
CA HIS A 1088 -7.18 -41.76 83.77
C HIS A 1088 -6.78 -41.52 82.31
N PHE A 1089 -6.43 -40.27 82.01
CA PHE A 1089 -5.98 -39.84 80.70
C PHE A 1089 -4.65 -39.13 80.84
N PRO A 1090 -3.84 -39.06 79.79
CA PRO A 1090 -2.58 -38.34 79.89
C PRO A 1090 -2.81 -36.83 79.84
N ARG A 1091 -2.10 -36.11 80.71
CA ARG A 1091 -2.20 -34.66 80.70
C ARG A 1091 -1.54 -34.08 79.44
N GLU A 1092 -0.33 -34.52 79.15
CA GLU A 1092 0.38 -34.12 77.94
C GLU A 1092 1.08 -35.35 77.38
N GLY A 1093 0.76 -35.71 76.14
CA GLY A 1093 1.38 -36.87 75.55
C GLY A 1093 0.42 -38.04 75.37
N VAL A 1094 0.93 -39.25 75.47
CA VAL A 1094 0.15 -40.43 75.14
C VAL A 1094 0.72 -41.62 75.90
N PHE A 1095 -0.16 -42.45 76.44
CA PHE A 1095 0.27 -43.68 77.09
C PHE A 1095 0.91 -44.61 76.08
N VAL A 1096 2.04 -45.21 76.46
CA VAL A 1096 2.69 -46.22 75.64
C VAL A 1096 3.14 -47.35 76.54
N SER A 1097 3.18 -48.56 76.00
CA SER A 1097 3.60 -49.75 76.73
C SER A 1097 4.75 -50.41 76.00
N ASN A 1098 5.74 -50.86 76.75
CA ASN A 1098 6.87 -51.59 76.18
C ASN A 1098 6.61 -53.09 76.12
N GLY A 1099 5.40 -53.52 76.48
CA GLY A 1099 5.04 -54.92 76.41
C GLY A 1099 4.50 -55.48 77.71
N THR A 1100 5.08 -55.07 78.84
CA THR A 1100 4.67 -55.60 80.13
C THR A 1100 4.25 -54.49 81.10
N HIS A 1101 4.90 -53.34 80.98
CA HIS A 1101 4.63 -52.19 81.85
C HIS A 1101 3.92 -51.11 81.06
N TRP A 1102 3.65 -49.99 81.72
CA TRP A 1102 3.00 -48.86 81.10
C TRP A 1102 3.75 -47.58 81.45
N PHE A 1103 3.72 -46.63 80.53
CA PHE A 1103 4.45 -45.38 80.68
C PHE A 1103 3.69 -44.28 79.97
N VAL A 1104 3.98 -43.03 80.36
CA VAL A 1104 3.49 -41.86 79.67
C VAL A 1104 4.70 -41.11 79.13
N THR A 1105 4.56 -40.53 77.94
CA THR A 1105 5.69 -39.91 77.27
C THR A 1105 5.22 -38.69 76.49
N GLN A 1106 6.10 -37.70 76.36
CA GLN A 1106 5.85 -36.60 75.45
C GLN A 1106 5.72 -37.13 74.04
N ARG A 1107 4.80 -36.54 73.27
CA ARG A 1107 4.36 -37.15 72.02
C ARG A 1107 5.45 -37.19 70.95
N ASN A 1108 6.53 -36.42 71.11
CA ASN A 1108 7.54 -36.32 70.06
C ASN A 1108 8.90 -36.86 70.48
N PHE A 1109 9.00 -37.54 71.62
CA PHE A 1109 10.27 -38.10 72.05
C PHE A 1109 10.00 -39.20 73.05
N TYR A 1110 10.79 -40.27 72.99
CA TYR A 1110 10.56 -41.44 73.84
C TYR A 1110 11.35 -41.25 75.13
N GLU A 1111 10.71 -40.63 76.12
CA GLU A 1111 11.25 -40.49 77.46
C GLU A 1111 10.18 -40.98 78.43
N PRO A 1112 10.10 -42.29 78.65
CA PRO A 1112 9.03 -42.83 79.47
C PRO A 1112 9.19 -42.44 80.93
N GLN A 1113 8.07 -42.08 81.55
CA GLN A 1113 8.04 -41.72 82.96
C GLN A 1113 6.93 -42.51 83.64
N ILE A 1114 7.20 -42.99 84.85
CA ILE A 1114 6.22 -43.79 85.57
C ILE A 1114 4.94 -42.99 85.74
N ILE A 1115 3.80 -43.67 85.57
CA ILE A 1115 2.52 -43.00 85.60
C ILE A 1115 2.20 -42.54 87.01
N THR A 1116 1.81 -41.27 87.15
CA THR A 1116 1.49 -40.69 88.45
C THR A 1116 0.19 -39.91 88.35
N THR A 1117 -0.43 -39.67 89.51
CA THR A 1117 -1.64 -38.85 89.54
C THR A 1117 -1.37 -37.41 89.17
N ASP A 1118 -0.10 -36.99 89.14
CA ASP A 1118 0.25 -35.65 88.67
C ASP A 1118 0.49 -35.61 87.17
N ASN A 1119 0.97 -36.70 86.59
CA ASN A 1119 1.17 -36.80 85.15
C ASN A 1119 -0.13 -36.99 84.38
N THR A 1120 -1.20 -37.35 85.07
CA THR A 1120 -2.47 -37.68 84.44
C THR A 1120 -3.59 -36.85 85.06
N PHE A 1121 -4.80 -37.05 84.54
CA PHE A 1121 -6.01 -36.51 85.13
C PHE A 1121 -7.14 -37.49 84.90
N VAL A 1122 -8.25 -37.29 85.61
CA VAL A 1122 -9.33 -38.25 85.64
C VAL A 1122 -10.61 -37.58 85.18
N SER A 1123 -11.56 -38.40 84.74
CA SER A 1123 -12.87 -37.94 84.30
C SER A 1123 -13.76 -39.16 84.08
N GLY A 1124 -15.06 -38.98 84.32
CA GLY A 1124 -16.01 -40.05 84.09
C GLY A 1124 -15.66 -41.27 84.92
N ASN A 1125 -15.79 -42.45 84.31
CA ASN A 1125 -15.41 -43.69 84.96
C ASN A 1125 -15.14 -44.74 83.87
N CYS A 1126 -15.10 -46.01 84.28
CA CYS A 1126 -14.52 -47.05 83.45
C CYS A 1126 -15.35 -47.31 82.19
N ASP A 1127 -16.66 -47.51 82.34
CA ASP A 1127 -17.43 -48.22 81.31
C ASP A 1127 -17.52 -47.47 79.98
N VAL A 1128 -17.23 -46.18 79.93
CA VAL A 1128 -17.60 -45.39 78.75
C VAL A 1128 -16.50 -45.42 77.68
N VAL A 1129 -15.23 -45.27 78.06
CA VAL A 1129 -14.17 -45.25 77.05
C VAL A 1129 -14.06 -46.63 76.39
N ILE A 1130 -13.51 -46.65 75.18
CA ILE A 1130 -13.62 -47.80 74.30
C ILE A 1130 -12.41 -48.72 74.37
N GLY A 1131 -11.23 -48.19 74.67
CA GLY A 1131 -10.04 -49.01 74.61
C GLY A 1131 -9.22 -49.08 75.88
N ILE A 1132 -9.88 -48.89 77.03
CA ILE A 1132 -9.18 -48.81 78.30
C ILE A 1132 -8.43 -50.11 78.58
N VAL A 1133 -7.42 -50.00 79.44
CA VAL A 1133 -6.69 -51.15 79.95
C VAL A 1133 -6.49 -50.99 81.45
N ASN A 1134 -6.15 -52.09 82.10
CA ASN A 1134 -6.02 -52.15 83.54
C ASN A 1134 -4.57 -51.93 83.96
N ASN A 1135 -4.35 -50.97 84.85
CA ASN A 1135 -3.02 -50.73 85.39
C ASN A 1135 -3.15 -49.94 86.68
N THR A 1136 -2.09 -49.96 87.47
CA THR A 1136 -2.03 -49.19 88.71
C THR A 1136 -1.40 -47.84 88.43
N VAL A 1137 -1.96 -46.80 89.05
CA VAL A 1137 -1.46 -45.44 88.93
C VAL A 1137 -0.78 -45.07 90.25
N TYR A 1138 0.47 -44.65 90.17
CA TYR A 1138 1.21 -44.23 91.35
C TYR A 1138 0.59 -42.97 91.95
N ASP A 1139 0.83 -42.79 93.24
CA ASP A 1139 0.33 -41.61 93.97
C ASP A 1139 1.46 -41.12 94.86
N PRO A 1140 2.12 -40.00 94.49
CA PRO A 1140 3.31 -39.58 95.24
C PRO A 1140 3.02 -39.17 96.67
N LEU A 1141 1.77 -38.85 97.01
CA LEU A 1141 1.47 -38.46 98.38
C LEU A 1141 1.50 -39.66 99.33
N GLN A 1142 1.20 -40.85 98.82
CA GLN A 1142 1.13 -42.02 99.69
C GLN A 1142 2.45 -42.34 100.38
N PRO A 1143 3.61 -42.39 99.70
CA PRO A 1143 4.85 -42.68 100.42
C PRO A 1143 5.18 -41.67 101.50
N GLU A 1144 4.98 -40.38 101.21
CA GLU A 1144 5.26 -39.36 102.21
C GLU A 1144 4.31 -39.47 103.40
N LEU A 1145 3.03 -39.74 103.13
CA LEU A 1145 2.07 -39.89 104.22
C LEU A 1145 2.39 -41.12 105.07
N ASP A 1146 2.79 -42.22 104.43
CA ASP A 1146 3.12 -43.43 105.18
C ASP A 1146 4.42 -43.26 105.96
N SER A 1147 5.33 -42.42 105.47
CA SER A 1147 6.56 -42.15 106.21
C SER A 1147 6.25 -41.51 107.56
N PHE A 1148 5.30 -40.59 107.59
CA PHE A 1148 4.82 -39.99 108.83
C PHE A 1148 3.52 -40.62 109.32
N LYS A 1149 3.30 -41.89 108.97
CA LYS A 1149 2.09 -42.65 109.31
C LYS A 1149 0.81 -41.83 109.27
N GLN B 14 -58.18 -14.10 -26.59
CA GLN B 14 -57.01 -14.37 -25.77
C GLN B 14 -57.20 -13.83 -24.35
N CYS B 15 -57.89 -12.70 -24.23
CA CYS B 15 -58.11 -12.04 -22.96
C CYS B 15 -59.59 -11.78 -22.76
N VAL B 16 -60.03 -11.87 -21.50
CA VAL B 16 -61.43 -11.70 -21.14
C VAL B 16 -61.53 -10.72 -19.98
N ASN B 17 -62.47 -9.78 -20.08
CA ASN B 17 -62.75 -8.84 -19.00
C ASN B 17 -63.60 -9.54 -17.95
N LEU B 18 -63.06 -9.66 -16.73
CA LEU B 18 -63.80 -10.27 -15.62
C LEU B 18 -63.29 -9.64 -14.33
N THR B 19 -64.04 -8.66 -13.83
CA THR B 19 -63.66 -7.91 -12.64
C THR B 19 -64.86 -7.86 -11.68
N THR B 20 -64.65 -7.19 -10.54
CA THR B 20 -65.71 -6.95 -9.57
C THR B 20 -65.67 -5.50 -9.13
N ARG B 21 -66.85 -4.92 -8.93
CA ARG B 21 -66.94 -3.51 -8.56
C ARG B 21 -66.51 -3.29 -7.11
N THR B 22 -67.10 -4.04 -6.18
CA THR B 22 -66.82 -3.84 -4.77
C THR B 22 -65.42 -4.32 -4.43
N GLN B 23 -64.68 -3.50 -3.69
CA GLN B 23 -63.34 -3.83 -3.21
C GLN B 23 -63.44 -4.16 -1.72
N LEU B 24 -62.99 -5.36 -1.36
CA LEU B 24 -63.11 -5.82 0.02
C LEU B 24 -62.17 -5.05 0.94
N PRO B 25 -62.55 -4.89 2.22
CA PRO B 25 -61.71 -4.11 3.12
C PRO B 25 -60.40 -4.83 3.41
N PRO B 26 -59.32 -4.08 3.68
CA PRO B 26 -58.04 -4.70 3.99
C PRO B 26 -57.98 -5.20 5.43
N ALA B 27 -58.00 -6.51 5.59
CA ALA B 27 -57.96 -7.13 6.91
C ALA B 27 -56.58 -7.71 7.19
N TYR B 28 -56.26 -7.81 8.48
CA TYR B 28 -54.96 -8.31 8.92
C TYR B 28 -55.18 -9.47 9.89
N THR B 29 -54.11 -10.22 10.11
CA THR B 29 -54.08 -11.25 11.15
C THR B 29 -52.62 -11.41 11.56
N ASN B 30 -52.36 -12.28 12.52
CA ASN B 30 -51.06 -12.41 13.15
C ASN B 30 -50.41 -13.73 12.73
N SER B 31 -49.12 -13.67 12.43
CA SER B 31 -48.31 -14.84 12.15
C SER B 31 -47.55 -15.19 13.41
N PHE B 32 -47.77 -16.39 13.94
CA PHE B 32 -47.18 -16.72 15.24
C PHE B 32 -45.66 -16.85 15.16
N THR B 33 -45.15 -17.81 14.40
CA THR B 33 -43.71 -18.00 14.31
C THR B 33 -43.23 -18.42 12.92
N ARG B 34 -44.13 -18.55 11.95
CA ARG B 34 -43.76 -19.16 10.68
C ARG B 34 -42.77 -18.28 9.91
N GLY B 35 -42.15 -18.87 8.91
CA GLY B 35 -41.27 -18.14 8.02
C GLY B 35 -39.79 -18.26 8.30
N VAL B 36 -39.32 -19.40 8.76
CA VAL B 36 -37.89 -19.62 8.99
C VAL B 36 -37.38 -20.57 7.93
N TYR B 37 -36.40 -20.11 7.16
CA TYR B 37 -35.83 -20.89 6.07
C TYR B 37 -34.31 -20.90 6.21
N TYR B 38 -33.70 -22.00 5.79
CA TYR B 38 -32.26 -22.16 5.92
C TYR B 38 -31.54 -21.03 5.18
N PRO B 39 -30.95 -20.08 5.90
CA PRO B 39 -30.36 -18.91 5.22
C PRO B 39 -29.29 -19.28 4.22
N ASP B 40 -28.49 -20.29 4.53
CA ASP B 40 -27.49 -20.81 3.61
C ASP B 40 -27.78 -22.29 3.39
N LYS B 41 -26.90 -22.95 2.65
CA LYS B 41 -27.04 -24.37 2.35
C LYS B 41 -25.86 -25.16 2.90
N VAL B 42 -25.47 -24.86 4.14
CA VAL B 42 -24.43 -25.58 4.84
C VAL B 42 -25.05 -26.39 5.96
N PHE B 43 -24.33 -27.40 6.42
CA PHE B 43 -24.82 -28.32 7.45
C PHE B 43 -24.16 -28.00 8.77
N ARG B 44 -24.97 -27.88 9.82
CA ARG B 44 -24.47 -27.73 11.18
C ARG B 44 -25.16 -28.73 12.07
N SER B 45 -24.44 -29.24 13.06
CA SER B 45 -24.91 -30.31 13.93
C SER B 45 -25.02 -29.81 15.36
N SER B 46 -26.25 -29.74 15.86
CA SER B 46 -26.54 -29.38 17.25
C SER B 46 -25.75 -28.15 17.68
N VAL B 47 -25.87 -27.08 16.90
CA VAL B 47 -25.14 -25.85 17.15
C VAL B 47 -26.07 -24.67 16.93
N LEU B 48 -25.95 -23.68 17.81
CA LEU B 48 -26.74 -22.45 17.75
C LEU B 48 -25.99 -21.44 16.88
N HIS B 49 -26.56 -21.11 15.73
CA HIS B 49 -25.91 -20.22 14.77
C HIS B 49 -26.68 -18.92 14.65
N SER B 50 -25.93 -17.81 14.63
CA SER B 50 -26.51 -16.48 14.48
C SER B 50 -26.25 -15.98 13.07
N THR B 51 -27.32 -15.59 12.37
CA THR B 51 -27.20 -15.11 11.00
C THR B 51 -28.02 -13.85 10.83
N GLN B 52 -27.56 -12.98 9.93
CA GLN B 52 -28.27 -11.77 9.56
C GLN B 52 -28.72 -11.93 8.12
N ASP B 53 -30.04 -11.91 7.92
CA ASP B 53 -30.62 -12.09 6.59
C ASP B 53 -32.08 -11.68 6.65
N LEU B 54 -32.77 -11.83 5.53
CA LEU B 54 -34.15 -11.39 5.39
C LEU B 54 -35.08 -12.49 5.90
N PHE B 55 -35.78 -12.22 6.99
CA PHE B 55 -36.70 -13.16 7.62
C PHE B 55 -38.06 -12.49 7.80
N LEU B 56 -39.02 -13.26 8.29
CA LEU B 56 -40.30 -12.71 8.68
C LEU B 56 -40.29 -12.46 10.18
N PRO B 57 -40.48 -11.23 10.63
CA PRO B 57 -40.46 -10.96 12.08
C PRO B 57 -41.48 -11.83 12.80
N PHE B 58 -41.08 -12.33 13.96
CA PHE B 58 -41.80 -13.46 14.57
C PHE B 58 -43.26 -13.13 14.82
N PHE B 59 -43.54 -12.02 15.48
CA PHE B 59 -44.92 -11.62 15.75
C PHE B 59 -45.20 -10.39 14.89
N SER B 60 -45.59 -10.64 13.64
CA SER B 60 -45.83 -9.59 12.67
C SER B 60 -47.24 -9.73 12.10
N ASN B 61 -47.71 -8.67 11.48
CA ASN B 61 -49.06 -8.64 10.92
C ASN B 61 -49.01 -9.07 9.47
N VAL B 62 -49.63 -10.20 9.16
CA VAL B 62 -49.79 -10.65 7.79
C VAL B 62 -51.18 -10.24 7.32
N THR B 63 -51.32 -10.07 6.01
CA THR B 63 -52.56 -9.58 5.41
C THR B 63 -53.31 -10.76 4.82
N TRP B 64 -54.33 -11.24 5.55
CA TRP B 64 -55.10 -12.40 5.13
C TRP B 64 -56.02 -11.98 3.99
N PHE B 65 -55.66 -12.37 2.77
CA PHE B 65 -56.44 -12.04 1.59
C PHE B 65 -57.41 -13.15 1.26
N HIS B 66 -58.62 -12.77 0.87
CA HIS B 66 -59.65 -13.71 0.44
C HIS B 66 -59.76 -13.59 -1.08
N ALA B 67 -59.11 -14.51 -1.80
CA ALA B 67 -59.06 -14.41 -3.25
C ALA B 67 -60.43 -14.57 -3.88
N ILE B 68 -61.17 -15.61 -3.50
CA ILE B 68 -62.52 -15.84 -3.98
C ILE B 68 -63.43 -15.96 -2.76
N HIS B 69 -64.41 -15.07 -2.66
CA HIS B 69 -65.30 -14.98 -1.50
C HIS B 69 -66.73 -15.24 -1.93
N VAL B 70 -67.42 -16.09 -1.18
CA VAL B 70 -68.81 -16.41 -1.48
C VAL B 70 -69.71 -15.23 -1.16
N THR B 76 -73.91 -14.31 -5.70
CA THR B 76 -73.36 -15.66 -5.68
C THR B 76 -71.98 -15.68 -5.04
N LYS B 77 -71.03 -14.98 -5.66
CA LYS B 77 -69.66 -14.93 -5.17
C LYS B 77 -68.98 -13.70 -5.78
N ARG B 78 -67.88 -13.29 -5.15
CA ARG B 78 -67.11 -12.14 -5.59
C ARG B 78 -65.65 -12.51 -5.74
N PHE B 79 -65.08 -12.19 -6.90
CA PHE B 79 -63.68 -12.49 -7.20
C PHE B 79 -62.85 -11.24 -6.98
N ASP B 80 -61.79 -11.36 -6.18
CA ASP B 80 -60.99 -10.19 -5.83
C ASP B 80 -59.61 -10.63 -5.37
N ASN B 81 -58.58 -10.21 -6.10
CA ASN B 81 -57.20 -10.33 -5.63
C ASN B 81 -56.42 -9.12 -6.10
N PRO B 82 -55.74 -8.42 -5.20
CA PRO B 82 -55.07 -7.18 -5.56
C PRO B 82 -53.61 -7.39 -5.94
N VAL B 83 -52.99 -6.32 -6.43
CA VAL B 83 -51.57 -6.31 -6.72
C VAL B 83 -50.83 -5.73 -5.53
N LEU B 84 -49.90 -6.49 -4.98
CA LEU B 84 -49.14 -6.11 -3.79
C LEU B 84 -47.70 -5.81 -4.19
N PRO B 85 -47.02 -4.93 -3.47
CA PRO B 85 -45.61 -4.68 -3.73
C PRO B 85 -44.73 -5.77 -3.13
N PHE B 86 -43.48 -5.80 -3.56
CA PHE B 86 -42.56 -6.87 -3.20
C PHE B 86 -41.73 -6.55 -1.97
N ASN B 87 -40.93 -5.48 -2.01
CA ASN B 87 -40.22 -4.95 -0.85
C ASN B 87 -39.35 -6.01 -0.18
N ASP B 88 -38.34 -6.46 -0.92
CA ASP B 88 -37.22 -7.24 -0.40
C ASP B 88 -37.63 -8.63 0.09
N GLY B 89 -38.76 -9.16 -0.35
CA GLY B 89 -39.12 -10.53 -0.05
C GLY B 89 -40.52 -10.74 0.50
N VAL B 90 -41.14 -11.84 0.11
CA VAL B 90 -42.55 -12.11 0.41
C VAL B 90 -42.66 -13.49 1.04
N TYR B 91 -43.35 -13.57 2.17
CA TYR B 91 -43.74 -14.86 2.76
C TYR B 91 -45.13 -15.18 2.22
N PHE B 92 -45.22 -16.24 1.43
CA PHE B 92 -46.48 -16.62 0.82
C PHE B 92 -46.92 -17.99 1.30
N ALA B 93 -48.21 -18.12 1.59
CA ALA B 93 -48.80 -19.37 2.03
C ALA B 93 -50.21 -19.46 1.46
N SER B 94 -50.85 -20.60 1.68
CA SER B 94 -52.25 -20.79 1.32
C SER B 94 -52.79 -22.12 1.82
N THR B 95 -54.08 -22.19 2.08
CA THR B 95 -54.77 -23.44 2.34
C THR B 95 -55.85 -23.63 1.29
N GLU B 96 -55.82 -24.78 0.62
CA GLU B 96 -56.78 -25.08 -0.43
C GLU B 96 -56.85 -26.58 -0.63
N LYS B 97 -58.01 -27.04 -1.10
CA LYS B 97 -58.23 -28.45 -1.36
C LYS B 97 -58.30 -28.78 -2.84
N SER B 98 -58.42 -27.79 -3.72
CA SER B 98 -58.54 -28.00 -5.15
C SER B 98 -57.45 -27.28 -5.93
N ASN B 99 -56.35 -26.91 -5.27
CA ASN B 99 -55.21 -26.20 -5.89
C ASN B 99 -55.68 -25.01 -6.73
N ILE B 100 -56.63 -24.25 -6.18
CA ILE B 100 -57.21 -23.12 -6.91
C ILE B 100 -56.13 -22.11 -7.27
N ILE B 101 -55.25 -21.79 -6.32
CA ILE B 101 -54.14 -20.89 -6.58
C ILE B 101 -53.07 -21.66 -7.36
N ARG B 102 -52.65 -21.10 -8.49
CA ARG B 102 -51.77 -21.80 -9.41
C ARG B 102 -50.38 -21.20 -9.51
N GLY B 103 -50.25 -19.88 -9.62
CA GLY B 103 -48.95 -19.32 -9.86
C GLY B 103 -48.83 -17.88 -9.42
N TRP B 104 -47.67 -17.31 -9.72
CA TRP B 104 -47.32 -15.94 -9.32
C TRP B 104 -46.67 -15.22 -10.48
N ILE B 105 -46.90 -13.92 -10.56
CA ILE B 105 -46.28 -13.06 -11.57
C ILE B 105 -45.51 -11.96 -10.86
N PHE B 106 -44.34 -11.62 -11.42
CA PHE B 106 -43.50 -10.58 -10.85
C PHE B 106 -43.02 -9.67 -11.97
N GLY B 107 -42.81 -8.41 -11.63
CA GLY B 107 -42.33 -7.46 -12.62
C GLY B 107 -42.35 -6.05 -12.07
N THR B 108 -42.03 -5.10 -12.95
CA THR B 108 -42.04 -3.68 -12.61
C THR B 108 -43.35 -3.03 -13.00
N THR B 109 -43.74 -3.16 -14.28
CA THR B 109 -44.99 -2.60 -14.76
C THR B 109 -46.02 -3.65 -15.11
N LEU B 110 -45.63 -4.93 -15.18
CA LEU B 110 -46.53 -6.03 -15.48
C LEU B 110 -47.23 -5.86 -16.83
N ASP B 111 -46.54 -5.25 -17.79
CA ASP B 111 -47.06 -5.12 -19.14
C ASP B 111 -45.89 -5.25 -20.11
N SER B 112 -46.14 -4.93 -21.38
CA SER B 112 -45.13 -5.12 -22.42
C SER B 112 -43.92 -4.22 -22.24
N LYS B 113 -44.01 -3.19 -21.40
CA LYS B 113 -42.91 -2.24 -21.29
C LYS B 113 -41.65 -2.88 -20.72
N THR B 114 -41.78 -3.70 -19.68
CA THR B 114 -40.64 -4.30 -19.02
C THR B 114 -40.81 -5.81 -18.92
N GLN B 115 -39.69 -6.51 -18.84
CA GLN B 115 -39.71 -7.96 -18.74
C GLN B 115 -40.32 -8.38 -17.40
N SER B 116 -40.97 -9.54 -17.40
CA SER B 116 -41.68 -10.03 -16.22
C SER B 116 -41.51 -11.53 -16.10
N LEU B 117 -41.58 -12.03 -14.87
CA LEU B 117 -41.44 -13.44 -14.56
C LEU B 117 -42.80 -14.06 -14.30
N LEU B 118 -43.05 -15.22 -14.90
CA LEU B 118 -44.29 -15.95 -14.71
C LEU B 118 -43.96 -17.38 -14.33
N ILE B 119 -44.37 -17.78 -13.13
CA ILE B 119 -44.22 -19.15 -12.66
C ILE B 119 -45.63 -19.68 -12.43
N VAL B 120 -46.01 -20.71 -13.20
CA VAL B 120 -47.36 -21.25 -13.16
C VAL B 120 -47.29 -22.76 -13.00
N ASN B 121 -48.19 -23.31 -12.19
CA ASN B 121 -48.20 -24.72 -11.86
C ASN B 121 -49.46 -25.36 -12.43
N ASN B 122 -49.28 -26.46 -13.16
CA ASN B 122 -50.38 -27.31 -13.58
C ASN B 122 -50.03 -28.75 -13.21
N ALA B 123 -51.06 -29.61 -13.25
CA ALA B 123 -50.92 -30.97 -12.72
C ALA B 123 -49.78 -31.73 -13.37
N THR B 124 -49.33 -31.29 -14.56
CA THR B 124 -48.28 -32.00 -15.28
C THR B 124 -46.88 -31.54 -14.85
N ASN B 125 -46.61 -30.24 -14.90
CA ASN B 125 -45.26 -29.74 -14.69
C ASN B 125 -45.33 -28.32 -14.13
N VAL B 126 -44.15 -27.71 -13.96
CA VAL B 126 -44.03 -26.30 -13.61
C VAL B 126 -43.44 -25.57 -14.81
N VAL B 127 -44.01 -24.41 -15.13
CA VAL B 127 -43.53 -23.58 -16.23
C VAL B 127 -42.98 -22.29 -15.64
N ILE B 128 -41.76 -21.94 -16.04
CA ILE B 128 -41.09 -20.72 -15.59
C ILE B 128 -40.60 -19.98 -16.82
N LYS B 129 -41.10 -18.77 -17.04
CA LYS B 129 -40.70 -17.97 -18.19
C LYS B 129 -40.45 -16.54 -17.76
N VAL B 130 -39.62 -15.83 -18.52
CA VAL B 130 -39.38 -14.41 -18.31
C VAL B 130 -39.51 -13.70 -19.65
N CYS B 131 -40.56 -12.89 -19.79
CA CYS B 131 -40.79 -12.14 -21.02
C CYS B 131 -41.52 -10.85 -20.69
N GLU B 132 -41.56 -9.95 -21.67
CA GLU B 132 -42.32 -8.70 -21.56
C GLU B 132 -43.81 -8.98 -21.79
N PHE B 133 -44.37 -9.79 -20.90
CA PHE B 133 -45.74 -10.23 -21.04
C PHE B 133 -46.71 -9.06 -20.90
N GLN B 134 -47.78 -9.09 -21.70
CA GLN B 134 -48.85 -8.09 -21.61
C GLN B 134 -49.94 -8.66 -20.72
N PHE B 135 -49.72 -8.53 -19.41
CA PHE B 135 -50.66 -9.07 -18.44
C PHE B 135 -51.98 -8.32 -18.47
N CYS B 136 -53.06 -9.05 -18.21
CA CYS B 136 -54.36 -8.43 -17.99
C CYS B 136 -54.38 -7.78 -16.62
N ASN B 137 -55.23 -6.76 -16.47
CA ASN B 137 -55.38 -6.12 -15.17
C ASN B 137 -56.06 -7.04 -14.18
N ASP B 138 -56.83 -8.01 -14.66
CA ASP B 138 -57.44 -9.04 -13.83
C ASP B 138 -57.22 -10.40 -14.49
N PRO B 139 -55.98 -10.88 -14.52
CA PRO B 139 -55.71 -12.15 -15.19
C PRO B 139 -56.08 -13.34 -14.32
N PHE B 140 -56.20 -14.49 -14.98
CA PHE B 140 -56.56 -15.74 -14.32
C PHE B 140 -56.28 -16.88 -15.28
N LEU B 141 -56.37 -18.10 -14.76
CA LEU B 141 -56.23 -19.31 -15.55
C LEU B 141 -57.58 -19.98 -15.66
N GLY B 142 -57.94 -20.38 -16.88
CA GLY B 142 -59.18 -21.11 -17.12
C GLY B 142 -58.90 -22.60 -17.27
N VAL B 143 -59.78 -23.40 -16.67
CA VAL B 143 -59.69 -24.86 -16.76
C VAL B 143 -61.03 -25.38 -17.28
N TYR B 144 -60.97 -26.40 -18.13
CA TYR B 144 -62.15 -26.93 -18.79
C TYR B 144 -62.02 -28.44 -18.93
N TYR B 145 -63.14 -29.09 -19.22
CA TYR B 145 -63.20 -30.53 -19.40
C TYR B 145 -63.43 -30.84 -20.87
N HIS B 146 -62.59 -31.71 -21.42
CA HIS B 146 -62.69 -32.14 -22.81
C HIS B 146 -63.37 -33.51 -22.86
N LYS B 147 -64.54 -33.57 -23.49
CA LYS B 147 -65.29 -34.82 -23.52
C LYS B 147 -64.63 -35.85 -24.44
N ASN B 148 -64.00 -35.40 -25.53
CA ASN B 148 -63.41 -36.34 -26.48
C ASN B 148 -62.29 -37.14 -25.84
N ASN B 149 -61.44 -36.48 -25.06
CA ASN B 149 -60.36 -37.15 -24.35
C ASN B 149 -60.76 -37.60 -22.96
N LYS B 150 -61.97 -37.26 -22.51
CA LYS B 150 -62.51 -37.69 -21.21
C LYS B 150 -61.56 -37.31 -20.07
N SER B 151 -61.08 -36.08 -20.10
CA SER B 151 -60.22 -35.57 -19.04
C SER B 151 -60.27 -34.05 -19.04
N TRP B 152 -59.86 -33.47 -17.92
CA TRP B 152 -59.80 -32.02 -17.78
C TRP B 152 -58.54 -31.47 -18.43
N MET B 153 -58.68 -30.36 -19.15
CA MET B 153 -57.58 -29.74 -19.87
C MET B 153 -57.50 -28.26 -19.51
N GLU B 154 -56.29 -27.71 -19.61
CA GLU B 154 -56.03 -26.31 -19.31
C GLU B 154 -55.21 -25.71 -20.45
N SER B 155 -55.85 -24.91 -21.30
CA SER B 155 -55.17 -24.26 -22.41
C SER B 155 -55.52 -22.79 -22.59
N GLU B 156 -56.60 -22.30 -21.96
CA GLU B 156 -57.02 -20.91 -22.13
C GLU B 156 -56.23 -20.04 -21.14
N PHE B 157 -54.97 -19.82 -21.48
CA PHE B 157 -54.08 -19.00 -20.64
C PHE B 157 -54.41 -17.53 -20.89
N ARG B 158 -55.47 -17.07 -20.22
CA ARG B 158 -55.92 -15.69 -20.30
C ARG B 158 -55.00 -14.71 -19.61
N VAL B 159 -53.93 -15.21 -18.97
CA VAL B 159 -53.11 -14.36 -18.10
C VAL B 159 -52.47 -13.22 -18.89
N TYR B 160 -51.89 -13.53 -20.04
CA TYR B 160 -51.14 -12.56 -20.82
C TYR B 160 -51.63 -12.55 -22.26
N SER B 161 -51.40 -11.42 -22.94
CA SER B 161 -51.82 -11.25 -24.32
C SER B 161 -50.71 -11.64 -25.29
N SER B 162 -49.56 -10.96 -25.21
CA SER B 162 -48.46 -11.18 -26.14
C SER B 162 -47.17 -11.37 -25.37
N ALA B 163 -46.25 -12.13 -25.97
CA ALA B 163 -44.95 -12.42 -25.37
C ALA B 163 -43.85 -12.07 -26.35
N ASN B 164 -42.85 -11.32 -25.88
CA ASN B 164 -41.73 -10.92 -26.71
C ASN B 164 -40.49 -10.77 -25.83
N ASN B 165 -39.32 -10.84 -26.47
CA ASN B 165 -38.03 -10.68 -25.81
C ASN B 165 -37.87 -11.70 -24.67
N CYS B 166 -37.91 -12.98 -25.06
CA CYS B 166 -37.79 -14.07 -24.10
C CYS B 166 -36.35 -14.16 -23.58
N THR B 167 -36.20 -14.26 -22.27
CA THR B 167 -34.89 -14.30 -21.65
C THR B 167 -34.62 -15.54 -20.81
N PHE B 168 -35.66 -16.30 -20.45
CA PHE B 168 -35.47 -17.48 -19.62
C PHE B 168 -36.65 -18.41 -19.85
N GLU B 169 -36.37 -19.71 -19.80
CA GLU B 169 -37.41 -20.73 -19.96
C GLU B 169 -36.99 -21.99 -19.23
N TYR B 170 -37.88 -22.55 -18.41
CA TYR B 170 -37.55 -23.72 -17.60
C TYR B 170 -38.83 -24.48 -17.28
N VAL B 171 -38.76 -25.81 -17.41
CA VAL B 171 -39.88 -26.69 -17.09
C VAL B 171 -39.36 -27.86 -16.25
N SER B 172 -40.08 -28.19 -15.19
CA SER B 172 -39.69 -29.31 -14.33
C SER B 172 -40.91 -29.81 -13.58
N GLN B 173 -40.69 -30.73 -12.64
CA GLN B 173 -41.76 -31.44 -11.97
C GLN B 173 -42.60 -30.49 -11.11
N PRO B 174 -43.90 -30.75 -11.02
CA PRO B 174 -44.75 -29.93 -10.13
C PRO B 174 -44.49 -30.26 -8.67
N PHE B 175 -44.65 -29.25 -7.81
CA PHE B 175 -44.38 -29.40 -6.39
C PHE B 175 -45.65 -29.22 -5.57
N LEU B 176 -45.98 -30.23 -4.77
CA LEU B 176 -46.99 -30.14 -3.71
C LEU B 176 -48.38 -29.79 -4.25
N MET B 177 -48.85 -30.56 -5.22
CA MET B 177 -50.16 -30.32 -5.81
C MET B 177 -50.93 -31.62 -5.98
N ASP B 178 -52.26 -31.52 -5.98
CA ASP B 178 -53.14 -32.64 -6.25
C ASP B 178 -54.24 -32.22 -7.23
N LEU B 179 -55.22 -33.10 -7.45
CA LEU B 179 -56.30 -32.79 -8.39
C LEU B 179 -57.55 -33.54 -7.92
N GLU B 180 -58.42 -32.83 -7.22
CA GLU B 180 -59.70 -33.39 -6.78
C GLU B 180 -60.61 -32.25 -6.34
N GLY B 181 -61.90 -32.38 -6.66
CA GLY B 181 -62.90 -31.41 -6.28
C GLY B 181 -63.81 -31.80 -5.13
N LYS B 182 -63.49 -32.85 -4.38
CA LYS B 182 -64.31 -33.30 -3.27
C LYS B 182 -63.97 -32.48 -2.02
N GLN B 183 -64.45 -32.93 -0.87
CA GLN B 183 -64.19 -32.29 0.41
C GLN B 183 -63.31 -33.20 1.26
N GLY B 184 -62.34 -32.60 1.96
CA GLY B 184 -61.40 -33.35 2.75
C GLY B 184 -61.28 -32.78 4.15
N ASN B 185 -60.73 -33.61 5.05
CA ASN B 185 -60.57 -33.27 6.45
C ASN B 185 -59.12 -33.52 6.87
N PHE B 186 -58.60 -32.63 7.71
CA PHE B 186 -57.24 -32.75 8.27
C PHE B 186 -56.18 -32.86 7.18
N LYS B 187 -56.07 -31.78 6.40
CA LYS B 187 -55.13 -31.71 5.29
C LYS B 187 -54.03 -30.70 5.61
N ASN B 188 -53.17 -30.46 4.63
CA ASN B 188 -51.90 -29.78 4.85
C ASN B 188 -51.91 -28.36 4.30
N LEU B 189 -50.92 -27.59 4.74
CA LEU B 189 -50.72 -26.19 4.39
C LEU B 189 -49.46 -26.02 3.54
N ARG B 190 -49.49 -25.04 2.65
CA ARG B 190 -48.34 -24.69 1.81
C ARG B 190 -47.75 -23.37 2.28
N GLU B 191 -46.43 -23.26 2.21
CA GLU B 191 -45.74 -22.04 2.64
C GLU B 191 -44.53 -21.81 1.76
N PHE B 192 -44.47 -20.63 1.14
CA PHE B 192 -43.38 -20.27 0.23
C PHE B 192 -42.77 -18.94 0.65
N VAL B 193 -41.47 -18.79 0.41
CA VAL B 193 -40.76 -17.55 0.66
C VAL B 193 -39.95 -17.20 -0.58
N PHE B 194 -40.20 -16.01 -1.14
CA PHE B 194 -39.52 -15.54 -2.33
C PHE B 194 -38.52 -14.45 -1.96
N LYS B 195 -37.40 -14.43 -2.67
CA LYS B 195 -36.37 -13.41 -2.48
C LYS B 195 -35.73 -13.10 -3.83
N ASN B 196 -35.16 -11.90 -3.95
CA ASN B 196 -34.51 -11.50 -5.19
C ASN B 196 -33.28 -10.67 -4.84
N ILE B 197 -32.11 -11.30 -4.84
CA ILE B 197 -30.84 -10.65 -4.54
C ILE B 197 -29.81 -11.17 -5.53
N ASP B 198 -28.91 -10.27 -5.95
CA ASP B 198 -27.79 -10.61 -6.83
C ASP B 198 -28.29 -11.21 -8.14
N GLY B 199 -29.49 -10.83 -8.56
CA GLY B 199 -30.07 -11.37 -9.76
C GLY B 199 -30.55 -12.80 -9.65
N TYR B 200 -30.61 -13.35 -8.44
CA TYR B 200 -31.03 -14.73 -8.21
C TYR B 200 -32.39 -14.71 -7.53
N PHE B 201 -33.37 -15.37 -8.14
CA PHE B 201 -34.70 -15.50 -7.58
C PHE B 201 -34.78 -16.82 -6.82
N LYS B 202 -34.76 -16.75 -5.50
CA LYS B 202 -34.72 -17.94 -4.66
C LYS B 202 -36.12 -18.26 -4.14
N ILE B 203 -36.56 -19.50 -4.36
CA ILE B 203 -37.87 -19.95 -3.92
C ILE B 203 -37.68 -21.02 -2.85
N TYR B 204 -38.28 -20.81 -1.69
CA TYR B 204 -38.23 -21.75 -0.58
C TYR B 204 -39.62 -22.29 -0.30
N SER B 205 -39.70 -23.49 0.26
CA SER B 205 -40.98 -24.16 0.39
C SER B 205 -40.98 -25.08 1.61
N LYS B 206 -42.18 -25.50 2.01
CA LYS B 206 -42.40 -26.48 3.06
C LYS B 206 -43.87 -26.89 3.04
N HIS B 207 -44.11 -28.19 3.16
CA HIS B 207 -45.45 -28.76 3.24
C HIS B 207 -45.62 -29.44 4.59
N THR B 208 -46.74 -29.15 5.26
CA THR B 208 -46.96 -29.76 6.56
C THR B 208 -48.44 -29.89 6.87
N PRO B 209 -48.87 -30.98 7.50
CA PRO B 209 -50.29 -31.14 7.83
C PRO B 209 -50.68 -30.29 9.04
N ILE B 210 -51.96 -29.91 9.07
CA ILE B 210 -52.54 -29.18 10.19
C ILE B 210 -53.94 -29.71 10.43
N ASN B 211 -54.46 -29.44 11.64
CA ASN B 211 -55.81 -29.84 11.99
C ASN B 211 -56.64 -28.73 12.63
N LEU B 212 -56.02 -27.65 13.10
CA LEU B 212 -56.74 -26.61 13.82
C LEU B 212 -57.63 -25.80 12.87
N VAL B 213 -58.59 -25.09 13.47
CA VAL B 213 -59.44 -24.19 12.70
C VAL B 213 -58.62 -23.06 12.10
N ARG B 214 -57.74 -22.47 12.90
CA ARG B 214 -56.89 -21.39 12.42
C ARG B 214 -55.92 -21.89 11.37
N ASP B 215 -55.68 -21.06 10.35
CA ASP B 215 -54.84 -21.48 9.24
C ASP B 215 -53.35 -21.47 9.58
N LEU B 216 -52.91 -20.57 10.45
CA LEU B 216 -51.50 -20.52 10.84
C LEU B 216 -51.38 -20.96 12.29
N PRO B 217 -50.98 -22.20 12.55
CA PRO B 217 -50.87 -22.68 13.93
C PRO B 217 -49.54 -22.27 14.54
N GLN B 218 -49.43 -22.50 15.86
CA GLN B 218 -48.18 -22.26 16.57
C GLN B 218 -47.39 -23.57 16.61
N GLY B 219 -46.97 -24.00 15.43
CA GLY B 219 -46.14 -25.17 15.26
C GLY B 219 -45.01 -24.87 14.32
N PHE B 220 -43.77 -25.04 14.78
CA PHE B 220 -42.60 -24.55 14.05
C PHE B 220 -42.07 -25.64 13.12
N SER B 221 -42.06 -25.34 11.83
CA SER B 221 -41.43 -26.19 10.81
C SER B 221 -40.62 -25.30 9.89
N ALA B 222 -39.35 -25.66 9.67
CA ALA B 222 -38.46 -24.85 8.88
C ALA B 222 -38.74 -25.02 7.39
N LEU B 223 -38.46 -23.96 6.64
CA LEU B 223 -38.73 -23.94 5.21
C LEU B 223 -37.45 -24.23 4.44
N GLU B 224 -37.52 -25.22 3.50
CA GLU B 224 -36.41 -25.70 2.69
C GLU B 224 -36.32 -24.93 1.37
N PRO B 225 -35.12 -24.83 0.79
CA PRO B 225 -35.01 -24.19 -0.53
C PRO B 225 -35.44 -25.14 -1.64
N LEU B 226 -36.17 -24.58 -2.61
CA LEU B 226 -36.74 -25.37 -3.69
C LEU B 226 -35.88 -25.31 -4.96
N VAL B 227 -35.71 -24.11 -5.52
CA VAL B 227 -34.96 -23.92 -6.75
C VAL B 227 -34.44 -22.48 -6.75
N ASP B 228 -33.22 -22.30 -7.23
CA ASP B 228 -32.63 -20.98 -7.40
C ASP B 228 -32.57 -20.67 -8.89
N LEU B 229 -33.27 -19.62 -9.31
CA LEU B 229 -33.34 -19.24 -10.72
C LEU B 229 -32.54 -17.98 -10.98
N PRO B 230 -31.44 -18.06 -11.72
CA PRO B 230 -30.72 -16.84 -12.11
C PRO B 230 -31.39 -16.17 -13.29
N ILE B 231 -32.07 -15.05 -13.03
CA ILE B 231 -32.74 -14.30 -14.10
C ILE B 231 -32.32 -12.84 -14.15
N GLY B 232 -31.77 -12.26 -13.08
CA GLY B 232 -31.19 -10.93 -13.14
C GLY B 232 -32.14 -9.82 -13.52
N ILE B 233 -33.31 -9.77 -12.90
CA ILE B 233 -34.34 -8.80 -13.25
C ILE B 233 -34.70 -7.98 -12.03
N ASN B 234 -35.22 -6.77 -12.28
CA ASN B 234 -35.72 -5.91 -11.22
C ASN B 234 -37.17 -6.27 -10.92
N ILE B 235 -37.46 -6.53 -9.65
CA ILE B 235 -38.80 -6.91 -9.21
C ILE B 235 -39.22 -5.97 -8.09
N THR B 236 -40.42 -5.39 -8.22
CA THR B 236 -40.99 -4.52 -7.20
C THR B 236 -42.44 -4.82 -6.87
N ARG B 237 -43.18 -5.47 -7.77
CA ARG B 237 -44.58 -5.78 -7.54
C ARG B 237 -44.85 -7.22 -7.95
N PHE B 238 -45.94 -7.78 -7.43
CA PHE B 238 -46.34 -9.13 -7.80
C PHE B 238 -47.84 -9.28 -7.60
N GLN B 239 -48.38 -10.33 -8.21
CA GLN B 239 -49.80 -10.63 -8.12
C GLN B 239 -49.99 -12.13 -8.22
N THR B 240 -51.02 -12.63 -7.53
CA THR B 240 -51.35 -14.05 -7.57
C THR B 240 -52.19 -14.36 -8.80
N LEU B 241 -52.15 -15.64 -9.20
CA LEU B 241 -52.92 -16.12 -10.34
C LEU B 241 -53.83 -17.25 -9.87
N LEU B 242 -55.10 -17.18 -10.26
CA LEU B 242 -56.12 -18.09 -9.79
C LEU B 242 -56.71 -18.87 -10.96
N ALA B 243 -57.23 -20.06 -10.67
CA ALA B 243 -57.80 -20.94 -11.67
C ALA B 243 -59.33 -20.84 -11.65
N LEU B 244 -59.92 -20.77 -12.84
CA LEU B 244 -61.37 -20.69 -13.00
C LEU B 244 -61.86 -21.84 -13.85
N HIS B 245 -63.02 -22.38 -13.49
CA HIS B 245 -63.59 -23.53 -14.18
C HIS B 245 -64.61 -23.08 -15.21
N ARG B 246 -64.48 -23.60 -16.43
CA ARG B 246 -65.38 -23.25 -17.52
C ARG B 246 -66.73 -23.94 -17.34
N SER B 247 -67.79 -23.24 -17.73
CA SER B 247 -69.15 -23.76 -17.66
C SER B 247 -69.69 -23.93 -19.07
N TYR B 248 -70.20 -25.12 -19.37
CA TYR B 248 -70.76 -25.44 -20.68
C TYR B 248 -72.26 -25.14 -20.64
N LEU B 249 -72.69 -24.15 -21.41
CA LEU B 249 -74.06 -23.69 -21.40
C LEU B 249 -74.80 -24.13 -22.66
N THR B 250 -76.10 -24.34 -22.50
CA THR B 250 -76.99 -24.61 -23.62
C THR B 250 -77.25 -23.32 -24.39
N PRO B 251 -77.78 -23.42 -25.63
CA PRO B 251 -78.00 -22.20 -26.41
C PRO B 251 -78.89 -21.16 -25.75
N GLY B 252 -79.80 -21.57 -24.87
CA GLY B 252 -80.72 -20.62 -24.26
C GLY B 252 -80.58 -20.46 -22.76
N ASP B 253 -79.36 -20.64 -22.23
CA ASP B 253 -79.13 -20.54 -20.80
C ASP B 253 -78.71 -19.13 -20.39
N SER B 254 -78.79 -18.87 -19.09
CA SER B 254 -78.29 -17.64 -18.49
C SER B 254 -77.46 -17.99 -17.27
N SER B 255 -76.39 -17.22 -17.05
CA SER B 255 -75.44 -17.52 -15.99
C SER B 255 -74.93 -16.23 -15.38
N SER B 256 -74.42 -16.35 -14.15
CA SER B 256 -73.83 -15.19 -13.47
C SER B 256 -72.48 -14.82 -14.05
N GLY B 257 -71.75 -15.80 -14.59
CA GLY B 257 -70.46 -15.56 -15.19
C GLY B 257 -69.27 -15.96 -14.34
N TRP B 258 -69.49 -16.40 -13.11
CA TRP B 258 -68.41 -16.83 -12.22
C TRP B 258 -68.69 -18.25 -11.74
N THR B 259 -67.70 -19.14 -11.90
CA THR B 259 -67.83 -20.53 -11.48
C THR B 259 -66.47 -20.98 -10.96
N ALA B 260 -66.28 -20.89 -9.64
CA ALA B 260 -65.04 -21.34 -9.01
C ALA B 260 -65.28 -21.46 -7.51
N GLY B 261 -64.44 -22.27 -6.87
CA GLY B 261 -64.52 -22.43 -5.44
C GLY B 261 -63.88 -21.28 -4.69
N ALA B 262 -64.23 -21.18 -3.40
CA ALA B 262 -63.67 -20.14 -2.55
C ALA B 262 -62.21 -20.45 -2.22
N ALA B 263 -61.41 -19.40 -2.09
CA ALA B 263 -59.99 -19.56 -1.80
C ALA B 263 -59.46 -18.32 -1.10
N ALA B 264 -58.32 -18.48 -0.44
CA ALA B 264 -57.70 -17.41 0.31
C ALA B 264 -56.22 -17.74 0.54
N TYR B 265 -55.43 -16.69 0.71
CA TYR B 265 -54.00 -16.86 0.91
C TYR B 265 -53.46 -15.73 1.78
N TYR B 266 -52.30 -15.98 2.40
CA TYR B 266 -51.70 -15.06 3.36
C TYR B 266 -50.40 -14.50 2.82
N VAL B 267 -50.11 -13.25 3.18
CA VAL B 267 -48.91 -12.57 2.72
C VAL B 267 -48.24 -11.87 3.91
N GLY B 268 -46.95 -12.13 4.09
CA GLY B 268 -46.11 -11.33 4.94
C GLY B 268 -45.03 -10.64 4.13
N TYR B 269 -44.23 -9.83 4.82
CA TYR B 269 -43.17 -9.06 4.16
C TYR B 269 -41.87 -9.24 4.91
N LEU B 270 -40.82 -9.65 4.21
CA LEU B 270 -39.54 -9.90 4.86
C LEU B 270 -38.87 -8.60 5.26
N GLN B 271 -38.03 -8.67 6.28
CA GLN B 271 -37.30 -7.52 6.78
C GLN B 271 -35.91 -7.95 7.22
N PRO B 272 -34.93 -7.04 7.17
CA PRO B 272 -33.58 -7.41 7.63
C PRO B 272 -33.57 -7.57 9.14
N ARG B 273 -33.24 -8.78 9.59
CA ARG B 273 -33.19 -9.10 11.01
C ARG B 273 -31.95 -9.93 11.29
N THR B 274 -31.58 -9.99 12.55
CA THR B 274 -30.57 -10.93 13.03
C THR B 274 -31.29 -12.04 13.77
N PHE B 275 -31.07 -13.27 13.36
CA PHE B 275 -31.77 -14.41 13.91
C PHE B 275 -30.82 -15.33 14.66
N LEU B 276 -31.40 -16.21 15.46
CA LEU B 276 -30.67 -17.27 16.16
C LEU B 276 -31.43 -18.56 15.92
N LEU B 277 -30.82 -19.49 15.18
CA LEU B 277 -31.47 -20.74 14.83
C LEU B 277 -30.76 -21.90 15.50
N LYS B 278 -31.55 -22.84 16.02
CA LYS B 278 -31.04 -24.01 16.70
C LYS B 278 -31.10 -25.20 15.75
N TYR B 279 -29.97 -25.51 15.11
CA TYR B 279 -29.90 -26.71 14.29
C TYR B 279 -29.86 -27.94 15.18
N ASN B 280 -30.52 -28.99 14.72
CA ASN B 280 -30.61 -30.22 15.48
C ASN B 280 -29.50 -31.18 15.08
N GLU B 281 -29.53 -32.38 15.65
CA GLU B 281 -28.45 -33.34 15.43
C GLU B 281 -28.37 -33.78 13.98
N ASN B 282 -29.53 -33.97 13.33
CA ASN B 282 -29.55 -34.44 11.96
C ASN B 282 -29.46 -33.31 10.95
N GLY B 283 -29.42 -32.05 11.40
CA GLY B 283 -29.27 -30.91 10.53
C GLY B 283 -30.53 -30.12 10.25
N THR B 284 -31.67 -30.53 10.81
CA THR B 284 -32.93 -29.82 10.61
C THR B 284 -33.13 -28.77 11.70
N ILE B 285 -33.65 -27.62 11.30
CA ILE B 285 -33.87 -26.51 12.24
C ILE B 285 -35.10 -26.82 13.09
N THR B 286 -34.96 -26.68 14.40
CA THR B 286 -36.02 -27.04 15.32
C THR B 286 -36.60 -25.87 16.12
N ASP B 287 -35.82 -24.81 16.36
CA ASP B 287 -36.32 -23.67 17.10
C ASP B 287 -35.53 -22.43 16.70
N ALA B 288 -36.11 -21.27 16.95
CA ALA B 288 -35.44 -20.02 16.61
C ALA B 288 -36.01 -18.91 17.48
N VAL B 289 -35.19 -17.90 17.75
CA VAL B 289 -35.59 -16.74 18.54
C VAL B 289 -35.17 -15.47 17.82
N ASP B 290 -36.12 -14.57 17.57
CA ASP B 290 -35.83 -13.31 16.93
C ASP B 290 -35.16 -12.37 17.92
N CYS B 291 -34.16 -11.63 17.45
CA CYS B 291 -33.38 -10.76 18.31
C CYS B 291 -34.12 -9.47 18.65
N ALA B 292 -35.14 -9.11 17.87
CA ALA B 292 -35.85 -7.86 18.05
C ALA B 292 -37.21 -8.04 18.72
N LEU B 293 -37.57 -9.26 19.07
CA LEU B 293 -38.91 -9.51 19.61
C LEU B 293 -39.07 -8.92 21.00
N ASP B 294 -38.29 -9.41 21.96
CA ASP B 294 -38.47 -9.09 23.36
C ASP B 294 -37.11 -8.84 23.99
N PRO B 295 -37.07 -8.13 25.13
CA PRO B 295 -35.79 -8.03 25.85
C PRO B 295 -35.23 -9.39 26.24
N LEU B 296 -36.10 -10.34 26.59
CA LEU B 296 -35.66 -11.70 26.84
C LEU B 296 -34.98 -12.28 25.61
N SER B 297 -35.50 -11.97 24.43
CA SER B 297 -34.91 -12.49 23.20
C SER B 297 -33.54 -11.87 22.95
N GLU B 298 -33.38 -10.58 23.28
CA GLU B 298 -32.05 -9.97 23.19
C GLU B 298 -31.08 -10.66 24.15
N THR B 299 -31.56 -10.97 25.36
CA THR B 299 -30.76 -11.75 26.30
C THR B 299 -30.33 -13.08 25.68
N LYS B 300 -31.30 -13.79 25.09
CA LYS B 300 -31.04 -15.10 24.51
C LYS B 300 -29.99 -15.01 23.41
N CYS B 301 -30.09 -13.98 22.58
CA CYS B 301 -29.12 -13.84 21.50
C CYS B 301 -27.74 -13.50 22.03
N THR B 302 -27.66 -12.58 22.98
CA THR B 302 -26.36 -12.17 23.48
C THR B 302 -25.64 -13.33 24.16
N LEU B 303 -26.35 -14.05 25.04
CA LEU B 303 -25.75 -15.22 25.66
C LEU B 303 -25.62 -16.38 24.68
N LYS B 304 -26.33 -16.34 23.56
CA LYS B 304 -26.37 -17.38 22.53
C LYS B 304 -26.92 -18.69 23.04
N SER B 305 -27.34 -18.78 24.30
CA SER B 305 -27.98 -19.96 24.83
C SER B 305 -29.48 -19.82 24.73
N PHE B 306 -30.17 -20.92 24.42
CA PHE B 306 -31.61 -20.88 24.28
C PHE B 306 -32.32 -20.70 25.62
N THR B 307 -31.66 -21.03 26.73
CA THR B 307 -32.21 -20.82 28.05
C THR B 307 -31.18 -20.09 28.91
N VAL B 308 -31.66 -19.25 29.81
CA VAL B 308 -30.80 -18.33 30.55
C VAL B 308 -30.99 -18.56 32.05
N GLU B 309 -29.90 -18.44 32.80
CA GLU B 309 -29.96 -18.54 34.25
C GLU B 309 -30.31 -17.19 34.86
N LYS B 310 -30.73 -17.22 36.12
CA LYS B 310 -31.15 -16.01 36.79
C LYS B 310 -29.96 -15.06 36.99
N GLY B 311 -30.23 -13.77 36.88
CA GLY B 311 -29.20 -12.76 37.02
C GLY B 311 -29.53 -11.53 36.20
N ILE B 312 -28.49 -10.78 35.85
CA ILE B 312 -28.62 -9.55 35.08
C ILE B 312 -27.56 -9.56 33.98
N TYR B 313 -27.96 -9.18 32.77
CA TYR B 313 -27.08 -9.20 31.62
C TYR B 313 -27.14 -7.88 30.88
N GLN B 314 -25.97 -7.34 30.54
CA GLN B 314 -25.87 -6.10 29.77
C GLN B 314 -25.86 -6.46 28.29
N THR B 315 -27.01 -6.35 27.64
CA THR B 315 -27.13 -6.81 26.26
C THR B 315 -26.64 -5.77 25.26
N SER B 316 -27.29 -4.61 25.22
CA SER B 316 -27.02 -3.64 24.18
C SER B 316 -27.02 -2.24 24.77
N ASN B 317 -26.55 -1.28 23.99
CA ASN B 317 -26.60 0.12 24.36
C ASN B 317 -27.85 0.76 23.77
N PHE B 318 -28.01 2.05 24.01
CA PHE B 318 -29.13 2.80 23.47
C PHE B 318 -28.77 4.27 23.47
N ARG B 319 -29.54 5.06 22.71
CA ARG B 319 -29.31 6.50 22.62
C ARG B 319 -30.64 7.19 22.40
N VAL B 320 -30.67 8.49 22.74
CA VAL B 320 -31.83 9.32 22.46
C VAL B 320 -31.66 9.83 21.03
N GLN B 321 -32.40 9.25 20.09
CA GLN B 321 -32.26 9.64 18.70
C GLN B 321 -32.70 11.08 18.50
N PRO B 322 -32.05 11.81 17.59
CA PRO B 322 -32.36 13.24 17.44
C PRO B 322 -33.78 13.48 16.97
N THR B 323 -34.34 14.61 17.40
CA THR B 323 -35.66 15.02 16.99
C THR B 323 -35.64 15.77 15.66
N GLU B 324 -34.78 16.78 15.54
CA GLU B 324 -34.69 17.59 14.33
C GLU B 324 -33.29 18.15 14.21
N SER B 325 -32.92 18.54 12.99
CA SER B 325 -31.60 19.09 12.71
C SER B 325 -31.71 20.59 12.47
N ILE B 326 -30.76 21.34 13.02
CA ILE B 326 -30.71 22.79 12.89
C ILE B 326 -29.37 23.20 12.33
N VAL B 327 -29.37 24.16 11.42
CA VAL B 327 -28.16 24.69 10.81
C VAL B 327 -28.20 26.21 10.90
N ARG B 328 -27.14 26.80 11.46
CA ARG B 328 -27.03 28.25 11.55
C ARG B 328 -25.79 28.71 10.78
N PHE B 329 -25.92 29.86 10.12
CA PHE B 329 -24.82 30.46 9.38
C PHE B 329 -24.92 31.97 9.53
N PRO B 330 -23.80 32.68 9.43
CA PRO B 330 -23.87 34.14 9.34
C PRO B 330 -24.64 34.55 8.10
N ASN B 331 -25.47 35.58 8.24
CA ASN B 331 -26.39 36.00 7.18
C ASN B 331 -25.66 36.97 6.25
N ILE B 332 -25.25 36.47 5.09
CA ILE B 332 -24.59 37.27 4.07
C ILE B 332 -25.16 36.83 2.72
N THR B 333 -25.30 37.80 1.80
CA THR B 333 -25.81 37.48 0.46
C THR B 333 -25.07 38.33 -0.58
N ASN B 334 -23.96 37.80 -1.09
CA ASN B 334 -23.26 38.38 -2.23
C ASN B 334 -22.61 37.26 -3.02
N LEU B 335 -22.40 37.51 -4.31
CA LEU B 335 -21.77 36.54 -5.18
C LEU B 335 -20.25 36.67 -5.10
N CYS B 336 -19.57 35.55 -4.94
CA CYS B 336 -18.12 35.57 -4.87
C CYS B 336 -17.53 36.01 -6.21
N PRO B 337 -16.47 36.81 -6.21
CA PRO B 337 -15.89 37.33 -7.45
C PRO B 337 -14.95 36.35 -8.15
N PHE B 338 -15.41 35.10 -8.31
CA PHE B 338 -14.63 34.11 -9.02
C PHE B 338 -14.48 34.45 -10.50
N GLY B 339 -15.38 35.26 -11.06
CA GLY B 339 -15.29 35.62 -12.46
C GLY B 339 -14.05 36.43 -12.78
N GLU B 340 -13.76 37.44 -11.96
CA GLU B 340 -12.59 38.28 -12.21
C GLU B 340 -11.29 37.53 -11.97
N VAL B 341 -11.33 36.37 -11.34
CA VAL B 341 -10.15 35.54 -11.17
C VAL B 341 -9.99 34.55 -12.32
N PHE B 342 -11.07 33.83 -12.65
CA PHE B 342 -11.02 32.84 -13.71
C PHE B 342 -11.05 33.48 -15.10
N ASN B 343 -11.85 34.53 -15.27
CA ASN B 343 -12.05 35.17 -16.57
C ASN B 343 -11.22 36.43 -16.74
N ALA B 344 -10.06 36.50 -16.09
CA ALA B 344 -9.18 37.64 -16.24
C ALA B 344 -8.64 37.71 -17.67
N THR B 345 -8.59 38.93 -18.21
CA THR B 345 -8.09 39.10 -19.57
C THR B 345 -6.64 38.68 -19.70
N ARG B 346 -5.81 39.04 -18.71
CA ARG B 346 -4.40 38.68 -18.70
C ARG B 346 -4.10 37.84 -17.46
N PHE B 347 -3.15 36.92 -17.60
CA PHE B 347 -2.73 36.05 -16.51
C PHE B 347 -1.27 36.33 -16.18
N ALA B 348 -0.94 36.24 -14.90
CA ALA B 348 0.42 36.45 -14.45
C ALA B 348 1.27 35.22 -14.73
N SER B 349 2.57 35.45 -14.93
CA SER B 349 3.49 34.35 -15.15
C SER B 349 3.64 33.52 -13.88
N VAL B 350 3.91 32.22 -14.06
CA VAL B 350 3.96 31.31 -12.92
C VAL B 350 5.10 31.66 -11.98
N TYR B 351 6.17 32.26 -12.50
CA TYR B 351 7.24 32.71 -11.63
C TYR B 351 6.88 33.97 -10.86
N ALA B 352 5.82 34.65 -11.27
CA ALA B 352 5.30 35.85 -10.59
C ALA B 352 3.82 35.68 -10.28
N TRP B 353 3.48 34.52 -9.72
CA TRP B 353 2.08 34.17 -9.49
C TRP B 353 1.40 35.18 -8.58
N ASN B 354 0.19 35.57 -8.97
CA ASN B 354 -0.62 36.49 -8.18
C ASN B 354 -1.39 35.73 -7.11
N ARG B 355 -2.02 36.48 -6.21
CA ARG B 355 -2.82 35.90 -5.15
C ARG B 355 -3.98 36.83 -4.85
N LYS B 356 -5.20 36.29 -4.86
CA LYS B 356 -6.41 37.06 -4.60
C LYS B 356 -7.11 36.48 -3.38
N ARG B 357 -7.46 37.35 -2.43
CA ARG B 357 -8.15 36.93 -1.22
C ARG B 357 -9.65 37.12 -1.40
N ILE B 358 -10.42 36.11 -1.02
CA ILE B 358 -11.88 36.14 -1.12
C ILE B 358 -12.44 35.97 0.29
N SER B 359 -13.31 36.89 0.70
CA SER B 359 -13.88 36.85 2.04
C SER B 359 -15.21 37.59 2.04
N ASN B 360 -16.01 37.30 3.07
CA ASN B 360 -17.30 37.95 3.30
C ASN B 360 -18.22 37.82 2.08
N CYS B 361 -18.53 36.58 1.74
CA CYS B 361 -19.42 36.28 0.62
C CYS B 361 -19.91 34.85 0.79
N VAL B 362 -20.93 34.51 0.00
CA VAL B 362 -21.43 33.15 -0.09
C VAL B 362 -20.87 32.53 -1.36
N ALA B 363 -20.15 31.43 -1.21
CA ALA B 363 -19.48 30.80 -2.34
C ALA B 363 -20.30 29.60 -2.80
N ASP B 364 -20.63 29.59 -4.09
CA ASP B 364 -21.30 28.48 -4.76
C ASP B 364 -20.30 27.89 -5.72
N TYR B 365 -19.50 26.94 -5.22
CA TYR B 365 -18.48 26.30 -6.05
C TYR B 365 -19.07 25.34 -7.08
N SER B 366 -20.35 24.98 -6.94
CA SER B 366 -20.98 24.12 -7.94
C SER B 366 -20.95 24.76 -9.32
N VAL B 367 -20.96 26.09 -9.38
CA VAL B 367 -20.86 26.79 -10.66
C VAL B 367 -19.53 26.48 -11.34
N LEU B 368 -18.49 26.19 -10.56
CA LEU B 368 -17.17 25.96 -11.13
C LEU B 368 -17.06 24.59 -11.79
N TYR B 369 -17.25 23.53 -11.00
CA TYR B 369 -17.02 22.18 -11.53
C TYR B 369 -18.19 21.64 -12.35
N ASN B 370 -19.36 22.28 -12.30
CA ASN B 370 -20.43 21.88 -13.21
C ASN B 370 -20.15 22.35 -14.64
N SER B 371 -19.38 23.42 -14.78
CA SER B 371 -19.05 23.93 -16.11
C SER B 371 -18.07 23.00 -16.81
N ALA B 372 -18.37 22.63 -18.05
CA ALA B 372 -17.49 21.78 -18.83
C ALA B 372 -16.41 22.61 -19.50
N SER B 373 -15.67 23.39 -18.71
CA SER B 373 -14.64 24.28 -19.23
C SER B 373 -13.28 24.05 -18.61
N PHE B 374 -13.14 23.09 -17.70
CA PHE B 374 -11.89 22.85 -16.99
C PHE B 374 -11.42 21.43 -17.24
N SER B 375 -10.20 21.30 -17.78
CA SER B 375 -9.65 19.98 -18.06
C SER B 375 -9.19 19.28 -16.79
N THR B 376 -8.81 20.03 -15.76
CA THR B 376 -8.34 19.47 -14.51
C THR B 376 -9.07 20.13 -13.35
N PHE B 377 -9.66 19.31 -12.48
CA PHE B 377 -10.35 19.79 -11.28
C PHE B 377 -10.10 18.74 -10.19
N LYS B 378 -9.03 18.95 -9.42
CA LYS B 378 -8.57 17.97 -8.45
C LYS B 378 -8.48 18.62 -7.08
N CYS B 379 -9.01 17.94 -6.07
CA CYS B 379 -9.04 18.43 -4.71
C CYS B 379 -8.11 17.61 -3.82
N TYR B 380 -7.71 18.20 -2.70
CA TYR B 380 -6.84 17.54 -1.74
C TYR B 380 -7.35 17.85 -0.34
N GLY B 381 -7.70 16.82 0.41
CA GLY B 381 -8.20 16.99 1.76
C GLY B 381 -9.64 17.40 1.85
N VAL B 382 -10.32 17.64 0.72
CA VAL B 382 -11.72 18.02 0.69
C VAL B 382 -12.32 17.44 -0.57
N SER B 383 -13.65 17.30 -0.60
CA SER B 383 -14.31 16.75 -1.78
C SER B 383 -15.14 17.82 -2.48
N PRO B 384 -15.02 17.92 -3.81
CA PRO B 384 -15.78 18.97 -4.51
C PRO B 384 -17.28 18.82 -4.38
N THR B 385 -17.79 17.60 -4.34
CA THR B 385 -19.24 17.39 -4.29
C THR B 385 -19.86 17.93 -3.01
N LYS B 386 -19.09 18.00 -1.93
CA LYS B 386 -19.59 18.42 -0.64
C LYS B 386 -19.16 19.83 -0.27
N LEU B 387 -18.48 20.54 -1.16
CA LEU B 387 -17.95 21.84 -0.83
C LEU B 387 -19.04 22.88 -0.60
N ASN B 388 -20.26 22.60 -1.06
CA ASN B 388 -21.35 23.56 -0.91
C ASN B 388 -21.81 23.73 0.54
N ASP B 389 -21.34 22.90 1.48
CA ASP B 389 -21.85 22.95 2.84
C ASP B 389 -20.74 23.04 3.89
N LEU B 390 -19.56 23.51 3.51
CA LEU B 390 -18.48 23.76 4.46
C LEU B 390 -18.20 25.25 4.55
N CYS B 391 -17.61 25.65 5.67
CA CYS B 391 -17.24 27.05 5.88
C CYS B 391 -15.75 27.18 6.14
N PHE B 392 -15.21 28.31 5.71
CA PHE B 392 -13.78 28.58 5.79
C PHE B 392 -13.56 30.01 6.27
N THR B 393 -12.43 30.21 6.96
CA THR B 393 -12.08 31.56 7.40
C THR B 393 -11.84 32.47 6.22
N ASN B 394 -10.97 32.06 5.29
CA ASN B 394 -10.65 32.85 4.11
C ASN B 394 -10.28 31.92 2.97
N VAL B 395 -10.53 32.39 1.75
CA VAL B 395 -10.19 31.66 0.53
C VAL B 395 -9.18 32.49 -0.24
N TYR B 396 -8.01 31.91 -0.48
CA TYR B 396 -6.94 32.57 -1.21
C TYR B 396 -6.79 31.89 -2.57
N ALA B 397 -6.97 32.66 -3.64
CA ALA B 397 -6.93 32.15 -4.99
C ALA B 397 -5.64 32.58 -5.67
N ASP B 398 -4.91 31.61 -6.21
CA ASP B 398 -3.68 31.85 -6.95
C ASP B 398 -3.86 31.41 -8.39
N SER B 399 -3.46 32.28 -9.32
CA SER B 399 -3.63 32.03 -10.74
C SER B 399 -2.31 32.25 -11.47
N PHE B 400 -2.09 31.45 -12.50
CA PHE B 400 -0.88 31.50 -13.30
C PHE B 400 -1.10 30.64 -14.55
N VAL B 401 -0.07 30.56 -15.39
CA VAL B 401 -0.12 29.82 -16.64
C VAL B 401 1.13 28.96 -16.76
N ILE B 402 0.94 27.69 -17.10
CA ILE B 402 2.03 26.77 -17.40
C ILE B 402 1.64 25.92 -18.60
N ARG B 403 2.60 25.14 -19.10
CA ARG B 403 2.33 24.26 -20.22
C ARG B 403 1.61 23.01 -19.75
N GLY B 404 1.04 22.28 -20.72
CA GLY B 404 0.25 21.11 -20.38
C GLY B 404 1.07 20.02 -19.69
N ASP B 405 2.34 19.89 -20.07
CA ASP B 405 3.19 18.87 -19.45
C ASP B 405 3.36 19.11 -17.96
N GLU B 406 3.29 20.36 -17.52
CA GLU B 406 3.49 20.71 -16.12
C GLU B 406 2.20 20.77 -15.33
N VAL B 407 1.04 20.60 -15.98
CA VAL B 407 -0.24 20.71 -15.27
C VAL B 407 -0.34 19.63 -14.21
N ARG B 408 0.01 18.39 -14.55
CA ARG B 408 -0.03 17.30 -13.59
C ARG B 408 1.05 17.41 -12.53
N GLN B 409 2.03 18.30 -12.71
CA GLN B 409 3.11 18.45 -11.75
C GLN B 409 2.74 19.31 -10.55
N ILE B 410 1.56 19.95 -10.56
CA ILE B 410 1.13 20.77 -9.43
C ILE B 410 0.75 19.92 -8.22
N ALA B 411 0.55 18.62 -8.40
CA ALA B 411 0.26 17.74 -7.28
C ALA B 411 1.43 17.76 -6.29
N PRO B 412 1.16 17.74 -4.98
CA PRO B 412 2.25 17.93 -4.01
C PRO B 412 3.42 16.98 -4.19
N GLY B 413 3.15 15.70 -4.46
CA GLY B 413 4.24 14.77 -4.76
C GLY B 413 4.95 15.11 -6.05
N GLN B 414 4.19 15.45 -7.08
CA GLN B 414 4.75 15.75 -8.40
C GLN B 414 5.42 17.13 -8.43
N THR B 415 5.33 17.91 -7.36
CA THR B 415 5.91 19.25 -7.35
C THR B 415 7.41 19.27 -7.52
N GLY B 416 8.09 18.14 -7.28
CA GLY B 416 9.55 18.07 -7.24
C GLY B 416 10.28 18.88 -8.28
N LYS B 417 9.91 18.76 -9.55
CA LYS B 417 10.59 19.50 -10.61
C LYS B 417 10.20 20.98 -10.58
N ILE B 418 8.91 21.28 -10.44
CA ILE B 418 8.46 22.67 -10.44
C ILE B 418 8.84 23.36 -9.14
N ALA B 419 8.74 22.64 -8.02
CA ALA B 419 8.91 23.27 -6.71
C ALA B 419 10.33 23.76 -6.49
N ASP B 420 11.32 23.12 -7.11
CA ASP B 420 12.71 23.45 -6.84
C ASP B 420 13.02 24.91 -7.15
N TYR B 421 12.39 25.47 -8.19
CA TYR B 421 12.75 26.82 -8.62
C TYR B 421 11.55 27.76 -8.71
N ASN B 422 10.35 27.23 -8.98
CA ASN B 422 9.25 28.06 -9.41
C ASN B 422 8.08 28.10 -8.41
N TYR B 423 7.51 26.95 -8.05
CA TYR B 423 6.26 26.96 -7.29
C TYR B 423 6.12 25.68 -6.49
N LYS B 424 5.98 25.80 -5.17
CA LYS B 424 5.86 24.66 -4.28
C LYS B 424 4.57 24.74 -3.50
N LEU B 425 3.82 23.63 -3.46
CA LEU B 425 2.57 23.50 -2.73
C LEU B 425 2.80 22.72 -1.45
N PRO B 426 2.28 23.18 -0.32
CA PRO B 426 2.63 22.54 0.97
C PRO B 426 2.16 21.10 1.05
N ASP B 427 2.90 20.29 1.82
CA ASP B 427 2.54 18.89 1.99
C ASP B 427 1.18 18.74 2.66
N ASP B 428 0.79 19.70 3.48
CA ASP B 428 -0.52 19.71 4.14
C ASP B 428 -1.50 20.60 3.40
N PHE B 429 -1.42 20.61 2.07
CA PHE B 429 -2.29 21.48 1.27
C PHE B 429 -3.75 21.08 1.44
N THR B 430 -4.62 22.08 1.47
CA THR B 430 -6.07 21.86 1.58
C THR B 430 -6.74 22.83 0.62
N GLY B 431 -7.22 22.32 -0.51
CA GLY B 431 -7.86 23.16 -1.49
C GLY B 431 -8.04 22.42 -2.80
N CYS B 432 -8.26 23.20 -3.87
CA CYS B 432 -8.52 22.65 -5.19
C CYS B 432 -7.56 23.27 -6.20
N VAL B 433 -7.22 22.49 -7.22
CA VAL B 433 -6.39 22.93 -8.33
C VAL B 433 -7.24 22.84 -9.59
N ILE B 434 -7.38 23.97 -10.29
CA ILE B 434 -8.22 24.05 -11.47
C ILE B 434 -7.40 24.61 -12.62
N ALA B 435 -7.46 23.94 -13.77
CA ALA B 435 -6.69 24.37 -14.93
C ALA B 435 -7.49 24.08 -16.20
N TRP B 436 -7.18 24.84 -17.25
CA TRP B 436 -7.82 24.64 -18.55
C TRP B 436 -6.90 25.15 -19.64
N ASN B 437 -7.01 24.55 -20.82
CA ASN B 437 -6.17 24.93 -21.95
C ASN B 437 -6.44 26.37 -22.35
N SER B 438 -5.37 27.09 -22.71
CA SER B 438 -5.46 28.48 -23.12
C SER B 438 -4.70 28.72 -24.42
N ASN B 439 -4.60 27.69 -25.27
CA ASN B 439 -3.92 27.86 -26.55
C ASN B 439 -4.64 28.88 -27.43
N ASN B 440 -5.96 28.85 -27.43
CA ASN B 440 -6.74 29.79 -28.25
C ASN B 440 -6.65 31.22 -27.76
N LEU B 441 -6.11 31.45 -26.57
CA LEU B 441 -5.99 32.81 -26.04
C LEU B 441 -4.53 33.22 -25.90
N TYR B 451 2.89 34.17 -23.24
CA TYR B 451 3.13 33.70 -21.89
C TYR B 451 4.52 33.08 -21.77
N LEU B 452 5.44 33.82 -21.19
CA LEU B 452 6.82 33.38 -21.01
C LEU B 452 7.11 33.22 -19.52
N TYR B 453 7.66 32.07 -19.14
CA TYR B 453 7.81 31.73 -17.73
C TYR B 453 8.88 30.66 -17.57
N ARG B 454 9.93 30.96 -16.80
CA ARG B 454 10.90 29.98 -16.36
C ARG B 454 11.87 30.62 -15.37
N LEU B 455 12.35 29.86 -14.40
CA LEU B 455 13.26 30.39 -13.39
C LEU B 455 14.16 29.26 -12.90
N PHE B 456 15.39 29.63 -12.55
CA PHE B 456 16.36 28.70 -11.97
C PHE B 456 16.88 29.30 -10.67
N ARG B 457 17.06 28.44 -9.66
CA ARG B 457 17.37 28.90 -8.32
C ARG B 457 18.44 28.02 -7.70
N LYS B 458 19.19 28.61 -6.75
CA LYS B 458 20.24 27.86 -6.07
C LYS B 458 19.68 26.93 -5.00
N SER B 459 18.49 27.21 -4.48
CA SER B 459 17.90 26.41 -3.41
C SER B 459 16.42 26.17 -3.69
N ASN B 460 15.90 25.08 -3.12
CA ASN B 460 14.49 24.76 -3.27
C ASN B 460 13.63 25.78 -2.57
N LEU B 461 12.46 26.05 -3.15
CA LEU B 461 11.53 27.00 -2.56
C LEU B 461 10.71 26.35 -1.45
N LYS B 462 10.32 27.15 -0.48
CA LYS B 462 9.39 26.76 0.57
C LYS B 462 7.96 26.87 0.05
N PRO B 463 7.00 26.21 0.71
CA PRO B 463 5.61 26.29 0.25
C PRO B 463 5.10 27.72 0.22
N PHE B 464 4.35 28.03 -0.83
CA PHE B 464 3.74 29.35 -1.02
C PHE B 464 4.77 30.47 -1.02
N GLU B 465 5.96 30.20 -1.55
CA GLU B 465 7.02 31.19 -1.63
C GLU B 465 7.11 31.74 -3.05
N ARG B 466 7.18 33.06 -3.18
CA ARG B 466 7.34 33.73 -4.46
C ARG B 466 8.68 34.43 -4.47
N ASP B 467 9.49 34.15 -5.49
CA ASP B 467 10.83 34.70 -5.60
C ASP B 467 11.09 35.18 -7.01
N ILE B 468 11.64 36.39 -7.13
CA ILE B 468 12.11 36.93 -8.39
C ILE B 468 13.45 37.61 -8.14
N SER B 469 14.46 37.26 -8.94
CA SER B 469 15.78 37.84 -8.79
C SER B 469 16.53 37.75 -10.11
N THR B 470 17.57 38.56 -10.25
CA THR B 470 18.42 38.58 -11.42
C THR B 470 19.86 38.35 -11.00
N GLU B 471 20.40 37.19 -11.35
CA GLU B 471 21.78 36.84 -11.05
C GLU B 471 22.28 35.86 -12.10
N ILE B 472 23.53 36.02 -12.50
CA ILE B 472 24.15 35.19 -13.53
C ILE B 472 25.02 34.14 -12.86
N TYR B 473 24.79 32.87 -13.21
CA TYR B 473 25.55 31.78 -12.64
C TYR B 473 26.94 31.71 -13.27
N GLN B 474 27.97 31.65 -12.43
CA GLN B 474 29.35 31.54 -12.87
C GLN B 474 29.74 30.06 -12.88
N ALA B 475 29.83 29.47 -14.06
CA ALA B 475 30.17 28.06 -14.20
C ALA B 475 31.66 27.84 -13.99
N ASN B 487 29.89 30.40 -19.98
CA ASN B 487 30.05 30.19 -18.55
C ASN B 487 29.19 31.18 -17.76
N CYS B 488 28.30 31.87 -18.46
CA CYS B 488 27.41 32.86 -17.85
C CYS B 488 26.00 32.59 -18.34
N TYR B 489 25.14 32.13 -17.43
CA TYR B 489 23.79 31.68 -17.79
C TYR B 489 22.76 32.58 -17.13
N PHE B 490 21.80 33.06 -17.94
CA PHE B 490 20.71 33.86 -17.41
C PHE B 490 19.76 33.00 -16.60
N PRO B 491 19.18 33.55 -15.52
CA PRO B 491 18.27 32.76 -14.68
C PRO B 491 16.90 32.53 -15.28
N LEU B 492 16.55 33.22 -16.37
CA LEU B 492 15.22 33.10 -16.96
C LEU B 492 15.30 32.51 -18.36
N GLN B 493 14.23 31.82 -18.76
CA GLN B 493 14.13 31.21 -20.07
C GLN B 493 12.74 31.49 -20.64
N SER B 494 12.67 31.59 -21.96
CA SER B 494 11.44 31.94 -22.65
C SER B 494 11.10 30.90 -23.71
N TYR B 495 9.85 30.95 -24.19
CA TYR B 495 9.41 30.04 -25.23
C TYR B 495 10.17 30.28 -26.53
N GLY B 496 10.39 31.53 -26.89
CA GLY B 496 10.95 31.86 -28.19
C GLY B 496 10.04 31.51 -29.35
N PHE B 497 8.76 31.86 -29.23
CA PHE B 497 7.78 31.59 -30.28
C PHE B 497 8.20 32.19 -31.62
N VAL B 503 0.44 19.05 -27.89
CA VAL B 503 -0.48 19.68 -26.95
C VAL B 503 0.23 19.91 -25.62
N GLY B 504 1.24 19.09 -25.33
CA GLY B 504 1.96 19.21 -24.08
C GLY B 504 2.63 20.55 -23.91
N TYR B 505 3.07 21.16 -25.00
CA TYR B 505 3.70 22.48 -24.96
C TYR B 505 2.70 23.62 -25.00
N GLN B 506 1.41 23.33 -25.21
CA GLN B 506 0.42 24.38 -25.23
C GLN B 506 0.26 24.99 -23.84
N PRO B 507 0.12 26.31 -23.74
CA PRO B 507 -0.06 26.93 -22.43
C PRO B 507 -1.40 26.56 -21.82
N TYR B 508 -1.42 26.49 -20.49
CA TYR B 508 -2.63 26.17 -19.74
C TYR B 508 -2.82 27.20 -18.63
N ARG B 509 -4.00 27.78 -18.55
CA ARG B 509 -4.33 28.68 -17.45
C ARG B 509 -4.72 27.86 -16.22
N VAL B 510 -4.12 28.18 -15.08
CA VAL B 510 -4.27 27.39 -13.86
C VAL B 510 -4.72 28.31 -12.74
N VAL B 511 -5.67 27.83 -11.93
CA VAL B 511 -6.17 28.54 -10.76
C VAL B 511 -6.02 27.62 -9.56
N VAL B 512 -5.44 28.12 -8.48
CA VAL B 512 -5.23 27.36 -7.25
C VAL B 512 -6.06 28.00 -6.14
N LEU B 513 -6.94 27.21 -5.54
CA LEU B 513 -7.76 27.65 -4.41
C LEU B 513 -7.25 26.98 -3.15
N SER B 514 -7.12 27.77 -2.08
CA SER B 514 -6.71 27.26 -0.77
C SER B 514 -7.72 27.71 0.27
N PHE B 515 -8.06 26.80 1.19
CA PHE B 515 -9.03 27.08 2.23
C PHE B 515 -8.33 27.24 3.57
N GLU B 516 -8.93 28.06 4.43
CA GLU B 516 -8.44 28.30 5.78
C GLU B 516 -9.47 27.79 6.78
N LEU B 517 -8.99 27.08 7.79
CA LEU B 517 -9.88 26.48 8.77
C LEU B 517 -10.25 27.49 9.85
N LEU B 518 -11.01 27.03 10.85
CA LEU B 518 -11.61 27.93 11.83
C LEU B 518 -10.59 28.47 12.83
N HIS B 519 -9.74 29.38 12.37
CA HIS B 519 -8.90 30.19 13.23
C HIS B 519 -9.56 31.52 13.57
N ALA B 520 -10.77 31.75 13.08
CA ALA B 520 -11.52 32.98 13.22
C ALA B 520 -12.96 32.69 12.78
N PRO B 521 -13.92 33.60 13.01
CA PRO B 521 -15.25 33.37 12.47
C PRO B 521 -15.20 33.23 10.96
N ALA B 522 -16.02 32.32 10.43
CA ALA B 522 -15.98 32.02 9.00
C ALA B 522 -16.52 33.20 8.21
N THR B 523 -15.78 33.59 7.16
CA THR B 523 -16.22 34.63 6.25
C THR B 523 -16.67 34.09 4.89
N VAL B 524 -16.41 32.81 4.60
CA VAL B 524 -16.81 32.18 3.35
C VAL B 524 -17.79 31.06 3.70
N CYS B 525 -18.97 31.11 3.10
CA CYS B 525 -20.04 30.19 3.43
C CYS B 525 -20.66 29.63 2.16
N GLY B 526 -21.30 28.47 2.31
CA GLY B 526 -21.99 27.83 1.21
C GLY B 526 -23.40 28.35 1.04
N PRO B 527 -24.06 27.96 -0.05
CA PRO B 527 -25.43 28.44 -0.31
C PRO B 527 -26.48 27.86 0.62
N LYS B 528 -26.10 27.10 1.63
CA LYS B 528 -27.07 26.55 2.57
C LYS B 528 -27.82 27.67 3.28
N LYS B 529 -29.10 27.44 3.53
CA LYS B 529 -29.95 28.42 4.18
C LYS B 529 -30.09 28.12 5.66
N SER B 530 -30.04 29.16 6.48
CA SER B 530 -30.08 28.99 7.92
C SER B 530 -31.45 28.49 8.38
N THR B 531 -31.47 27.89 9.56
CA THR B 531 -32.66 27.29 10.14
C THR B 531 -33.02 27.98 11.45
N ASN B 532 -34.24 27.73 11.91
CA ASN B 532 -34.65 28.18 13.23
C ASN B 532 -33.97 27.35 14.31
N LEU B 533 -33.93 27.89 15.52
CA LEU B 533 -33.21 27.29 16.64
C LEU B 533 -34.18 26.74 17.66
N VAL B 534 -33.94 25.51 18.11
CA VAL B 534 -34.68 24.88 19.19
C VAL B 534 -33.68 24.48 20.27
N LYS B 535 -34.16 24.40 21.52
CA LYS B 535 -33.25 24.29 22.66
C LYS B 535 -33.36 22.97 23.41
N ASN B 536 -34.53 22.63 23.93
CA ASN B 536 -34.63 21.60 24.97
C ASN B 536 -34.86 20.20 24.40
N LYS B 537 -34.39 19.92 23.19
CA LYS B 537 -34.44 18.58 22.63
C LYS B 537 -33.11 18.27 21.97
N CYS B 538 -32.70 17.01 22.03
CA CYS B 538 -31.48 16.59 21.36
C CYS B 538 -31.61 16.82 19.86
N VAL B 539 -30.62 17.47 19.27
CA VAL B 539 -30.72 17.94 17.89
C VAL B 539 -29.35 17.83 17.23
N ASN B 540 -29.37 17.71 15.90
CA ASN B 540 -28.16 17.90 15.11
C ASN B 540 -27.94 19.38 14.87
N PHE B 541 -26.71 19.85 15.06
CA PHE B 541 -26.38 21.26 14.90
C PHE B 541 -25.13 21.39 14.05
N ASN B 542 -25.08 22.48 13.26
CA ASN B 542 -23.92 22.81 12.45
C ASN B 542 -23.69 24.32 12.57
N PHE B 543 -22.72 24.69 13.40
CA PHE B 543 -22.38 26.09 13.63
C PHE B 543 -21.10 26.42 12.89
N ASN B 544 -21.23 27.04 11.72
CA ASN B 544 -20.08 27.54 10.96
C ASN B 544 -19.04 26.45 10.73
N GLY B 545 -19.52 25.25 10.40
CA GLY B 545 -18.63 24.12 10.19
C GLY B 545 -18.32 23.31 11.42
N LEU B 546 -19.09 23.47 12.50
CA LEU B 546 -18.93 22.69 13.72
C LEU B 546 -20.14 21.78 13.84
N THR B 547 -19.94 20.49 13.62
CA THR B 547 -21.04 19.53 13.56
C THR B 547 -21.02 18.63 14.79
N GLY B 548 -22.19 18.46 15.40
CA GLY B 548 -22.32 17.57 16.54
C GLY B 548 -23.79 17.38 16.88
N THR B 549 -24.03 16.45 17.80
CA THR B 549 -25.37 16.11 18.25
C THR B 549 -25.44 16.24 19.77
N GLY B 550 -26.47 16.93 20.26
CA GLY B 550 -26.63 17.11 21.69
C GLY B 550 -27.81 18.00 21.99
N VAL B 551 -27.96 18.32 23.27
CA VAL B 551 -29.02 19.20 23.76
C VAL B 551 -28.41 20.56 24.04
N LEU B 552 -29.08 21.62 23.57
CA LEU B 552 -28.58 22.97 23.66
C LEU B 552 -29.37 23.75 24.70
N THR B 553 -28.66 24.46 25.57
CA THR B 553 -29.32 25.25 26.61
C THR B 553 -28.58 26.55 26.81
N GLU B 554 -29.27 27.52 27.40
CA GLU B 554 -28.66 28.80 27.71
C GLU B 554 -27.47 28.61 28.63
N SER B 555 -26.34 29.21 28.28
CA SER B 555 -25.10 28.98 28.98
C SER B 555 -24.97 29.92 30.18
N ASN B 556 -24.68 29.33 31.34
CA ASN B 556 -24.23 30.15 32.48
C ASN B 556 -22.82 30.67 32.25
N LYS B 557 -21.98 29.90 31.55
CA LYS B 557 -20.61 30.30 31.30
C LYS B 557 -20.57 31.56 30.45
N LYS B 558 -19.65 32.46 30.78
CA LYS B 558 -19.56 33.79 30.18
C LYS B 558 -18.33 33.86 29.29
N PHE B 559 -18.53 34.23 28.02
CA PHE B 559 -17.44 34.35 27.07
C PHE B 559 -16.82 35.74 27.14
N LEU B 560 -15.53 35.81 26.80
CA LEU B 560 -14.89 37.09 26.57
C LEU B 560 -15.38 37.66 25.24
N PRO B 561 -15.20 39.00 25.03
CA PRO B 561 -15.84 39.67 23.90
C PRO B 561 -15.96 38.90 22.59
N PHE B 562 -14.89 38.33 22.05
CA PHE B 562 -15.03 37.55 20.82
C PHE B 562 -14.21 36.26 20.87
N GLN B 563 -14.35 35.51 21.96
CA GLN B 563 -14.10 34.07 21.89
C GLN B 563 -15.27 33.42 21.14
N GLN B 564 -14.96 32.40 20.33
CA GLN B 564 -16.00 31.81 19.49
C GLN B 564 -16.70 30.65 20.18
N PHE B 565 -15.96 29.58 20.50
CA PHE B 565 -16.57 28.41 21.10
C PHE B 565 -15.63 27.82 22.13
N GLY B 566 -16.19 27.37 23.24
CA GLY B 566 -15.39 26.72 24.25
C GLY B 566 -15.26 25.23 24.01
N ARG B 567 -14.31 24.63 24.74
CA ARG B 567 -14.12 23.18 24.76
C ARG B 567 -13.64 22.86 26.18
N ASP B 568 -14.55 22.37 27.01
CA ASP B 568 -14.25 22.23 28.43
C ASP B 568 -13.06 21.30 28.65
N ILE B 569 -13.04 20.15 27.99
CA ILE B 569 -12.01 19.14 28.19
C ILE B 569 -11.85 18.34 26.91
N ALA B 570 -10.60 18.00 26.58
CA ALA B 570 -10.27 17.02 25.55
C ALA B 570 -10.88 17.38 24.19
N ASP B 571 -10.90 18.67 23.89
CA ASP B 571 -11.34 19.17 22.58
C ASP B 571 -12.73 18.65 22.21
N THR B 572 -13.64 18.66 23.19
CA THR B 572 -15.05 18.43 22.94
C THR B 572 -15.75 19.78 22.94
N THR B 573 -16.45 20.10 21.85
CA THR B 573 -17.07 21.41 21.72
C THR B 573 -18.28 21.49 22.64
N ASP B 574 -18.04 21.84 23.90
CA ASP B 574 -19.11 21.88 24.90
C ASP B 574 -19.99 23.11 24.78
N ALA B 575 -19.63 24.08 23.95
CA ALA B 575 -20.41 25.31 23.84
C ALA B 575 -20.08 25.97 22.52
N VAL B 576 -20.97 26.88 22.10
CA VAL B 576 -20.73 27.70 20.92
C VAL B 576 -21.64 28.92 21.02
N ARG B 577 -21.16 30.03 20.48
CA ARG B 577 -21.98 31.23 20.34
C ARG B 577 -22.63 31.21 18.97
N ASP B 578 -23.89 31.61 18.91
CA ASP B 578 -24.58 31.57 17.65
C ASP B 578 -23.94 32.55 16.66
N PRO B 579 -23.85 32.20 15.39
CA PRO B 579 -23.36 33.16 14.40
C PRO B 579 -24.40 34.18 13.95
N GLN B 580 -25.69 33.80 13.90
CA GLN B 580 -26.70 34.72 13.37
C GLN B 580 -27.08 35.78 14.39
N THR B 581 -27.66 35.38 15.50
CA THR B 581 -27.77 36.28 16.63
C THR B 581 -26.47 36.13 17.45
N LEU B 582 -26.44 36.61 18.69
CA LEU B 582 -25.18 36.60 19.44
C LEU B 582 -25.35 35.97 20.81
N GLU B 583 -26.28 35.04 20.95
CA GLU B 583 -26.48 34.35 22.22
C GLU B 583 -25.41 33.30 22.40
N ILE B 584 -25.22 32.88 23.64
CA ILE B 584 -24.23 31.87 24.01
C ILE B 584 -24.98 30.58 24.33
N LEU B 585 -24.49 29.47 23.80
CA LEU B 585 -25.15 28.18 23.95
C LEU B 585 -24.23 27.22 24.71
N ASP B 586 -24.80 26.52 25.68
CA ASP B 586 -24.12 25.46 26.40
C ASP B 586 -24.63 24.12 25.88
N ILE B 587 -23.71 23.20 25.61
CA ILE B 587 -24.03 21.93 24.96
C ILE B 587 -23.75 20.79 25.93
N THR B 588 -24.75 19.95 26.15
CA THR B 588 -24.63 18.74 26.94
C THR B 588 -24.82 17.54 26.02
N PRO B 589 -23.97 16.52 26.11
CA PRO B 589 -24.03 15.42 25.13
C PRO B 589 -25.35 14.67 25.21
N CYS B 590 -25.70 14.03 24.10
CA CYS B 590 -26.93 13.26 24.01
C CYS B 590 -26.99 12.21 25.11
N SER B 591 -28.13 12.15 25.80
CA SER B 591 -28.28 11.20 26.89
C SER B 591 -28.17 9.78 26.37
N PHE B 592 -27.35 8.96 27.03
CA PHE B 592 -27.11 7.60 26.58
C PHE B 592 -26.63 6.78 27.76
N GLY B 593 -26.77 5.46 27.61
CA GLY B 593 -26.28 4.54 28.63
C GLY B 593 -26.43 3.12 28.14
N GLY B 594 -26.21 2.18 29.06
CA GLY B 594 -26.38 0.77 28.77
C GLY B 594 -27.73 0.27 29.25
N VAL B 595 -28.32 -0.63 28.48
CA VAL B 595 -29.57 -1.28 28.85
C VAL B 595 -29.24 -2.72 29.25
N SER B 596 -29.82 -3.17 30.35
CA SER B 596 -29.60 -4.51 30.86
C SER B 596 -30.94 -5.15 31.14
N VAL B 597 -31.00 -6.47 31.01
CA VAL B 597 -32.23 -7.23 31.15
C VAL B 597 -32.15 -8.04 32.42
N ILE B 598 -33.04 -7.74 33.36
CA ILE B 598 -33.16 -8.49 34.61
C ILE B 598 -34.09 -9.66 34.34
N THR B 599 -33.67 -10.87 34.71
CA THR B 599 -34.58 -11.97 34.53
C THR B 599 -34.33 -13.06 35.57
N PRO B 600 -35.38 -13.68 36.08
CA PRO B 600 -35.21 -14.94 36.80
C PRO B 600 -34.88 -16.03 35.80
N GLY B 601 -34.58 -17.23 36.27
CA GLY B 601 -34.30 -18.32 35.36
C GLY B 601 -35.46 -18.59 34.42
N THR B 602 -35.17 -18.70 33.12
CA THR B 602 -36.22 -19.05 32.17
C THR B 602 -36.78 -20.44 32.47
N ASN B 603 -36.03 -21.24 33.23
CA ASN B 603 -36.56 -22.50 33.75
C ASN B 603 -37.84 -22.29 34.53
N THR B 604 -37.91 -21.22 35.32
CA THR B 604 -38.96 -21.04 36.30
C THR B 604 -40.10 -20.16 35.79
N SER B 605 -39.79 -19.06 35.11
CA SER B 605 -40.81 -18.13 34.67
C SER B 605 -40.33 -17.40 33.43
N ASN B 606 -41.26 -16.69 32.79
CA ASN B 606 -40.97 -15.96 31.56
C ASN B 606 -41.05 -14.45 31.71
N GLN B 607 -41.63 -13.95 32.80
CA GLN B 607 -41.67 -12.51 33.03
C GLN B 607 -40.26 -11.95 33.12
N VAL B 608 -40.10 -10.70 32.68
CA VAL B 608 -38.78 -10.09 32.60
C VAL B 608 -38.94 -8.59 32.84
N ALA B 609 -37.96 -8.01 33.53
CA ALA B 609 -37.88 -6.56 33.71
C ALA B 609 -36.58 -6.07 33.09
N VAL B 610 -36.55 -4.77 32.74
CA VAL B 610 -35.42 -4.18 32.06
C VAL B 610 -34.99 -2.94 32.85
N LEU B 611 -33.68 -2.68 32.87
CA LEU B 611 -33.10 -1.57 33.63
C LEU B 611 -32.23 -0.73 32.72
N TYR B 612 -32.52 0.57 32.64
CA TYR B 612 -31.69 1.52 31.91
C TYR B 612 -30.69 2.13 32.88
N GLN B 613 -29.40 2.05 32.54
CA GLN B 613 -28.36 2.21 33.55
C GLN B 613 -28.15 3.64 33.99
N ASP B 614 -28.24 4.62 33.08
CA ASP B 614 -27.74 5.94 33.42
C ASP B 614 -28.67 7.06 32.96
N VAL B 615 -29.98 6.89 33.04
CA VAL B 615 -30.91 7.89 32.54
C VAL B 615 -31.99 8.19 33.58
N ASN B 616 -32.37 9.45 33.66
CA ASN B 616 -33.57 9.85 34.39
C ASN B 616 -34.79 9.21 33.74
N CYS B 617 -35.71 8.72 34.57
CA CYS B 617 -36.82 7.92 34.07
C CYS B 617 -37.74 8.69 33.14
N THR B 618 -37.78 10.02 33.24
CA THR B 618 -38.73 10.79 32.45
C THR B 618 -38.35 10.88 30.98
N GLU B 619 -37.13 10.54 30.61
CA GLU B 619 -36.66 10.70 29.24
C GLU B 619 -36.28 9.39 28.57
N VAL B 620 -36.65 8.25 29.15
CA VAL B 620 -36.45 6.95 28.51
C VAL B 620 -37.43 6.68 27.36
N PRO B 621 -38.72 7.17 27.37
CA PRO B 621 -39.68 6.68 26.37
C PRO B 621 -39.23 6.81 24.91
N VAL B 622 -38.24 7.68 24.65
CA VAL B 622 -37.75 7.83 23.28
C VAL B 622 -37.10 6.55 22.80
N ALA B 623 -36.25 5.95 23.62
CA ALA B 623 -35.57 4.71 23.25
C ALA B 623 -35.25 3.86 24.47
N THR B 630 -42.66 -7.14 19.16
CA THR B 630 -42.53 -5.73 18.81
C THR B 630 -43.33 -4.79 19.73
N PRO B 631 -44.64 -5.05 19.92
CA PRO B 631 -45.39 -4.18 20.84
C PRO B 631 -44.87 -4.22 22.27
N THR B 632 -44.40 -5.38 22.73
CA THR B 632 -43.85 -5.47 24.09
C THR B 632 -42.54 -4.70 24.20
N TRP B 633 -41.70 -4.75 23.16
CA TRP B 633 -40.51 -3.93 23.16
C TRP B 633 -40.86 -2.45 23.12
N ARG B 634 -41.95 -2.10 22.45
CA ARG B 634 -42.43 -0.71 22.50
C ARG B 634 -42.83 -0.33 23.92
N VAL B 635 -43.52 -1.24 24.62
CA VAL B 635 -43.92 -0.96 26.00
C VAL B 635 -42.68 -0.77 26.87
N TYR B 636 -41.68 -1.63 26.71
CA TYR B 636 -40.46 -1.52 27.51
C TYR B 636 -39.66 -0.28 27.15
N SER B 637 -39.74 0.17 25.90
CA SER B 637 -39.06 1.38 25.46
C SER B 637 -39.88 2.64 25.72
N THR B 638 -41.11 2.50 26.22
CA THR B 638 -41.92 3.64 26.60
C THR B 638 -42.34 3.63 28.06
N GLY B 639 -42.53 2.46 28.67
CA GLY B 639 -42.82 2.40 30.09
C GLY B 639 -44.07 1.64 30.48
N SER B 640 -45.04 2.36 31.03
CA SER B 640 -46.30 1.92 31.64
C SER B 640 -46.09 1.32 33.03
N ASN B 641 -44.85 1.09 33.46
CA ASN B 641 -44.52 0.80 34.86
C ASN B 641 -43.04 1.03 35.06
N VAL B 642 -42.67 2.04 35.85
CA VAL B 642 -41.29 2.46 35.98
C VAL B 642 -40.99 2.79 37.44
N PHE B 643 -39.84 2.32 37.91
CA PHE B 643 -39.33 2.66 39.23
C PHE B 643 -37.94 3.23 39.08
N GLN B 644 -37.68 4.35 39.77
CA GLN B 644 -36.45 5.10 39.61
C GLN B 644 -35.47 4.74 40.72
N THR B 645 -34.24 4.40 40.34
CA THR B 645 -33.23 3.97 41.30
C THR B 645 -31.92 4.72 41.05
N ARG B 646 -31.01 4.61 42.03
CA ARG B 646 -29.70 5.24 41.91
C ARG B 646 -28.88 4.64 40.79
N ALA B 647 -29.24 3.46 40.30
CA ALA B 647 -28.57 2.82 39.17
C ALA B 647 -29.35 2.99 37.87
N GLY B 648 -30.08 4.08 37.74
CA GLY B 648 -30.93 4.31 36.59
C GLY B 648 -32.32 3.76 36.79
N CYS B 649 -33.18 4.03 35.80
CA CYS B 649 -34.56 3.57 35.87
C CYS B 649 -34.64 2.12 35.41
N LEU B 650 -35.41 1.33 36.15
CA LEU B 650 -35.67 -0.06 35.79
C LEU B 650 -37.17 -0.22 35.55
N ILE B 651 -37.52 -0.87 34.46
CA ILE B 651 -38.89 -0.93 33.96
C ILE B 651 -39.42 -2.34 34.13
N GLY B 652 -40.66 -2.44 34.62
CA GLY B 652 -41.32 -3.71 34.75
C GLY B 652 -41.09 -4.45 36.05
N ALA B 653 -40.51 -3.80 37.04
CA ALA B 653 -40.28 -4.40 38.35
C ALA B 653 -41.02 -3.60 39.40
N GLU B 654 -41.86 -4.29 40.18
CA GLU B 654 -42.59 -3.62 41.25
C GLU B 654 -41.63 -3.23 42.37
N HIS B 655 -41.99 -2.15 43.08
CA HIS B 655 -41.21 -1.72 44.23
C HIS B 655 -41.80 -2.32 45.51
N VAL B 656 -40.94 -2.45 46.51
CA VAL B 656 -41.30 -3.07 47.79
C VAL B 656 -40.72 -2.24 48.92
N ASN B 657 -41.48 -2.12 50.01
CA ASN B 657 -41.03 -1.39 51.19
C ASN B 657 -40.37 -2.28 52.23
N ASN B 658 -40.79 -3.54 52.35
CA ASN B 658 -40.04 -4.48 53.17
C ASN B 658 -38.82 -4.98 52.40
N SER B 659 -37.95 -5.72 53.09
CA SER B 659 -36.67 -6.09 52.51
C SER B 659 -36.41 -7.58 52.69
N TYR B 660 -35.59 -8.13 51.79
CA TYR B 660 -35.21 -9.53 51.84
C TYR B 660 -33.69 -9.68 51.73
N GLU B 661 -33.25 -10.93 51.55
CA GLU B 661 -31.85 -11.22 51.25
C GLU B 661 -31.57 -10.95 49.78
N CYS B 662 -30.32 -10.62 49.48
CA CYS B 662 -29.90 -10.35 48.12
C CYS B 662 -30.23 -11.52 47.19
N ASP B 663 -30.32 -11.22 45.90
CA ASP B 663 -30.60 -12.24 44.88
C ASP B 663 -29.99 -11.82 43.56
N ILE B 664 -30.81 -11.30 42.65
CA ILE B 664 -30.31 -10.71 41.42
C ILE B 664 -29.77 -9.33 41.76
N PRO B 665 -28.47 -9.09 41.60
CA PRO B 665 -27.90 -7.83 42.08
C PRO B 665 -28.09 -6.69 41.09
N ILE B 666 -28.40 -5.52 41.65
CA ILE B 666 -28.45 -4.27 40.91
C ILE B 666 -27.56 -3.29 41.66
N GLY B 667 -27.16 -2.22 40.97
CA GLY B 667 -26.29 -1.24 41.60
C GLY B 667 -26.95 -0.54 42.76
N ALA B 668 -26.13 -0.16 43.74
CA ALA B 668 -26.53 0.72 44.84
C ALA B 668 -27.67 0.13 45.67
N GLY B 669 -27.39 -1.02 46.28
CA GLY B 669 -28.27 -1.56 47.30
C GLY B 669 -29.67 -1.89 46.83
N ILE B 670 -29.80 -2.42 45.61
CA ILE B 670 -31.07 -2.88 45.08
C ILE B 670 -30.88 -4.28 44.54
N CYS B 671 -31.73 -5.20 44.94
CA CYS B 671 -31.64 -6.59 44.50
C CYS B 671 -33.02 -7.06 44.07
N ALA B 672 -33.13 -7.49 42.81
CA ALA B 672 -34.40 -7.90 42.23
C ALA B 672 -34.62 -9.39 42.45
N SER B 673 -35.89 -9.79 42.47
CA SER B 673 -36.23 -11.18 42.74
C SER B 673 -37.58 -11.50 42.13
N TYR B 674 -37.87 -12.79 42.01
CA TYR B 674 -39.18 -13.27 41.62
C TYR B 674 -39.95 -13.68 42.87
N GLN B 675 -41.09 -13.04 43.10
CA GLN B 675 -41.90 -13.30 44.27
C GLN B 675 -42.49 -14.71 44.22
N GLN B 690 -46.75 -12.97 41.86
CA GLN B 690 -46.11 -13.70 40.77
C GLN B 690 -45.53 -12.74 39.74
N SER B 691 -44.81 -11.72 40.22
CA SER B 691 -44.18 -10.75 39.34
C SER B 691 -42.87 -10.30 39.96
N ILE B 692 -42.01 -9.73 39.11
CA ILE B 692 -40.67 -9.36 39.55
C ILE B 692 -40.73 -8.16 40.49
N ILE B 693 -40.04 -8.27 41.63
CA ILE B 693 -39.93 -7.16 42.57
C ILE B 693 -38.46 -6.80 42.72
N ALA B 694 -38.21 -5.52 42.97
CA ALA B 694 -36.87 -5.00 43.22
C ALA B 694 -36.89 -4.23 44.53
N TYR B 695 -36.17 -4.73 45.52
CA TYR B 695 -36.25 -4.25 46.88
C TYR B 695 -34.88 -3.80 47.36
N THR B 696 -34.88 -2.89 48.33
CA THR B 696 -33.61 -2.48 48.94
C THR B 696 -33.04 -3.62 49.75
N MET B 697 -31.78 -3.96 49.50
CA MET B 697 -31.18 -5.15 50.07
C MET B 697 -31.03 -5.02 51.58
N SER B 698 -31.11 -6.17 52.27
CA SER B 698 -30.84 -6.25 53.69
C SER B 698 -29.76 -7.28 53.95
N LEU B 699 -29.00 -7.06 55.01
CA LEU B 699 -27.80 -7.85 55.26
C LEU B 699 -28.11 -9.17 55.94
N GLY B 700 -29.05 -9.18 56.87
CA GLY B 700 -29.39 -10.39 57.59
C GLY B 700 -30.12 -10.07 58.88
N ALA B 701 -30.43 -11.12 59.62
CA ALA B 701 -31.11 -10.96 60.90
C ALA B 701 -30.21 -10.26 61.90
N GLU B 702 -30.83 -9.53 62.82
CA GLU B 702 -30.11 -8.80 63.87
C GLU B 702 -30.15 -9.59 65.17
N ASN B 703 -28.99 -9.71 65.81
CA ASN B 703 -28.86 -10.43 67.07
C ASN B 703 -28.39 -9.47 68.14
N SER B 704 -29.30 -9.11 69.06
CA SER B 704 -28.94 -8.34 70.24
C SER B 704 -28.37 -9.30 71.29
N VAL B 705 -27.11 -9.69 71.07
CA VAL B 705 -26.48 -10.65 71.94
C VAL B 705 -26.46 -10.13 73.36
N ALA B 706 -26.85 -10.97 74.32
CA ALA B 706 -27.13 -10.53 75.68
C ALA B 706 -25.83 -10.36 76.47
N TYR B 707 -25.11 -9.30 76.12
CA TYR B 707 -23.92 -8.93 76.87
C TYR B 707 -24.31 -8.34 78.22
N SER B 708 -23.71 -8.86 79.28
CA SER B 708 -23.76 -8.23 80.59
C SER B 708 -22.49 -8.60 81.32
N ASN B 709 -22.01 -7.71 82.18
CA ASN B 709 -20.63 -7.85 82.62
C ASN B 709 -20.39 -9.05 83.55
N ASN B 710 -21.33 -9.96 83.80
CA ASN B 710 -21.03 -11.17 84.55
C ASN B 710 -21.74 -12.39 83.98
N SER B 711 -22.01 -12.40 82.68
CA SER B 711 -22.67 -13.53 82.03
C SER B 711 -21.79 -14.05 80.91
N ILE B 712 -21.57 -15.37 80.92
CA ILE B 712 -20.82 -16.06 79.87
C ILE B 712 -21.64 -17.23 79.38
N ALA B 713 -21.61 -17.48 78.09
CA ALA B 713 -22.31 -18.60 77.48
C ALA B 713 -21.30 -19.64 77.05
N ILE B 714 -21.51 -20.88 77.46
CA ILE B 714 -20.58 -21.97 77.15
C ILE B 714 -21.34 -23.04 76.36
N PRO B 715 -20.76 -23.58 75.29
CA PRO B 715 -21.42 -24.68 74.58
C PRO B 715 -21.42 -25.93 75.44
N THR B 716 -22.47 -26.74 75.26
CA THR B 716 -22.54 -28.03 75.93
C THR B 716 -22.65 -29.19 74.95
N ASN B 717 -22.44 -28.94 73.66
CA ASN B 717 -22.57 -29.98 72.63
C ASN B 717 -21.97 -29.44 71.35
N PHE B 718 -21.58 -30.36 70.47
CA PHE B 718 -20.86 -30.00 69.26
C PHE B 718 -21.47 -30.70 68.05
N THR B 719 -21.28 -30.09 66.87
CA THR B 719 -21.66 -30.70 65.60
C THR B 719 -20.48 -30.58 64.66
N ILE B 720 -19.93 -31.71 64.24
CA ILE B 720 -18.87 -31.71 63.24
C ILE B 720 -19.50 -31.46 61.87
N SER B 721 -18.94 -30.50 61.14
CA SER B 721 -19.47 -30.14 59.83
C SER B 721 -18.32 -30.07 58.84
N VAL B 722 -18.49 -30.72 57.69
CA VAL B 722 -17.47 -30.74 56.65
C VAL B 722 -17.94 -29.88 55.49
N THR B 723 -17.08 -28.97 55.05
CA THR B 723 -17.42 -28.00 54.01
C THR B 723 -16.44 -28.12 52.86
N THR B 724 -16.97 -28.18 51.64
CA THR B 724 -16.11 -28.24 50.47
C THR B 724 -15.43 -26.90 50.24
N GLU B 725 -14.29 -26.95 49.57
CA GLU B 725 -13.65 -25.76 49.03
C GLU B 725 -13.00 -26.12 47.71
N ILE B 726 -13.31 -25.37 46.67
CA ILE B 726 -12.87 -25.66 45.32
C ILE B 726 -11.81 -24.66 44.92
N LEU B 727 -10.73 -25.14 44.29
CA LEU B 727 -9.65 -24.29 43.88
C LEU B 727 -9.12 -24.78 42.53
N PRO B 728 -8.99 -23.90 41.55
CA PRO B 728 -8.34 -24.28 40.30
C PRO B 728 -6.83 -24.27 40.46
N VAL B 729 -6.16 -25.18 39.74
CA VAL B 729 -4.72 -25.29 39.86
C VAL B 729 -4.03 -25.24 38.51
N SER B 730 -4.77 -25.48 37.43
CA SER B 730 -4.14 -25.51 36.11
C SER B 730 -5.17 -25.27 35.03
N MET B 731 -4.69 -24.86 33.87
CA MET B 731 -5.52 -24.72 32.68
C MET B 731 -4.83 -25.41 31.51
N THR B 732 -5.61 -25.68 30.46
CA THR B 732 -5.12 -26.46 29.34
C THR B 732 -3.90 -25.81 28.72
N LYS B 733 -2.86 -26.61 28.50
CA LYS B 733 -1.59 -26.14 27.96
C LYS B 733 -1.75 -25.96 26.46
N THR B 734 -2.02 -24.73 26.03
CA THR B 734 -2.19 -24.44 24.63
C THR B 734 -0.89 -23.91 24.03
N SER B 735 -0.79 -24.01 22.71
CA SER B 735 0.34 -23.47 21.97
C SER B 735 -0.12 -23.19 20.55
N VAL B 736 0.46 -22.16 19.94
CA VAL B 736 0.07 -21.77 18.58
C VAL B 736 1.33 -21.60 17.74
N ASP B 737 1.27 -22.08 16.50
CA ASP B 737 2.34 -21.89 15.53
C ASP B 737 2.17 -20.53 14.90
N CYS B 738 2.85 -19.52 15.47
CA CYS B 738 2.60 -18.14 15.10
C CYS B 738 2.73 -17.93 13.59
N THR B 739 3.84 -18.39 13.01
CA THR B 739 4.04 -18.21 11.57
C THR B 739 2.99 -18.95 10.77
N MET B 740 2.82 -20.25 11.06
CA MET B 740 1.85 -21.03 10.30
C MET B 740 0.43 -20.51 10.53
N TYR B 741 0.12 -20.11 11.76
CA TYR B 741 -1.22 -19.60 12.03
C TYR B 741 -1.48 -18.34 11.22
N ILE B 742 -0.57 -17.37 11.29
CA ILE B 742 -0.82 -16.07 10.66
C ILE B 742 -0.85 -16.22 9.15
N CYS B 743 0.16 -16.87 8.57
CA CYS B 743 0.29 -16.92 7.12
C CYS B 743 -0.54 -18.02 6.48
N GLY B 744 -0.94 -19.03 7.24
CA GLY B 744 -1.83 -20.05 6.72
C GLY B 744 -1.31 -20.84 5.54
N ASP B 745 -0.08 -21.35 5.64
CA ASP B 745 0.62 -22.19 4.67
C ASP B 745 1.13 -21.37 3.48
N SER B 746 0.72 -20.12 3.31
CA SER B 746 1.22 -19.38 2.16
C SER B 746 2.70 -19.07 2.32
N THR B 747 3.53 -19.58 1.39
CA THR B 747 4.98 -19.42 1.53
C THR B 747 5.40 -17.97 1.35
N GLU B 748 4.84 -17.27 0.37
CA GLU B 748 5.21 -15.88 0.13
C GLU B 748 4.80 -15.00 1.30
N CYS B 749 3.63 -15.26 1.88
CA CYS B 749 3.21 -14.54 3.07
C CYS B 749 4.16 -14.80 4.23
N SER B 750 4.60 -16.05 4.38
CA SER B 750 5.59 -16.36 5.42
C SER B 750 6.88 -15.59 5.20
N ASN B 751 7.31 -15.49 3.93
CA ASN B 751 8.51 -14.70 3.63
C ASN B 751 8.31 -13.24 3.99
N LEU B 752 7.14 -12.68 3.67
CA LEU B 752 6.87 -11.28 4.00
C LEU B 752 6.82 -11.07 5.51
N LEU B 753 6.15 -11.98 6.24
CA LEU B 753 6.02 -11.81 7.68
C LEU B 753 7.37 -11.85 8.38
N LEU B 754 8.34 -12.58 7.83
CA LEU B 754 9.65 -12.69 8.45
C LEU B 754 10.31 -11.34 8.66
N GLN B 755 9.94 -10.34 7.85
CA GLN B 755 10.52 -9.02 8.01
C GLN B 755 10.20 -8.40 9.37
N TYR B 756 9.14 -8.86 10.04
CA TYR B 756 8.76 -8.28 11.32
C TYR B 756 9.73 -8.62 12.45
N GLY B 757 10.46 -9.72 12.33
CA GLY B 757 11.48 -10.04 13.31
C GLY B 757 11.00 -11.05 14.34
N SER B 758 11.15 -10.70 15.62
CA SER B 758 11.01 -11.65 16.71
C SER B 758 9.61 -11.72 17.31
N PHE B 759 8.63 -11.03 16.72
CA PHE B 759 7.26 -11.10 17.22
C PHE B 759 6.80 -12.56 17.31
N CYS B 760 6.96 -13.30 16.22
CA CYS B 760 6.49 -14.67 16.13
C CYS B 760 7.30 -15.61 17.01
N THR B 761 8.53 -15.23 17.38
CA THR B 761 9.28 -16.03 18.33
C THR B 761 8.90 -15.66 19.77
N GLN B 762 8.69 -14.37 20.03
CA GLN B 762 8.36 -13.93 21.38
C GLN B 762 7.00 -14.49 21.82
N LEU B 763 6.02 -14.48 20.92
CA LEU B 763 4.70 -15.01 21.29
C LEU B 763 4.77 -16.49 21.62
N ASN B 764 5.46 -17.26 20.77
CA ASN B 764 5.62 -18.69 21.02
C ASN B 764 6.34 -18.93 22.34
N ARG B 765 7.37 -18.12 22.61
CA ARG B 765 8.11 -18.29 23.86
C ARG B 765 7.24 -18.01 25.07
N ALA B 766 6.42 -16.96 25.02
CA ALA B 766 5.54 -16.67 26.14
C ALA B 766 4.52 -17.78 26.35
N LEU B 767 3.97 -18.30 25.25
CA LEU B 767 3.00 -19.40 25.37
C LEU B 767 3.64 -20.64 25.95
N THR B 768 4.87 -20.96 25.53
CA THR B 768 5.59 -22.07 26.12
C THR B 768 5.86 -21.83 27.60
N GLY B 769 6.22 -20.59 27.96
CA GLY B 769 6.51 -20.29 29.35
C GLY B 769 5.32 -20.51 30.26
N ILE B 770 4.14 -20.06 29.83
CA ILE B 770 2.97 -20.34 30.66
C ILE B 770 2.57 -21.80 30.55
N ALA B 771 2.93 -22.47 29.46
CA ALA B 771 2.59 -23.89 29.32
C ALA B 771 3.34 -24.74 30.34
N VAL B 772 4.62 -24.44 30.55
CA VAL B 772 5.41 -25.21 31.51
C VAL B 772 4.90 -24.96 32.93
N GLU B 773 4.51 -23.72 33.23
CA GLU B 773 4.08 -23.37 34.57
C GLU B 773 2.90 -24.22 35.03
N GLN B 774 2.06 -24.68 34.10
CA GLN B 774 0.91 -25.49 34.47
C GLN B 774 1.34 -26.83 35.07
N ASP B 775 2.37 -27.46 34.49
CA ASP B 775 2.93 -28.65 35.11
C ASP B 775 3.51 -28.32 36.48
N LYS B 776 4.15 -27.16 36.59
CA LYS B 776 4.71 -26.73 37.87
C LYS B 776 3.63 -26.61 38.94
N ASN B 777 2.47 -26.09 38.57
CA ASN B 777 1.40 -25.90 39.54
C ASN B 777 0.92 -27.24 40.11
N THR B 778 0.67 -28.20 39.22
CA THR B 778 0.21 -29.51 39.69
C THR B 778 1.28 -30.19 40.53
N GLN B 779 2.55 -30.13 40.09
CA GLN B 779 3.61 -30.75 40.88
C GLN B 779 3.76 -30.08 42.23
N GLU B 780 3.49 -28.79 42.32
CA GLU B 780 3.60 -28.09 43.60
C GLU B 780 2.43 -28.39 44.51
N VAL B 781 1.22 -28.55 43.97
CA VAL B 781 0.05 -28.75 44.81
C VAL B 781 -0.04 -30.19 45.29
N PHE B 782 0.17 -31.15 44.39
CA PHE B 782 -0.10 -32.54 44.75
C PHE B 782 1.12 -33.27 45.30
N ALA B 783 2.29 -33.10 44.68
CA ALA B 783 3.48 -33.85 45.06
C ALA B 783 4.12 -33.27 46.33
N GLN B 784 3.38 -33.37 47.43
CA GLN B 784 3.86 -32.95 48.73
C GLN B 784 4.47 -34.10 49.53
N VAL B 785 4.44 -35.32 49.00
CA VAL B 785 4.83 -36.51 49.75
C VAL B 785 5.89 -37.27 48.98
N LYS B 786 6.90 -37.74 49.69
CA LYS B 786 8.00 -38.43 49.05
C LYS B 786 7.67 -39.89 48.71
N GLN B 787 6.65 -40.47 49.34
CA GLN B 787 6.27 -41.86 49.11
C GLN B 787 4.78 -41.96 48.88
N ILE B 788 4.36 -43.06 48.28
CA ILE B 788 2.96 -43.32 47.98
C ILE B 788 2.45 -44.27 49.05
N TYR B 789 1.80 -43.72 50.07
CA TYR B 789 1.28 -44.53 51.15
C TYR B 789 0.07 -45.33 50.67
N LYS B 790 -0.25 -46.38 51.43
CA LYS B 790 -1.36 -47.26 51.10
C LYS B 790 -2.11 -47.60 52.38
N THR B 791 -3.42 -47.38 52.38
CA THR B 791 -4.21 -47.64 53.57
C THR B 791 -4.22 -49.15 53.87
N PRO B 792 -4.29 -49.52 55.15
CA PRO B 792 -4.23 -50.93 55.52
C PRO B 792 -5.42 -51.70 54.96
N PRO B 793 -5.29 -53.02 54.82
CA PRO B 793 -6.45 -53.81 54.36
C PRO B 793 -7.51 -53.97 55.45
N ILE B 794 -7.11 -54.26 56.69
CA ILE B 794 -8.07 -54.44 57.77
C ILE B 794 -8.54 -53.08 58.25
N LYS B 795 -9.69 -52.65 57.77
CA LYS B 795 -10.20 -51.30 58.00
C LYS B 795 -10.95 -51.27 59.33
N ASP B 796 -10.32 -50.70 60.35
CA ASP B 796 -10.89 -50.64 61.69
C ASP B 796 -10.70 -49.26 62.30
N PHE B 797 -11.08 -48.23 61.55
CA PHE B 797 -10.86 -46.85 62.01
C PHE B 797 -11.86 -46.45 63.08
N GLY B 798 -11.86 -47.17 64.19
CA GLY B 798 -12.60 -46.80 65.39
C GLY B 798 -14.05 -46.39 65.21
N GLY B 799 -14.68 -46.84 64.12
CA GLY B 799 -16.05 -46.48 63.82
C GLY B 799 -16.20 -45.42 62.75
N PHE B 800 -15.15 -44.64 62.50
CA PHE B 800 -15.18 -43.71 61.37
C PHE B 800 -15.16 -44.50 60.07
N ASN B 801 -15.95 -44.07 59.11
CA ASN B 801 -16.16 -44.81 57.86
C ASN B 801 -15.76 -43.91 56.70
N PHE B 802 -14.54 -44.11 56.20
CA PHE B 802 -13.99 -43.32 55.11
C PHE B 802 -14.32 -43.88 53.73
N SER B 803 -15.36 -44.69 53.62
CA SER B 803 -15.64 -45.36 52.36
C SER B 803 -15.90 -44.34 51.24
N GLN B 804 -16.55 -43.24 51.57
CA GLN B 804 -16.90 -42.25 50.55
C GLN B 804 -15.70 -41.41 50.10
N ILE B 805 -14.55 -41.53 50.76
CA ILE B 805 -13.41 -40.67 50.48
C ILE B 805 -12.21 -41.44 49.94
N LEU B 806 -11.98 -42.66 50.43
CA LEU B 806 -10.85 -43.46 49.98
C LEU B 806 -11.11 -43.98 48.57
N PRO B 807 -10.05 -44.39 47.86
CA PRO B 807 -10.26 -44.92 46.50
C PRO B 807 -11.13 -46.16 46.48
N ASP B 808 -11.86 -46.32 45.38
CA ASP B 808 -12.78 -47.43 45.19
C ASP B 808 -12.14 -48.48 44.29
N PRO B 809 -11.85 -49.68 44.78
CA PRO B 809 -11.27 -50.70 43.89
C PRO B 809 -12.16 -51.12 42.74
N SER B 810 -13.49 -51.01 42.92
CA SER B 810 -14.41 -51.55 41.93
C SER B 810 -14.31 -50.85 40.58
N LYS B 811 -14.08 -49.54 40.58
CA LYS B 811 -14.04 -48.81 39.32
C LYS B 811 -12.77 -49.14 38.54
N PRO B 812 -12.81 -49.05 37.21
CA PRO B 812 -11.58 -49.30 36.44
C PRO B 812 -10.45 -48.37 36.81
N SER B 813 -10.75 -47.11 37.11
CA SER B 813 -9.77 -46.18 37.63
C SER B 813 -9.79 -46.21 39.15
N LYS B 814 -8.69 -45.73 39.74
CA LYS B 814 -8.57 -45.70 41.20
C LYS B 814 -9.28 -44.51 41.83
N ARG B 815 -10.13 -43.82 41.09
CA ARG B 815 -10.80 -42.64 41.63
C ARG B 815 -11.77 -43.03 42.73
N SER B 816 -11.89 -42.15 43.72
CA SER B 816 -12.81 -42.34 44.82
C SER B 816 -14.21 -41.87 44.44
N PRO B 817 -15.24 -42.32 45.17
CA PRO B 817 -16.61 -41.95 44.77
C PRO B 817 -16.87 -40.46 44.62
N ILE B 818 -16.42 -39.63 45.57
CA ILE B 818 -16.59 -38.19 45.42
C ILE B 818 -15.73 -37.68 44.26
N GLU B 819 -14.55 -38.26 44.09
CA GLU B 819 -13.73 -37.92 42.93
C GLU B 819 -14.43 -38.28 41.63
N ASP B 820 -15.09 -39.44 41.59
CA ASP B 820 -15.83 -39.84 40.41
C ASP B 820 -16.98 -38.86 40.13
N LEU B 821 -17.69 -38.45 41.17
CA LEU B 821 -18.77 -37.50 40.99
C LEU B 821 -18.24 -36.17 40.46
N LEU B 822 -17.10 -35.72 40.99
CA LEU B 822 -16.49 -34.49 40.49
C LEU B 822 -16.08 -34.62 39.03
N PHE B 823 -15.47 -35.75 38.67
CA PHE B 823 -15.09 -35.96 37.27
C PHE B 823 -16.30 -35.96 36.36
N ASN B 824 -17.42 -36.51 36.83
CA ASN B 824 -18.63 -36.48 36.01
C ASN B 824 -19.22 -35.08 35.91
N LYS B 825 -19.09 -34.27 36.97
CA LYS B 825 -19.77 -32.97 37.01
C LYS B 825 -19.09 -31.90 36.17
N VAL B 826 -17.92 -32.17 35.61
CA VAL B 826 -17.21 -31.19 34.79
C VAL B 826 -17.10 -31.76 33.37
N THR B 827 -17.56 -30.98 32.39
CA THR B 827 -17.60 -31.42 31.00
C THR B 827 -17.13 -30.31 30.09
N LEU B 828 -16.63 -30.69 28.92
CA LEU B 828 -16.18 -29.75 27.91
C LEU B 828 -17.35 -28.96 27.34
N ALA B 852 -11.46 -27.04 21.99
CA ALA B 852 -10.15 -27.59 22.33
C ALA B 852 -9.78 -28.72 21.37
N GLN B 853 -10.47 -28.79 20.24
CA GLN B 853 -10.21 -29.81 19.24
C GLN B 853 -9.05 -29.37 18.34
N LYS B 854 -8.85 -30.13 17.25
CA LYS B 854 -7.81 -29.80 16.29
C LYS B 854 -8.25 -28.62 15.43
N PHE B 855 -7.37 -27.63 15.30
CA PHE B 855 -7.65 -26.42 14.54
C PHE B 855 -6.44 -26.13 13.67
N ASN B 856 -6.39 -24.93 13.10
CA ASN B 856 -5.27 -24.49 12.30
C ASN B 856 -4.26 -23.80 13.21
N GLY B 857 -3.08 -24.42 13.38
CA GLY B 857 -2.00 -23.83 14.11
C GLY B 857 -2.00 -24.15 15.58
N LEU B 858 -3.18 -24.25 16.18
CA LEU B 858 -3.30 -24.44 17.61
C LEU B 858 -3.02 -25.88 17.96
N THR B 859 -2.52 -26.09 19.18
CA THR B 859 -2.30 -27.43 19.69
C THR B 859 -2.37 -27.37 21.20
N VAL B 860 -2.81 -28.48 21.80
CA VAL B 860 -2.96 -28.57 23.25
C VAL B 860 -2.08 -29.73 23.73
N LEU B 861 -0.97 -29.38 24.37
CA LEU B 861 -0.11 -30.40 24.94
C LEU B 861 -0.84 -31.12 26.07
N PRO B 862 -0.61 -32.43 26.22
CA PRO B 862 -1.21 -33.14 27.36
C PRO B 862 -0.52 -32.72 28.65
N PRO B 863 -1.22 -32.79 29.77
CA PRO B 863 -0.58 -32.47 31.06
C PRO B 863 0.54 -33.45 31.37
N LEU B 864 1.52 -32.98 32.14
CA LEU B 864 2.63 -33.85 32.51
C LEU B 864 2.18 -34.98 33.41
N LEU B 865 1.16 -34.76 34.23
CA LEU B 865 0.62 -35.78 35.12
C LEU B 865 -0.80 -36.09 34.67
N THR B 866 -1.06 -37.36 34.33
CA THR B 866 -2.38 -37.76 33.90
C THR B 866 -3.31 -37.85 35.11
N ASP B 867 -4.61 -37.97 34.83
CA ASP B 867 -5.61 -38.01 35.91
C ASP B 867 -5.35 -39.18 36.84
N GLU B 868 -4.92 -40.32 36.30
CA GLU B 868 -4.64 -41.48 37.14
C GLU B 868 -3.52 -41.17 38.14
N MET B 869 -2.46 -40.51 37.69
CA MET B 869 -1.35 -40.22 38.59
C MET B 869 -1.75 -39.23 39.68
N ILE B 870 -2.55 -38.23 39.33
CA ILE B 870 -2.99 -37.26 40.33
C ILE B 870 -3.91 -37.93 41.34
N ALA B 871 -4.80 -38.82 40.88
CA ALA B 871 -5.63 -39.57 41.81
C ALA B 871 -4.78 -40.44 42.71
N GLN B 872 -3.70 -41.01 42.18
CA GLN B 872 -2.78 -41.80 42.99
C GLN B 872 -2.11 -40.95 44.06
N TYR B 873 -1.67 -39.76 43.69
CA TYR B 873 -1.05 -38.85 44.66
C TYR B 873 -2.03 -38.47 45.76
N THR B 874 -3.27 -38.17 45.38
CA THR B 874 -4.28 -37.81 46.36
C THR B 874 -4.61 -38.99 47.28
N SER B 875 -4.64 -40.21 46.74
CA SER B 875 -4.81 -41.38 47.58
C SER B 875 -3.66 -41.53 48.56
N ALA B 876 -2.44 -41.24 48.09
CA ALA B 876 -1.29 -41.30 48.99
C ALA B 876 -1.45 -40.31 50.14
N LEU B 877 -1.79 -39.07 49.82
CA LEU B 877 -1.98 -38.06 50.88
C LEU B 877 -3.09 -38.46 51.82
N LEU B 878 -4.17 -39.01 51.29
CA LEU B 878 -5.31 -39.38 52.11
C LEU B 878 -4.96 -40.52 53.07
N ALA B 879 -4.26 -41.55 52.57
CA ALA B 879 -3.83 -42.62 53.45
C ALA B 879 -2.86 -42.11 54.50
N GLY B 880 -1.98 -41.18 54.11
CA GLY B 880 -1.05 -40.62 55.08
C GLY B 880 -1.75 -39.87 56.20
N THR B 881 -2.73 -39.03 55.86
CA THR B 881 -3.43 -38.29 56.90
C THR B 881 -4.44 -39.15 57.66
N ILE B 882 -4.82 -40.31 57.13
CA ILE B 882 -5.69 -41.21 57.87
C ILE B 882 -4.89 -42.00 58.91
N THR B 883 -3.88 -42.74 58.46
CA THR B 883 -3.16 -43.62 59.38
C THR B 883 -2.17 -42.88 60.27
N SER B 884 -1.52 -41.84 59.76
CA SER B 884 -0.38 -41.24 60.46
C SER B 884 -0.63 -39.83 60.97
N GLY B 885 -1.85 -39.31 60.88
CA GLY B 885 -2.10 -37.99 61.41
C GLY B 885 -1.37 -36.92 60.62
N TRP B 886 -0.49 -36.19 61.30
CA TRP B 886 0.25 -35.11 60.67
C TRP B 886 1.74 -35.35 60.59
N THR B 887 2.25 -36.41 61.23
CA THR B 887 3.69 -36.61 61.28
C THR B 887 4.28 -36.81 59.90
N PHE B 888 3.59 -37.59 59.05
CA PHE B 888 4.14 -37.95 57.76
C PHE B 888 4.42 -36.75 56.88
N GLY B 889 3.78 -35.62 57.14
CA GLY B 889 4.09 -34.42 56.38
C GLY B 889 5.33 -33.69 56.82
N ALA B 890 5.97 -34.13 57.90
CA ALA B 890 7.15 -33.45 58.42
C ALA B 890 8.21 -34.44 58.89
N GLY B 891 8.32 -35.60 58.25
CA GLY B 891 9.28 -36.59 58.63
C GLY B 891 8.86 -37.98 58.21
N PRO B 892 9.42 -39.00 58.86
CA PRO B 892 8.98 -40.37 58.60
C PRO B 892 7.62 -40.62 59.23
N ALA B 893 6.75 -41.31 58.48
CA ALA B 893 5.38 -41.53 58.92
C ALA B 893 5.34 -42.40 60.16
N LEU B 894 4.58 -41.95 61.17
CA LEU B 894 4.36 -42.71 62.39
C LEU B 894 2.88 -43.07 62.46
N GLN B 895 2.59 -44.36 62.52
CA GLN B 895 1.21 -44.79 62.66
C GLN B 895 0.68 -44.40 64.04
N ILE B 896 -0.62 -44.15 64.10
CA ILE B 896 -1.28 -43.82 65.35
C ILE B 896 -2.74 -44.19 65.18
N PRO B 897 -3.36 -44.85 66.14
CA PRO B 897 -4.76 -45.26 65.95
C PRO B 897 -5.64 -44.04 65.71
N PHE B 898 -6.52 -44.14 64.73
CA PHE B 898 -7.25 -42.96 64.30
C PHE B 898 -8.10 -42.32 65.40
N PRO B 899 -8.86 -43.07 66.22
CA PRO B 899 -9.59 -42.41 67.31
C PRO B 899 -8.68 -41.61 68.22
N MET B 900 -7.49 -42.13 68.51
CA MET B 900 -6.55 -41.38 69.34
C MET B 900 -6.05 -40.14 68.60
N GLN B 901 -5.84 -40.24 67.30
CA GLN B 901 -5.41 -39.07 66.54
C GLN B 901 -6.45 -37.97 66.60
N MET B 902 -7.73 -38.33 66.42
CA MET B 902 -8.77 -37.33 66.55
C MET B 902 -8.85 -36.80 67.98
N ALA B 903 -8.62 -37.66 68.97
CA ALA B 903 -8.61 -37.21 70.35
C ALA B 903 -7.54 -36.16 70.58
N TYR B 904 -6.37 -36.33 69.96
CA TYR B 904 -5.34 -35.32 70.10
C TYR B 904 -5.66 -34.07 69.30
N ARG B 905 -6.33 -34.19 68.15
CA ARG B 905 -6.70 -33.00 67.39
C ARG B 905 -7.65 -32.13 68.20
N PHE B 906 -8.60 -32.76 68.91
CA PHE B 906 -9.45 -32.01 69.82
C PHE B 906 -8.62 -31.25 70.84
N ASN B 907 -7.60 -31.90 71.38
CA ASN B 907 -6.70 -31.24 72.34
C ASN B 907 -6.00 -30.05 71.72
N GLY B 908 -5.90 -29.99 70.39
CA GLY B 908 -5.29 -28.85 69.74
C GLY B 908 -6.16 -27.62 69.63
N ILE B 909 -7.47 -27.78 69.81
CA ILE B 909 -8.40 -26.66 69.69
C ILE B 909 -9.01 -26.30 71.04
N GLY B 910 -8.37 -26.69 72.14
CA GLY B 910 -8.83 -26.28 73.46
C GLY B 910 -9.91 -27.13 74.07
N VAL B 911 -10.23 -28.27 73.49
CA VAL B 911 -11.18 -29.22 74.06
C VAL B 911 -10.39 -30.44 74.52
N THR B 912 -10.49 -30.76 75.81
CA THR B 912 -9.66 -31.80 76.40
C THR B 912 -9.96 -33.15 75.76
N GLN B 913 -9.06 -34.10 76.00
CA GLN B 913 -9.17 -35.41 75.36
C GLN B 913 -10.47 -36.10 75.73
N ASN B 914 -10.82 -36.06 77.02
CA ASN B 914 -11.90 -36.91 77.50
C ASN B 914 -13.25 -36.56 76.90
N VAL B 915 -13.37 -35.39 76.26
CA VAL B 915 -14.61 -35.07 75.57
C VAL B 915 -14.79 -35.93 74.32
N LEU B 916 -13.69 -36.38 73.70
CA LEU B 916 -13.82 -37.23 72.52
C LEU B 916 -14.18 -38.66 72.87
N TYR B 917 -13.38 -39.30 73.72
CA TYR B 917 -13.56 -40.73 73.98
C TYR B 917 -14.93 -41.01 74.56
N GLU B 918 -15.39 -40.19 75.50
CA GLU B 918 -16.71 -40.38 76.07
C GLU B 918 -17.82 -40.08 75.07
N ASN B 919 -17.50 -39.47 73.93
CA ASN B 919 -18.48 -39.16 72.89
C ASN B 919 -18.03 -39.70 71.54
N GLN B 920 -17.35 -40.86 71.53
CA GLN B 920 -16.80 -41.37 70.28
C GLN B 920 -17.89 -41.81 69.31
N LYS B 921 -18.95 -42.45 69.83
CA LYS B 921 -20.02 -42.91 68.95
C LYS B 921 -20.73 -41.73 68.29
N LEU B 922 -21.02 -40.68 69.05
CA LEU B 922 -21.66 -39.50 68.49
C LEU B 922 -20.77 -38.82 67.47
N ILE B 923 -19.48 -38.69 67.78
CA ILE B 923 -18.55 -38.06 66.83
C ILE B 923 -18.51 -38.86 65.54
N ALA B 924 -18.41 -40.18 65.65
CA ALA B 924 -18.37 -41.01 64.46
C ALA B 924 -19.64 -40.85 63.64
N ASN B 925 -20.79 -40.89 64.28
CA ASN B 925 -22.04 -40.78 63.54
C ASN B 925 -22.17 -39.44 62.83
N GLN B 926 -21.82 -38.34 63.53
CA GLN B 926 -21.87 -37.02 62.90
C GLN B 926 -20.92 -36.93 61.71
N PHE B 927 -19.69 -37.43 61.89
CA PHE B 927 -18.70 -37.36 60.83
C PHE B 927 -19.13 -38.17 59.61
N ASN B 928 -19.64 -39.39 59.83
CA ASN B 928 -20.11 -40.21 58.74
C ASN B 928 -21.29 -39.57 58.02
N SER B 929 -22.23 -38.99 58.79
CA SER B 929 -23.38 -38.35 58.18
C SER B 929 -22.95 -37.18 57.31
N ALA B 930 -22.01 -36.36 57.79
CA ALA B 930 -21.56 -35.22 57.01
C ALA B 930 -20.83 -35.67 55.74
N ILE B 931 -19.95 -36.67 55.87
CA ILE B 931 -19.22 -37.15 54.71
C ILE B 931 -20.18 -37.71 53.67
N GLY B 932 -21.18 -38.48 54.12
CA GLY B 932 -22.18 -38.98 53.19
C GLY B 932 -23.02 -37.88 52.57
N LYS B 933 -23.26 -36.80 53.32
CA LYS B 933 -24.02 -35.68 52.79
C LYS B 933 -23.24 -34.86 51.78
N ILE B 934 -21.91 -34.93 51.80
CA ILE B 934 -21.15 -34.14 50.83
C ILE B 934 -21.48 -34.58 49.40
N GLN B 935 -21.69 -35.88 49.19
CA GLN B 935 -21.95 -36.39 47.84
C GLN B 935 -23.21 -35.78 47.25
N ASP B 936 -24.33 -35.84 47.97
CA ASP B 936 -25.55 -35.26 47.44
C ASP B 936 -25.49 -33.74 47.44
N SER B 937 -24.68 -33.15 48.33
CA SER B 937 -24.49 -31.71 48.29
C SER B 937 -23.88 -31.28 46.97
N LEU B 938 -22.82 -31.97 46.55
CA LEU B 938 -22.22 -31.67 45.25
C LEU B 938 -23.19 -31.97 44.11
N SER B 939 -23.89 -33.10 44.19
CA SER B 939 -24.81 -33.47 43.12
C SER B 939 -26.03 -32.57 43.03
N SER B 940 -26.28 -31.75 44.06
CA SER B 940 -27.53 -30.99 44.12
C SER B 940 -27.60 -29.92 43.04
N THR B 941 -26.54 -29.14 42.87
CA THR B 941 -26.61 -28.00 41.97
C THR B 941 -25.46 -28.00 40.98
N PRO B 942 -25.73 -27.66 39.71
CA PRO B 942 -24.62 -27.49 38.75
C PRO B 942 -23.68 -26.35 39.12
N SER B 943 -24.11 -25.41 39.96
CA SER B 943 -23.29 -24.27 40.34
C SER B 943 -22.22 -24.61 41.37
N ALA B 944 -22.19 -25.84 41.88
CA ALA B 944 -21.22 -26.20 42.91
C ALA B 944 -19.79 -26.09 42.39
N LEU B 945 -19.57 -26.52 41.15
CA LEU B 945 -18.24 -26.53 40.55
C LEU B 945 -18.00 -25.31 39.67
N GLY B 946 -18.51 -24.16 40.11
CA GLY B 946 -18.48 -22.98 39.25
C GLY B 946 -17.08 -22.57 38.84
N LYS B 947 -16.11 -22.71 39.74
CA LYS B 947 -14.77 -22.19 39.46
C LYS B 947 -14.09 -22.98 38.34
N LEU B 948 -14.08 -24.30 38.44
CA LEU B 948 -13.38 -25.11 37.45
C LEU B 948 -14.07 -25.02 36.08
N GLN B 949 -15.39 -25.13 36.07
CA GLN B 949 -16.12 -25.02 34.81
C GLN B 949 -15.94 -23.62 34.21
N ASP B 950 -15.89 -22.60 35.06
CA ASP B 950 -15.66 -21.24 34.56
C ASP B 950 -14.28 -21.11 33.94
N VAL B 951 -13.26 -21.75 34.55
CA VAL B 951 -11.92 -21.72 33.98
C VAL B 951 -11.93 -22.37 32.60
N VAL B 952 -12.55 -23.54 32.48
CA VAL B 952 -12.59 -24.23 31.20
C VAL B 952 -13.34 -23.41 30.17
N ASN B 953 -14.48 -22.83 30.56
CA ASN B 953 -15.27 -22.03 29.63
C ASN B 953 -14.51 -20.79 29.17
N GLN B 954 -13.80 -20.12 30.08
CA GLN B 954 -13.03 -18.94 29.69
C GLN B 954 -11.92 -19.31 28.72
N ASN B 955 -11.23 -20.43 28.97
CA ASN B 955 -10.20 -20.87 28.05
C ASN B 955 -10.79 -21.17 26.67
N ALA B 956 -11.92 -21.87 26.64
CA ALA B 956 -12.54 -22.20 25.36
C ALA B 956 -13.00 -20.95 24.64
N GLN B 957 -13.54 -19.97 25.37
CA GLN B 957 -13.99 -18.74 24.75
C GLN B 957 -12.81 -17.97 24.13
N ALA B 958 -11.69 -17.89 24.86
CA ALA B 958 -10.53 -17.21 24.30
C ALA B 958 -10.04 -17.91 23.05
N LEU B 959 -9.98 -19.25 23.09
CA LEU B 959 -9.51 -19.99 21.92
C LEU B 959 -10.44 -19.79 20.72
N ASN B 960 -11.76 -19.84 20.95
CA ASN B 960 -12.72 -19.64 19.87
C ASN B 960 -12.60 -18.24 19.29
N THR B 961 -12.46 -17.23 20.14
CA THR B 961 -12.30 -15.86 19.65
C THR B 961 -11.04 -15.74 18.81
N LEU B 962 -9.96 -16.39 19.23
CA LEU B 962 -8.75 -16.36 18.41
C LEU B 962 -8.97 -17.02 17.05
N VAL B 963 -9.66 -18.17 17.03
CA VAL B 963 -9.87 -18.85 15.76
C VAL B 963 -10.87 -18.08 14.88
N LYS B 964 -11.96 -17.60 15.48
CA LYS B 964 -12.99 -16.91 14.71
C LYS B 964 -12.48 -15.64 14.06
N GLN B 965 -11.41 -15.06 14.58
CA GLN B 965 -10.87 -13.82 14.03
C GLN B 965 -10.46 -13.95 12.58
N LEU B 966 -10.19 -15.17 12.11
CA LEU B 966 -9.73 -15.36 10.73
C LEU B 966 -10.78 -14.92 9.72
N SER B 967 -12.07 -15.05 10.07
CA SER B 967 -13.13 -14.67 9.15
C SER B 967 -13.16 -13.16 8.90
N SER B 968 -12.52 -12.37 9.74
CA SER B 968 -12.47 -10.93 9.52
C SER B 968 -11.44 -10.61 8.45
N ASN B 969 -11.35 -9.32 8.11
CA ASN B 969 -10.47 -8.89 7.02
C ASN B 969 -9.60 -7.68 7.35
N PHE B 970 -9.92 -6.90 8.39
CA PHE B 970 -9.11 -5.76 8.81
C PHE B 970 -8.88 -4.77 7.68
N GLY B 971 -9.92 -4.51 6.88
CA GLY B 971 -9.83 -3.53 5.83
C GLY B 971 -9.35 -4.04 4.49
N ALA B 972 -8.92 -5.29 4.41
CA ALA B 972 -8.50 -5.86 3.14
C ALA B 972 -9.73 -6.19 2.29
N ILE B 973 -9.49 -6.45 1.00
CA ILE B 973 -10.61 -6.73 0.12
C ILE B 973 -11.20 -8.11 0.36
N SER B 974 -10.50 -8.98 1.07
CA SER B 974 -10.99 -10.33 1.35
C SER B 974 -10.27 -10.89 2.57
N SER B 975 -10.77 -12.03 3.04
CA SER B 975 -10.20 -12.69 4.20
C SER B 975 -9.22 -13.81 3.84
N VAL B 976 -9.33 -14.38 2.64
CA VAL B 976 -8.51 -15.50 2.23
C VAL B 976 -7.34 -14.99 1.40
N LEU B 977 -6.13 -15.43 1.76
CA LEU B 977 -4.93 -14.95 1.08
C LEU B 977 -4.89 -15.34 -0.39
N ASN B 978 -5.43 -16.52 -0.72
CA ASN B 978 -5.44 -16.95 -2.11
C ASN B 978 -6.26 -16.00 -2.97
N ASP B 979 -7.37 -15.49 -2.44
CA ASP B 979 -8.13 -14.48 -3.16
C ASP B 979 -7.30 -13.22 -3.37
N ILE B 980 -6.53 -12.82 -2.34
CA ILE B 980 -5.69 -11.63 -2.46
C ILE B 980 -4.68 -11.80 -3.58
N LEU B 981 -4.04 -12.98 -3.64
CA LEU B 981 -3.06 -13.23 -4.67
C LEU B 981 -3.70 -13.39 -6.05
N SER B 982 -4.96 -13.82 -6.11
CA SER B 982 -5.63 -13.93 -7.39
C SER B 982 -6.02 -12.57 -7.94
N ARG B 983 -6.49 -11.67 -7.07
CA ARG B 983 -7.01 -10.39 -7.55
C ARG B 983 -5.90 -9.44 -7.97
N LEU B 984 -4.77 -9.44 -7.26
CA LEU B 984 -3.72 -8.45 -7.49
C LEU B 984 -2.39 -9.13 -7.75
N ASP B 985 -1.55 -8.44 -8.53
CA ASP B 985 -0.17 -8.82 -8.71
C ASP B 985 0.64 -8.49 -7.45
N PRO B 986 1.79 -9.13 -7.26
CA PRO B 986 2.51 -9.02 -5.97
C PRO B 986 2.79 -7.58 -5.56
N PRO B 987 3.23 -6.69 -6.45
CA PRO B 987 3.52 -5.32 -5.99
C PRO B 987 2.30 -4.60 -5.43
N GLU B 988 1.09 -4.99 -5.80
CA GLU B 988 -0.11 -4.40 -5.21
C GLU B 988 -0.74 -5.27 -4.13
N ALA B 989 -0.66 -6.60 -4.27
CA ALA B 989 -1.17 -7.49 -3.24
C ALA B 989 -0.34 -7.47 -1.97
N GLU B 990 0.88 -6.93 -2.04
CA GLU B 990 1.73 -6.87 -0.86
C GLU B 990 1.10 -6.02 0.23
N VAL B 991 0.46 -4.91 -0.15
CA VAL B 991 -0.16 -4.03 0.83
C VAL B 991 -1.33 -4.75 1.52
N GLN B 992 -2.15 -5.45 0.75
CA GLN B 992 -3.26 -6.20 1.34
C GLN B 992 -2.75 -7.30 2.28
N ILE B 993 -1.70 -8.00 1.87
CA ILE B 993 -1.13 -9.05 2.70
C ILE B 993 -0.58 -8.46 4.00
N ASP B 994 0.09 -7.31 3.91
CA ASP B 994 0.59 -6.63 5.09
C ASP B 994 -0.56 -6.24 6.02
N ARG B 995 -1.66 -5.75 5.44
CA ARG B 995 -2.84 -5.43 6.25
C ARG B 995 -3.32 -6.64 7.03
N LEU B 996 -3.50 -7.76 6.34
CA LEU B 996 -3.95 -8.98 7.00
C LEU B 996 -2.95 -9.43 8.06
N ILE B 997 -1.65 -9.27 7.77
CA ILE B 997 -0.62 -9.68 8.72
C ILE B 997 -0.74 -8.88 10.02
N THR B 998 -0.82 -7.56 9.89
CA THR B 998 -0.93 -6.74 11.10
C THR B 998 -2.20 -7.08 11.87
N GLY B 999 -3.31 -7.28 11.17
CA GLY B 999 -4.55 -7.60 11.87
C GLY B 999 -4.47 -8.91 12.64
N ARG B 1000 -4.02 -9.97 11.95
CA ARG B 1000 -3.94 -11.27 12.60
C ARG B 1000 -2.93 -11.27 13.75
N LEU B 1001 -1.80 -10.59 13.55
CA LEU B 1001 -0.79 -10.55 14.60
C LEU B 1001 -1.27 -9.75 15.80
N GLN B 1002 -2.05 -8.70 15.57
CA GLN B 1002 -2.64 -7.97 16.69
C GLN B 1002 -3.61 -8.84 17.46
N SER B 1003 -4.42 -9.63 16.74
CA SER B 1003 -5.33 -10.55 17.41
C SER B 1003 -4.56 -11.57 18.25
N LEU B 1004 -3.49 -12.13 17.69
CA LEU B 1004 -2.70 -13.10 18.45
C LEU B 1004 -2.06 -12.45 19.67
N GLN B 1005 -1.58 -11.21 19.52
CA GLN B 1005 -0.99 -10.52 20.66
C GLN B 1005 -2.00 -10.32 21.77
N THR B 1006 -3.23 -9.94 21.41
CA THR B 1006 -4.28 -9.79 22.42
C THR B 1006 -4.54 -11.12 23.12
N TYR B 1007 -4.63 -12.21 22.35
CA TYR B 1007 -4.87 -13.51 22.97
C TYR B 1007 -3.74 -13.89 23.93
N VAL B 1008 -2.49 -13.67 23.53
CA VAL B 1008 -1.36 -14.05 24.37
C VAL B 1008 -1.33 -13.21 25.64
N THR B 1009 -1.63 -11.92 25.54
CA THR B 1009 -1.69 -11.10 26.74
C THR B 1009 -2.79 -11.57 27.69
N GLN B 1010 -3.95 -11.91 27.14
CA GLN B 1010 -5.02 -12.45 27.98
C GLN B 1010 -4.57 -13.73 28.67
N GLN B 1011 -3.89 -14.60 27.94
CA GLN B 1011 -3.43 -15.86 28.54
C GLN B 1011 -2.40 -15.61 29.63
N LEU B 1012 -1.52 -14.61 29.44
CA LEU B 1012 -0.55 -14.30 30.49
C LEU B 1012 -1.24 -13.81 31.75
N ILE B 1013 -2.23 -12.93 31.60
CA ILE B 1013 -2.95 -12.43 32.78
C ILE B 1013 -3.64 -13.58 33.50
N ARG B 1014 -4.33 -14.43 32.74
CA ARG B 1014 -5.04 -15.56 33.35
C ARG B 1014 -4.06 -16.54 33.97
N ALA B 1015 -2.86 -16.67 33.39
CA ALA B 1015 -1.84 -17.54 33.98
C ALA B 1015 -1.38 -17.00 35.32
N ALA B 1016 -1.18 -15.70 35.41
CA ALA B 1016 -0.83 -15.12 36.70
C ALA B 1016 -1.93 -15.38 37.73
N GLU B 1017 -3.19 -15.19 37.34
CA GLU B 1017 -4.29 -15.41 38.28
C GLU B 1017 -4.34 -16.86 38.75
N ILE B 1018 -4.30 -17.80 37.80
CA ILE B 1018 -4.41 -19.21 38.15
C ILE B 1018 -3.19 -19.67 38.93
N ARG B 1019 -2.01 -19.12 38.66
CA ARG B 1019 -0.85 -19.48 39.45
C ARG B 1019 -0.95 -18.95 40.87
N ALA B 1020 -1.56 -17.78 41.05
CA ALA B 1020 -1.84 -17.32 42.39
C ALA B 1020 -2.78 -18.28 43.11
N SER B 1021 -3.82 -18.74 42.41
CA SER B 1021 -4.73 -19.69 43.03
C SER B 1021 -4.06 -21.04 43.28
N ALA B 1022 -3.10 -21.43 42.44
CA ALA B 1022 -2.39 -22.67 42.66
C ALA B 1022 -1.44 -22.57 43.84
N ASN B 1023 -0.81 -21.41 44.03
CA ASN B 1023 -0.02 -21.19 45.24
C ASN B 1023 -0.91 -21.23 46.48
N LEU B 1024 -2.11 -20.65 46.39
CA LEU B 1024 -3.04 -20.74 47.52
C LEU B 1024 -3.43 -22.18 47.81
N ALA B 1025 -3.70 -22.96 46.77
CA ALA B 1025 -4.02 -24.37 46.94
C ALA B 1025 -2.86 -25.13 47.54
N ALA B 1026 -1.63 -24.81 47.13
CA ALA B 1026 -0.47 -25.45 47.71
C ALA B 1026 -0.32 -25.10 49.18
N THR B 1027 -0.56 -23.83 49.54
CA THR B 1027 -0.51 -23.45 50.95
C THR B 1027 -1.56 -24.19 51.76
N LYS B 1028 -2.77 -24.32 51.21
CA LYS B 1028 -3.81 -25.03 51.94
C LYS B 1028 -3.48 -26.51 52.07
N MET B 1029 -2.94 -27.12 51.02
CA MET B 1029 -2.54 -28.52 51.12
C MET B 1029 -1.44 -28.69 52.15
N SER B 1030 -0.49 -27.78 52.18
CA SER B 1030 0.59 -27.88 53.14
C SER B 1030 0.07 -27.71 54.57
N GLU B 1031 -0.84 -26.77 54.79
CA GLU B 1031 -1.19 -26.38 56.15
C GLU B 1031 -2.37 -27.16 56.71
N CYS B 1032 -3.47 -27.28 55.97
CA CYS B 1032 -4.64 -27.96 56.50
C CYS B 1032 -4.44 -29.47 56.62
N VAL B 1033 -4.28 -30.17 55.49
CA VAL B 1033 -4.33 -31.63 55.52
C VAL B 1033 -3.07 -32.21 56.16
N LEU B 1034 -1.90 -31.70 55.77
CA LEU B 1034 -0.66 -32.21 56.34
C LEU B 1034 -0.50 -31.87 57.81
N GLY B 1035 -1.30 -30.95 58.34
CA GLY B 1035 -1.17 -30.54 59.72
C GLY B 1035 -2.49 -30.09 60.31
N GLN B 1036 -2.45 -28.93 60.98
CA GLN B 1036 -3.64 -28.31 61.54
C GLN B 1036 -3.36 -26.82 61.64
N SER B 1037 -4.40 -26.00 61.45
CA SER B 1037 -4.22 -24.57 61.34
C SER B 1037 -4.91 -23.85 62.48
N LYS B 1038 -4.21 -22.91 63.09
CA LYS B 1038 -4.77 -21.99 64.06
C LYS B 1038 -5.26 -20.71 63.40
N ARG B 1039 -5.38 -20.70 62.08
CA ARG B 1039 -5.89 -19.54 61.34
C ARG B 1039 -7.40 -19.70 61.22
N VAL B 1040 -8.13 -18.91 62.01
CA VAL B 1040 -9.49 -19.23 62.40
C VAL B 1040 -10.49 -19.27 61.25
N ASP B 1041 -10.12 -18.80 60.06
CA ASP B 1041 -11.03 -18.90 58.93
C ASP B 1041 -10.33 -19.34 57.65
N PHE B 1042 -9.08 -19.78 57.73
CA PHE B 1042 -8.33 -20.22 56.56
C PHE B 1042 -8.75 -21.60 56.07
N CYS B 1043 -9.44 -22.39 56.90
CA CYS B 1043 -9.73 -23.78 56.58
C CYS B 1043 -11.15 -24.16 56.96
N GLY B 1044 -12.11 -23.31 56.61
CA GLY B 1044 -13.50 -23.65 56.81
C GLY B 1044 -14.11 -22.95 58.01
N LYS B 1045 -15.43 -22.79 57.98
CA LYS B 1045 -16.17 -22.02 58.98
C LYS B 1045 -16.21 -22.83 60.27
N GLY B 1046 -15.34 -22.48 61.21
CA GLY B 1046 -15.34 -23.09 62.52
C GLY B 1046 -13.95 -23.46 62.99
N TYR B 1047 -13.86 -24.06 64.18
CA TYR B 1047 -12.59 -24.62 64.61
C TYR B 1047 -12.22 -25.79 63.70
N HIS B 1048 -10.93 -26.00 63.52
CA HIS B 1048 -10.44 -26.83 62.44
C HIS B 1048 -9.90 -28.17 62.94
N LEU B 1049 -10.18 -29.22 62.18
CA LEU B 1049 -9.58 -30.54 62.34
C LEU B 1049 -8.95 -30.91 61.00
N MET B 1050 -8.47 -32.14 60.88
CA MET B 1050 -7.78 -32.52 59.65
C MET B 1050 -8.74 -32.50 58.47
N SER B 1051 -8.20 -32.18 57.28
CA SER B 1051 -8.97 -32.16 56.05
C SER B 1051 -8.58 -33.35 55.18
N PHE B 1052 -9.24 -33.46 54.04
CA PHE B 1052 -8.93 -34.49 53.06
C PHE B 1052 -8.93 -33.86 51.67
N PRO B 1053 -7.88 -34.04 50.89
CA PRO B 1053 -7.88 -33.52 49.52
C PRO B 1053 -8.54 -34.48 48.55
N GLN B 1054 -9.09 -33.92 47.48
CA GLN B 1054 -9.67 -34.70 46.40
C GLN B 1054 -9.31 -34.06 45.08
N SER B 1055 -9.03 -34.88 44.08
CA SER B 1055 -8.65 -34.40 42.77
C SER B 1055 -9.89 -34.11 41.94
N ALA B 1056 -9.85 -32.99 41.23
CA ALA B 1056 -10.91 -32.59 40.31
C ALA B 1056 -10.24 -32.15 39.01
N PRO B 1057 -10.96 -32.22 37.89
CA PRO B 1057 -10.36 -31.81 36.62
C PRO B 1057 -9.91 -30.36 36.66
N HIS B 1058 -8.60 -30.13 36.58
CA HIS B 1058 -8.00 -28.82 36.66
C HIS B 1058 -8.22 -28.15 38.02
N GLY B 1059 -8.07 -28.91 39.09
CA GLY B 1059 -8.20 -28.30 40.41
C GLY B 1059 -8.20 -29.32 41.52
N VAL B 1060 -8.44 -28.82 42.73
CA VAL B 1060 -8.56 -29.63 43.94
C VAL B 1060 -9.91 -29.35 44.59
N VAL B 1061 -10.34 -30.28 45.42
CA VAL B 1061 -11.57 -30.12 46.20
C VAL B 1061 -11.24 -30.58 47.61
N PHE B 1062 -11.26 -29.65 48.56
CA PHE B 1062 -10.93 -29.95 49.94
C PHE B 1062 -12.19 -30.28 50.72
N LEU B 1063 -12.08 -31.22 51.65
CA LEU B 1063 -13.15 -31.53 52.60
C LEU B 1063 -12.65 -31.08 53.96
N HIS B 1064 -12.92 -29.82 54.30
CA HIS B 1064 -12.50 -29.28 55.59
C HIS B 1064 -13.41 -29.81 56.69
N VAL B 1065 -12.93 -30.79 57.46
CA VAL B 1065 -13.63 -31.14 58.68
C VAL B 1065 -13.52 -29.98 59.67
N THR B 1066 -14.55 -29.80 60.49
CA THR B 1066 -14.56 -28.72 61.45
C THR B 1066 -15.19 -29.20 62.76
N TYR B 1067 -15.04 -28.39 63.79
CA TYR B 1067 -15.69 -28.59 65.08
C TYR B 1067 -16.47 -27.32 65.38
N VAL B 1068 -17.78 -27.38 65.27
CA VAL B 1068 -18.62 -26.19 65.44
C VAL B 1068 -19.47 -26.36 66.70
N PRO B 1069 -19.25 -25.55 67.74
CA PRO B 1069 -20.05 -25.68 68.95
C PRO B 1069 -21.51 -25.33 68.70
N ALA B 1070 -22.38 -25.90 69.51
CA ALA B 1070 -23.81 -25.66 69.37
C ALA B 1070 -24.49 -25.88 70.71
N GLN B 1071 -25.74 -25.40 70.81
CA GLN B 1071 -26.54 -25.50 72.02
C GLN B 1071 -25.85 -24.82 73.21
N GLU B 1072 -25.68 -23.50 73.09
CA GLU B 1072 -25.07 -22.76 74.18
C GLU B 1072 -26.05 -22.62 75.35
N LYS B 1073 -25.48 -22.38 76.53
CA LYS B 1073 -26.26 -22.23 77.75
C LYS B 1073 -25.68 -21.09 78.57
N ASN B 1074 -26.55 -20.28 79.17
CA ASN B 1074 -26.10 -19.17 80.01
C ASN B 1074 -25.41 -19.67 81.27
N PHE B 1075 -24.50 -18.86 81.78
CA PHE B 1075 -23.90 -19.08 83.09
C PHE B 1075 -23.44 -17.73 83.64
N THR B 1076 -23.59 -17.54 84.95
CA THR B 1076 -22.98 -16.40 85.60
C THR B 1076 -21.51 -16.72 85.88
N THR B 1077 -20.65 -15.71 85.70
CA THR B 1077 -19.22 -15.91 85.81
C THR B 1077 -18.62 -14.87 86.75
N ALA B 1078 -17.32 -14.98 86.97
CA ALA B 1078 -16.57 -14.01 87.76
C ALA B 1078 -15.10 -14.15 87.41
N PRO B 1079 -14.34 -13.06 87.38
CA PRO B 1079 -12.93 -13.18 86.99
C PRO B 1079 -12.13 -14.14 87.85
N ALA B 1080 -12.37 -14.17 89.15
CA ALA B 1080 -11.55 -15.00 90.03
C ALA B 1080 -12.32 -15.30 91.31
N ILE B 1081 -11.86 -16.33 92.01
CA ILE B 1081 -12.47 -16.75 93.27
C ILE B 1081 -11.65 -16.19 94.42
N CYS B 1082 -12.31 -15.91 95.54
CA CYS B 1082 -11.66 -15.39 96.73
C CYS B 1082 -11.82 -16.39 97.86
N HIS B 1083 -10.70 -16.90 98.37
CA HIS B 1083 -10.68 -17.79 99.52
C HIS B 1083 -9.65 -17.30 100.51
N ASP B 1084 -10.01 -17.33 101.79
CA ASP B 1084 -9.23 -16.68 102.86
C ASP B 1084 -8.99 -15.24 102.41
N GLY B 1085 -7.76 -14.76 102.38
CA GLY B 1085 -7.43 -13.48 101.79
C GLY B 1085 -6.79 -13.57 100.43
N LYS B 1086 -6.76 -14.74 99.81
CA LYS B 1086 -6.05 -14.97 98.57
C LYS B 1086 -7.02 -15.15 97.41
N ALA B 1087 -6.71 -14.52 96.28
CA ALA B 1087 -7.48 -14.70 95.08
C ALA B 1087 -7.04 -15.97 94.35
N HIS B 1088 -7.98 -16.60 93.66
CA HIS B 1088 -7.73 -17.83 92.93
C HIS B 1088 -8.17 -17.64 91.48
N PHE B 1089 -7.25 -17.83 90.54
CA PHE B 1089 -7.52 -17.71 89.12
C PHE B 1089 -7.55 -19.09 88.47
N PRO B 1090 -8.37 -19.30 87.45
CA PRO B 1090 -8.51 -20.64 86.87
C PRO B 1090 -7.27 -20.99 86.05
N ARG B 1091 -6.69 -22.16 86.35
CA ARG B 1091 -5.49 -22.59 85.64
C ARG B 1091 -5.75 -22.75 84.16
N GLU B 1092 -6.83 -23.45 83.82
CA GLU B 1092 -7.26 -23.61 82.44
C GLU B 1092 -8.78 -23.56 82.42
N GLY B 1093 -9.32 -22.90 81.41
CA GLY B 1093 -10.75 -22.72 81.37
C GLY B 1093 -11.20 -21.60 82.28
N VAL B 1094 -12.52 -21.47 82.41
CA VAL B 1094 -13.14 -20.32 83.04
C VAL B 1094 -14.01 -20.77 84.20
N PHE B 1095 -14.39 -19.81 85.05
CA PHE B 1095 -15.28 -20.05 86.17
C PHE B 1095 -16.72 -19.83 85.73
N VAL B 1096 -17.60 -20.77 86.08
CA VAL B 1096 -19.02 -20.64 85.79
C VAL B 1096 -19.80 -21.06 87.02
N SER B 1097 -21.05 -20.63 87.06
CA SER B 1097 -21.92 -20.91 88.19
C SER B 1097 -23.32 -21.21 87.69
N ASN B 1098 -24.06 -22.01 88.46
CA ASN B 1098 -25.45 -22.32 88.15
C ASN B 1098 -26.41 -21.66 89.15
N GLY B 1099 -25.98 -20.59 89.80
CA GLY B 1099 -26.81 -19.84 90.71
C GLY B 1099 -26.58 -20.14 92.18
N THR B 1100 -26.02 -21.31 92.50
CA THR B 1100 -25.78 -21.66 93.89
C THR B 1100 -24.33 -22.10 94.11
N HIS B 1101 -23.72 -22.72 93.11
CA HIS B 1101 -22.40 -23.30 93.25
C HIS B 1101 -21.54 -22.88 92.06
N TRP B 1102 -20.22 -22.91 92.27
CA TRP B 1102 -19.25 -22.48 91.27
C TRP B 1102 -18.41 -23.67 90.83
N PHE B 1103 -18.16 -23.76 89.52
CA PHE B 1103 -17.38 -24.84 88.95
C PHE B 1103 -16.39 -24.26 87.95
N VAL B 1104 -15.45 -25.10 87.52
CA VAL B 1104 -14.46 -24.76 86.51
C VAL B 1104 -14.73 -25.60 85.27
N THR B 1105 -14.80 -24.94 84.11
CA THR B 1105 -15.05 -25.64 82.86
C THR B 1105 -14.04 -25.18 81.82
N GLN B 1106 -13.61 -26.11 80.98
CA GLN B 1106 -12.84 -25.74 79.80
C GLN B 1106 -13.70 -24.83 78.92
N ARG B 1107 -13.06 -23.90 78.24
CA ARG B 1107 -13.79 -22.80 77.62
C ARG B 1107 -14.69 -23.21 76.47
N ASN B 1108 -14.56 -24.43 75.95
CA ASN B 1108 -15.29 -24.82 74.75
C ASN B 1108 -16.16 -26.06 74.92
N PHE B 1109 -16.35 -26.55 76.15
CA PHE B 1109 -17.30 -27.64 76.38
C PHE B 1109 -17.67 -27.65 77.86
N TYR B 1110 -18.95 -27.46 78.16
CA TYR B 1110 -19.39 -27.36 79.54
C TYR B 1110 -19.33 -28.73 80.22
N GLU B 1111 -18.21 -29.03 80.87
CA GLU B 1111 -18.03 -30.25 81.65
C GLU B 1111 -17.58 -29.82 83.03
N PRO B 1112 -18.52 -29.39 83.88
CA PRO B 1112 -18.13 -28.77 85.14
C PRO B 1112 -17.35 -29.71 86.04
N GLN B 1113 -16.35 -29.16 86.73
CA GLN B 1113 -15.58 -29.87 87.72
C GLN B 1113 -15.54 -29.04 88.98
N ILE B 1114 -15.61 -29.70 90.14
CA ILE B 1114 -15.57 -28.98 91.40
C ILE B 1114 -14.21 -28.33 91.57
N ILE B 1115 -14.20 -27.10 92.11
CA ILE B 1115 -12.97 -26.33 92.19
C ILE B 1115 -12.03 -26.94 93.21
N THR B 1116 -10.75 -27.06 92.85
CA THR B 1116 -9.72 -27.54 93.75
C THR B 1116 -8.49 -26.66 93.60
N THR B 1117 -7.57 -26.78 94.56
CA THR B 1117 -6.30 -26.08 94.45
C THR B 1117 -5.38 -26.69 93.41
N ASP B 1118 -5.78 -27.79 92.77
CA ASP B 1118 -4.95 -28.41 91.74
C ASP B 1118 -5.13 -27.72 90.40
N ASN B 1119 -6.38 -27.48 89.99
CA ASN B 1119 -6.68 -26.81 88.73
C ASN B 1119 -6.86 -25.31 88.90
N THR B 1120 -6.20 -24.70 89.89
CA THR B 1120 -6.33 -23.29 90.18
C THR B 1120 -5.02 -22.79 90.76
N PHE B 1121 -4.60 -21.59 90.34
CA PHE B 1121 -3.35 -21.01 90.79
C PHE B 1121 -3.62 -19.67 91.46
N VAL B 1122 -2.69 -19.24 92.29
CA VAL B 1122 -2.89 -18.17 93.25
C VAL B 1122 -2.10 -16.94 92.84
N SER B 1123 -2.67 -15.76 93.10
CA SER B 1123 -1.97 -14.49 92.84
C SER B 1123 -2.61 -13.39 93.65
N GLY B 1124 -1.85 -12.80 94.57
CA GLY B 1124 -2.24 -11.55 95.22
C GLY B 1124 -3.38 -11.66 96.21
N ASN B 1125 -3.71 -10.55 96.85
CA ASN B 1125 -4.81 -10.51 97.80
C ASN B 1125 -6.13 -10.30 97.07
N CYS B 1126 -7.22 -10.26 97.84
CA CYS B 1126 -8.56 -10.29 97.28
C CYS B 1126 -9.09 -8.94 96.85
N ASP B 1127 -8.34 -7.86 97.06
CA ASP B 1127 -8.85 -6.52 96.79
C ASP B 1127 -8.54 -6.04 95.38
N VAL B 1128 -7.38 -6.38 94.83
CA VAL B 1128 -6.88 -5.71 93.64
C VAL B 1128 -7.71 -6.02 92.39
N VAL B 1129 -8.40 -7.16 92.35
CA VAL B 1129 -9.12 -7.59 91.15
C VAL B 1129 -10.60 -7.27 91.33
N ILE B 1130 -11.18 -6.59 90.34
CA ILE B 1130 -12.61 -6.35 90.35
C ILE B 1130 -13.35 -7.63 89.99
N GLY B 1131 -14.63 -7.68 90.36
CA GLY B 1131 -15.45 -8.83 90.06
C GLY B 1131 -15.15 -10.07 90.89
N ILE B 1132 -14.20 -9.98 91.83
CA ILE B 1132 -13.90 -11.13 92.68
C ILE B 1132 -15.14 -11.50 93.46
N VAL B 1133 -15.34 -12.81 93.66
CA VAL B 1133 -16.50 -13.33 94.36
C VAL B 1133 -16.06 -14.41 95.33
N ASN B 1134 -16.72 -14.49 96.48
CA ASN B 1134 -16.35 -15.44 97.50
C ASN B 1134 -16.84 -16.84 97.18
N ASN B 1135 -16.07 -17.83 97.61
CA ASN B 1135 -16.46 -19.24 97.57
C ASN B 1135 -15.38 -20.04 98.28
N THR B 1136 -15.71 -21.30 98.54
CA THR B 1136 -14.74 -22.25 99.08
C THR B 1136 -14.08 -23.00 97.92
N VAL B 1137 -12.83 -23.38 98.13
CA VAL B 1137 -12.10 -24.18 97.15
C VAL B 1137 -11.57 -25.43 97.86
N TYR B 1138 -12.00 -26.60 97.39
CA TYR B 1138 -11.63 -27.86 98.00
C TYR B 1138 -10.13 -28.10 97.83
N ASP B 1139 -9.54 -28.81 98.80
CA ASP B 1139 -8.13 -29.17 98.77
C ASP B 1139 -7.99 -30.68 98.76
N PRO B 1140 -7.33 -31.28 97.77
CA PRO B 1140 -7.21 -32.75 97.72
C PRO B 1140 -6.15 -33.32 98.63
N LEU B 1141 -5.50 -32.50 99.46
CA LEU B 1141 -4.45 -32.98 100.35
C LEU B 1141 -4.80 -32.85 101.83
N GLN B 1142 -5.59 -31.83 102.19
CA GLN B 1142 -5.90 -31.61 103.60
C GLN B 1142 -6.68 -32.76 104.25
N PRO B 1143 -7.75 -33.30 103.66
CA PRO B 1143 -8.48 -34.37 104.35
C PRO B 1143 -7.61 -35.58 104.69
N GLU B 1144 -6.73 -35.97 103.78
CA GLU B 1144 -5.94 -37.18 104.00
C GLU B 1144 -4.84 -36.93 105.03
N LEU B 1145 -4.20 -35.75 104.97
CA LEU B 1145 -3.23 -35.39 105.98
C LEU B 1145 -3.86 -35.29 107.36
N ASP B 1146 -5.06 -34.73 107.45
CA ASP B 1146 -5.76 -34.69 108.73
C ASP B 1146 -6.12 -36.09 109.21
N SER B 1147 -6.55 -36.95 108.28
CA SER B 1147 -6.96 -38.30 108.65
C SER B 1147 -5.79 -39.12 109.18
N PHE B 1148 -4.62 -39.01 108.55
CA PHE B 1148 -3.51 -39.89 108.85
C PHE B 1148 -2.28 -39.21 109.43
N LYS B 1149 -2.03 -37.95 109.10
CA LYS B 1149 -0.89 -37.20 109.64
C LYS B 1149 0.45 -37.89 109.40
N GLN C 14 5.15 68.26 2.03
CA GLN C 14 5.63 69.63 1.85
C GLN C 14 7.10 69.76 2.27
N CYS C 15 7.35 69.63 3.57
CA CYS C 15 8.70 69.76 4.11
C CYS C 15 8.95 68.67 5.13
N VAL C 16 10.23 68.34 5.32
CA VAL C 16 10.67 67.31 6.24
C VAL C 16 11.76 67.90 7.13
N ASN C 17 11.68 67.59 8.43
CA ASN C 17 12.70 68.02 9.38
C ASN C 17 13.82 66.98 9.41
N LEU C 18 15.04 67.40 9.11
CA LEU C 18 16.19 66.50 9.01
C LEU C 18 17.35 67.09 9.81
N THR C 19 17.66 66.46 10.94
CA THR C 19 18.77 66.85 11.78
C THR C 19 19.51 65.60 12.26
N THR C 20 20.49 65.80 13.13
CA THR C 20 21.25 64.71 13.73
C THR C 20 20.94 64.65 15.22
N ARG C 21 20.68 63.46 15.73
CA ARG C 21 20.27 63.27 17.11
C ARG C 21 21.47 63.02 18.01
N THR C 22 21.37 63.48 19.25
CA THR C 22 22.30 63.08 20.30
C THR C 22 21.88 61.72 20.84
N GLN C 23 22.80 60.77 20.83
CA GLN C 23 22.47 59.37 21.10
C GLN C 23 22.61 59.08 22.59
N LEU C 24 21.54 58.53 23.18
CA LEU C 24 21.48 58.10 24.58
C LEU C 24 21.73 56.59 24.67
N PRO C 25 22.36 56.14 25.76
CA PRO C 25 22.66 54.71 25.88
C PRO C 25 21.39 53.91 26.06
N PRO C 26 21.35 52.66 25.56
CA PRO C 26 20.15 51.83 25.72
C PRO C 26 20.00 51.30 27.13
N ALA C 27 19.05 51.83 27.89
CA ALA C 27 18.84 51.42 29.27
C ALA C 27 18.12 50.07 29.30
N TYR C 28 18.66 49.15 30.10
CA TYR C 28 18.07 47.83 30.28
C TYR C 28 17.23 47.79 31.55
N THR C 29 16.24 46.90 31.56
CA THR C 29 15.39 46.67 32.72
C THR C 29 14.76 45.29 32.55
N ASN C 30 14.11 44.81 33.60
CA ASN C 30 13.51 43.49 33.64
C ASN C 30 12.01 43.56 33.42
N SER C 31 11.47 42.50 32.84
CA SER C 31 10.03 42.27 32.79
C SER C 31 9.71 41.15 33.76
N PHE C 32 8.89 41.45 34.77
CA PHE C 32 8.62 40.47 35.82
C PHE C 32 7.91 39.24 35.28
N THR C 33 6.66 39.41 34.82
CA THR C 33 5.88 38.28 34.33
C THR C 33 5.01 38.66 33.12
N ARG C 34 5.22 39.84 32.53
CA ARG C 34 4.30 40.33 31.52
C ARG C 34 4.37 39.50 30.24
N GLY C 35 3.41 39.75 29.36
CA GLY C 35 3.44 39.22 28.01
C GLY C 35 2.72 37.90 27.82
N VAL C 36 1.51 37.79 28.37
CA VAL C 36 0.70 36.59 28.21
C VAL C 36 -0.55 36.97 27.43
N TYR C 37 -0.80 36.25 26.34
CA TYR C 37 -1.95 36.49 25.49
C TYR C 37 -2.66 35.16 25.23
N TYR C 38 -3.98 35.21 25.13
CA TYR C 38 -4.80 34.03 24.92
C TYR C 38 -4.34 33.29 23.67
N PRO C 39 -3.72 32.12 23.80
CA PRO C 39 -3.11 31.47 22.64
C PRO C 39 -4.10 31.14 21.54
N ASP C 40 -5.34 30.84 21.91
CA ASP C 40 -6.42 30.65 20.96
C ASP C 40 -7.56 31.60 21.30
N LYS C 41 -8.66 31.50 20.60
CA LYS C 41 -9.89 32.21 20.94
C LYS C 41 -10.97 31.23 21.39
N VAL C 42 -10.55 30.15 22.06
CA VAL C 42 -11.45 29.11 22.55
C VAL C 42 -11.56 29.25 24.06
N PHE C 43 -12.78 29.11 24.57
CA PHE C 43 -13.04 29.27 26.00
C PHE C 43 -12.67 28.01 26.77
N ARG C 44 -12.04 28.21 27.92
CA ARG C 44 -11.81 27.14 28.89
C ARG C 44 -12.15 27.66 30.27
N SER C 45 -12.51 26.73 31.17
CA SER C 45 -12.95 27.09 32.52
C SER C 45 -12.21 26.24 33.53
N SER C 46 -11.42 26.90 34.39
CA SER C 46 -10.74 26.26 35.52
C SER C 46 -9.95 25.02 35.06
N VAL C 47 -9.25 25.16 33.94
CA VAL C 47 -8.47 24.08 33.35
C VAL C 47 -7.06 24.58 33.09
N LEU C 48 -6.07 23.80 33.48
CA LEU C 48 -4.67 24.11 33.20
C LEU C 48 -4.29 23.47 31.88
N HIS C 49 -3.98 24.30 30.88
CA HIS C 49 -3.73 23.84 29.53
C HIS C 49 -2.32 24.22 29.09
N SER C 50 -1.70 23.36 28.30
CA SER C 50 -0.36 23.59 27.78
C SER C 50 -0.45 24.02 26.32
N THR C 51 0.24 25.11 25.99
CA THR C 51 0.25 25.63 24.63
C THR C 51 1.65 26.03 24.23
N GLN C 52 1.99 25.80 22.97
CA GLN C 52 3.27 26.18 22.40
C GLN C 52 3.03 27.24 21.33
N ASP C 53 3.68 28.38 21.47
CA ASP C 53 3.54 29.54 20.59
C ASP C 53 4.69 30.48 20.91
N LEU C 54 4.67 31.67 20.32
CA LEU C 54 5.67 32.72 20.55
C LEU C 54 5.20 33.56 21.73
N PHE C 55 5.81 33.35 22.89
CA PHE C 55 5.54 34.12 24.09
C PHE C 55 6.74 34.98 24.43
N LEU C 56 6.56 35.80 25.45
CA LEU C 56 7.68 36.55 26.02
C LEU C 56 8.21 35.79 27.22
N PRO C 57 9.43 35.29 27.18
CA PRO C 57 9.96 34.54 28.32
C PRO C 57 9.89 35.37 29.59
N PHE C 58 9.52 34.72 30.70
CA PHE C 58 9.06 35.43 31.89
C PHE C 58 10.09 36.45 32.37
N PHE C 59 11.34 36.05 32.50
CA PHE C 59 12.41 36.93 32.95
C PHE C 59 13.36 37.16 31.79
N SER C 60 13.36 38.39 31.26
CA SER C 60 14.17 38.74 30.11
C SER C 60 14.70 40.16 30.29
N ASN C 61 15.62 40.53 29.43
CA ASN C 61 16.19 41.88 29.41
C ASN C 61 15.48 42.67 28.32
N VAL C 62 14.52 43.50 28.73
CA VAL C 62 13.84 44.38 27.80
C VAL C 62 14.51 45.75 27.82
N THR C 63 14.31 46.52 26.76
CA THR C 63 15.01 47.77 26.55
C THR C 63 14.08 48.94 26.80
N TRP C 64 14.54 49.91 27.59
CA TRP C 64 13.75 51.07 27.98
C TRP C 64 14.34 52.30 27.31
N PHE C 65 13.66 52.81 26.28
CA PHE C 65 14.11 53.99 25.56
C PHE C 65 13.46 55.23 26.18
N HIS C 66 14.29 56.21 26.52
CA HIS C 66 13.86 57.36 27.33
C HIS C 66 14.08 58.65 26.55
N ALA C 67 12.99 59.25 26.09
CA ALA C 67 13.04 60.59 25.52
C ALA C 67 13.02 61.62 26.66
N ILE C 68 13.96 62.56 26.60
CA ILE C 68 14.19 63.50 27.70
C ILE C 68 13.96 64.92 27.20
N HIS C 69 13.16 65.67 27.94
CA HIS C 69 12.92 67.08 27.67
C HIS C 69 12.90 67.84 28.99
N VAL C 70 13.61 68.96 29.04
CA VAL C 70 13.69 69.76 30.26
C VAL C 70 12.51 70.72 30.34
N THR C 76 18.03 71.41 25.43
CA THR C 76 16.59 71.64 25.35
C THR C 76 15.83 70.33 25.44
N LYS C 77 16.26 69.34 24.67
CA LYS C 77 15.65 68.02 24.68
C LYS C 77 16.59 67.03 24.02
N ARG C 78 16.30 65.75 24.20
CA ARG C 78 17.03 64.67 23.54
C ARG C 78 15.99 63.71 22.97
N PHE C 79 15.65 63.92 21.70
CA PHE C 79 14.61 63.17 21.01
C PHE C 79 15.27 62.03 20.24
N ASP C 80 14.88 60.79 20.55
CA ASP C 80 15.49 59.62 19.92
C ASP C 80 14.52 58.45 20.01
N ASN C 81 13.96 58.06 18.87
CA ASN C 81 13.16 56.84 18.75
C ASN C 81 13.70 56.03 17.58
N PRO C 82 14.55 55.05 17.82
CA PRO C 82 15.29 54.39 16.73
C PRO C 82 14.46 53.29 16.07
N VAL C 83 15.07 52.70 15.05
CA VAL C 83 14.51 51.54 14.35
C VAL C 83 15.05 50.29 15.02
N LEU C 84 14.16 49.33 15.27
CA LEU C 84 14.48 48.13 16.01
C LEU C 84 14.12 46.90 15.19
N PRO C 85 14.83 45.79 15.40
CA PRO C 85 14.49 44.56 14.67
C PRO C 85 13.17 43.98 15.16
N PHE C 86 12.58 43.16 14.29
CA PHE C 86 11.30 42.54 14.64
C PHE C 86 11.48 41.21 15.37
N ASN C 87 12.37 40.35 14.88
CA ASN C 87 12.74 39.11 15.57
C ASN C 87 11.51 38.24 15.87
N ASP C 88 10.75 37.95 14.82
CA ASP C 88 9.64 37.01 14.84
C ASP C 88 8.55 37.38 15.84
N GLY C 89 8.55 38.60 16.34
CA GLY C 89 7.54 39.04 17.29
C GLY C 89 8.10 40.03 18.28
N VAL C 90 7.22 40.91 18.78
CA VAL C 90 7.62 42.02 19.62
C VAL C 90 6.61 42.22 20.73
N TYR C 91 7.10 42.51 21.93
CA TYR C 91 6.28 42.96 23.04
C TYR C 91 6.48 44.46 23.20
N PHE C 92 5.38 45.21 23.23
CA PHE C 92 5.41 46.66 23.33
C PHE C 92 4.61 47.11 24.54
N ALA C 93 5.09 48.17 25.20
CA ALA C 93 4.40 48.72 26.35
C ALA C 93 4.79 50.18 26.51
N SER C 94 3.96 50.93 27.22
CA SER C 94 4.21 52.34 27.49
C SER C 94 3.43 52.76 28.73
N THR C 95 3.82 53.91 29.28
CA THR C 95 3.18 54.50 30.46
C THR C 95 2.86 55.96 30.23
N GLU C 96 2.38 56.30 29.04
CA GLU C 96 2.05 57.68 28.72
C GLU C 96 0.59 57.98 29.02
N LYS C 97 0.29 59.28 29.13
CA LYS C 97 -1.08 59.74 29.29
C LYS C 97 -1.42 60.91 28.38
N SER C 98 -0.43 61.61 27.82
CA SER C 98 -0.65 62.75 26.96
C SER C 98 -0.79 62.38 25.49
N ASN C 99 -0.98 61.10 25.19
CA ASN C 99 -1.22 60.61 23.83
C ASN C 99 -0.07 60.93 22.88
N ILE C 100 1.16 60.99 23.43
CA ILE C 100 2.32 61.28 22.60
C ILE C 100 2.60 60.12 21.65
N ILE C 101 2.45 58.88 22.13
CA ILE C 101 2.53 57.72 21.27
C ILE C 101 1.20 57.58 20.53
N ARG C 102 1.25 57.56 19.20
CA ARG C 102 0.05 57.47 18.38
C ARG C 102 -0.07 56.15 17.63
N GLY C 103 1.02 55.65 17.06
CA GLY C 103 0.93 54.45 16.26
C GLY C 103 2.27 53.80 16.07
N TRP C 104 2.29 52.82 15.17
CA TRP C 104 3.47 52.02 14.89
C TRP C 104 3.64 51.85 13.40
N ILE C 105 4.90 51.71 12.97
CA ILE C 105 5.23 51.45 11.58
C ILE C 105 6.07 50.18 11.52
N PHE C 106 5.69 49.28 10.62
CA PHE C 106 6.41 48.03 10.41
C PHE C 106 6.73 47.88 8.94
N GLY C 107 7.85 47.22 8.65
CA GLY C 107 8.26 47.03 7.28
C GLY C 107 9.59 46.31 7.19
N THR C 108 10.08 46.19 5.97
CA THR C 108 11.38 45.58 5.70
C THR C 108 12.46 46.63 5.47
N THR C 109 12.24 47.53 4.51
CA THR C 109 13.20 48.58 4.19
C THR C 109 12.75 49.95 4.63
N LEU C 110 11.46 50.13 4.94
CA LEU C 110 10.91 51.39 5.42
C LEU C 110 11.06 52.52 4.40
N ASP C 111 11.06 52.17 3.11
CA ASP C 111 11.17 53.17 2.05
C ASP C 111 10.25 52.74 0.90
N SER C 112 10.37 53.43 -0.23
CA SER C 112 9.51 53.17 -1.37
C SER C 112 9.73 51.80 -2.00
N LYS C 113 10.87 51.16 -1.71
CA LYS C 113 11.19 49.90 -2.38
C LYS C 113 10.19 48.81 -2.05
N THR C 114 9.83 48.66 -0.78
CA THR C 114 9.00 47.57 -0.32
C THR C 114 7.79 48.09 0.43
N GLN C 115 6.71 47.31 0.40
CA GLN C 115 5.50 47.65 1.13
C GLN C 115 5.77 47.61 2.64
N SER C 116 4.97 48.36 3.38
CA SER C 116 5.14 48.47 4.82
C SER C 116 3.78 48.69 5.47
N LEU C 117 3.70 48.39 6.76
CA LEU C 117 2.47 48.55 7.52
C LEU C 117 2.50 49.86 8.28
N LEU C 118 1.37 50.57 8.26
CA LEU C 118 1.23 51.85 8.96
C LEU C 118 -0.05 51.81 9.79
N ILE C 119 0.11 51.92 11.10
CA ILE C 119 -1.00 52.04 12.03
C ILE C 119 -0.85 53.35 12.78
N VAL C 120 -1.93 54.14 12.83
CA VAL C 120 -1.89 55.45 13.45
C VAL C 120 -3.22 55.69 14.15
N ASN C 121 -3.19 56.48 15.21
CA ASN C 121 -4.36 56.81 16.01
C ASN C 121 -4.67 58.30 15.92
N ASN C 122 -5.95 58.63 15.80
CA ASN C 122 -6.43 60.01 15.91
C ASN C 122 -7.66 60.02 16.80
N ALA C 123 -8.01 61.20 17.30
CA ALA C 123 -9.04 61.30 18.33
C ALA C 123 -10.34 60.67 17.89
N THR C 124 -10.58 60.59 16.59
CA THR C 124 -11.81 60.04 16.04
C THR C 124 -11.76 58.52 15.88
N ASN C 125 -10.66 57.97 15.38
CA ASN C 125 -10.61 56.56 15.03
C ASN C 125 -9.16 56.08 15.05
N VAL C 126 -8.97 54.83 14.62
CA VAL C 126 -7.65 54.25 14.39
C VAL C 126 -7.61 53.77 12.94
N VAL C 127 -6.61 54.21 12.20
CA VAL C 127 -6.50 53.96 10.76
C VAL C 127 -5.27 53.09 10.52
N ILE C 128 -5.44 52.04 9.73
CA ILE C 128 -4.38 51.11 9.37
C ILE C 128 -4.31 51.02 7.85
N LYS C 129 -3.10 51.12 7.31
CA LYS C 129 -2.89 51.08 5.87
C LYS C 129 -1.65 50.25 5.55
N VAL C 130 -1.62 49.72 4.33
CA VAL C 130 -0.50 48.93 3.83
C VAL C 130 -0.12 49.51 2.46
N CYS C 131 1.01 50.23 2.41
CA CYS C 131 1.44 50.86 1.17
C CYS C 131 2.97 50.88 1.12
N GLU C 132 3.50 51.14 -0.08
CA GLU C 132 4.93 51.34 -0.28
C GLU C 132 5.32 52.76 0.15
N PHE C 133 5.09 53.04 1.43
CA PHE C 133 5.34 54.37 1.97
C PHE C 133 6.82 54.73 1.89
N GLN C 134 7.09 56.01 1.68
CA GLN C 134 8.44 56.54 1.69
C GLN C 134 8.60 57.30 3.01
N PHE C 135 9.06 56.60 4.03
CA PHE C 135 9.19 57.16 5.36
C PHE C 135 10.42 58.05 5.46
N CYS C 136 10.30 59.14 6.21
CA CYS C 136 11.38 60.08 6.39
C CYS C 136 12.37 59.55 7.43
N ASN C 137 13.50 60.25 7.58
CA ASN C 137 14.52 59.83 8.53
C ASN C 137 14.11 60.13 9.97
N ASP C 138 13.31 61.17 10.19
CA ASP C 138 12.81 61.54 11.52
C ASP C 138 11.31 61.71 11.46
N PRO C 139 10.57 60.62 11.25
CA PRO C 139 9.11 60.74 11.15
C PRO C 139 8.47 61.16 12.47
N PHE C 140 7.36 61.87 12.36
CA PHE C 140 6.56 62.29 13.51
C PHE C 140 5.27 62.91 12.99
N LEU C 141 4.26 62.94 13.85
CA LEU C 141 2.96 63.51 13.53
C LEU C 141 2.81 64.83 14.27
N GLY C 142 2.45 65.88 13.53
CA GLY C 142 2.34 67.21 14.11
C GLY C 142 0.92 67.56 14.49
N VAL C 143 0.78 68.26 15.61
CA VAL C 143 -0.50 68.79 16.07
C VAL C 143 -0.31 70.27 16.39
N TYR C 144 -1.29 71.09 16.02
CA TYR C 144 -1.24 72.52 16.32
C TYR C 144 -2.65 73.04 16.51
N TYR C 145 -2.73 74.28 17.01
CA TYR C 145 -3.97 74.88 17.47
C TYR C 145 -4.43 75.96 16.50
N HIS C 146 -5.73 76.06 16.29
CA HIS C 146 -6.32 77.05 15.40
C HIS C 146 -6.80 78.24 16.21
N LYS C 147 -6.30 79.43 15.89
CA LYS C 147 -6.84 80.65 16.49
C LYS C 147 -8.24 80.94 15.98
N ASN C 148 -8.47 80.75 14.68
CA ASN C 148 -9.77 81.04 14.10
C ASN C 148 -10.81 80.01 14.51
N ASN C 149 -10.46 78.72 14.47
CA ASN C 149 -11.40 77.65 14.78
C ASN C 149 -11.42 77.29 16.26
N LYS C 150 -10.49 77.81 17.06
CA LYS C 150 -10.46 77.59 18.50
C LYS C 150 -10.47 76.10 18.85
N SER C 151 -9.66 75.34 18.11
CA SER C 151 -9.60 73.90 18.34
C SER C 151 -8.28 73.39 17.77
N TRP C 152 -7.82 72.30 18.34
CA TRP C 152 -6.62 71.64 17.84
C TRP C 152 -6.97 70.76 16.65
N MET C 153 -6.03 70.66 15.71
CA MET C 153 -6.21 69.82 14.54
C MET C 153 -4.88 69.19 14.16
N GLU C 154 -4.95 68.13 13.36
CA GLU C 154 -3.77 67.40 12.90
C GLU C 154 -3.84 67.30 11.39
N SER C 155 -2.93 68.00 10.71
CA SER C 155 -2.91 68.02 9.24
C SER C 155 -1.54 67.85 8.62
N GLU C 156 -0.45 67.99 9.38
CA GLU C 156 0.91 67.86 8.83
C GLU C 156 1.41 66.46 9.14
N PHE C 157 1.16 65.54 8.19
CA PHE C 157 1.57 64.15 8.33
C PHE C 157 2.99 64.01 7.79
N ARG C 158 3.95 64.43 8.61
CA ARG C 158 5.36 64.42 8.25
C ARG C 158 5.96 63.03 8.22
N VAL C 159 5.23 62.01 8.68
CA VAL C 159 5.80 60.67 8.81
C VAL C 159 6.23 60.13 7.46
N TYR C 160 5.40 60.32 6.44
CA TYR C 160 5.68 59.80 5.11
C TYR C 160 5.72 60.94 4.09
N SER C 161 6.58 60.79 3.09
CA SER C 161 6.70 61.81 2.05
C SER C 161 5.67 61.61 0.95
N SER C 162 5.53 60.37 0.47
CA SER C 162 4.61 60.07 -0.61
C SER C 162 3.99 58.69 -0.39
N ALA C 163 2.83 58.49 -1.01
CA ALA C 163 2.11 57.23 -0.93
C ALA C 163 1.48 56.93 -2.29
N ASN C 164 1.49 55.66 -2.68
CA ASN C 164 0.93 55.26 -3.96
C ASN C 164 0.37 53.85 -3.85
N ASN C 165 -0.54 53.53 -4.77
CA ASN C 165 -1.22 52.24 -4.91
C ASN C 165 -1.46 51.53 -3.58
N CYS C 166 -2.24 52.17 -2.71
CA CYS C 166 -2.62 51.55 -1.44
C CYS C 166 -3.33 50.23 -1.67
N THR C 167 -3.04 49.25 -0.82
CA THR C 167 -3.61 47.92 -0.95
C THR C 167 -4.55 47.55 0.19
N PHE C 168 -4.63 48.35 1.25
CA PHE C 168 -5.47 48.00 2.39
C PHE C 168 -5.96 49.26 3.07
N GLU C 169 -7.05 49.10 3.83
CA GLU C 169 -7.63 50.20 4.60
C GLU C 169 -8.50 49.60 5.70
N TYR C 170 -8.30 50.06 6.93
CA TYR C 170 -9.04 49.57 8.08
C TYR C 170 -9.18 50.71 9.08
N VAL C 171 -10.42 50.93 9.55
CA VAL C 171 -10.74 51.92 10.57
C VAL C 171 -11.48 51.26 11.72
N SER C 172 -11.18 51.68 12.95
CA SER C 172 -11.83 51.13 14.14
C SER C 172 -11.86 52.17 15.25
N GLN C 173 -12.30 51.72 16.44
CA GLN C 173 -12.52 52.59 17.57
C GLN C 173 -11.20 53.13 18.13
N PRO C 174 -11.19 54.38 18.59
CA PRO C 174 -10.01 54.92 19.28
C PRO C 174 -10.07 54.66 20.77
N PHE C 175 -8.89 54.49 21.38
CA PHE C 175 -8.78 54.11 22.78
C PHE C 175 -7.86 55.05 23.53
N LEU C 176 -8.34 55.56 24.67
CA LEU C 176 -7.53 56.28 25.66
C LEU C 176 -7.09 57.66 25.20
N MET C 177 -7.78 58.28 24.25
CA MET C 177 -7.27 59.49 23.62
C MET C 177 -8.22 60.66 23.82
N ASP C 178 -7.66 61.77 24.27
CA ASP C 178 -8.26 63.09 24.23
C ASP C 178 -7.36 63.96 23.35
N LEU C 179 -7.63 65.27 23.36
CA LEU C 179 -6.82 66.20 22.59
C LEU C 179 -6.54 67.41 23.46
N GLU C 180 -5.31 67.50 23.97
CA GLU C 180 -4.84 68.66 24.70
C GLU C 180 -3.35 68.53 24.93
N GLY C 181 -2.65 69.67 24.90
CA GLY C 181 -1.22 69.68 25.16
C GLY C 181 -0.91 69.89 26.63
N LYS C 182 -1.36 68.97 27.48
CA LYS C 182 -1.18 69.09 28.92
C LYS C 182 -0.72 67.75 29.49
N GLN C 183 -0.15 67.82 30.69
CA GLN C 183 0.41 66.65 31.35
C GLN C 183 -0.68 65.89 32.10
N GLY C 184 -0.27 64.95 32.94
CA GLY C 184 -1.22 64.17 33.71
C GLY C 184 -0.54 63.43 34.84
N ASN C 185 -1.25 62.45 35.39
CA ASN C 185 -0.73 61.63 36.47
C ASN C 185 0.06 60.42 35.97
N PHE C 186 -0.24 59.95 34.76
CA PHE C 186 0.44 58.81 34.15
C PHE C 186 0.32 57.56 35.04
N LYS C 187 -0.92 57.15 35.28
CA LYS C 187 -1.23 55.98 36.09
C LYS C 187 -2.02 54.96 35.29
N ASN C 188 -1.66 54.77 34.03
CA ASN C 188 -2.31 53.80 33.17
C ASN C 188 -1.26 53.16 32.26
N LEU C 189 -1.08 51.85 32.40
CA LEU C 189 -0.12 51.13 31.58
C LEU C 189 -0.78 50.61 30.31
N ARG C 190 -0.04 50.68 29.21
CA ARG C 190 -0.46 50.12 27.93
C ARG C 190 0.44 48.93 27.61
N GLU C 191 -0.16 47.84 27.15
CA GLU C 191 0.59 46.64 26.80
C GLU C 191 0.06 46.10 25.48
N PHE C 192 0.97 45.82 24.56
CA PHE C 192 0.62 45.40 23.21
C PHE C 192 1.51 44.25 22.78
N VAL C 193 0.98 43.38 21.92
CA VAL C 193 1.71 42.25 21.39
C VAL C 193 1.52 42.21 19.87
N PHE C 194 2.63 42.11 19.14
CA PHE C 194 2.60 42.04 17.69
C PHE C 194 3.29 40.75 17.23
N LYS C 195 2.63 40.01 16.35
CA LYS C 195 3.17 38.82 15.73
C LYS C 195 2.92 38.87 14.24
N ASN C 196 3.75 38.15 13.48
CA ASN C 196 3.60 38.09 12.02
C ASN C 196 4.01 36.71 11.55
N ILE C 197 3.02 35.81 11.43
CA ILE C 197 3.24 34.47 10.92
C ILE C 197 2.09 34.11 9.99
N ASP C 198 2.38 33.23 9.03
CA ASP C 198 1.39 32.72 8.09
C ASP C 198 0.65 33.86 7.38
N GLY C 199 1.38 34.92 7.04
CA GLY C 199 0.78 36.07 6.41
C GLY C 199 -0.24 36.79 7.25
N TYR C 200 -0.22 36.60 8.57
CA TYR C 200 -1.23 37.16 9.46
C TYR C 200 -0.54 38.06 10.47
N PHE C 201 -1.02 39.30 10.57
CA PHE C 201 -0.53 40.26 11.56
C PHE C 201 -1.55 40.33 12.69
N LYS C 202 -1.20 39.78 13.84
CA LYS C 202 -2.08 39.75 14.99
C LYS C 202 -1.69 40.82 15.99
N ILE C 203 -2.68 41.48 16.56
CA ILE C 203 -2.47 42.56 17.52
C ILE C 203 -3.25 42.25 18.79
N TYR C 204 -2.55 42.07 19.90
CA TYR C 204 -3.15 41.84 21.20
C TYR C 204 -2.81 43.01 22.11
N SER C 205 -3.74 43.35 23.01
CA SER C 205 -3.59 44.51 23.87
C SER C 205 -4.16 44.20 25.25
N LYS C 206 -4.08 45.19 26.14
CA LYS C 206 -4.67 45.10 27.48
C LYS C 206 -4.62 46.46 28.14
N HIS C 207 -5.64 46.78 28.93
CA HIS C 207 -5.70 47.98 29.73
C HIS C 207 -5.44 47.64 31.19
N THR C 208 -4.63 48.46 31.86
CA THR C 208 -4.38 48.27 33.29
C THR C 208 -3.89 49.55 33.94
N PRO C 209 -4.58 50.04 34.97
CA PRO C 209 -4.04 51.16 35.75
C PRO C 209 -2.99 50.68 36.75
N ILE C 210 -1.98 51.51 36.97
CA ILE C 210 -0.86 51.16 37.83
C ILE C 210 -0.47 52.38 38.66
N ASN C 211 0.22 52.13 39.77
CA ASN C 211 0.74 53.19 40.62
C ASN C 211 2.14 52.93 41.13
N LEU C 212 2.76 51.79 40.80
CA LEU C 212 4.06 51.44 41.36
C LEU C 212 5.15 52.31 40.78
N VAL C 213 6.18 52.56 41.59
CA VAL C 213 7.34 53.33 41.15
C VAL C 213 8.11 52.57 40.08
N ARG C 214 8.16 51.24 40.20
CA ARG C 214 8.96 50.42 39.30
C ARG C 214 8.55 50.62 37.84
N ASP C 215 9.47 50.26 36.95
CA ASP C 215 9.24 50.47 35.52
C ASP C 215 8.08 49.61 35.01
N LEU C 216 8.01 48.36 35.45
CA LEU C 216 6.89 47.49 35.12
C LEU C 216 6.42 46.82 36.41
N PRO C 217 5.12 46.68 36.62
CA PRO C 217 4.63 46.00 37.82
C PRO C 217 4.68 44.48 37.64
N GLN C 218 4.51 43.78 38.76
CA GLN C 218 4.68 42.33 38.78
C GLN C 218 3.74 41.62 37.81
N GLY C 219 2.50 42.12 37.68
CA GLY C 219 1.61 41.69 36.62
C GLY C 219 0.84 40.42 36.81
N PHE C 220 1.23 39.37 36.07
CA PHE C 220 0.59 38.07 36.08
C PHE C 220 -0.71 38.10 35.29
N SER C 221 -1.03 39.21 34.64
CA SER C 221 -2.31 39.39 33.98
C SER C 221 -2.14 39.33 32.47
N ALA C 222 -3.07 38.64 31.82
CA ALA C 222 -2.95 38.29 30.41
C ALA C 222 -3.53 39.37 29.51
N LEU C 223 -3.18 39.28 28.23
CA LEU C 223 -3.63 40.21 27.20
C LEU C 223 -4.72 39.58 26.34
N GLU C 224 -5.54 40.43 25.74
CA GLU C 224 -6.67 40.02 24.92
C GLU C 224 -6.42 40.34 23.45
N PRO C 225 -7.04 39.59 22.54
CA PRO C 225 -6.87 39.88 21.11
C PRO C 225 -7.72 41.05 20.66
N LEU C 226 -7.25 41.73 19.62
CA LEU C 226 -7.99 42.86 19.04
C LEU C 226 -8.44 42.59 17.61
N VAL C 227 -7.50 42.34 16.69
CA VAL C 227 -7.83 42.19 15.27
C VAL C 227 -6.77 41.31 14.63
N ASP C 228 -7.12 40.70 13.51
CA ASP C 228 -6.18 39.90 12.72
C ASP C 228 -6.21 40.41 11.29
N LEU C 229 -5.04 40.73 10.76
CA LEU C 229 -4.92 41.24 9.40
C LEU C 229 -4.27 40.19 8.50
N PRO C 230 -4.97 39.64 7.52
CA PRO C 230 -4.37 38.71 6.55
C PRO C 230 -3.73 39.44 5.37
N ILE C 231 -2.69 40.22 5.66
CA ILE C 231 -2.07 41.03 4.63
C ILE C 231 -0.94 40.30 3.91
N GLY C 232 -0.32 39.32 4.55
CA GLY C 232 0.73 38.54 3.91
C GLY C 232 1.92 39.36 3.50
N ILE C 233 2.59 39.99 4.46
CA ILE C 233 3.72 40.88 4.19
C ILE C 233 4.91 40.44 5.04
N ASN C 234 6.10 40.81 4.58
CA ASN C 234 7.33 40.53 5.30
C ASN C 234 7.68 41.72 6.18
N ILE C 235 7.87 41.47 7.47
CA ILE C 235 8.22 42.52 8.44
C ILE C 235 9.49 42.09 9.17
N THR C 236 10.48 42.97 9.20
CA THR C 236 11.71 42.69 9.93
C THR C 236 12.20 43.85 10.79
N ARG C 237 11.71 45.07 10.57
CA ARG C 237 12.08 46.22 11.38
C ARG C 237 10.84 47.04 11.68
N PHE C 238 10.86 47.76 12.81
CA PHE C 238 9.74 48.60 13.17
C PHE C 238 10.21 49.77 14.03
N GLN C 239 9.38 50.81 14.07
CA GLN C 239 9.68 52.02 14.79
C GLN C 239 8.39 52.60 15.35
N THR C 240 8.50 53.37 16.43
CA THR C 240 7.37 54.04 17.04
C THR C 240 7.17 55.41 16.42
N LEU C 241 5.91 55.84 16.35
CA LEU C 241 5.55 57.16 15.85
C LEU C 241 5.16 58.05 17.03
N LEU C 242 5.75 59.23 17.10
CA LEU C 242 5.54 60.14 18.21
C LEU C 242 4.98 61.46 17.69
N ALA C 243 4.23 62.15 18.57
CA ALA C 243 3.58 63.40 18.23
C ALA C 243 4.20 64.54 19.03
N LEU C 244 4.43 65.67 18.36
CA LEU C 244 4.98 66.86 18.99
C LEU C 244 4.00 68.02 18.80
N HIS C 245 3.79 68.78 19.86
CA HIS C 245 2.87 69.92 19.84
C HIS C 245 3.61 71.16 19.36
N ARG C 246 3.06 71.80 18.32
CA ARG C 246 3.65 73.03 17.81
C ARG C 246 3.62 74.11 18.89
N SER C 247 4.74 74.80 19.05
CA SER C 247 4.90 75.82 20.07
C SER C 247 4.88 77.20 19.43
N TYR C 248 4.03 78.08 19.95
CA TYR C 248 3.95 79.47 19.49
C TYR C 248 4.94 80.29 20.31
N LEU C 249 6.02 80.72 19.69
CA LEU C 249 7.13 81.34 20.39
C LEU C 249 6.90 82.84 20.59
N THR C 250 7.63 83.39 21.56
CA THR C 250 7.71 84.82 21.82
C THR C 250 8.50 85.47 20.69
N PRO C 251 8.60 86.80 20.64
CA PRO C 251 9.44 87.43 19.61
C PRO C 251 10.86 86.87 19.61
N GLY C 252 11.35 86.53 18.43
CA GLY C 252 12.60 85.81 18.29
C GLY C 252 12.37 84.35 18.01
N ASP C 253 12.46 83.96 16.74
CA ASP C 253 12.18 82.59 16.31
C ASP C 253 13.49 81.81 16.25
N SER C 254 14.00 81.43 17.42
CA SER C 254 15.23 80.67 17.52
C SER C 254 15.13 79.57 18.57
N SER C 255 13.91 79.10 18.84
CA SER C 255 13.68 78.06 19.83
C SER C 255 13.45 76.71 19.14
N SER C 256 13.09 75.70 19.93
CA SER C 256 12.84 74.38 19.37
C SER C 256 11.67 74.40 18.39
N GLY C 257 10.60 75.12 18.74
CA GLY C 257 9.41 75.22 17.91
C GLY C 257 8.33 74.22 18.25
N TRP C 258 8.67 73.13 18.93
CA TRP C 258 7.70 72.14 19.37
C TRP C 258 7.98 71.79 20.81
N THR C 259 6.96 71.91 21.67
CA THR C 259 7.09 71.62 23.09
C THR C 259 6.10 70.52 23.47
N ALA C 260 6.61 69.45 24.07
CA ALA C 260 5.78 68.34 24.50
C ALA C 260 6.43 67.68 25.71
N GLY C 261 5.61 66.94 26.46
CA GLY C 261 6.11 66.25 27.62
C GLY C 261 6.99 65.07 27.27
N ALA C 262 7.76 64.62 28.26
CA ALA C 262 8.61 63.46 28.07
C ALA C 262 7.78 62.20 27.91
N ALA C 263 8.34 61.23 27.20
CA ALA C 263 7.64 59.98 26.95
C ALA C 263 8.65 58.85 26.84
N ALA C 264 8.19 57.64 27.11
CA ALA C 264 9.04 56.46 27.09
C ALA C 264 8.19 55.23 26.84
N TYR C 265 8.85 54.15 26.43
CA TYR C 265 8.17 52.90 26.11
C TYR C 265 9.19 51.77 26.13
N TYR C 266 8.74 50.60 26.56
CA TYR C 266 9.57 49.40 26.62
C TYR C 266 9.36 48.54 25.39
N VAL C 267 10.35 47.68 25.11
CA VAL C 267 10.28 46.75 23.98
C VAL C 267 10.79 45.39 24.44
N GLY C 268 10.05 44.35 24.12
CA GLY C 268 10.46 42.99 24.43
C GLY C 268 10.28 42.10 23.22
N TYR C 269 11.12 41.06 23.15
CA TYR C 269 11.20 40.18 22.00
C TYR C 269 10.57 38.83 22.32
N LEU C 270 9.68 38.36 21.45
CA LEU C 270 9.10 37.04 21.65
C LEU C 270 10.07 35.96 21.21
N GLN C 271 9.75 34.72 21.59
CA GLN C 271 10.58 33.56 21.26
C GLN C 271 9.70 32.33 21.32
N PRO C 272 9.98 31.29 20.52
CA PRO C 272 9.18 30.07 20.62
C PRO C 272 9.36 29.42 21.98
N ARG C 273 8.23 29.21 22.67
CA ARG C 273 8.24 28.67 24.02
C ARG C 273 6.99 27.82 24.21
N THR C 274 7.02 26.99 25.25
CA THR C 274 5.84 26.23 25.66
C THR C 274 5.40 26.77 27.02
N PHE C 275 4.13 27.12 27.12
CA PHE C 275 3.59 27.72 28.32
C PHE C 275 2.52 26.82 28.93
N LEU C 276 2.23 27.03 30.20
CA LEU C 276 1.18 26.32 30.91
C LEU C 276 0.34 27.36 31.64
N LEU C 277 -0.82 27.67 31.08
CA LEU C 277 -1.67 28.74 31.58
C LEU C 277 -2.81 28.15 32.40
N LYS C 278 -3.15 28.81 33.50
CA LYS C 278 -4.19 28.36 34.41
C LYS C 278 -5.38 29.30 34.27
N TYR C 279 -6.38 28.87 33.51
CA TYR C 279 -7.63 29.60 33.44
C TYR C 279 -8.37 29.47 34.77
N ASN C 280 -9.27 30.42 35.03
CA ASN C 280 -10.06 30.39 36.24
C ASN C 280 -11.46 29.85 35.94
N GLU C 281 -12.32 29.86 36.96
CA GLU C 281 -13.70 29.42 36.78
C GLU C 281 -14.47 30.36 35.85
N ASN C 282 -14.22 31.67 35.96
CA ASN C 282 -14.87 32.61 35.06
C ASN C 282 -14.32 32.50 33.65
N GLY C 283 -13.08 32.07 33.51
CA GLY C 283 -12.45 31.86 32.23
C GLY C 283 -11.35 32.83 31.87
N THR C 284 -10.73 33.50 32.84
CA THR C 284 -9.65 34.43 32.61
C THR C 284 -8.32 33.80 32.96
N ILE C 285 -7.29 34.11 32.17
CA ILE C 285 -5.96 33.58 32.45
C ILE C 285 -5.39 34.40 33.60
N THR C 286 -5.55 33.89 34.81
CA THR C 286 -5.08 34.59 36.00
C THR C 286 -3.72 34.09 36.45
N ASP C 287 -3.45 32.79 36.27
CA ASP C 287 -2.18 32.20 36.64
C ASP C 287 -1.51 31.50 35.45
N ALA C 288 -0.20 31.70 35.32
CA ALA C 288 0.59 31.10 34.25
C ALA C 288 2.02 30.89 34.70
N VAL C 289 2.65 29.84 34.17
CA VAL C 289 3.99 29.45 34.57
C VAL C 289 4.80 29.10 33.33
N ASP C 290 6.00 29.66 33.22
CA ASP C 290 6.91 29.35 32.13
C ASP C 290 7.46 27.93 32.31
N CYS C 291 7.91 27.36 31.19
CA CYS C 291 8.39 25.97 31.19
C CYS C 291 9.86 25.84 30.84
N ALA C 292 10.53 26.92 30.49
CA ALA C 292 11.98 26.90 30.25
C ALA C 292 12.72 27.87 31.15
N LEU C 293 12.11 28.28 32.25
CA LEU C 293 12.71 29.30 33.11
C LEU C 293 13.63 28.67 34.14
N ASP C 294 13.09 27.81 35.00
CA ASP C 294 13.80 27.18 36.11
C ASP C 294 13.54 25.68 36.10
N PRO C 295 14.44 24.90 36.71
CA PRO C 295 14.17 23.47 36.82
C PRO C 295 12.91 23.17 37.59
N LEU C 296 12.61 23.96 38.62
CA LEU C 296 11.32 23.83 39.29
C LEU C 296 10.17 24.08 38.32
N SER C 297 10.31 25.10 37.48
CA SER C 297 9.30 25.36 36.46
C SER C 297 9.29 24.26 35.41
N GLU C 298 10.48 23.75 35.04
CA GLU C 298 10.54 22.67 34.06
C GLU C 298 9.84 21.42 34.58
N THR C 299 9.82 21.22 35.90
CA THR C 299 9.15 20.08 36.47
C THR C 299 7.65 20.11 36.18
N LYS C 300 7.04 21.30 36.24
CA LYS C 300 5.60 21.42 36.11
C LYS C 300 5.11 21.05 34.72
N CYS C 301 6.01 20.90 33.74
CA CYS C 301 5.62 20.29 32.46
C CYS C 301 5.14 18.87 32.67
N THR C 302 5.98 18.05 33.29
CA THR C 302 5.64 16.63 33.44
C THR C 302 4.42 16.45 34.31
N LEU C 303 4.30 17.24 35.37
CA LEU C 303 3.13 17.22 36.24
C LEU C 303 2.35 18.49 35.95
N LYS C 304 1.33 18.38 35.10
CA LYS C 304 0.60 19.56 34.66
C LYS C 304 -0.24 20.09 35.81
N SER C 305 0.39 20.85 36.70
CA SER C 305 -0.25 21.37 37.90
C SER C 305 0.72 22.36 38.55
N PHE C 306 0.21 23.09 39.53
CA PHE C 306 1.03 23.93 40.37
C PHE C 306 1.35 23.18 41.67
N THR C 307 2.17 23.82 42.50
CA THR C 307 2.46 23.35 43.86
C THR C 307 2.82 21.87 43.88
N VAL C 308 3.86 21.51 43.11
CA VAL C 308 4.24 20.11 43.01
C VAL C 308 4.75 19.62 44.36
N GLU C 309 4.32 18.41 44.73
CA GLU C 309 4.61 17.87 46.04
C GLU C 309 6.09 17.50 46.16
N LYS C 310 6.50 17.19 47.39
CA LYS C 310 7.88 16.80 47.65
C LYS C 310 8.18 15.44 47.02
N GLY C 311 9.40 15.31 46.51
CA GLY C 311 9.83 14.07 45.91
C GLY C 311 10.83 14.35 44.80
N ILE C 312 11.05 13.32 43.98
CA ILE C 312 11.90 13.42 42.81
C ILE C 312 11.06 13.14 41.57
N TYR C 313 11.26 13.93 40.53
CA TYR C 313 10.51 13.80 39.30
C TYR C 313 11.47 13.84 38.11
N GLN C 314 11.29 12.91 37.19
CA GLN C 314 12.04 12.95 35.93
C GLN C 314 11.37 13.97 35.02
N THR C 315 12.05 15.10 34.79
CA THR C 315 11.42 16.20 34.09
C THR C 315 11.62 16.16 32.58
N SER C 316 12.74 15.61 32.12
CA SER C 316 13.01 15.55 30.69
C SER C 316 14.21 14.64 30.48
N ASN C 317 14.62 14.51 29.23
CA ASN C 317 15.82 13.77 28.85
C ASN C 317 16.62 14.61 27.88
N PHE C 318 17.92 14.37 27.86
CA PHE C 318 18.85 15.22 27.14
C PHE C 318 19.85 14.34 26.41
N ARG C 319 20.76 14.99 25.69
CA ARG C 319 21.82 14.33 24.95
C ARG C 319 22.86 15.36 24.59
N VAL C 320 24.14 15.02 24.76
CA VAL C 320 25.20 15.96 24.37
C VAL C 320 25.23 15.99 22.83
N GLN C 321 24.83 17.12 22.27
CA GLN C 321 24.71 17.22 20.82
C GLN C 321 26.10 17.09 20.17
N PRO C 322 26.19 16.40 19.04
CA PRO C 322 27.49 16.22 18.40
C PRO C 322 28.05 17.54 17.92
N THR C 323 29.37 17.67 17.99
CA THR C 323 30.03 18.85 17.44
C THR C 323 29.93 18.82 15.91
N GLU C 324 30.29 19.94 15.29
CA GLU C 324 30.14 20.08 13.85
C GLU C 324 30.97 19.07 13.07
N SER C 325 31.97 18.47 13.70
CA SER C 325 32.98 17.70 12.98
C SER C 325 32.40 16.44 12.34
N ILE C 326 33.04 16.01 11.26
CA ILE C 326 32.83 14.71 10.63
C ILE C 326 34.22 14.10 10.45
N VAL C 327 34.27 12.77 10.38
CA VAL C 327 35.55 12.11 10.67
C VAL C 327 36.38 11.76 9.44
N ARG C 328 35.92 10.84 8.59
CA ARG C 328 36.87 10.21 7.68
C ARG C 328 36.19 9.71 6.42
N PHE C 329 37.03 9.16 5.53
CA PHE C 329 36.71 8.56 4.24
C PHE C 329 37.99 7.93 3.70
N PRO C 330 37.92 6.83 2.91
CA PRO C 330 39.15 6.16 2.48
C PRO C 330 40.01 6.96 1.52
N ASN C 331 41.12 6.36 1.10
CA ASN C 331 42.10 7.02 0.25
C ASN C 331 41.56 7.18 -1.17
N ILE C 332 42.27 7.99 -1.95
CA ILE C 332 42.08 8.08 -3.40
C ILE C 332 43.16 7.21 -4.04
N THR C 333 42.75 6.10 -4.65
CA THR C 333 43.71 5.12 -5.11
C THR C 333 44.48 5.62 -6.33
N ASN C 334 43.79 5.83 -7.44
CA ASN C 334 44.39 6.39 -8.64
C ASN C 334 43.33 7.15 -9.42
N LEU C 335 43.73 8.28 -10.00
CA LEU C 335 42.82 9.06 -10.81
C LEU C 335 42.69 8.43 -12.19
N CYS C 336 41.62 8.80 -12.89
CA CYS C 336 41.43 8.35 -14.26
C CYS C 336 42.48 8.93 -15.17
N PRO C 337 42.88 8.18 -16.23
CA PRO C 337 43.90 8.67 -17.16
C PRO C 337 43.35 9.68 -18.18
N PHE C 338 42.59 10.66 -17.68
CA PHE C 338 42.03 11.67 -18.56
C PHE C 338 43.12 12.53 -19.21
N GLY C 339 44.28 12.63 -18.56
CA GLY C 339 45.34 13.47 -19.11
C GLY C 339 45.86 12.96 -20.44
N GLU C 340 46.11 11.66 -20.53
CA GLU C 340 46.66 11.10 -21.76
C GLU C 340 45.68 11.14 -22.92
N VAL C 341 44.41 11.44 -22.67
CA VAL C 341 43.43 11.63 -23.73
C VAL C 341 43.34 13.11 -24.07
N PHE C 342 43.04 13.93 -23.07
CA PHE C 342 42.89 15.37 -23.30
C PHE C 342 44.20 16.01 -23.71
N ASN C 343 45.30 15.62 -23.07
CA ASN C 343 46.63 16.14 -23.38
C ASN C 343 47.45 15.14 -24.19
N ALA C 344 46.80 14.44 -25.12
CA ALA C 344 47.44 13.38 -25.87
C ALA C 344 48.56 13.93 -26.76
N THR C 345 49.58 13.10 -26.98
CA THR C 345 50.68 13.48 -27.86
C THR C 345 50.31 13.32 -29.32
N ARG C 346 49.75 12.16 -29.68
CA ARG C 346 49.34 11.87 -31.03
C ARG C 346 47.82 11.93 -31.13
N PHE C 347 47.33 12.32 -32.30
CA PHE C 347 45.92 12.60 -32.52
C PHE C 347 45.35 11.67 -33.59
N ALA C 348 44.05 11.44 -33.52
CA ALA C 348 43.37 10.50 -34.39
C ALA C 348 42.50 11.22 -35.42
N SER C 349 42.47 10.66 -36.62
CA SER C 349 41.60 11.19 -37.67
C SER C 349 40.15 10.88 -37.37
N VAL C 350 39.26 11.78 -37.80
CA VAL C 350 37.85 11.66 -37.44
C VAL C 350 37.22 10.42 -38.09
N TYR C 351 37.65 10.09 -39.31
CA TYR C 351 37.15 8.87 -39.95
C TYR C 351 37.60 7.63 -39.20
N ALA C 352 38.73 7.72 -38.48
CA ALA C 352 39.25 6.59 -37.73
C ALA C 352 39.37 6.96 -36.25
N TRP C 353 38.32 7.56 -35.70
CA TRP C 353 38.38 8.07 -34.33
C TRP C 353 38.60 6.93 -33.34
N ASN C 354 39.52 7.17 -32.40
CA ASN C 354 39.83 6.19 -31.37
C ASN C 354 38.76 6.17 -30.29
N ARG C 355 38.75 5.10 -29.51
CA ARG C 355 37.88 4.96 -28.36
C ARG C 355 38.70 4.38 -27.21
N LYS C 356 38.75 5.10 -26.10
CA LYS C 356 39.48 4.65 -24.91
C LYS C 356 38.49 4.37 -23.80
N ARG C 357 38.56 3.17 -23.24
CA ARG C 357 37.66 2.73 -22.19
C ARG C 357 38.24 3.10 -20.83
N ILE C 358 37.39 3.66 -19.96
CA ILE C 358 37.80 4.09 -18.63
C ILE C 358 37.01 3.26 -17.62
N SER C 359 37.73 2.54 -16.75
CA SER C 359 37.09 1.72 -15.74
C SER C 359 38.05 1.50 -14.59
N ASN C 360 37.47 1.30 -13.39
CA ASN C 360 38.22 0.95 -12.19
C ASN C 360 39.26 2.01 -11.82
N CYS C 361 38.84 3.27 -11.84
CA CYS C 361 39.66 4.37 -11.36
C CYS C 361 38.75 5.54 -11.05
N VAL C 362 39.25 6.45 -10.22
CA VAL C 362 38.46 7.58 -9.75
C VAL C 362 38.52 8.71 -10.76
N ALA C 363 37.37 9.22 -11.14
CA ALA C 363 37.26 10.30 -12.12
C ALA C 363 36.92 11.60 -11.42
N ASP C 364 37.68 12.65 -11.73
CA ASP C 364 37.33 14.00 -11.30
C ASP C 364 36.92 14.80 -12.54
N TYR C 365 35.96 15.70 -12.35
CA TYR C 365 35.50 16.54 -13.44
C TYR C 365 35.81 18.01 -13.24
N SER C 366 36.33 18.38 -12.07
CA SER C 366 36.72 19.76 -11.82
C SER C 366 37.82 20.20 -12.76
N VAL C 367 38.81 19.33 -13.01
CA VAL C 367 39.89 19.67 -13.92
C VAL C 367 39.35 19.96 -15.31
N LEU C 368 38.21 19.38 -15.67
CA LEU C 368 37.62 19.57 -16.99
C LEU C 368 36.73 20.82 -17.04
N TYR C 369 35.72 20.89 -16.18
CA TYR C 369 34.75 21.97 -16.31
C TYR C 369 35.25 23.29 -15.73
N ASN C 370 36.31 23.28 -14.92
CA ASN C 370 36.83 24.52 -14.37
C ASN C 370 37.95 25.12 -15.21
N SER C 371 38.70 24.30 -15.93
CA SER C 371 39.79 24.81 -16.75
C SER C 371 39.23 25.63 -17.91
N ALA C 372 39.79 26.82 -18.09
CA ALA C 372 39.38 27.70 -19.19
C ALA C 372 40.21 27.45 -20.44
N SER C 373 40.27 26.18 -20.84
CA SER C 373 41.04 25.77 -22.01
C SER C 373 40.16 25.13 -23.08
N PHE C 374 38.85 25.12 -22.91
CA PHE C 374 37.92 24.50 -23.85
C PHE C 374 36.98 25.55 -24.40
N SER C 375 36.84 25.58 -25.73
CA SER C 375 35.90 26.51 -26.34
C SER C 375 34.46 26.05 -26.15
N THR C 376 34.22 24.74 -26.19
CA THR C 376 32.88 24.19 -26.06
C THR C 376 32.88 23.09 -25.01
N PHE C 377 31.96 23.19 -24.05
CA PHE C 377 31.78 22.20 -22.98
C PHE C 377 30.28 22.06 -22.77
N LYS C 378 29.67 21.10 -23.47
CA LYS C 378 28.23 20.90 -23.44
C LYS C 378 27.93 19.47 -23.00
N CYS C 379 26.88 19.32 -22.19
CA CYS C 379 26.53 18.04 -21.60
C CYS C 379 25.09 17.69 -21.98
N TYR C 380 24.81 16.39 -21.98
CA TYR C 380 23.49 15.88 -22.33
C TYR C 380 23.07 14.83 -21.32
N GLY C 381 21.92 15.04 -20.68
CA GLY C 381 21.42 14.14 -19.67
C GLY C 381 22.09 14.24 -18.33
N VAL C 382 23.10 15.10 -18.18
CA VAL C 382 23.86 15.23 -16.95
C VAL C 382 24.27 16.69 -16.78
N SER C 383 24.61 17.06 -15.55
CA SER C 383 25.12 18.38 -15.24
C SER C 383 26.54 18.29 -14.72
N PRO C 384 27.47 19.08 -15.25
CA PRO C 384 28.88 18.95 -14.84
C PRO C 384 29.10 19.19 -13.35
N THR C 385 28.30 20.07 -12.74
CA THR C 385 28.47 20.36 -11.32
C THR C 385 28.19 19.14 -10.45
N LYS C 386 27.19 18.33 -10.82
CA LYS C 386 26.75 17.21 -10.00
C LYS C 386 27.41 15.89 -10.38
N LEU C 387 28.28 15.87 -11.40
CA LEU C 387 28.91 14.63 -11.82
C LEU C 387 29.76 14.00 -10.72
N ASN C 388 30.19 14.79 -9.73
CA ASN C 388 31.03 14.26 -8.66
C ASN C 388 30.31 13.24 -7.79
N ASP C 389 28.98 13.17 -7.87
CA ASP C 389 28.20 12.31 -6.98
C ASP C 389 27.38 11.28 -7.74
N LEU C 390 27.89 10.82 -8.88
CA LEU C 390 27.24 9.75 -9.63
C LEU C 390 28.26 8.67 -9.97
N CYS C 391 27.77 7.43 -10.05
CA CYS C 391 28.60 6.27 -10.35
C CYS C 391 28.11 5.63 -11.64
N PHE C 392 29.04 5.18 -12.47
CA PHE C 392 28.70 4.63 -13.78
C PHE C 392 29.47 3.34 -14.01
N THR C 393 28.84 2.43 -14.78
CA THR C 393 29.44 1.13 -15.04
C THR C 393 30.68 1.27 -15.93
N ASN C 394 30.54 2.01 -17.04
CA ASN C 394 31.64 2.14 -18.00
C ASN C 394 31.66 3.56 -18.53
N VAL C 395 32.85 4.01 -18.91
CA VAL C 395 33.04 5.33 -19.49
C VAL C 395 33.91 5.19 -20.73
N TYR C 396 33.38 5.62 -21.87
CA TYR C 396 34.11 5.61 -23.14
C TYR C 396 34.49 7.03 -23.50
N ALA C 397 35.76 7.24 -23.86
CA ALA C 397 36.27 8.55 -24.26
C ALA C 397 36.66 8.48 -25.73
N ASP C 398 35.96 9.25 -26.56
CA ASP C 398 36.21 9.31 -27.98
C ASP C 398 36.77 10.68 -28.35
N SER C 399 37.77 10.68 -29.22
CA SER C 399 38.44 11.92 -29.61
C SER C 399 38.78 11.87 -31.09
N PHE C 400 38.84 13.05 -31.71
CA PHE C 400 39.14 13.20 -33.13
C PHE C 400 39.46 14.66 -33.38
N VAL C 401 39.64 15.03 -34.65
CA VAL C 401 39.93 16.40 -35.04
C VAL C 401 38.93 16.82 -36.11
N ILE C 402 38.29 17.98 -35.89
CA ILE C 402 37.35 18.57 -36.85
C ILE C 402 37.56 20.08 -36.83
N ARG C 403 36.89 20.78 -37.74
CA ARG C 403 36.96 22.22 -37.81
C ARG C 403 35.77 22.87 -37.12
N GLY C 404 35.93 24.15 -36.78
CA GLY C 404 34.90 24.85 -36.04
C GLY C 404 33.57 24.92 -36.76
N ASP C 405 33.59 24.76 -38.09
CA ASP C 405 32.35 24.52 -38.81
C ASP C 405 31.66 23.26 -38.32
N GLU C 406 32.44 22.25 -37.94
CA GLU C 406 31.91 20.92 -37.66
C GLU C 406 31.64 20.65 -36.19
N VAL C 407 32.02 21.54 -35.27
CA VAL C 407 31.79 21.28 -33.86
C VAL C 407 30.30 21.17 -33.57
N ARG C 408 29.49 22.02 -34.20
CA ARG C 408 28.05 21.98 -34.00
C ARG C 408 27.44 20.65 -34.41
N GLN C 409 28.12 19.88 -35.27
CA GLN C 409 27.60 18.60 -35.69
C GLN C 409 27.58 17.56 -34.58
N ILE C 410 28.43 17.70 -33.56
CA ILE C 410 28.55 16.70 -32.50
C ILE C 410 27.46 17.02 -31.48
N ALA C 411 26.31 16.38 -31.67
CA ALA C 411 25.15 16.57 -30.81
C ALA C 411 24.08 15.58 -31.25
N PRO C 412 23.20 15.16 -30.33
CA PRO C 412 22.09 14.29 -30.73
C PRO C 412 21.10 15.02 -31.64
N GLY C 413 20.50 14.26 -32.55
CA GLY C 413 19.51 14.80 -33.45
C GLY C 413 20.05 15.65 -34.58
N GLN C 414 21.37 15.83 -34.67
CA GLN C 414 21.96 16.65 -35.70
C GLN C 414 22.35 15.80 -36.90
N THR C 415 22.57 16.46 -38.03
CA THR C 415 23.03 15.82 -39.25
C THR C 415 24.15 16.65 -39.85
N GLY C 416 24.92 16.01 -40.72
CA GLY C 416 26.05 16.68 -41.36
C GLY C 416 27.10 15.66 -41.74
N LYS C 417 28.12 16.16 -42.45
CA LYS C 417 29.15 15.29 -42.98
C LYS C 417 29.80 14.46 -41.89
N ILE C 418 30.29 15.12 -40.84
CA ILE C 418 30.85 14.39 -39.71
C ILE C 418 29.75 13.64 -38.99
N ALA C 419 28.57 14.26 -38.86
CA ALA C 419 27.47 13.64 -38.13
C ALA C 419 27.01 12.36 -38.81
N ASP C 420 26.98 12.34 -40.14
CA ASP C 420 26.40 11.22 -40.85
C ASP C 420 27.42 10.19 -41.33
N TYR C 421 28.66 10.60 -41.59
CA TYR C 421 29.63 9.71 -42.19
C TYR C 421 30.89 9.51 -41.35
N ASN C 422 31.02 10.21 -40.23
CA ASN C 422 32.18 10.05 -39.36
C ASN C 422 31.80 9.64 -37.94
N TYR C 423 30.84 10.32 -37.33
CA TYR C 423 30.48 10.04 -35.93
C TYR C 423 29.04 10.45 -35.70
N LYS C 424 28.28 9.58 -35.03
CA LYS C 424 26.87 9.81 -34.78
C LYS C 424 26.56 9.62 -33.30
N LEU C 425 25.69 10.48 -32.79
CA LEU C 425 25.19 10.37 -31.42
C LEU C 425 23.72 9.93 -31.43
N PRO C 426 23.30 9.13 -30.46
CA PRO C 426 21.91 8.67 -30.42
C PRO C 426 21.00 9.76 -29.90
N ASP C 427 19.70 9.55 -30.09
CA ASP C 427 18.72 10.52 -29.64
C ASP C 427 18.74 10.65 -28.11
N ASP C 428 18.91 9.54 -27.40
CA ASP C 428 18.94 9.53 -25.94
C ASP C 428 20.36 9.45 -25.39
N PHE C 429 21.32 10.11 -26.04
CA PHE C 429 22.69 10.07 -25.58
C PHE C 429 22.80 10.67 -24.19
N THR C 430 23.65 10.06 -23.35
CA THR C 430 23.95 10.55 -22.02
C THR C 430 25.46 10.73 -21.91
N GLY C 431 25.90 11.97 -21.75
CA GLY C 431 27.32 12.24 -21.65
C GLY C 431 27.61 13.72 -21.84
N CYS C 432 28.87 14.01 -22.14
CA CYS C 432 29.34 15.38 -22.30
C CYS C 432 30.18 15.49 -23.56
N VAL C 433 30.22 16.70 -24.11
CA VAL C 433 31.00 17.00 -25.32
C VAL C 433 31.95 18.14 -25.01
N ILE C 434 33.23 17.92 -25.27
CA ILE C 434 34.28 18.90 -24.99
C ILE C 434 35.16 19.03 -26.22
N ALA C 435 35.52 20.27 -26.55
CA ALA C 435 36.37 20.53 -27.70
C ALA C 435 37.20 21.76 -27.44
N TRP C 436 38.31 21.88 -28.17
CA TRP C 436 39.17 23.03 -28.04
C TRP C 436 39.98 23.20 -29.31
N ASN C 437 40.57 24.37 -29.48
CA ASN C 437 41.27 24.75 -30.70
C ASN C 437 42.67 24.13 -30.76
N SER C 438 43.07 23.67 -31.97
CA SER C 438 44.33 22.97 -32.22
C SER C 438 45.24 23.64 -33.24
N ASN C 439 45.07 24.93 -33.51
CA ASN C 439 45.84 25.56 -34.59
C ASN C 439 47.32 25.52 -34.33
N ASN C 440 47.72 26.01 -33.16
CA ASN C 440 49.13 26.11 -32.85
C ASN C 440 49.78 24.73 -32.81
N LEU C 441 48.96 23.66 -32.82
CA LEU C 441 49.46 22.31 -32.68
C LEU C 441 49.27 21.43 -33.91
N ASP C 442 48.39 21.78 -34.85
CA ASP C 442 48.13 20.93 -36.00
C ASP C 442 48.20 21.64 -37.34
N SER C 443 48.51 22.93 -37.38
CA SER C 443 48.57 23.69 -38.62
C SER C 443 50.00 23.77 -39.13
N LYS C 444 50.16 23.70 -40.45
CA LYS C 444 51.46 23.80 -41.08
C LYS C 444 51.39 24.80 -42.23
N VAL C 445 52.48 25.54 -42.42
CA VAL C 445 52.53 26.52 -43.51
C VAL C 445 52.44 25.84 -44.85
N GLY C 446 53.15 24.71 -45.02
CA GLY C 446 53.05 23.96 -46.25
C GLY C 446 51.81 23.12 -46.40
N GLY C 447 50.98 23.04 -45.36
CA GLY C 447 49.74 22.30 -45.43
C GLY C 447 49.80 20.95 -44.74
N ASN C 448 49.04 20.79 -43.66
CA ASN C 448 48.95 19.52 -42.96
C ASN C 448 47.88 18.67 -43.65
N TYR C 449 48.30 17.58 -44.28
CA TYR C 449 47.40 16.76 -45.08
C TYR C 449 47.19 15.37 -44.48
N ASN C 450 47.52 15.18 -43.20
CA ASN C 450 47.38 13.86 -42.59
C ASN C 450 45.95 13.57 -42.15
N TYR C 451 45.19 14.59 -41.76
CA TYR C 451 43.85 14.38 -41.24
C TYR C 451 42.87 14.16 -42.38
N LEU C 452 42.06 13.09 -42.27
CA LEU C 452 41.17 12.67 -43.34
C LEU C 452 39.78 12.39 -42.76
N TYR C 453 38.77 12.49 -43.63
CA TYR C 453 37.39 12.22 -43.25
C TYR C 453 36.68 11.50 -44.37
N ARG C 454 35.76 10.60 -44.00
CA ARG C 454 34.98 9.84 -44.96
C ARG C 454 33.93 10.75 -45.61
N LEU C 455 33.65 10.48 -46.88
CA LEU C 455 32.80 11.37 -47.63
C LEU C 455 31.63 10.68 -48.34
N PHE C 456 31.82 9.48 -48.88
CA PHE C 456 30.74 8.73 -49.54
C PHE C 456 30.39 7.46 -48.78
N ARG C 457 29.11 7.09 -48.85
CA ARG C 457 28.55 5.88 -48.24
C ARG C 457 27.09 5.77 -48.64
N LYS C 458 26.64 4.55 -48.85
CA LYS C 458 25.26 4.33 -49.25
C LYS C 458 24.29 4.63 -48.13
N SER C 459 24.73 4.56 -46.87
CA SER C 459 23.83 4.74 -45.75
C SER C 459 24.55 5.42 -44.61
N ASN C 460 23.77 6.09 -43.76
CA ASN C 460 24.32 6.76 -42.61
C ASN C 460 24.83 5.74 -41.59
N LEU C 461 25.85 6.15 -40.83
CA LEU C 461 26.34 5.31 -39.76
C LEU C 461 25.37 5.33 -38.58
N LYS C 462 25.16 4.18 -37.97
CA LYS C 462 24.38 4.09 -36.75
C LYS C 462 25.19 4.68 -35.59
N PRO C 463 24.53 5.04 -34.49
CA PRO C 463 25.25 5.64 -33.36
C PRO C 463 26.42 4.77 -32.90
N PHE C 464 27.58 5.41 -32.74
CA PHE C 464 28.79 4.79 -32.25
C PHE C 464 29.30 3.68 -33.17
N GLU C 465 28.76 3.60 -34.39
CA GLU C 465 29.21 2.60 -35.35
C GLU C 465 30.43 3.12 -36.11
N ARG C 466 31.43 2.26 -36.27
CA ARG C 466 32.72 2.63 -36.82
C ARG C 466 32.90 2.01 -38.20
N ASP C 467 33.22 2.85 -39.18
CA ASP C 467 33.56 2.40 -40.53
C ASP C 467 34.96 2.87 -40.86
N ILE C 468 35.84 1.93 -41.21
CA ILE C 468 37.20 2.24 -41.62
C ILE C 468 37.50 1.67 -43.00
N SER C 469 36.47 1.34 -43.77
CA SER C 469 36.67 0.77 -45.09
C SER C 469 37.30 1.79 -46.04
N THR C 470 38.17 1.30 -46.92
CA THR C 470 38.85 2.14 -47.91
C THR C 470 38.54 1.71 -49.33
N GLU C 471 37.42 1.01 -49.54
CA GLU C 471 37.05 0.57 -50.88
C GLU C 471 36.73 1.77 -51.76
N ILE C 472 37.16 1.69 -53.03
CA ILE C 472 36.89 2.77 -53.97
C ILE C 472 35.39 2.89 -54.19
N TYR C 473 34.91 4.12 -54.24
CA TYR C 473 33.48 4.39 -54.40
C TYR C 473 33.13 4.47 -55.89
N GLN C 474 32.15 3.69 -56.30
CA GLN C 474 31.70 3.65 -57.69
C GLN C 474 30.52 4.59 -57.85
N ALA C 475 30.62 5.53 -58.79
CA ALA C 475 29.57 6.51 -58.99
C ALA C 475 28.59 6.13 -60.09
N GLY C 476 29.03 5.34 -61.07
CA GLY C 476 28.15 4.93 -62.16
C GLY C 476 28.14 3.43 -62.35
N SER C 477 27.83 2.99 -63.57
CA SER C 477 27.84 1.56 -63.86
C SER C 477 29.25 1.01 -64.03
N THR C 478 30.22 1.85 -64.31
CA THR C 478 31.57 1.38 -64.58
C THR C 478 32.22 0.87 -63.30
N PRO C 479 32.65 -0.39 -63.24
CA PRO C 479 33.34 -0.89 -62.05
C PRO C 479 34.67 -0.18 -61.85
N CYS C 480 35.03 0.00 -60.58
CA CYS C 480 36.28 0.68 -60.25
C CYS C 480 37.47 -0.26 -60.32
N ASN C 481 37.29 -1.51 -59.86
CA ASN C 481 38.35 -2.50 -59.81
C ASN C 481 39.54 -2.00 -59.01
N GLY C 482 39.29 -1.16 -58.01
CA GLY C 482 40.34 -0.66 -57.15
C GLY C 482 41.23 0.39 -57.77
N VAL C 483 40.78 1.03 -58.85
CA VAL C 483 41.57 2.05 -59.54
C VAL C 483 40.78 3.36 -59.48
N GLU C 484 41.40 4.40 -58.94
CA GLU C 484 40.77 5.71 -58.88
C GLU C 484 40.70 6.32 -60.26
N GLY C 485 39.66 7.12 -60.49
CA GLY C 485 39.45 7.74 -61.78
C GLY C 485 38.13 8.48 -61.80
N PHE C 486 37.72 8.85 -63.02
CA PHE C 486 36.43 9.51 -63.19
C PHE C 486 35.31 8.61 -62.68
N ASN C 487 34.42 9.19 -61.88
CA ASN C 487 33.36 8.46 -61.20
C ASN C 487 33.91 7.34 -60.31
N CYS C 488 35.21 7.39 -60.00
CA CYS C 488 35.89 6.43 -59.16
C CYS C 488 36.62 7.23 -58.09
N TYR C 489 35.93 7.52 -57.00
CA TYR C 489 36.44 8.44 -56.00
C TYR C 489 37.03 7.68 -54.81
N PHE C 490 38.17 8.17 -54.34
CA PHE C 490 38.77 7.65 -53.12
C PHE C 490 37.96 8.17 -51.92
N PRO C 491 37.51 7.28 -51.02
CA PRO C 491 36.42 7.65 -50.11
C PRO C 491 36.73 8.75 -49.10
N LEU C 492 38.01 9.04 -48.83
CA LEU C 492 38.35 10.01 -47.80
C LEU C 492 38.79 11.32 -48.44
N GLN C 493 38.81 12.38 -47.64
CA GLN C 493 39.28 13.68 -48.10
C GLN C 493 40.11 14.33 -47.01
N SER C 494 41.14 15.04 -47.43
CA SER C 494 42.06 15.68 -46.50
C SER C 494 41.53 17.05 -46.09
N TYR C 495 41.98 17.51 -44.92
CA TYR C 495 41.56 18.81 -44.40
C TYR C 495 42.46 19.93 -44.89
N GLY C 496 43.77 19.70 -44.96
CA GLY C 496 44.70 20.67 -45.51
C GLY C 496 44.70 21.99 -44.79
N PHE C 497 44.80 21.97 -43.47
CA PHE C 497 44.77 23.19 -42.69
C PHE C 497 45.91 24.12 -43.08
N GLN C 498 45.62 25.42 -43.11
CA GLN C 498 46.63 26.47 -43.22
C GLN C 498 46.52 27.38 -42.00
N PRO C 499 47.63 27.80 -41.44
CA PRO C 499 47.58 28.55 -40.16
C PRO C 499 46.92 29.91 -40.26
N THR C 500 47.36 30.73 -41.23
CA THR C 500 46.94 32.13 -41.30
C THR C 500 45.44 32.30 -41.54
N ASN C 501 44.70 31.22 -41.77
CA ASN C 501 43.30 31.34 -42.09
C ASN C 501 42.50 31.83 -40.88
N GLY C 502 41.20 32.04 -41.11
CA GLY C 502 40.34 32.51 -40.04
C GLY C 502 40.04 31.45 -39.00
N VAL C 503 39.48 31.89 -37.88
CA VAL C 503 39.29 31.01 -36.73
C VAL C 503 38.30 29.90 -37.05
N GLY C 504 37.30 30.19 -37.87
CA GLY C 504 36.20 29.26 -38.08
C GLY C 504 36.60 27.94 -38.74
N TYR C 505 37.70 27.92 -39.48
CA TYR C 505 38.14 26.75 -40.21
C TYR C 505 39.39 26.15 -39.62
N GLN C 506 39.80 26.64 -38.47
CA GLN C 506 40.96 26.20 -37.78
C GLN C 506 40.73 24.81 -37.17
N PRO C 507 41.78 24.00 -37.03
CA PRO C 507 41.57 22.67 -36.43
C PRO C 507 41.15 22.76 -34.99
N TYR C 508 40.30 21.80 -34.59
CA TYR C 508 39.83 21.67 -33.23
C TYR C 508 39.91 20.22 -32.81
N ARG C 509 40.30 19.98 -31.56
CA ARG C 509 40.27 18.64 -30.99
C ARG C 509 39.07 18.49 -30.09
N VAL C 510 38.29 17.45 -30.33
CA VAL C 510 37.05 17.19 -29.63
C VAL C 510 37.22 15.92 -28.82
N VAL C 511 36.72 15.93 -27.59
CA VAL C 511 36.67 14.75 -26.74
C VAL C 511 35.22 14.53 -26.33
N VAL C 512 34.71 13.32 -26.55
CA VAL C 512 33.34 12.96 -26.22
C VAL C 512 33.39 11.94 -25.10
N LEU C 513 32.71 12.24 -24.00
CA LEU C 513 32.64 11.37 -22.84
C LEU C 513 31.24 10.76 -22.76
N SER C 514 31.18 9.45 -22.54
CA SER C 514 29.92 8.73 -22.45
C SER C 514 29.86 7.98 -21.14
N PHE C 515 28.67 7.93 -20.55
CA PHE C 515 28.44 7.23 -19.30
C PHE C 515 27.43 6.12 -19.53
N GLU C 516 27.79 4.90 -19.13
CA GLU C 516 26.97 3.73 -19.34
C GLU C 516 26.66 3.08 -18.00
N LEU C 517 25.39 2.74 -17.78
CA LEU C 517 24.94 2.15 -16.53
C LEU C 517 24.26 0.82 -16.84
N LEU C 518 25.07 -0.23 -16.91
CA LEU C 518 24.53 -1.58 -17.11
C LEU C 518 24.08 -2.16 -15.78
N HIS C 519 23.50 -3.36 -15.84
CA HIS C 519 23.16 -4.12 -14.64
C HIS C 519 24.42 -4.83 -14.15
N ALA C 520 25.35 -4.02 -13.66
CA ALA C 520 26.68 -4.48 -13.27
C ALA C 520 27.24 -3.49 -12.25
N PRO C 521 28.23 -3.90 -11.46
CA PRO C 521 28.82 -2.97 -10.49
C PRO C 521 29.47 -1.78 -11.17
N ALA C 522 29.37 -0.63 -10.52
CA ALA C 522 30.01 0.58 -11.02
C ALA C 522 31.50 0.54 -10.73
N THR C 523 32.29 1.09 -11.66
CA THR C 523 33.73 1.14 -11.52
C THR C 523 34.28 2.55 -11.49
N VAL C 524 33.43 3.58 -11.59
CA VAL C 524 33.86 4.98 -11.60
C VAL C 524 33.09 5.72 -10.52
N CYS C 525 33.80 6.47 -9.68
CA CYS C 525 33.18 7.19 -8.58
C CYS C 525 33.91 8.51 -8.38
N GLY C 526 33.36 9.33 -7.48
CA GLY C 526 33.91 10.63 -7.18
C GLY C 526 34.82 10.63 -5.97
N PRO C 527 35.97 11.31 -6.08
CA PRO C 527 36.98 11.24 -5.01
C PRO C 527 36.63 11.97 -3.72
N LYS C 528 36.25 13.25 -3.83
CA LYS C 528 36.35 14.21 -2.72
C LYS C 528 35.27 13.96 -1.68
N LYS C 529 35.61 13.20 -0.65
CA LYS C 529 34.79 13.12 0.55
C LYS C 529 35.62 13.07 1.82
N SER C 530 36.95 13.19 1.72
CA SER C 530 37.82 12.98 2.87
C SER C 530 37.78 14.15 3.84
N THR C 531 37.95 13.82 5.13
CA THR C 531 38.12 14.79 6.19
C THR C 531 39.11 14.23 7.20
N ASN C 532 39.71 15.11 7.98
CA ASN C 532 40.64 14.68 9.02
C ASN C 532 39.88 14.16 10.22
N LEU C 533 40.40 13.10 10.83
CA LEU C 533 39.74 12.47 11.97
C LEU C 533 39.94 13.30 13.24
N VAL C 534 39.04 13.09 14.20
CA VAL C 534 39.09 13.78 15.48
C VAL C 534 38.71 12.79 16.57
N LYS C 535 39.42 12.85 17.69
CA LYS C 535 39.28 11.85 18.74
C LYS C 535 39.03 12.53 20.09
N ASN C 536 38.48 11.76 21.02
CA ASN C 536 38.14 12.19 22.37
C ASN C 536 37.06 13.26 22.40
N LYS C 537 36.29 13.43 21.32
CA LYS C 537 35.22 14.42 21.26
C LYS C 537 33.98 13.80 20.62
N CYS C 538 32.81 14.20 21.11
CA CYS C 538 31.55 13.66 20.61
C CYS C 538 31.29 14.25 19.23
N VAL C 539 31.42 13.43 18.19
CA VAL C 539 31.38 13.89 16.82
C VAL C 539 30.44 13.02 15.99
N ASN C 540 30.04 13.56 14.84
CA ASN C 540 29.36 12.78 13.82
C ASN C 540 30.40 12.05 12.99
N PHE C 541 30.22 10.74 12.81
CA PHE C 541 31.19 9.96 12.03
C PHE C 541 30.50 9.29 10.86
N ASN C 542 31.15 9.37 9.70
CA ASN C 542 30.77 8.64 8.50
C ASN C 542 32.01 7.91 7.98
N PHE C 543 31.84 6.62 7.70
CA PHE C 543 32.91 5.81 7.15
C PHE C 543 32.38 5.06 5.95
N ASN C 544 33.20 4.17 5.40
CA ASN C 544 32.73 3.26 4.36
C ASN C 544 31.55 2.45 4.89
N GLY C 545 30.39 2.64 4.28
CA GLY C 545 29.22 1.88 4.67
C GLY C 545 28.53 2.38 5.92
N LEU C 546 29.16 2.18 7.07
CA LEU C 546 28.52 2.50 8.35
C LEU C 546 28.63 3.99 8.66
N THR C 547 27.59 4.50 9.32
CA THR C 547 27.52 5.89 9.78
C THR C 547 26.83 5.93 11.13
N GLY C 548 26.95 7.06 11.82
CA GLY C 548 26.21 7.26 13.05
C GLY C 548 26.76 8.44 13.83
N THR C 549 26.53 8.42 15.15
CA THR C 549 27.03 9.44 16.07
C THR C 549 27.71 8.78 17.27
N GLY C 550 28.88 9.29 17.64
CA GLY C 550 29.60 8.76 18.78
C GLY C 550 30.90 9.48 19.01
N VAL C 551 31.66 9.02 20.00
CA VAL C 551 32.98 9.56 20.33
C VAL C 551 34.01 8.49 20.02
N LEU C 552 35.00 8.82 19.20
CA LEU C 552 35.99 7.86 18.74
C LEU C 552 37.24 7.99 19.60
N THR C 553 37.68 6.88 20.17
CA THR C 553 38.78 6.87 21.13
C THR C 553 39.79 5.80 20.74
N GLU C 554 40.92 5.80 21.45
CA GLU C 554 41.92 4.76 21.28
C GLU C 554 41.33 3.41 21.65
N SER C 555 41.75 2.37 20.93
CA SER C 555 41.14 1.06 21.04
C SER C 555 42.17 0.01 21.45
N ASN C 556 41.77 -0.87 22.36
CA ASN C 556 42.55 -2.03 22.70
C ASN C 556 42.16 -3.27 21.90
N LYS C 557 41.07 -3.20 21.14
CA LYS C 557 40.64 -4.33 20.34
C LYS C 557 41.64 -4.57 19.21
N LYS C 558 41.60 -5.78 18.66
CA LYS C 558 42.50 -6.19 17.59
C LYS C 558 41.70 -6.78 16.45
N PHE C 559 41.99 -6.33 15.24
CA PHE C 559 41.25 -6.71 14.04
C PHE C 559 42.10 -7.59 13.14
N LEU C 560 41.44 -8.47 12.41
CA LEU C 560 42.10 -9.22 11.37
C LEU C 560 42.22 -8.36 10.12
N PRO C 561 43.23 -8.59 9.28
CA PRO C 561 43.54 -7.63 8.21
C PRO C 561 42.38 -7.31 7.29
N PHE C 562 41.50 -8.27 7.01
CA PHE C 562 40.38 -8.05 6.10
C PHE C 562 39.17 -7.41 6.77
N GLN C 563 39.13 -7.36 8.10
CA GLN C 563 37.97 -6.82 8.80
C GLN C 563 37.88 -5.31 8.58
N GLN C 564 36.66 -4.79 8.71
CA GLN C 564 36.43 -3.36 8.58
C GLN C 564 35.86 -2.73 9.85
N PHE C 565 34.77 -3.26 10.39
CA PHE C 565 34.18 -2.69 11.59
C PHE C 565 33.59 -3.80 12.45
N GLY C 566 33.47 -3.52 13.74
CA GLY C 566 33.12 -4.53 14.71
C GLY C 566 31.66 -4.51 15.15
N ARG C 567 31.30 -5.54 15.93
CA ARG C 567 29.97 -5.68 16.50
C ARG C 567 30.14 -6.08 17.96
N ASP C 568 29.02 -6.41 18.61
CA ASP C 568 29.03 -6.83 20.01
C ASP C 568 27.97 -7.91 20.19
N ILE C 569 27.64 -8.18 21.46
CA ILE C 569 26.64 -9.21 21.77
C ILE C 569 25.30 -8.88 21.13
N ALA C 570 24.92 -7.61 21.16
CA ALA C 570 23.69 -7.17 20.52
C ALA C 570 23.98 -6.81 19.06
N ASP C 571 23.00 -6.22 18.39
CA ASP C 571 23.19 -5.72 17.02
C ASP C 571 23.58 -4.25 17.11
N THR C 572 24.84 -4.02 17.48
CA THR C 572 25.37 -2.68 17.67
C THR C 572 26.77 -2.62 17.08
N THR C 573 27.08 -1.48 16.46
CA THR C 573 28.35 -1.28 15.77
C THR C 573 29.23 -0.35 16.60
N ASP C 574 30.16 -0.92 17.37
CA ASP C 574 31.13 -0.10 18.13
C ASP C 574 32.54 -0.62 17.82
N ALA C 575 33.04 -0.24 16.65
CA ALA C 575 34.43 -0.33 16.26
C ALA C 575 34.55 0.19 14.83
N VAL C 576 35.68 0.77 14.46
CA VAL C 576 35.91 1.20 13.09
C VAL C 576 37.39 1.07 12.80
N ARG C 577 37.73 0.57 11.62
CA ARG C 577 39.10 0.63 11.11
C ARG C 577 39.24 1.89 10.28
N ASP C 578 40.09 2.82 10.73
CA ASP C 578 40.31 4.06 10.00
C ASP C 578 40.83 3.72 8.61
N PRO C 579 40.05 3.98 7.57
CA PRO C 579 40.46 3.57 6.21
C PRO C 579 41.71 4.26 5.72
N GLN C 580 42.25 5.23 6.46
CA GLN C 580 43.47 5.92 6.08
C GLN C 580 44.69 5.38 6.81
N THR C 581 44.65 5.39 8.16
CA THR C 581 45.77 4.90 8.95
C THR C 581 45.78 3.40 9.13
N LEU C 582 44.68 2.72 8.81
CA LEU C 582 44.46 1.32 9.18
C LEU C 582 44.54 1.10 10.68
N GLU C 583 44.53 2.17 11.47
CA GLU C 583 44.45 2.07 12.91
C GLU C 583 43.01 1.88 13.34
N ILE C 584 42.81 1.24 14.48
CA ILE C 584 41.48 0.86 14.92
C ILE C 584 40.95 1.89 15.90
N LEU C 585 39.74 2.37 15.65
CA LEU C 585 39.07 3.36 16.49
C LEU C 585 37.88 2.71 17.17
N ASP C 586 37.80 2.87 18.49
CA ASP C 586 36.69 2.41 19.29
C ASP C 586 35.55 3.43 19.23
N ILE C 587 34.35 2.99 19.60
CA ILE C 587 33.16 3.82 19.58
C ILE C 587 32.41 3.64 20.88
N THR C 588 31.97 4.74 21.47
CA THR C 588 31.02 4.73 22.57
C THR C 588 29.90 5.69 22.22
N PRO C 589 28.66 5.37 22.57
CA PRO C 589 27.53 6.22 22.17
C PRO C 589 27.59 7.56 22.85
N CYS C 590 26.93 8.55 22.24
CA CYS C 590 26.92 9.89 22.78
C CYS C 590 26.33 9.89 24.18
N SER C 591 26.99 10.60 25.09
CA SER C 591 26.56 10.65 26.47
C SER C 591 25.15 11.22 26.56
N PHE C 592 24.33 10.62 27.42
CA PHE C 592 22.92 10.97 27.48
C PHE C 592 22.34 10.41 28.78
N GLY C 593 21.04 10.56 28.93
CA GLY C 593 20.34 10.05 30.09
C GLY C 593 19.18 10.96 30.43
N GLY C 594 18.55 10.65 31.55
CA GLY C 594 17.50 11.50 32.07
C GLY C 594 18.02 12.56 33.00
N VAL C 595 17.24 13.64 33.14
CA VAL C 595 17.52 14.69 34.11
C VAL C 595 16.33 14.78 35.05
N SER C 596 16.59 14.63 36.34
CA SER C 596 15.54 14.58 37.35
C SER C 596 15.68 15.75 38.31
N VAL C 597 14.55 16.16 38.88
CA VAL C 597 14.49 17.33 39.74
C VAL C 597 14.12 16.88 41.15
N ILE C 598 14.90 17.31 42.13
CA ILE C 598 14.62 17.04 43.54
C ILE C 598 13.99 18.29 44.12
N THR C 599 12.74 18.20 44.53
CA THR C 599 12.01 19.35 45.06
C THR C 599 11.63 19.09 46.52
N PRO C 600 12.04 19.95 47.46
CA PRO C 600 11.63 19.76 48.85
C PRO C 600 10.16 20.04 49.09
N GLY C 601 9.44 20.55 48.10
CA GLY C 601 8.02 20.85 48.26
C GLY C 601 7.70 22.29 47.95
N THR C 602 6.85 22.52 46.95
CA THR C 602 6.55 23.87 46.50
C THR C 602 5.91 24.70 47.61
N ASN C 603 5.11 24.07 48.48
CA ASN C 603 4.50 24.80 49.57
C ASN C 603 5.49 25.16 50.68
N THR C 604 6.74 24.72 50.55
CA THR C 604 7.80 25.04 51.50
C THR C 604 8.87 25.94 50.92
N SER C 605 9.33 25.67 49.70
CA SER C 605 10.36 26.50 49.08
C SER C 605 10.37 26.26 47.58
N ASN C 606 10.81 27.27 46.83
CA ASN C 606 10.96 27.18 45.39
C ASN C 606 12.37 26.79 44.96
N GLN C 607 13.27 26.60 45.91
CA GLN C 607 14.62 26.14 45.61
C GLN C 607 14.63 24.64 45.42
N VAL C 608 15.32 24.18 44.36
CA VAL C 608 15.38 22.76 44.02
C VAL C 608 16.79 22.42 43.58
N ALA C 609 17.09 21.13 43.52
CA ALA C 609 18.30 20.59 42.95
C ALA C 609 17.95 19.79 41.70
N VAL C 610 18.99 19.41 40.94
CA VAL C 610 18.82 18.70 39.69
C VAL C 610 19.81 17.54 39.64
N LEU C 611 19.35 16.39 39.15
CA LEU C 611 20.19 15.21 39.03
C LEU C 611 20.22 14.74 37.59
N TYR C 612 21.42 14.48 37.08
CA TYR C 612 21.61 13.92 35.75
C TYR C 612 22.03 12.46 35.90
N GLN C 613 21.29 11.57 35.25
CA GLN C 613 21.53 10.14 35.38
C GLN C 613 22.75 9.72 34.54
N ASP C 614 23.70 9.06 35.20
CA ASP C 614 24.77 8.30 34.53
C ASP C 614 25.84 9.21 33.93
N VAL C 615 25.59 10.51 33.84
CA VAL C 615 26.52 11.38 33.15
C VAL C 615 27.58 11.89 34.12
N ASN C 616 28.77 12.14 33.58
CA ASN C 616 29.90 12.62 34.35
C ASN C 616 29.82 14.13 34.52
N CYS C 617 30.35 14.61 35.66
CA CYS C 617 30.31 16.04 35.95
C CYS C 617 31.14 16.84 34.95
N THR C 618 32.16 16.22 34.35
CA THR C 618 33.09 16.94 33.51
C THR C 618 32.45 17.49 32.23
N GLU C 619 31.28 17.00 31.83
CA GLU C 619 30.68 17.48 30.59
C GLU C 619 29.20 17.81 30.73
N VAL C 620 28.68 17.92 31.95
CA VAL C 620 27.29 18.39 32.11
C VAL C 620 27.09 19.83 31.62
N PRO C 621 28.01 20.79 31.82
CA PRO C 621 27.70 22.15 31.34
C PRO C 621 27.47 22.22 29.83
N VAL C 622 28.14 21.35 29.07
CA VAL C 622 27.85 21.26 27.64
C VAL C 622 26.41 20.80 27.43
N ALA C 623 25.98 19.82 28.22
CA ALA C 623 24.64 19.25 28.04
C ALA C 623 23.55 20.27 28.32
N ILE C 624 23.73 21.09 29.35
CA ILE C 624 22.72 22.06 29.81
C ILE C 624 21.42 21.33 30.18
N PRO C 631 19.27 32.57 30.38
CA PRO C 631 20.37 32.99 31.24
C PRO C 631 20.22 32.48 32.67
N THR C 632 19.05 31.90 32.98
CA THR C 632 18.80 31.39 34.32
C THR C 632 19.53 30.08 34.58
N TRP C 633 19.82 29.31 33.53
CA TRP C 633 20.48 28.02 33.70
C TRP C 633 21.93 28.14 34.12
N ARG C 634 22.50 29.37 34.12
CA ARG C 634 23.86 29.55 34.62
C ARG C 634 23.99 29.12 36.08
N VAL C 635 22.90 29.16 36.83
CA VAL C 635 22.91 28.74 38.22
C VAL C 635 23.26 27.25 38.35
N TYR C 636 22.94 26.47 37.32
CA TYR C 636 23.14 25.02 37.37
C TYR C 636 24.21 24.51 36.42
N SER C 637 24.50 25.23 35.35
CA SER C 637 25.62 24.86 34.47
C SER C 637 26.92 25.18 35.20
N THR C 638 27.58 24.14 35.71
CA THR C 638 28.75 24.28 36.57
C THR C 638 28.43 25.18 37.77
N GLY C 639 27.48 24.71 38.57
CA GLY C 639 26.90 25.52 39.63
C GLY C 639 27.86 25.77 40.78
N SER C 640 27.37 26.54 41.76
CA SER C 640 28.16 26.90 42.93
C SER C 640 28.60 25.68 43.73
N ASN C 641 27.89 24.56 43.60
CA ASN C 641 28.25 23.35 44.32
C ASN C 641 27.81 22.16 43.46
N VAL C 642 28.75 21.24 43.23
CA VAL C 642 28.48 20.03 42.45
C VAL C 642 28.93 18.83 43.26
N PHE C 643 28.45 17.66 42.86
CA PHE C 643 28.75 16.43 43.55
C PHE C 643 28.67 15.28 42.55
N GLN C 644 29.29 14.16 42.90
CA GLN C 644 29.27 12.97 42.06
C GLN C 644 28.72 11.79 42.84
N THR C 645 27.85 11.01 42.20
CA THR C 645 27.30 9.80 42.79
C THR C 645 27.29 8.71 41.74
N ARG C 646 27.11 7.47 42.19
CA ARG C 646 26.92 6.37 41.26
C ARG C 646 25.70 6.58 40.38
N ALA C 647 24.72 7.34 40.86
CA ALA C 647 23.53 7.63 40.06
C ALA C 647 23.81 8.67 38.99
N GLY C 648 24.85 9.49 39.15
CA GLY C 648 25.17 10.50 38.15
C GLY C 648 25.69 11.80 38.75
N CYS C 649 25.29 12.93 38.17
CA CYS C 649 25.71 14.24 38.63
C CYS C 649 24.58 14.90 39.41
N LEU C 650 24.94 15.60 40.48
CA LEU C 650 23.98 16.20 41.40
C LEU C 650 24.41 17.63 41.67
N ILE C 651 23.63 18.59 41.17
CA ILE C 651 23.96 20.00 41.30
C ILE C 651 22.86 20.71 42.07
N GLY C 652 23.25 21.70 42.87
CA GLY C 652 22.35 22.45 43.72
C GLY C 652 22.33 21.99 45.16
N ALA C 653 22.60 20.72 45.41
CA ALA C 653 22.67 20.19 46.76
C ALA C 653 24.09 20.31 47.31
N GLU C 654 24.19 20.24 48.63
CA GLU C 654 25.47 20.28 49.32
C GLU C 654 25.63 18.99 50.13
N HIS C 655 26.71 18.26 49.88
CA HIS C 655 26.95 17.02 50.59
C HIS C 655 27.28 17.29 52.05
N VAL C 656 26.93 16.36 52.92
CA VAL C 656 27.26 16.44 54.33
C VAL C 656 27.61 15.06 54.84
N ASN C 657 28.64 14.98 55.69
CA ASN C 657 29.05 13.71 56.27
C ASN C 657 28.04 13.21 57.30
N ASN C 658 27.40 14.12 58.03
CA ASN C 658 26.50 13.76 59.11
C ASN C 658 25.26 13.11 58.52
N SER C 659 25.27 11.77 58.45
CA SER C 659 24.23 11.04 57.75
C SER C 659 22.91 11.09 58.51
N TYR C 660 21.81 11.05 57.75
CA TYR C 660 20.46 11.06 58.31
C TYR C 660 19.64 9.90 57.78
N GLU C 661 18.35 9.90 58.12
CA GLU C 661 17.40 8.94 57.57
C GLU C 661 16.94 9.40 56.18
N CYS C 662 16.56 8.43 55.35
CA CYS C 662 16.18 8.72 53.98
C CYS C 662 14.98 9.65 53.93
N ASP C 663 15.04 10.64 53.04
CA ASP C 663 13.94 11.56 52.79
C ASP C 663 13.45 11.50 51.35
N ILE C 664 14.33 11.69 50.37
CA ILE C 664 13.98 11.61 48.97
C ILE C 664 15.00 10.69 48.30
N PRO C 665 14.60 9.53 47.78
CA PRO C 665 15.58 8.54 47.32
C PRO C 665 16.26 8.96 46.02
N ILE C 666 17.59 9.00 46.05
CA ILE C 666 18.41 8.99 44.84
C ILE C 666 19.10 7.64 44.79
N GLY C 667 19.69 7.32 43.65
CA GLY C 667 20.27 6.00 43.47
C GLY C 667 21.45 5.76 44.38
N ALA C 668 21.76 4.47 44.55
CA ALA C 668 22.99 4.01 45.18
C ALA C 668 23.16 4.57 46.59
N GLY C 669 22.14 4.38 47.42
CA GLY C 669 22.26 4.71 48.83
C GLY C 669 22.56 6.15 49.12
N ILE C 670 21.94 7.07 48.39
CA ILE C 670 22.09 8.50 48.63
C ILE C 670 20.71 9.14 48.61
N CYS C 671 20.44 9.99 49.59
CA CYS C 671 19.15 10.64 49.70
C CYS C 671 19.34 12.13 49.94
N ALA C 672 18.38 12.93 49.47
CA ALA C 672 18.44 14.37 49.58
C ALA C 672 17.28 14.86 50.43
N SER C 673 17.54 15.88 51.25
CA SER C 673 16.53 16.37 52.19
C SER C 673 16.72 17.87 52.40
N TYR C 674 15.72 18.46 53.05
CA TYR C 674 15.70 19.88 53.36
C TYR C 674 16.08 20.07 54.82
N GLN C 675 17.04 20.95 55.07
CA GLN C 675 17.52 21.21 56.43
C GLN C 675 16.36 21.69 57.29
N GLN C 690 17.26 25.51 54.97
CA GLN C 690 17.81 26.69 54.31
C GLN C 690 18.53 26.31 53.02
N SER C 691 18.65 25.01 52.77
CA SER C 691 19.27 24.50 51.55
C SER C 691 18.95 23.01 51.45
N ILE C 692 19.25 22.43 50.30
CA ILE C 692 19.06 21.01 50.07
C ILE C 692 20.39 20.31 50.30
N ILE C 693 20.38 19.31 51.18
CA ILE C 693 21.55 18.52 51.46
C ILE C 693 21.38 17.15 50.83
N ALA C 694 22.49 16.45 50.65
CA ALA C 694 22.49 15.08 50.15
C ALA C 694 23.52 14.28 50.92
N TYR C 695 23.15 13.08 51.33
CA TYR C 695 23.99 12.32 52.25
C TYR C 695 23.84 10.84 51.99
N THR C 696 24.78 10.07 52.53
CA THR C 696 24.65 8.62 52.52
C THR C 696 23.54 8.19 53.47
N MET C 697 22.68 7.29 53.00
CA MET C 697 21.54 6.86 53.79
C MET C 697 21.99 6.18 55.07
N SER C 698 21.24 6.41 56.15
CA SER C 698 21.46 5.75 57.41
C SER C 698 20.34 4.75 57.65
N LEU C 699 20.67 3.61 58.25
CA LEU C 699 19.70 2.55 58.44
C LEU C 699 19.11 2.53 59.85
N GLY C 700 19.67 3.27 60.78
CA GLY C 700 19.10 3.38 62.11
C GLY C 700 20.18 3.42 63.16
N ALA C 701 19.73 3.40 64.41
CA ALA C 701 20.65 3.42 65.54
C ALA C 701 21.47 2.13 65.56
N GLU C 702 22.70 2.25 66.04
CA GLU C 702 23.61 1.11 66.15
C GLU C 702 23.59 0.57 67.57
N ASN C 703 22.52 -0.17 67.86
CA ASN C 703 22.21 -0.62 69.21
C ASN C 703 22.80 -2.00 69.45
N SER C 704 23.84 -2.07 70.27
CA SER C 704 24.43 -3.35 70.64
C SER C 704 23.67 -3.95 71.82
N VAL C 705 23.59 -5.28 71.84
CA VAL C 705 22.86 -6.01 72.86
C VAL C 705 23.85 -6.71 73.77
N ALA C 706 23.73 -6.49 75.08
CA ALA C 706 24.65 -7.06 76.05
C ALA C 706 24.31 -8.54 76.27
N TYR C 707 24.90 -9.37 75.43
CA TYR C 707 24.66 -10.81 75.48
C TYR C 707 25.75 -11.50 76.29
N SER C 708 25.35 -12.56 76.98
CA SER C 708 26.27 -13.36 77.78
C SER C 708 25.64 -14.73 78.00
N ASN C 709 26.45 -15.68 78.44
CA ASN C 709 25.98 -17.06 78.55
C ASN C 709 25.18 -17.32 79.81
N ASN C 710 24.91 -16.30 80.63
CA ASN C 710 24.04 -16.51 81.78
C ASN C 710 23.10 -15.33 82.04
N SER C 711 23.00 -14.37 81.14
CA SER C 711 22.22 -13.15 81.35
C SER C 711 20.95 -13.19 80.53
N ILE C 712 19.82 -12.89 81.17
CA ILE C 712 18.52 -12.77 80.53
C ILE C 712 18.04 -11.33 80.70
N ALA C 713 17.00 -10.99 79.94
CA ALA C 713 16.28 -9.73 80.12
C ALA C 713 14.80 -10.03 80.15
N ILE C 714 14.11 -9.54 81.18
CA ILE C 714 12.67 -9.79 81.33
C ILE C 714 11.95 -8.46 81.51
N PRO C 715 10.97 -8.15 80.66
CA PRO C 715 10.22 -6.91 80.84
C PRO C 715 9.45 -6.91 82.14
N THR C 716 9.33 -5.74 82.75
CA THR C 716 8.55 -5.58 83.97
C THR C 716 7.29 -4.77 83.77
N ASN C 717 7.03 -4.30 82.54
CA ASN C 717 5.93 -3.39 82.30
C ASN C 717 5.59 -3.43 80.82
N PHE C 718 4.36 -3.06 80.50
CA PHE C 718 3.84 -3.23 79.15
C PHE C 718 3.11 -1.97 78.69
N THR C 719 3.06 -1.79 77.39
CA THR C 719 2.27 -0.72 76.78
C THR C 719 1.47 -1.31 75.64
N ILE C 720 0.15 -1.13 75.67
CA ILE C 720 -0.70 -1.56 74.57
C ILE C 720 -0.70 -0.46 73.52
N SER C 721 -0.24 -0.78 72.32
CA SER C 721 -0.08 0.21 71.26
C SER C 721 -0.96 -0.19 70.09
N VAL C 722 -1.81 0.73 69.65
CA VAL C 722 -2.71 0.48 68.53
C VAL C 722 -2.04 0.96 67.26
N THR C 723 -1.78 0.03 66.34
CA THR C 723 -1.14 0.33 65.07
C THR C 723 -2.16 0.18 63.95
N THR C 724 -2.20 1.16 63.05
CA THR C 724 -3.13 1.14 61.94
C THR C 724 -2.49 0.52 60.71
N GLU C 725 -3.34 0.14 59.76
CA GLU C 725 -2.91 -0.44 58.49
C GLU C 725 -4.00 -0.26 57.47
N ILE C 726 -3.63 0.13 56.26
CA ILE C 726 -4.58 0.51 55.22
C ILE C 726 -4.43 -0.43 54.03
N LEU C 727 -5.56 -0.95 53.54
CA LEU C 727 -5.58 -1.83 52.39
C LEU C 727 -6.66 -1.35 51.41
N PRO C 728 -6.35 -1.28 50.12
CA PRO C 728 -7.40 -1.04 49.13
C PRO C 728 -8.11 -2.33 48.78
N VAL C 729 -9.41 -2.22 48.50
CA VAL C 729 -10.21 -3.42 48.25
C VAL C 729 -11.01 -3.32 46.96
N SER C 730 -11.09 -2.14 46.37
CA SER C 730 -11.91 -2.01 45.17
C SER C 730 -11.54 -0.73 44.40
N MET C 731 -11.70 -0.80 43.09
CA MET C 731 -11.58 0.34 42.20
C MET C 731 -12.97 0.82 41.79
N THR C 732 -13.02 2.00 41.17
CA THR C 732 -14.27 2.47 40.60
C THR C 732 -14.63 1.62 39.40
N LYS C 733 -15.87 1.15 39.35
CA LYS C 733 -16.31 0.22 38.32
C LYS C 733 -16.58 0.99 37.04
N THR C 734 -15.58 1.04 36.17
CA THR C 734 -15.68 1.74 34.90
C THR C 734 -16.13 0.80 33.79
N SER C 735 -16.64 1.38 32.71
CA SER C 735 -17.05 0.61 31.55
C SER C 735 -16.91 1.48 30.31
N VAL C 736 -16.41 0.89 29.22
CA VAL C 736 -16.17 1.59 27.97
C VAL C 736 -16.52 0.68 26.81
N ASP C 737 -17.39 1.14 25.92
CA ASP C 737 -17.83 0.36 24.78
C ASP C 737 -17.09 0.84 23.54
N CYS C 738 -16.43 -0.09 22.83
CA CYS C 738 -15.70 0.28 21.61
C CYS C 738 -16.65 0.81 20.54
N THR C 739 -17.91 0.38 20.57
CA THR C 739 -18.84 0.72 19.50
C THR C 739 -19.06 2.22 19.36
N MET C 740 -18.87 2.99 20.43
CA MET C 740 -19.09 4.43 20.37
C MET C 740 -17.91 5.24 20.88
N TYR C 741 -16.82 4.59 21.30
CA TYR C 741 -15.64 5.32 21.72
C TYR C 741 -14.77 5.72 20.54
N CYS C 743 -15.70 5.60 17.39
CA CYS C 743 -16.48 5.90 16.19
C CYS C 743 -17.34 7.15 16.38
N GLY C 744 -17.87 7.32 17.59
CA GLY C 744 -18.59 8.52 17.92
C GLY C 744 -19.86 8.76 17.12
N ASP C 745 -20.76 7.76 17.11
CA ASP C 745 -22.12 7.87 16.57
C ASP C 745 -22.16 8.00 15.06
N SER C 746 -21.04 7.83 14.36
CA SER C 746 -21.02 7.83 12.90
C SER C 746 -21.34 6.42 12.44
N THR C 747 -22.56 6.21 11.95
CA THR C 747 -22.98 4.87 11.57
C THR C 747 -22.08 4.30 10.48
N GLU C 748 -21.59 5.16 9.58
CA GLU C 748 -20.64 4.69 8.57
C GLU C 748 -19.33 4.25 9.21
N CYS C 749 -18.84 5.02 10.19
CA CYS C 749 -17.62 4.63 10.88
C CYS C 749 -17.80 3.34 11.64
N SER C 750 -18.94 3.18 12.34
CA SER C 750 -19.22 1.91 13.00
C SER C 750 -19.23 0.78 11.99
N ASN C 751 -19.93 0.96 10.87
CA ASN C 751 -19.95 -0.05 9.82
C ASN C 751 -18.53 -0.40 9.37
N LEU C 752 -17.65 0.59 9.35
CA LEU C 752 -16.25 0.31 9.04
C LEU C 752 -15.56 -0.45 10.16
N LEU C 753 -15.94 -0.19 11.42
CA LEU C 753 -15.28 -0.85 12.53
C LEU C 753 -15.52 -2.36 12.52
N LEU C 754 -16.77 -2.78 12.26
CA LEU C 754 -17.10 -4.19 12.43
C LEU C 754 -16.24 -5.10 11.57
N GLN C 755 -15.60 -4.56 10.53
CA GLN C 755 -14.66 -5.34 9.74
C GLN C 755 -13.47 -5.81 10.55
N TYR C 756 -13.22 -5.20 11.71
CA TYR C 756 -12.10 -5.61 12.55
C TYR C 756 -12.41 -6.82 13.42
N GLY C 757 -13.68 -7.19 13.54
CA GLY C 757 -14.04 -8.45 14.17
C GLY C 757 -14.39 -8.28 15.65
N SER C 758 -13.75 -9.09 16.50
CA SER C 758 -14.17 -9.27 17.88
C SER C 758 -13.72 -8.15 18.81
N PHE C 759 -12.90 -7.21 18.34
CA PHE C 759 -12.44 -6.14 19.23
C PHE C 759 -13.59 -5.30 19.77
N CYS C 760 -14.75 -5.31 19.10
CA CYS C 760 -15.91 -4.62 19.65
C CYS C 760 -16.43 -5.29 20.91
N THR C 761 -16.23 -6.60 21.05
CA THR C 761 -16.86 -7.39 22.10
C THR C 761 -15.95 -7.67 23.28
N GLN C 762 -14.75 -8.21 23.03
CA GLN C 762 -13.95 -8.74 24.11
C GLN C 762 -13.47 -7.66 25.06
N LEU C 763 -13.33 -6.43 24.59
CA LEU C 763 -12.96 -5.33 25.48
C LEU C 763 -14.08 -5.04 26.47
N ASN C 764 -15.32 -4.99 25.99
CA ASN C 764 -16.46 -4.86 26.88
C ASN C 764 -16.51 -6.03 27.86
N ARG C 765 -16.22 -7.24 27.38
CA ARG C 765 -16.24 -8.40 28.28
C ARG C 765 -15.19 -8.26 29.37
N ALA C 766 -13.98 -7.83 29.02
CA ALA C 766 -12.92 -7.69 30.02
C ALA C 766 -13.26 -6.63 31.05
N LEU C 767 -13.79 -5.49 30.60
CA LEU C 767 -14.14 -4.45 31.55
C LEU C 767 -15.30 -4.87 32.44
N THR C 768 -16.26 -5.61 31.89
CA THR C 768 -17.34 -6.15 32.71
C THR C 768 -16.80 -7.12 33.75
N GLY C 769 -15.82 -7.94 33.36
CA GLY C 769 -15.20 -8.84 34.32
C GLY C 769 -14.54 -8.10 35.47
N ILE C 770 -13.80 -7.03 35.15
CA ILE C 770 -13.19 -6.22 36.20
C ILE C 770 -14.25 -5.62 37.11
N ALA C 771 -15.33 -5.09 36.52
CA ALA C 771 -16.37 -4.45 37.31
C ALA C 771 -17.02 -5.44 38.26
N VAL C 772 -17.34 -6.64 37.79
CA VAL C 772 -17.98 -7.62 38.68
C VAL C 772 -16.99 -8.11 39.73
N GLU C 773 -15.70 -8.20 39.37
CA GLU C 773 -14.71 -8.62 40.35
C GLU C 773 -14.59 -7.63 41.49
N GLN C 774 -14.84 -6.35 41.23
CA GLN C 774 -14.79 -5.37 42.32
C GLN C 774 -15.87 -5.65 43.37
N ASP C 775 -17.10 -5.93 42.92
CA ASP C 775 -18.15 -6.28 43.86
C ASP C 775 -17.80 -7.58 44.59
N LYS C 776 -17.21 -8.54 43.88
CA LYS C 776 -16.79 -9.77 44.53
C LYS C 776 -15.78 -9.49 45.64
N ASN C 777 -14.84 -8.55 45.39
CA ASN C 777 -13.83 -8.23 46.39
C ASN C 777 -14.46 -7.60 47.63
N THR C 778 -15.36 -6.62 47.43
CA THR C 778 -15.99 -5.99 48.58
C THR C 778 -16.78 -7.01 49.39
N GLN C 779 -17.55 -7.86 48.70
CA GLN C 779 -18.31 -8.90 49.38
C GLN C 779 -17.40 -9.84 50.16
N GLU C 780 -16.26 -10.22 49.56
CA GLU C 780 -15.36 -11.16 50.21
C GLU C 780 -14.69 -10.56 51.43
N VAL C 781 -14.41 -9.25 51.40
CA VAL C 781 -13.67 -8.68 52.52
C VAL C 781 -14.59 -8.27 53.66
N PHE C 782 -15.85 -7.90 53.38
CA PHE C 782 -16.67 -7.37 54.45
C PHE C 782 -17.79 -8.31 54.92
N ALA C 783 -18.21 -9.28 54.11
CA ALA C 783 -19.35 -10.12 54.44
C ALA C 783 -18.95 -11.42 55.14
N GLN C 784 -17.89 -11.40 55.94
CA GLN C 784 -17.39 -12.60 56.59
C GLN C 784 -18.24 -13.05 57.76
N VAL C 785 -19.35 -12.38 58.06
CA VAL C 785 -20.17 -12.68 59.21
C VAL C 785 -21.60 -12.94 58.75
N LYS C 786 -22.26 -13.92 59.39
CA LYS C 786 -23.58 -14.33 58.95
C LYS C 786 -24.66 -13.32 59.34
N GLN C 787 -24.63 -12.86 60.59
CA GLN C 787 -25.69 -12.04 61.14
C GLN C 787 -25.16 -10.67 61.55
N ILE C 788 -26.06 -9.69 61.56
CA ILE C 788 -25.69 -8.31 61.91
C ILE C 788 -25.83 -8.18 63.42
N TYR C 789 -24.71 -8.36 64.12
CA TYR C 789 -24.70 -8.23 65.57
C TYR C 789 -24.88 -6.77 65.96
N LYS C 790 -25.28 -6.55 67.20
CA LYS C 790 -25.61 -5.23 67.69
C LYS C 790 -24.86 -4.95 68.99
N THR C 791 -24.35 -3.73 69.10
CA THR C 791 -23.77 -3.24 70.34
C THR C 791 -24.85 -3.22 71.43
N PRO C 792 -24.54 -3.56 72.68
CA PRO C 792 -25.60 -3.62 73.67
C PRO C 792 -25.99 -2.22 74.12
N PRO C 793 -27.20 -2.05 74.65
CA PRO C 793 -27.64 -0.69 74.98
C PRO C 793 -26.76 0.02 76.00
N ILE C 794 -26.20 -0.69 76.96
CA ILE C 794 -25.37 -0.11 78.00
C ILE C 794 -23.90 -0.29 77.63
N LYS C 795 -23.11 0.78 77.77
CA LYS C 795 -21.74 0.82 77.30
C LYS C 795 -20.72 0.49 78.39
N ASP C 796 -21.09 -0.36 79.34
CA ASP C 796 -20.17 -0.74 80.41
C ASP C 796 -19.33 -1.92 79.92
N PHE C 797 -18.09 -1.65 79.54
CA PHE C 797 -17.12 -2.69 79.19
C PHE C 797 -15.98 -2.72 80.20
N GLY C 798 -16.27 -2.43 81.46
CA GLY C 798 -15.25 -2.49 82.49
C GLY C 798 -14.11 -1.52 82.29
N GLY C 799 -14.41 -0.28 81.92
CA GLY C 799 -13.42 0.77 81.85
C GLY C 799 -12.94 1.11 80.46
N PHE C 800 -13.09 0.20 79.50
CA PHE C 800 -12.71 0.52 78.13
C PHE C 800 -13.73 1.45 77.51
N ASN C 801 -13.27 2.38 76.69
CA ASN C 801 -14.14 3.37 76.06
C ASN C 801 -13.98 3.26 74.55
N PHE C 802 -14.82 2.44 73.93
CA PHE C 802 -14.80 2.23 72.50
C PHE C 802 -15.60 3.26 71.73
N SER C 803 -15.91 4.41 72.32
CA SER C 803 -16.79 5.37 71.68
C SER C 803 -16.20 5.95 70.40
N GLN C 804 -14.90 5.76 70.18
CA GLN C 804 -14.27 6.26 68.97
C GLN C 804 -14.31 5.26 67.82
N ILE C 805 -14.89 4.07 68.01
CA ILE C 805 -15.02 3.13 66.91
C ILE C 805 -16.43 2.58 66.74
N LEU C 806 -17.29 2.58 67.76
CA LEU C 806 -18.66 2.14 67.55
C LEU C 806 -19.42 3.21 66.76
N PRO C 807 -20.49 2.84 66.07
CA PRO C 807 -21.22 3.82 65.27
C PRO C 807 -21.79 4.94 66.13
N ASP C 808 -21.74 6.16 65.58
CA ASP C 808 -22.34 7.31 66.24
C ASP C 808 -23.85 7.24 66.07
N PRO C 809 -24.62 7.21 67.16
CA PRO C 809 -26.09 7.17 67.01
C PRO C 809 -26.68 8.39 66.33
N SER C 810 -26.08 9.57 66.49
CA SER C 810 -26.70 10.82 66.06
C SER C 810 -26.12 11.40 64.77
N LYS C 811 -25.07 10.82 64.22
CA LYS C 811 -24.57 11.28 62.93
C LYS C 811 -25.60 11.01 61.84
N PRO C 812 -25.74 11.93 60.86
CA PRO C 812 -26.73 11.71 59.79
C PRO C 812 -26.57 10.39 59.07
N SER C 813 -25.34 9.96 58.83
CA SER C 813 -25.04 8.61 58.35
C SER C 813 -24.41 7.83 59.48
N LYS C 814 -24.96 6.66 59.79
CA LYS C 814 -24.49 5.90 60.94
C LYS C 814 -23.06 5.44 60.71
N ARG C 815 -22.10 6.11 61.33
CA ARG C 815 -20.69 5.81 61.12
C ARG C 815 -19.91 6.21 62.36
N SER C 816 -18.77 5.57 62.54
CA SER C 816 -17.91 5.83 63.68
C SER C 816 -17.04 7.06 63.42
N PRO C 817 -16.58 7.72 64.48
CA PRO C 817 -15.76 8.93 64.28
C PRO C 817 -14.52 8.71 63.45
N ILE C 818 -13.84 7.57 63.60
CA ILE C 818 -12.67 7.31 62.77
C ILE C 818 -13.10 7.09 61.32
N GLU C 819 -14.22 6.42 61.11
CA GLU C 819 -14.75 6.27 59.75
C GLU C 819 -15.12 7.64 59.17
N ASP C 820 -15.73 8.50 59.98
CA ASP C 820 -16.05 9.85 59.54
C ASP C 820 -14.79 10.58 59.11
N LEU C 821 -13.75 10.53 59.94
CA LEU C 821 -12.50 11.21 59.61
C LEU C 821 -11.92 10.67 58.31
N LEU C 822 -11.91 9.35 58.16
CA LEU C 822 -11.35 8.74 56.96
C LEU C 822 -12.12 9.17 55.72
N PHE C 823 -13.45 9.13 55.78
CA PHE C 823 -14.24 9.54 54.63
C PHE C 823 -13.99 11.01 54.30
N ASN C 824 -13.99 11.88 55.31
CA ASN C 824 -13.85 13.29 55.02
C ASN C 824 -12.43 13.68 54.62
N LYS C 825 -11.45 12.79 54.86
CA LYS C 825 -10.08 13.10 54.46
C LYS C 825 -9.82 12.73 53.01
N VAL C 826 -10.13 11.50 52.62
CA VAL C 826 -9.86 11.05 51.26
C VAL C 826 -10.72 11.84 50.29
N THR C 827 -10.07 12.36 49.24
CA THR C 827 -10.75 13.14 48.21
C THR C 827 -10.88 12.31 46.95
N LEU C 828 -12.10 12.22 46.43
CA LEU C 828 -12.38 11.41 45.26
C LEU C 828 -13.56 11.96 44.46
N ALA C 852 -15.01 10.29 37.92
CA ALA C 852 -14.86 10.42 36.47
C ALA C 852 -15.81 11.49 35.93
N GLN C 853 -15.28 12.37 35.09
CA GLN C 853 -16.09 13.43 34.50
C GLN C 853 -17.03 12.87 33.44
N LYS C 854 -18.12 13.58 33.21
CA LYS C 854 -19.09 13.18 32.19
C LYS C 854 -18.45 13.26 30.81
N PHE C 855 -18.64 12.21 30.02
CA PHE C 855 -18.03 12.12 28.70
C PHE C 855 -18.80 11.10 27.87
N ASN C 856 -18.41 10.97 26.61
CA ASN C 856 -19.01 9.97 25.74
C ASN C 856 -18.33 8.63 25.93
N GLY C 857 -19.10 7.56 25.76
CA GLY C 857 -18.58 6.22 25.90
C GLY C 857 -18.34 5.80 27.34
N LEU C 858 -17.54 6.58 28.06
CA LEU C 858 -17.21 6.23 29.44
C LEU C 858 -18.45 6.26 30.32
N THR C 859 -18.52 5.29 31.22
CA THR C 859 -19.60 5.25 32.21
C THR C 859 -19.09 4.53 33.44
N VAL C 860 -19.55 4.96 34.61
CA VAL C 860 -19.14 4.38 35.88
C VAL C 860 -20.35 3.77 36.55
N LEU C 861 -20.34 2.45 36.72
CA LEU C 861 -21.38 1.78 37.47
C LEU C 861 -21.26 2.11 38.94
N PRO C 862 -22.35 1.99 39.70
CA PRO C 862 -22.25 2.16 41.15
C PRO C 862 -21.80 0.86 41.80
N PRO C 863 -21.11 0.94 42.92
CA PRO C 863 -20.75 -0.29 43.65
C PRO C 863 -21.98 -0.98 44.19
N LEU C 864 -21.88 -2.31 44.29
CA LEU C 864 -23.04 -3.10 44.72
C LEU C 864 -23.45 -2.77 46.15
N LEU C 865 -22.49 -2.61 47.05
CA LEU C 865 -22.76 -2.26 48.43
C LEU C 865 -22.48 -0.77 48.62
N THR C 866 -23.51 -0.01 48.95
CA THR C 866 -23.33 1.41 49.23
C THR C 866 -22.53 1.58 50.52
N ASP C 867 -21.97 2.78 50.70
CA ASP C 867 -21.15 3.03 51.87
C ASP C 867 -21.95 2.91 53.15
N GLU C 868 -23.22 3.31 53.12
CA GLU C 868 -24.05 3.28 54.32
C GLU C 868 -24.24 1.86 54.84
N MET C 869 -24.19 0.86 53.98
CA MET C 869 -24.34 -0.53 54.42
C MET C 869 -23.01 -1.23 54.69
N ILE C 870 -21.93 -0.82 54.03
CA ILE C 870 -20.61 -1.30 54.42
C ILE C 870 -20.30 -0.83 55.84
N ALA C 871 -20.75 0.38 56.18
CA ALA C 871 -20.61 0.84 57.56
C ALA C 871 -21.33 -0.09 58.52
N GLN C 872 -22.52 -0.55 58.14
CA GLN C 872 -23.26 -1.48 58.99
C GLN C 872 -22.55 -2.82 59.10
N TYR C 873 -21.95 -3.29 58.00
CA TYR C 873 -21.19 -4.54 58.06
C TYR C 873 -20.02 -4.43 59.03
N THR C 874 -19.26 -3.33 58.94
CA THR C 874 -18.14 -3.15 59.83
C THR C 874 -18.58 -2.96 61.27
N SER C 875 -19.72 -2.29 61.47
CA SER C 875 -20.27 -2.18 62.82
C SER C 875 -20.66 -3.55 63.37
N ALA C 876 -21.21 -4.41 62.51
CA ALA C 876 -21.55 -5.76 62.94
C ALA C 876 -20.30 -6.52 63.38
N LEU C 877 -19.25 -6.48 62.55
CA LEU C 877 -18.02 -7.17 62.91
C LEU C 877 -17.42 -6.61 64.20
N LEU C 878 -17.44 -5.28 64.34
CA LEU C 878 -16.84 -4.65 65.51
C LEU C 878 -17.63 -5.01 66.78
N ALA C 879 -18.95 -4.95 66.72
CA ALA C 879 -19.75 -5.32 67.88
C ALA C 879 -19.58 -6.79 68.22
N GLY C 880 -19.48 -7.63 67.20
CA GLY C 880 -19.26 -9.05 67.45
C GLY C 880 -17.96 -9.32 68.15
N THR C 881 -16.87 -8.69 67.70
CA THR C 881 -15.59 -8.91 68.36
C THR C 881 -15.51 -8.18 69.70
N ILE C 882 -16.34 -7.15 69.91
CA ILE C 882 -16.40 -6.51 71.22
C ILE C 882 -17.06 -7.43 72.23
N THR C 883 -18.19 -8.04 71.85
CA THR C 883 -19.04 -8.76 72.78
C THR C 883 -18.69 -10.24 72.91
N SER C 884 -18.14 -10.86 71.86
CA SER C 884 -18.05 -12.31 71.84
C SER C 884 -16.66 -12.84 71.48
N GLY C 885 -15.63 -12.02 71.53
CA GLY C 885 -14.30 -12.52 71.25
C GLY C 885 -14.18 -13.02 69.83
N TRP C 886 -13.68 -14.23 69.69
CA TRP C 886 -13.53 -14.88 68.40
C TRP C 886 -14.59 -15.93 68.15
N THR C 887 -15.50 -16.15 69.09
CA THR C 887 -16.46 -17.24 68.95
C THR C 887 -17.40 -17.01 67.76
N PHE C 888 -17.83 -15.77 67.55
CA PHE C 888 -18.80 -15.50 66.49
C PHE C 888 -18.23 -15.76 65.11
N GLY C 889 -16.93 -15.92 64.97
CA GLY C 889 -16.33 -16.32 63.72
C GLY C 889 -16.19 -17.80 63.52
N ALA C 890 -16.72 -18.62 64.43
CA ALA C 890 -16.62 -20.06 64.32
C ALA C 890 -17.93 -20.80 64.58
N GLY C 891 -18.97 -20.11 65.04
CA GLY C 891 -20.24 -20.73 65.31
C GLY C 891 -21.24 -19.73 65.85
N PRO C 892 -22.13 -20.16 66.74
CA PRO C 892 -23.03 -19.21 67.38
C PRO C 892 -22.26 -18.25 68.26
N ALA C 893 -22.77 -17.02 68.38
CA ALA C 893 -22.10 -16.00 69.16
C ALA C 893 -22.29 -16.28 70.65
N LEU C 894 -21.19 -16.21 71.39
CA LEU C 894 -21.19 -16.46 72.83
C LEU C 894 -20.72 -15.20 73.54
N GLN C 895 -21.60 -14.60 74.33
CA GLN C 895 -21.23 -13.40 75.05
C GLN C 895 -20.28 -13.74 76.18
N ILE C 896 -19.41 -12.79 76.50
CA ILE C 896 -18.49 -12.95 77.62
C ILE C 896 -17.97 -11.57 78.01
N PRO C 897 -17.91 -11.25 79.30
CA PRO C 897 -17.51 -9.89 79.70
C PRO C 897 -16.16 -9.51 79.13
N PHE C 898 -16.06 -8.29 78.63
CA PHE C 898 -14.87 -7.88 77.89
C PHE C 898 -13.58 -7.98 78.70
N PRO C 899 -13.52 -7.57 79.97
CA PRO C 899 -12.26 -7.78 80.70
C PRO C 899 -11.84 -9.24 80.72
N MET C 900 -12.78 -10.15 80.85
CA MET C 900 -12.44 -11.57 80.81
C MET C 900 -12.02 -12.02 79.42
N GLN C 901 -12.63 -11.45 78.37
CA GLN C 901 -12.21 -11.80 77.02
C GLN C 901 -10.78 -11.35 76.75
N MET C 902 -10.44 -10.15 77.18
CA MET C 902 -9.05 -9.72 77.07
C MET C 902 -8.15 -10.55 77.97
N ALA C 903 -8.70 -11.09 79.06
CA ALA C 903 -7.90 -11.95 79.93
C ALA C 903 -7.49 -13.21 79.21
N TYR C 904 -8.41 -13.84 78.49
CA TYR C 904 -7.98 -15.02 77.76
C TYR C 904 -7.53 -14.73 76.34
N ARG C 905 -7.46 -13.45 75.95
CA ARG C 905 -6.62 -13.08 74.82
C ARG C 905 -5.18 -12.90 75.24
N PHE C 906 -4.95 -12.40 76.45
CA PHE C 906 -3.60 -12.38 77.03
C PHE C 906 -3.07 -13.81 77.15
N ASN C 907 -3.92 -14.74 77.56
CA ASN C 907 -3.49 -16.11 77.79
C ASN C 907 -2.89 -16.73 76.54
N GLY C 908 -3.30 -16.26 75.36
CA GLY C 908 -2.76 -16.80 74.13
C GLY C 908 -1.33 -16.37 73.84
N ILE C 909 -0.87 -15.28 74.44
CA ILE C 909 0.47 -14.79 74.16
C ILE C 909 1.39 -15.01 75.36
N GLY C 910 1.06 -16.02 76.17
CA GLY C 910 1.98 -16.46 77.20
C GLY C 910 2.04 -15.60 78.44
N VAL C 911 1.16 -14.61 78.58
CA VAL C 911 1.07 -13.80 79.78
C VAL C 911 -0.13 -14.27 80.57
N THR C 912 0.10 -14.74 81.80
CA THR C 912 -0.96 -15.36 82.58
C THR C 912 -2.07 -14.36 82.88
N GLN C 913 -3.27 -14.89 83.14
CA GLN C 913 -4.45 -14.04 83.29
C GLN C 913 -4.28 -13.01 84.40
N ASN C 914 -3.54 -13.37 85.45
CA ASN C 914 -3.46 -12.49 86.62
C ASN C 914 -2.85 -11.14 86.28
N VAL C 915 -2.15 -11.03 85.16
CA VAL C 915 -1.60 -9.75 84.75
C VAL C 915 -2.69 -8.74 84.41
N LEU C 916 -3.77 -9.20 83.77
CA LEU C 916 -4.78 -8.25 83.31
C LEU C 916 -5.63 -7.74 84.47
N TYR C 917 -6.26 -8.64 85.21
CA TYR C 917 -7.18 -8.19 86.27
C TYR C 917 -6.47 -7.33 87.30
N GLU C 918 -5.21 -7.65 87.59
CA GLU C 918 -4.45 -6.85 88.55
C GLU C 918 -4.04 -5.50 88.00
N ASN C 919 -4.22 -5.24 86.70
CA ASN C 919 -3.88 -3.96 86.10
C ASN C 919 -4.97 -3.51 85.13
N GLN C 920 -6.24 -3.77 85.47
CA GLN C 920 -7.32 -3.44 84.55
C GLN C 920 -7.42 -1.94 84.32
N LYS C 921 -7.27 -1.14 85.38
CA LYS C 921 -7.36 0.31 85.23
C LYS C 921 -6.26 0.85 84.31
N LEU C 922 -5.02 0.42 84.56
CA LEU C 922 -3.90 0.90 83.74
C LEU C 922 -4.05 0.48 82.30
N ILE C 923 -4.45 -0.77 82.07
CA ILE C 923 -4.60 -1.27 80.70
C ILE C 923 -5.72 -0.52 79.98
N ALA C 924 -6.83 -0.28 80.67
CA ALA C 924 -7.92 0.48 80.06
C ALA C 924 -7.47 1.89 79.70
N ASN C 925 -6.73 2.55 80.59
CA ASN C 925 -6.27 3.90 80.30
C ASN C 925 -5.32 3.91 79.11
N GLN C 926 -4.41 2.94 79.04
CA GLN C 926 -3.51 2.87 77.90
C GLN C 926 -4.27 2.64 76.61
N PHE C 927 -5.28 1.76 76.63
CA PHE C 927 -6.06 1.48 75.44
C PHE C 927 -6.81 2.73 74.98
N ASN C 928 -7.45 3.44 75.91
CA ASN C 928 -8.18 4.64 75.55
C ASN C 928 -7.24 5.69 74.97
N SER C 929 -6.07 5.85 75.58
CA SER C 929 -5.09 6.80 75.06
C SER C 929 -4.65 6.41 73.66
N ALA C 930 -4.46 5.12 73.42
CA ALA C 930 -4.03 4.66 72.11
C ALA C 930 -5.08 4.97 71.05
N ILE C 931 -6.36 4.72 71.36
CA ILE C 931 -7.41 5.01 70.39
C ILE C 931 -7.51 6.51 70.13
N GLY C 932 -7.42 7.32 71.19
CA GLY C 932 -7.44 8.76 71.00
C GLY C 932 -6.30 9.23 70.13
N LYS C 933 -5.10 8.68 70.34
CA LYS C 933 -3.95 9.09 69.56
C LYS C 933 -4.03 8.63 68.12
N ILE C 934 -4.65 7.48 67.84
CA ILE C 934 -4.81 7.09 66.45
C ILE C 934 -5.80 8.00 65.74
N GLN C 935 -6.87 8.41 66.45
CA GLN C 935 -7.78 9.38 65.85
C GLN C 935 -7.05 10.70 65.55
N ASP C 936 -6.24 11.16 66.50
CA ASP C 936 -5.50 12.40 66.28
C ASP C 936 -4.51 12.26 65.13
N SER C 937 -3.84 11.11 65.03
CA SER C 937 -2.87 10.89 63.96
C SER C 937 -3.54 10.95 62.60
N LEU C 938 -4.70 10.30 62.47
CA LEU C 938 -5.42 10.35 61.20
C LEU C 938 -5.92 11.76 60.91
N SER C 939 -6.36 12.48 61.94
CA SER C 939 -6.85 13.84 61.74
C SER C 939 -5.75 14.77 61.27
N SER C 940 -4.55 14.63 61.83
CA SER C 940 -3.49 15.60 61.57
C SER C 940 -2.77 15.32 60.26
N THR C 941 -2.23 14.13 60.09
CA THR C 941 -1.38 13.84 58.94
C THR C 941 -2.22 13.79 57.66
N PRO C 942 -1.86 14.56 56.63
CA PRO C 942 -2.61 14.51 55.38
C PRO C 942 -2.17 13.35 54.48
N SER C 943 -0.94 12.89 54.65
CA SER C 943 -0.36 11.85 53.82
C SER C 943 -0.55 10.45 54.40
N ALA C 944 -1.40 10.30 55.41
CA ALA C 944 -1.57 9.00 56.04
C ALA C 944 -2.18 7.97 55.08
N LEU C 945 -3.17 8.38 54.30
CA LEU C 945 -3.93 7.47 53.45
C LEU C 945 -3.33 7.33 52.07
N GLY C 946 -2.01 7.49 51.93
CA GLY C 946 -1.39 7.48 50.62
C GLY C 946 -1.64 6.19 49.86
N LYS C 947 -1.52 5.05 50.54
CA LYS C 947 -1.74 3.77 49.89
C LYS C 947 -3.18 3.62 49.40
N LEU C 948 -4.11 4.41 49.95
CA LEU C 948 -5.51 4.29 49.58
C LEU C 948 -5.95 5.33 48.56
N GLN C 949 -5.37 6.51 48.56
CA GLN C 949 -5.63 7.48 47.50
C GLN C 949 -4.81 7.20 46.25
N ASP C 950 -3.74 6.40 46.38
CA ASP C 950 -2.91 6.07 45.22
C ASP C 950 -3.73 5.35 44.16
N VAL C 951 -4.56 4.38 44.55
CA VAL C 951 -5.31 3.63 43.56
C VAL C 951 -6.27 4.54 42.80
N VAL C 952 -6.94 5.44 43.53
CA VAL C 952 -7.87 6.36 42.88
C VAL C 952 -7.12 7.28 41.92
N ASN C 953 -5.97 7.81 42.36
CA ASN C 953 -5.21 8.71 41.51
C ASN C 953 -4.71 8.00 40.26
N GLN C 954 -4.20 6.78 40.40
CA GLN C 954 -3.69 6.04 39.26
C GLN C 954 -4.80 5.70 38.28
N ASN C 955 -5.94 5.25 38.78
CA ASN C 955 -7.06 4.95 37.90
C ASN C 955 -7.54 6.20 37.18
N ALA C 956 -7.64 7.32 37.89
CA ALA C 956 -8.07 8.56 37.26
C ALA C 956 -7.06 9.01 36.20
N GLN C 957 -5.77 8.84 36.47
CA GLN C 957 -4.75 9.20 35.48
C GLN C 957 -4.91 8.36 34.22
N ALA C 958 -5.05 7.05 34.37
CA ALA C 958 -5.19 6.20 33.21
C ALA C 958 -6.44 6.54 32.42
N LEU C 959 -7.56 6.76 33.11
CA LEU C 959 -8.81 7.08 32.43
C LEU C 959 -8.72 8.42 31.72
N ASN C 960 -8.08 9.41 32.35
CA ASN C 960 -7.92 10.71 31.73
C ASN C 960 -7.03 10.63 30.49
N THR C 961 -5.95 9.86 30.57
CA THR C 961 -5.09 9.68 29.41
C THR C 961 -5.85 9.01 28.27
N LEU C 962 -6.74 8.07 28.61
CA LEU C 962 -7.55 7.44 27.57
C LEU C 962 -8.39 8.46 26.83
N VAL C 963 -9.07 9.35 27.56
CA VAL C 963 -9.92 10.35 26.93
C VAL C 963 -9.09 11.32 26.11
N LYS C 964 -7.96 11.77 26.65
CA LYS C 964 -7.13 12.75 25.97
C LYS C 964 -6.63 12.26 24.62
N GLN C 965 -6.60 10.94 24.40
CA GLN C 965 -6.18 10.41 23.11
C GLN C 965 -7.10 10.85 21.98
N LEU C 966 -8.34 11.24 22.31
CA LEU C 966 -9.30 11.61 21.27
C LEU C 966 -8.81 12.80 20.46
N SER C 967 -7.98 13.64 21.05
CA SER C 967 -7.48 14.81 20.33
C SER C 967 -6.41 14.44 19.32
N SER C 968 -5.71 13.33 19.53
CA SER C 968 -4.63 12.95 18.63
C SER C 968 -5.17 12.54 17.27
N ASN C 969 -4.54 13.04 16.21
CA ASN C 969 -5.01 12.81 14.85
C ASN C 969 -4.46 11.53 14.24
N PHE C 970 -3.44 10.91 14.85
CA PHE C 970 -2.90 9.63 14.38
C PHE C 970 -2.48 9.69 12.92
N GLY C 971 -2.13 10.88 12.44
CA GLY C 971 -1.80 11.05 11.04
C GLY C 971 -2.99 11.20 10.12
N ALA C 972 -4.18 11.44 10.65
CA ALA C 972 -5.34 11.70 9.81
C ALA C 972 -5.44 13.19 9.49
N ILE C 973 -6.42 13.52 8.63
CA ILE C 973 -6.62 14.91 8.25
C ILE C 973 -7.05 15.74 9.46
N SER C 974 -7.95 15.19 10.28
CA SER C 974 -8.43 15.89 11.46
C SER C 974 -8.74 14.86 12.54
N SER C 975 -9.00 15.37 13.74
CA SER C 975 -9.12 14.54 14.93
C SER C 975 -10.56 14.28 15.34
N VAL C 976 -11.53 14.51 14.45
CA VAL C 976 -12.91 14.18 14.72
C VAL C 976 -13.49 13.47 13.50
N LEU C 977 -14.31 12.44 13.75
CA LEU C 977 -14.89 11.68 12.65
C LEU C 977 -15.81 12.56 11.82
N ASN C 978 -16.50 13.50 12.46
CA ASN C 978 -17.46 14.34 11.75
C ASN C 978 -16.76 15.19 10.69
N ASP C 979 -15.61 15.77 11.02
CA ASP C 979 -14.89 16.58 10.04
C ASP C 979 -14.50 15.74 8.82
N ILE C 980 -13.96 14.55 9.05
CA ILE C 980 -13.52 13.70 7.94
C ILE C 980 -14.71 13.29 7.09
N LEU C 981 -15.78 12.81 7.74
CA LEU C 981 -16.93 12.34 6.98
C LEU C 981 -17.72 13.47 6.34
N SER C 982 -17.49 14.72 6.74
CA SER C 982 -18.10 15.85 6.04
C SER C 982 -17.20 16.43 4.97
N ARG C 983 -15.89 16.16 5.02
CA ARG C 983 -14.96 16.74 4.06
C ARG C 983 -14.70 15.87 2.84
N LEU C 984 -14.94 14.56 2.93
CA LEU C 984 -14.42 13.64 1.93
C LEU C 984 -15.49 12.66 1.45
N ASP C 985 -15.25 12.12 0.25
CA ASP C 985 -16.05 11.10 -0.40
C ASP C 985 -15.63 9.71 0.06
N PRO C 986 -16.45 8.68 -0.21
CA PRO C 986 -16.27 7.40 0.50
C PRO C 986 -14.95 6.69 0.21
N PRO C 987 -14.48 6.44 -1.03
CA PRO C 987 -13.15 5.95 -1.12
C PRO C 987 -12.07 6.83 -0.48
N GLU C 988 -12.19 8.16 -0.54
CA GLU C 988 -11.14 8.98 0.08
C GLU C 988 -11.32 9.06 1.60
N ALA C 989 -12.55 9.09 2.08
CA ALA C 989 -12.75 9.21 3.53
C ALA C 989 -12.40 7.91 4.26
N GLU C 990 -12.53 6.76 3.58
CA GLU C 990 -12.38 5.49 4.27
C GLU C 990 -10.98 5.31 4.83
N VAL C 991 -9.95 5.72 4.07
CA VAL C 991 -8.57 5.52 4.53
C VAL C 991 -8.30 6.37 5.77
N GLN C 992 -8.77 7.61 5.79
CA GLN C 992 -8.59 8.46 6.96
C GLN C 992 -9.34 7.90 8.16
N ILE C 993 -10.56 7.41 7.95
CA ILE C 993 -11.32 6.83 9.05
C ILE C 993 -10.60 5.61 9.61
N ASP C 994 -10.03 4.79 8.73
CA ASP C 994 -9.23 3.66 9.18
C ASP C 994 -8.02 4.13 9.99
N ARG C 995 -7.37 5.18 9.52
CA ARG C 995 -6.23 5.74 10.25
C ARG C 995 -6.63 6.12 11.67
N LEU C 996 -7.82 6.71 11.82
CA LEU C 996 -8.29 7.07 13.15
C LEU C 996 -8.64 5.83 13.96
N ILE C 997 -9.30 4.85 13.33
CA ILE C 997 -9.82 3.70 14.05
C ILE C 997 -8.69 2.85 14.61
N THR C 998 -7.64 2.63 13.83
CA THR C 998 -6.55 1.79 14.31
C THR C 998 -5.88 2.42 15.53
N GLY C 999 -5.64 3.73 15.50
CA GLY C 999 -5.01 4.38 16.63
C GLY C 999 -5.88 4.38 17.87
N ARG C 1000 -7.18 4.69 17.70
CA ARG C 1000 -8.07 4.71 18.85
C ARG C 1000 -8.22 3.32 19.45
N LEU C 1001 -8.30 2.29 18.58
CA LEU C 1001 -8.40 0.93 19.08
C LEU C 1001 -7.14 0.52 19.83
N GLN C 1002 -5.97 0.93 19.34
CA GLN C 1002 -4.74 0.62 20.06
C GLN C 1002 -4.71 1.29 21.42
N SER C 1003 -5.11 2.57 21.48
CA SER C 1003 -5.14 3.25 22.77
C SER C 1003 -6.09 2.58 23.74
N LEU C 1004 -7.28 2.19 23.26
CA LEU C 1004 -8.24 1.51 24.13
C LEU C 1004 -7.72 0.16 24.58
N GLN C 1005 -7.04 -0.57 23.70
CA GLN C 1005 -6.46 -1.86 24.09
C GLN C 1005 -5.41 -1.69 25.18
N THR C 1006 -4.54 -0.68 25.03
CA THR C 1006 -3.56 -0.42 26.08
C THR C 1006 -4.24 -0.07 27.39
N TYR C 1007 -5.29 0.76 27.34
CA TYR C 1007 -6.00 1.12 28.56
C TYR C 1007 -6.61 -0.10 29.23
N VAL C 1008 -7.23 -0.98 28.45
CA VAL C 1008 -7.91 -2.14 29.04
C VAL C 1008 -6.89 -3.12 29.62
N THR C 1009 -5.76 -3.31 28.93
CA THR C 1009 -4.72 -4.18 29.49
C THR C 1009 -4.16 -3.61 30.79
N GLN C 1010 -3.95 -2.30 30.83
CA GLN C 1010 -3.51 -1.66 32.07
C GLN C 1010 -4.53 -1.85 33.18
N GLN C 1011 -5.82 -1.71 32.85
CA GLN C 1011 -6.86 -1.91 33.85
C GLN C 1011 -6.89 -3.34 34.34
N LEU C 1012 -6.67 -4.31 33.44
CA LEU C 1012 -6.65 -5.71 33.86
C LEU C 1012 -5.51 -5.96 34.84
N ILE C 1013 -4.33 -5.43 34.54
CA ILE C 1013 -3.19 -5.65 35.43
C ILE C 1013 -3.42 -4.98 36.79
N ARG C 1014 -3.92 -3.74 36.78
CA ARG C 1014 -4.19 -3.06 38.04
C ARG C 1014 -5.29 -3.75 38.83
N ALA C 1015 -6.30 -4.30 38.14
CA ALA C 1015 -7.35 -5.03 38.84
C ALA C 1015 -6.83 -6.33 39.42
N ALA C 1016 -5.86 -6.97 38.76
CA ALA C 1016 -5.21 -8.13 39.36
C ALA C 1016 -4.46 -7.73 40.63
N GLU C 1017 -3.76 -6.59 40.59
CA GLU C 1017 -3.07 -6.12 41.78
C GLU C 1017 -4.06 -5.87 42.92
N ILE C 1018 -5.17 -5.17 42.61
CA ILE C 1018 -6.16 -4.88 43.64
C ILE C 1018 -6.84 -6.15 44.13
N ARG C 1019 -6.99 -7.15 43.25
CA ARG C 1019 -7.53 -8.43 43.69
C ARG C 1019 -6.60 -9.09 44.70
N ALA C 1020 -5.29 -9.04 44.45
CA ALA C 1020 -4.36 -9.56 45.44
C ALA C 1020 -4.45 -8.80 46.75
N SER C 1021 -4.56 -7.48 46.68
CA SER C 1021 -4.68 -6.68 47.90
C SER C 1021 -5.96 -7.00 48.65
N ALA C 1022 -7.05 -7.23 47.92
CA ALA C 1022 -8.32 -7.56 48.57
C ALA C 1022 -8.28 -8.96 49.19
N ASN C 1023 -7.58 -9.90 48.54
CA ASN C 1023 -7.37 -11.20 49.17
C ASN C 1023 -6.60 -11.04 50.47
N LEU C 1024 -5.55 -10.23 50.48
CA LEU C 1024 -4.81 -10.00 51.70
C LEU C 1024 -5.68 -9.35 52.76
N ALA C 1025 -6.51 -8.39 52.37
CA ALA C 1025 -7.40 -7.74 53.33
C ALA C 1025 -8.40 -8.73 53.90
N ALA C 1026 -8.91 -9.64 53.07
CA ALA C 1026 -9.82 -10.66 53.55
C ALA C 1026 -9.14 -11.60 54.53
N THR C 1027 -7.90 -11.98 54.24
CA THR C 1027 -7.17 -12.83 55.18
C THR C 1027 -6.94 -12.11 56.49
N LYS C 1028 -6.57 -10.83 56.44
CA LYS C 1028 -6.37 -10.08 57.68
C LYS C 1028 -7.67 -9.96 58.47
N MET C 1029 -8.77 -9.68 57.78
CA MET C 1029 -10.05 -9.63 58.49
C MET C 1029 -10.35 -10.97 59.14
N SER C 1030 -10.25 -12.05 58.39
CA SER C 1030 -10.64 -13.35 58.93
C SER C 1030 -9.74 -13.79 60.07
N GLU C 1031 -8.45 -13.47 60.01
CA GLU C 1031 -7.51 -13.94 61.01
C GLU C 1031 -7.42 -13.04 62.24
N CYS C 1032 -7.46 -11.72 62.05
CA CYS C 1032 -7.30 -10.80 63.16
C CYS C 1032 -8.61 -10.50 63.87
N VAL C 1033 -9.61 -9.97 63.14
CA VAL C 1033 -10.83 -9.54 63.83
C VAL C 1033 -11.59 -10.75 64.35
N LEU C 1034 -11.69 -11.82 63.54
CA LEU C 1034 -12.44 -13.00 63.93
C LEU C 1034 -11.65 -13.97 64.78
N GLY C 1035 -10.43 -13.64 65.15
CA GLY C 1035 -9.60 -14.53 65.96
C GLY C 1035 -8.43 -13.81 66.57
N GLN C 1036 -7.29 -14.51 66.61
CA GLN C 1036 -6.05 -13.96 67.11
C GLN C 1036 -4.92 -14.79 66.52
N SER C 1037 -4.00 -14.15 65.82
CA SER C 1037 -3.03 -14.86 64.99
C SER C 1037 -1.66 -14.84 65.64
N LYS C 1038 -1.08 -16.03 65.81
CA LYS C 1038 0.27 -16.17 66.32
C LYS C 1038 1.33 -15.79 65.28
N ARG C 1039 0.92 -15.47 64.06
CA ARG C 1039 1.86 -15.10 63.00
C ARG C 1039 2.46 -13.74 63.34
N VAL C 1040 3.69 -13.76 63.84
CA VAL C 1040 4.30 -12.53 64.36
C VAL C 1040 4.51 -11.53 63.23
N ASP C 1041 4.26 -10.26 63.53
CA ASP C 1041 4.36 -9.10 62.64
C ASP C 1041 3.27 -9.08 61.58
N PHE C 1042 2.47 -10.13 61.46
CA PHE C 1042 1.43 -10.12 60.44
C PHE C 1042 0.36 -9.06 60.74
N CYS C 1043 0.15 -8.74 62.01
CA CYS C 1043 -0.96 -7.89 62.42
C CYS C 1043 -0.50 -6.83 63.40
N GLY C 1044 0.57 -6.14 63.09
CA GLY C 1044 1.09 -5.12 63.96
C GLY C 1044 2.40 -5.53 64.61
N LYS C 1045 3.14 -4.53 65.06
CA LYS C 1045 4.52 -4.76 65.50
C LYS C 1045 4.58 -5.70 66.71
N GLY C 1046 3.82 -5.38 67.76
CA GLY C 1046 3.93 -6.15 68.98
C GLY C 1046 3.26 -7.50 68.90
N TYR C 1047 3.13 -8.20 70.03
CA TYR C 1047 2.29 -9.38 70.06
C TYR C 1047 0.85 -8.95 69.86
N HIS C 1048 0.06 -9.83 69.25
CA HIS C 1048 -1.29 -9.46 68.85
C HIS C 1048 -2.30 -9.83 69.92
N LEU C 1049 -3.22 -8.91 70.20
CA LEU C 1049 -4.30 -9.12 71.14
C LEU C 1049 -5.65 -9.20 70.45
N MET C 1050 -6.00 -8.20 69.65
CA MET C 1050 -7.26 -8.17 68.92
C MET C 1050 -7.12 -7.11 67.83
N SER C 1051 -8.18 -6.94 67.05
CA SER C 1051 -8.19 -5.92 66.01
C SER C 1051 -9.62 -5.46 65.77
N PHE C 1052 -9.76 -4.27 65.22
CA PHE C 1052 -11.04 -3.77 64.79
C PHE C 1052 -10.95 -3.30 63.35
N PRO C 1053 -11.97 -3.54 62.54
CA PRO C 1053 -11.99 -2.97 61.19
C PRO C 1053 -12.75 -1.66 61.17
N GLN C 1054 -12.38 -0.81 60.21
CA GLN C 1054 -13.10 0.43 59.97
C GLN C 1054 -13.16 0.65 58.47
N SER C 1055 -14.37 0.91 57.96
CA SER C 1055 -14.54 1.08 56.53
C SER C 1055 -13.90 2.38 56.06
N ALA C 1056 -13.41 2.36 54.82
CA ALA C 1056 -12.78 3.49 54.16
C ALA C 1056 -13.38 3.59 52.77
N PRO C 1057 -13.28 4.76 52.12
CA PRO C 1057 -14.04 4.96 50.87
C PRO C 1057 -13.82 3.90 49.80
N HIS C 1058 -12.58 3.45 49.62
CA HIS C 1058 -12.28 2.40 48.64
C HIS C 1058 -11.44 1.30 49.26
N GLY C 1059 -11.60 1.07 50.55
CA GLY C 1059 -10.80 0.04 51.20
C GLY C 1059 -11.20 -0.11 52.66
N VAL C 1060 -10.39 -0.85 53.40
CA VAL C 1060 -10.64 -1.12 54.80
C VAL C 1060 -9.43 -0.66 55.60
N VAL C 1061 -9.68 -0.04 56.74
CA VAL C 1061 -8.64 0.43 57.64
C VAL C 1061 -8.74 -0.35 58.93
N PHE C 1062 -7.68 -1.05 59.30
CA PHE C 1062 -7.65 -1.85 60.51
C PHE C 1062 -7.08 -1.03 61.67
N LEU C 1063 -7.42 -1.45 62.87
CA LEU C 1063 -6.78 -0.96 64.10
C LEU C 1063 -6.26 -2.18 64.83
N HIS C 1064 -4.98 -2.49 64.66
CA HIS C 1064 -4.37 -3.65 65.30
C HIS C 1064 -3.99 -3.27 66.73
N VAL C 1065 -4.72 -3.78 67.70
CA VAL C 1065 -4.40 -3.58 69.11
C VAL C 1065 -3.38 -4.63 69.50
N THR C 1066 -2.22 -4.19 69.98
CA THR C 1066 -1.10 -5.10 70.24
C THR C 1066 -0.55 -4.86 71.63
N TYR C 1067 0.15 -5.88 72.14
CA TYR C 1067 0.77 -5.86 73.46
C TYR C 1067 2.27 -5.80 73.27
N VAL C 1068 2.90 -4.74 73.79
CA VAL C 1068 4.33 -4.52 73.60
C VAL C 1068 5.02 -4.42 74.95
N PRO C 1069 5.92 -5.34 75.29
CA PRO C 1069 6.64 -5.24 76.56
C PRO C 1069 7.61 -4.07 76.56
N ALA C 1070 7.92 -3.57 77.74
CA ALA C 1070 8.83 -2.44 77.88
C ALA C 1070 9.40 -2.42 79.29
N GLN C 1071 10.36 -1.51 79.50
CA GLN C 1071 11.03 -1.37 80.79
C GLN C 1071 11.66 -2.69 81.24
N GLU C 1072 12.64 -3.14 80.47
CA GLU C 1072 13.26 -4.43 80.70
C GLU C 1072 14.39 -4.31 81.72
N LYS C 1073 14.36 -5.18 82.73
CA LYS C 1073 15.48 -5.41 83.62
C LYS C 1073 16.23 -6.65 83.15
N ASN C 1074 17.45 -6.81 83.63
CA ASN C 1074 18.26 -7.96 83.27
C ASN C 1074 18.69 -8.72 84.53
N PHE C 1075 18.70 -10.05 84.44
CA PHE C 1075 18.98 -10.92 85.56
C PHE C 1075 19.91 -12.04 85.12
N THR C 1076 20.69 -12.55 86.07
CA THR C 1076 21.45 -13.76 85.82
C THR C 1076 20.53 -14.97 85.87
N THR C 1077 20.82 -15.96 85.02
CA THR C 1077 20.00 -17.17 84.98
C THR C 1077 20.82 -18.44 85.10
N ALA C 1078 20.15 -19.57 84.87
CA ALA C 1078 20.76 -20.88 84.79
C ALA C 1078 19.75 -21.77 84.09
N PRO C 1079 20.18 -22.66 83.20
CA PRO C 1079 19.21 -23.51 82.50
C PRO C 1079 18.34 -24.36 83.42
N ALA C 1080 18.86 -24.86 84.53
CA ALA C 1080 18.08 -25.74 85.37
C ALA C 1080 18.65 -25.75 86.78
N ILE C 1081 17.77 -25.77 87.78
CA ILE C 1081 18.18 -25.86 89.17
C ILE C 1081 18.52 -27.30 89.50
N CYS C 1082 19.55 -27.50 90.32
CA CYS C 1082 19.95 -28.81 90.79
C CYS C 1082 19.71 -28.89 92.29
N HIS C 1083 18.93 -29.87 92.72
CA HIS C 1083 18.50 -29.97 94.12
C HIS C 1083 18.48 -31.44 94.51
N ASP C 1084 19.28 -31.80 95.51
CA ASP C 1084 19.39 -33.18 95.98
C ASP C 1084 19.76 -34.14 94.85
N GLY C 1085 20.71 -33.73 94.02
CA GLY C 1085 21.20 -34.58 92.96
C GLY C 1085 20.34 -34.55 91.71
N LYS C 1086 19.02 -34.46 91.90
CA LYS C 1086 18.11 -34.36 90.77
C LYS C 1086 18.18 -32.97 90.15
N ALA C 1087 17.71 -32.88 88.91
CA ALA C 1087 17.70 -31.61 88.18
C ALA C 1087 16.27 -31.12 88.05
N HIS C 1088 16.03 -29.88 88.48
CA HIS C 1088 14.72 -29.26 88.42
C HIS C 1088 14.70 -28.28 87.25
N PHE C 1089 13.76 -28.48 86.33
CA PHE C 1089 13.55 -27.63 85.17
C PHE C 1089 12.25 -26.85 85.33
N PRO C 1090 12.15 -25.65 84.77
CA PRO C 1090 10.95 -24.83 85.01
C PRO C 1090 9.77 -25.32 84.21
N ARG C 1091 8.60 -25.33 84.86
CA ARG C 1091 7.40 -25.83 84.19
C ARG C 1091 7.03 -24.97 82.99
N GLU C 1092 6.95 -23.66 83.18
CA GLU C 1092 6.61 -22.78 82.07
C GLU C 1092 7.59 -21.62 81.95
N GLY C 1093 8.08 -21.11 83.07
CA GLY C 1093 8.88 -19.91 83.08
C GLY C 1093 10.36 -20.18 82.88
N VAL C 1094 11.17 -19.20 83.31
CA VAL C 1094 12.62 -19.33 83.32
C VAL C 1094 13.09 -19.04 84.73
N PHE C 1095 14.29 -19.53 85.04
CA PHE C 1095 14.89 -19.29 86.35
C PHE C 1095 15.70 -18.00 86.28
N VAL C 1096 15.31 -17.03 87.09
CA VAL C 1096 16.03 -15.77 87.17
C VAL C 1096 16.43 -15.54 88.61
N SER C 1097 17.58 -14.89 88.80
CA SER C 1097 18.12 -14.62 90.12
C SER C 1097 18.54 -13.16 90.20
N ASN C 1098 18.18 -12.50 91.29
CA ASN C 1098 18.55 -11.12 91.51
C ASN C 1098 19.93 -10.98 92.14
N GLY C 1099 20.79 -11.98 91.98
CA GLY C 1099 22.13 -11.96 92.49
C GLY C 1099 22.35 -12.73 93.78
N THR C 1100 21.29 -12.94 94.56
CA THR C 1100 21.42 -13.67 95.81
C THR C 1100 20.32 -14.72 95.97
N HIS C 1101 19.18 -14.50 95.33
CA HIS C 1101 18.00 -15.34 95.50
C HIS C 1101 17.41 -15.68 94.15
N TRP C 1102 16.92 -16.91 94.00
CA TRP C 1102 16.41 -17.40 92.73
C TRP C 1102 14.89 -17.39 92.70
N PHE C 1103 14.35 -17.31 91.48
CA PHE C 1103 12.92 -17.18 91.28
C PHE C 1103 12.53 -17.84 89.96
N VAL C 1104 11.23 -18.05 89.77
CA VAL C 1104 10.67 -18.51 88.51
C VAL C 1104 9.64 -17.49 88.05
N THR C 1105 9.81 -16.99 86.83
CA THR C 1105 8.88 -16.01 86.28
C THR C 1105 8.47 -16.41 84.88
N GLN C 1106 7.23 -16.07 84.53
CA GLN C 1106 6.77 -16.26 83.15
C GLN C 1106 7.64 -15.45 82.21
N ARG C 1107 7.83 -15.96 80.99
CA ARG C 1107 8.88 -15.45 80.11
C ARG C 1107 8.62 -14.03 79.64
N ASN C 1108 7.40 -13.50 79.76
CA ASN C 1108 7.05 -12.24 79.14
C ASN C 1108 6.70 -11.13 80.12
N PHE C 1109 6.72 -11.39 81.43
CA PHE C 1109 6.40 -10.34 82.39
C PHE C 1109 6.96 -10.74 83.74
N TYR C 1110 7.91 -9.95 84.24
CA TYR C 1110 8.58 -10.28 85.49
C TYR C 1110 7.58 -10.32 86.65
N GLU C 1111 7.36 -11.51 87.19
CA GLU C 1111 6.53 -11.69 88.38
C GLU C 1111 7.07 -12.88 89.14
N PRO C 1112 8.04 -12.67 90.01
CA PRO C 1112 8.76 -13.81 90.60
C PRO C 1112 7.89 -14.65 91.50
N GLN C 1113 8.17 -15.95 91.51
CA GLN C 1113 7.55 -16.91 92.39
C GLN C 1113 8.62 -17.80 92.97
N ILE C 1114 8.48 -18.17 94.25
CA ILE C 1114 9.45 -19.05 94.88
C ILE C 1114 9.36 -20.43 94.25
N ILE C 1115 10.51 -21.06 94.03
CA ILE C 1115 10.54 -22.33 93.33
C ILE C 1115 9.93 -23.42 94.20
N THR C 1116 9.03 -24.21 93.62
CA THR C 1116 8.41 -25.33 94.31
C THR C 1116 8.39 -26.53 93.37
N THR C 1117 8.24 -27.72 93.96
CA THR C 1117 8.11 -28.92 93.15
C THR C 1117 6.87 -28.88 92.27
N ASP C 1118 5.88 -28.06 92.62
CA ASP C 1118 4.72 -27.88 91.74
C ASP C 1118 5.04 -26.97 90.56
N ASN C 1119 5.99 -26.04 90.72
CA ASN C 1119 6.36 -25.11 89.67
C ASN C 1119 7.47 -25.63 88.78
N THR C 1120 8.02 -26.82 89.06
CA THR C 1120 9.07 -27.40 88.26
C THR C 1120 8.79 -28.88 88.03
N PHE C 1121 9.36 -29.42 86.96
CA PHE C 1121 9.30 -30.85 86.70
C PHE C 1121 10.71 -31.41 86.68
N VAL C 1122 10.90 -32.54 87.34
CA VAL C 1122 12.22 -33.14 87.50
C VAL C 1122 12.51 -34.04 86.31
N SER C 1123 13.79 -34.09 85.91
CA SER C 1123 14.25 -34.97 84.85
C SER C 1123 15.77 -34.99 84.79
N GLY C 1124 16.35 -36.17 84.66
CA GLY C 1124 17.79 -36.29 84.52
C GLY C 1124 18.53 -36.28 85.84
N ASN C 1125 19.78 -35.86 85.77
CA ASN C 1125 20.66 -35.82 86.93
C ASN C 1125 21.54 -34.57 86.88
N CYS C 1126 22.34 -34.39 87.93
CA CYS C 1126 23.17 -33.20 88.03
C CYS C 1126 24.25 -33.17 86.95
N ASP C 1127 24.86 -34.31 86.66
CA ASP C 1127 26.08 -34.33 85.87
C ASP C 1127 25.86 -34.15 84.37
N VAL C 1128 24.65 -34.33 83.86
CA VAL C 1128 24.44 -34.33 82.42
C VAL C 1128 24.22 -32.93 81.87
N VAL C 1129 23.38 -32.13 82.53
CA VAL C 1129 23.16 -30.76 82.06
C VAL C 1129 24.43 -29.94 82.25
N ILE C 1130 24.60 -28.93 81.40
CA ILE C 1130 25.74 -28.03 81.46
C ILE C 1130 25.23 -26.64 81.78
N GLY C 1131 25.76 -26.06 82.86
CA GLY C 1131 25.37 -24.73 83.28
C GLY C 1131 24.38 -24.65 84.42
N ILE C 1132 24.10 -25.76 85.11
CA ILE C 1132 23.15 -25.78 86.21
C ILE C 1132 23.70 -24.95 87.37
N VAL C 1133 22.84 -24.63 88.33
CA VAL C 1133 23.24 -23.89 89.51
C VAL C 1133 22.62 -24.54 90.73
N ASN C 1134 23.35 -24.54 91.84
CA ASN C 1134 22.83 -25.12 93.08
C ASN C 1134 21.86 -24.16 93.74
N ASN C 1135 20.73 -24.69 94.19
CA ASN C 1135 19.77 -23.91 94.98
C ASN C 1135 18.77 -24.86 95.61
N THR C 1136 18.03 -24.34 96.59
CA THR C 1136 16.98 -25.11 97.24
C THR C 1136 15.68 -24.98 96.46
N VAL C 1137 14.95 -26.09 96.37
CA VAL C 1137 13.60 -26.11 95.81
C VAL C 1137 12.67 -26.57 96.92
N TYR C 1138 11.70 -25.74 97.26
CA TYR C 1138 10.87 -26.02 98.42
C TYR C 1138 9.73 -26.99 98.08
N ASP C 1139 9.38 -27.83 99.05
CA ASP C 1139 8.27 -28.76 98.91
C ASP C 1139 7.05 -28.15 99.56
N PRO C 1140 5.95 -27.95 98.84
CA PRO C 1140 4.77 -27.32 99.47
C PRO C 1140 4.19 -28.10 100.64
N LEU C 1141 4.19 -29.43 100.58
CA LEU C 1141 3.54 -30.22 101.63
C LEU C 1141 4.47 -30.60 102.76
N GLN C 1142 5.78 -30.38 102.63
CA GLN C 1142 6.70 -30.71 103.71
C GLN C 1142 6.42 -29.94 105.00
N PRO C 1143 6.22 -28.61 104.99
CA PRO C 1143 5.89 -27.93 106.25
C PRO C 1143 4.62 -28.45 106.90
N GLU C 1144 3.62 -28.82 106.09
CA GLU C 1144 2.39 -29.37 106.65
C GLU C 1144 2.65 -30.73 107.27
N LEU C 1145 3.51 -31.55 106.65
CA LEU C 1145 3.93 -32.79 107.29
C LEU C 1145 4.70 -32.50 108.58
N ASP C 1146 5.57 -31.49 108.56
CA ASP C 1146 6.31 -31.12 109.77
C ASP C 1146 5.38 -30.60 110.86
N SER C 1147 4.30 -29.92 110.48
CA SER C 1147 3.36 -29.39 111.46
C SER C 1147 2.48 -30.46 112.07
N PHE C 1148 2.39 -31.63 111.45
CA PHE C 1148 1.51 -32.71 111.89
C PHE C 1148 2.27 -34.03 111.89
N LYS C 1149 3.46 -34.03 112.50
CA LYS C 1149 4.27 -35.24 112.61
C LYS C 1149 3.61 -36.26 113.54
N GLU D 1 -8.87 -11.59 -61.90
CA GLU D 1 -10.02 -11.03 -62.59
C GLU D 1 -10.40 -11.90 -63.78
N ILE D 2 -11.69 -12.16 -63.93
CA ILE D 2 -12.20 -13.08 -64.93
C ILE D 2 -12.31 -12.36 -66.27
N VAL D 3 -11.75 -12.96 -67.32
CA VAL D 3 -11.69 -12.37 -68.65
C VAL D 3 -12.62 -13.14 -69.57
N LEU D 4 -13.33 -12.40 -70.42
CA LEU D 4 -14.22 -12.98 -71.41
C LEU D 4 -13.58 -12.93 -72.79
N THR D 5 -14.08 -13.79 -73.69
CA THR D 5 -13.68 -13.77 -75.09
C THR D 5 -14.93 -13.87 -75.95
N GLN D 6 -15.20 -12.83 -76.72
CA GLN D 6 -16.29 -12.85 -77.68
C GLN D 6 -15.82 -13.43 -79.01
N SER D 7 -16.69 -14.17 -79.67
CA SER D 7 -16.35 -14.86 -80.90
C SER D 7 -17.56 -14.94 -81.79
N PRO D 8 -17.39 -14.83 -83.12
CA PRO D 8 -16.14 -14.65 -83.86
C PRO D 8 -15.66 -13.21 -83.85
N GLY D 9 -14.56 -12.90 -84.55
CA GLY D 9 -14.07 -11.53 -84.57
C GLY D 9 -15.07 -10.56 -85.18
N THR D 10 -15.73 -10.97 -86.26
CA THR D 10 -16.71 -10.15 -86.93
C THR D 10 -17.85 -11.04 -87.38
N LEU D 11 -19.01 -10.43 -87.63
CA LEU D 11 -20.17 -11.17 -88.10
C LEU D 11 -20.70 -10.50 -89.36
N SER D 12 -20.73 -11.27 -90.46
CA SER D 12 -21.13 -10.81 -91.76
C SER D 12 -22.18 -11.75 -92.33
N LEU D 13 -23.41 -11.26 -92.48
CA LEU D 13 -24.50 -12.12 -92.90
C LEU D 13 -25.62 -11.28 -93.48
N SER D 14 -26.52 -11.93 -94.19
CA SER D 14 -27.63 -11.24 -94.82
C SER D 14 -28.83 -11.20 -93.88
N PRO D 15 -29.76 -10.25 -94.08
CA PRO D 15 -30.90 -10.16 -93.18
C PRO D 15 -31.84 -11.34 -93.34
N GLY D 16 -32.67 -11.55 -92.32
CA GLY D 16 -33.66 -12.60 -92.33
C GLY D 16 -33.17 -13.94 -91.85
N GLU D 17 -31.87 -14.11 -91.66
CA GLU D 17 -31.33 -15.38 -91.19
C GLU D 17 -31.19 -15.36 -89.67
N ARG D 18 -30.48 -16.35 -89.14
CA ARG D 18 -30.26 -16.49 -87.71
C ARG D 18 -28.85 -16.01 -87.37
N ALA D 19 -28.71 -15.40 -86.20
CA ALA D 19 -27.42 -14.92 -85.71
C ALA D 19 -26.92 -15.82 -84.59
N THR D 20 -25.60 -15.91 -84.46
CA THR D 20 -24.97 -16.79 -83.48
C THR D 20 -23.74 -16.07 -82.91
N LEU D 21 -23.82 -15.65 -81.65
CA LEU D 21 -22.72 -14.94 -81.00
C LEU D 21 -22.25 -15.74 -79.80
N SER D 22 -21.04 -16.27 -79.88
CA SER D 22 -20.48 -17.13 -78.85
C SER D 22 -19.49 -16.35 -77.97
N CYS D 23 -19.45 -16.73 -76.69
CA CYS D 23 -18.61 -16.06 -75.71
C CYS D 23 -18.04 -17.08 -74.73
N ARG D 24 -16.82 -16.83 -74.29
CA ARG D 24 -16.15 -17.69 -73.33
C ARG D 24 -15.52 -16.85 -72.23
N ALA D 25 -15.51 -17.43 -71.02
CA ALA D 25 -14.95 -16.80 -69.84
C ALA D 25 -13.75 -17.58 -69.35
N SER D 26 -12.91 -16.92 -68.56
CA SER D 26 -11.76 -17.60 -67.98
C SER D 26 -12.18 -18.67 -66.98
N GLN D 27 -13.12 -18.34 -66.10
CA GLN D 27 -13.48 -19.17 -64.97
C GLN D 27 -14.97 -19.50 -65.02
N SER D 28 -15.29 -20.76 -64.73
CA SER D 28 -16.64 -21.26 -64.93
C SER D 28 -17.64 -20.64 -63.95
N ILE D 29 -18.79 -20.22 -64.47
CA ILE D 29 -19.85 -19.63 -63.67
C ILE D 29 -21.16 -20.35 -64.02
N SER D 30 -22.25 -19.90 -63.39
CA SER D 30 -23.58 -20.43 -63.66
C SER D 30 -24.55 -19.29 -63.91
N SER D 31 -24.88 -19.03 -65.17
CA SER D 31 -25.89 -18.03 -65.56
C SER D 31 -25.59 -16.66 -64.94
N TYR D 32 -24.41 -16.13 -65.25
CA TYR D 32 -23.96 -14.85 -64.73
C TYR D 32 -23.36 -13.99 -65.83
N LEU D 33 -23.97 -14.04 -67.01
CA LEU D 33 -23.59 -13.21 -68.14
C LEU D 33 -24.82 -12.51 -68.70
N ALA D 34 -24.57 -11.56 -69.58
CA ALA D 34 -25.63 -10.81 -70.23
C ALA D 34 -25.09 -10.27 -71.54
N TRP D 35 -25.94 -9.53 -72.24
CA TRP D 35 -25.61 -8.99 -73.55
C TRP D 35 -25.91 -7.50 -73.56
N TYR D 36 -25.08 -6.73 -74.27
CA TYR D 36 -25.28 -5.30 -74.46
C TYR D 36 -25.07 -4.94 -75.93
N GLN D 37 -26.03 -4.18 -76.47
CA GLN D 37 -26.02 -3.73 -77.86
C GLN D 37 -25.53 -2.30 -77.92
N GLN D 38 -25.04 -1.90 -79.10
CA GLN D 38 -24.67 -0.52 -79.31
C GLN D 38 -24.61 -0.25 -80.80
N LYS D 39 -25.55 0.53 -81.31
CA LYS D 39 -25.35 1.15 -82.62
C LYS D 39 -24.31 2.26 -82.48
N PRO D 40 -23.36 2.36 -83.41
CA PRO D 40 -22.17 3.18 -83.18
C PRO D 40 -22.53 4.63 -82.87
N GLY D 41 -21.78 5.22 -81.95
CA GLY D 41 -22.00 6.60 -81.55
C GLY D 41 -23.25 6.84 -80.75
N GLN D 42 -23.86 5.80 -80.19
CA GLN D 42 -25.10 5.91 -79.43
C GLN D 42 -24.91 5.40 -78.01
N ALA D 43 -26.02 5.30 -77.30
CA ALA D 43 -26.03 4.72 -75.96
C ALA D 43 -26.13 3.21 -76.04
N PRO D 44 -25.22 2.47 -75.40
CA PRO D 44 -25.39 1.01 -75.32
C PRO D 44 -26.70 0.66 -74.64
N ARG D 45 -27.32 -0.42 -75.10
CA ARG D 45 -28.63 -0.83 -74.65
C ARG D 45 -28.58 -2.25 -74.11
N LEU D 46 -29.28 -2.50 -73.01
CA LEU D 46 -29.25 -3.80 -72.35
C LEU D 46 -30.12 -4.79 -73.11
N LEU D 47 -29.57 -5.99 -73.39
CA LEU D 47 -30.29 -6.95 -74.22
C LEU D 47 -31.02 -8.02 -73.42
N ILE D 48 -30.29 -8.87 -72.72
CA ILE D 48 -30.83 -10.14 -72.27
C ILE D 48 -30.54 -10.33 -70.79
N TYR D 49 -31.60 -10.58 -70.02
CA TYR D 49 -31.47 -10.80 -68.59
C TYR D 49 -30.95 -12.21 -68.33
N GLY D 50 -29.84 -12.30 -67.61
CA GLY D 50 -29.26 -13.60 -67.39
C GLY D 50 -28.83 -14.24 -68.70
N ALA D 51 -29.05 -15.56 -68.78
CA ALA D 51 -28.70 -16.27 -70.00
C ALA D 51 -29.83 -16.27 -71.00
N SER D 52 -31.08 -16.29 -70.54
CA SER D 52 -32.19 -16.49 -71.47
C SER D 52 -33.42 -15.63 -71.19
N SER D 53 -33.37 -14.71 -70.24
CA SER D 53 -34.51 -13.85 -69.97
C SER D 53 -34.38 -12.58 -70.81
N ARG D 54 -35.41 -12.26 -71.57
CA ARG D 54 -35.38 -11.12 -72.48
C ARG D 54 -36.08 -9.92 -71.87
N ALA D 55 -35.51 -8.74 -72.11
CA ALA D 55 -36.11 -7.51 -71.63
C ALA D 55 -37.41 -7.21 -72.40
N THR D 56 -38.27 -6.41 -71.78
CA THR D 56 -39.60 -6.17 -72.34
C THR D 56 -39.55 -5.31 -73.59
N GLY D 57 -38.51 -4.49 -73.74
CA GLY D 57 -38.46 -3.57 -74.85
C GLY D 57 -37.78 -4.15 -76.07
N ILE D 58 -37.61 -5.47 -76.07
CA ILE D 58 -36.75 -6.16 -77.02
C ILE D 58 -37.57 -7.28 -77.68
N PRO D 59 -37.70 -7.29 -79.01
CA PRO D 59 -38.61 -8.24 -79.67
C PRO D 59 -38.17 -9.68 -79.47
N ASP D 60 -38.96 -10.61 -80.01
CA ASP D 60 -38.76 -12.03 -79.71
C ASP D 60 -37.61 -12.65 -80.49
N ARG D 61 -37.09 -11.98 -81.51
CA ARG D 61 -36.09 -12.58 -82.40
C ARG D 61 -34.81 -12.97 -81.67
N PHE D 62 -34.57 -12.40 -80.50
CA PHE D 62 -33.34 -12.63 -79.76
C PHE D 62 -33.49 -13.86 -78.87
N SER D 63 -32.37 -14.53 -78.63
CA SER D 63 -32.34 -15.65 -77.70
C SER D 63 -30.92 -15.84 -77.22
N GLY D 64 -30.75 -16.04 -75.91
CA GLY D 64 -29.43 -16.22 -75.37
C GLY D 64 -29.21 -17.62 -74.85
N SER D 65 -27.97 -18.10 -74.88
CA SER D 65 -27.66 -19.44 -74.42
C SER D 65 -26.40 -19.42 -73.58
N GLY D 66 -26.42 -20.15 -72.47
CA GLY D 66 -25.32 -20.15 -71.55
C GLY D 66 -25.06 -21.53 -70.97
N SER D 67 -23.90 -21.66 -70.34
CA SER D 67 -23.43 -22.94 -69.80
C SER D 67 -22.57 -22.65 -68.59
N GLU D 68 -21.71 -23.60 -68.22
CA GLU D 68 -20.71 -23.33 -67.18
C GLU D 68 -19.72 -22.27 -67.64
N THR D 69 -19.14 -22.43 -68.83
CA THR D 69 -18.11 -21.54 -69.34
C THR D 69 -18.34 -21.10 -70.77
N ASP D 70 -19.07 -21.85 -71.58
CA ASP D 70 -19.43 -21.45 -72.94
C ASP D 70 -20.79 -20.75 -72.91
N PHE D 71 -20.90 -19.64 -73.64
CA PHE D 71 -22.14 -18.89 -73.69
C PHE D 71 -22.31 -18.31 -75.08
N THR D 72 -23.50 -18.49 -75.65
CA THR D 72 -23.75 -18.11 -77.04
C THR D 72 -25.05 -17.32 -77.14
N LEU D 73 -25.05 -16.33 -78.03
CA LEU D 73 -26.20 -15.47 -78.28
C LEU D 73 -26.77 -15.77 -79.66
N THR D 74 -28.09 -15.90 -79.74
CA THR D 74 -28.76 -16.27 -80.98
C THR D 74 -29.90 -15.30 -81.27
N ILE D 75 -29.95 -14.80 -82.50
CA ILE D 75 -31.00 -13.93 -82.98
C ILE D 75 -31.45 -14.46 -84.34
N SER D 76 -32.76 -14.46 -84.58
CA SER D 76 -33.29 -14.99 -85.83
C SER D 76 -33.98 -13.88 -86.62
N ARG D 77 -34.15 -14.14 -87.91
CA ARG D 77 -34.82 -13.24 -88.86
C ARG D 77 -34.20 -11.84 -88.81
N LEU D 78 -32.93 -11.79 -89.20
CA LEU D 78 -32.15 -10.56 -89.09
C LEU D 78 -32.77 -9.44 -89.91
N GLU D 79 -32.68 -8.23 -89.39
CA GLU D 79 -33.31 -7.06 -89.96
C GLU D 79 -32.32 -5.90 -90.00
N PRO D 80 -32.57 -4.88 -90.83
CA PRO D 80 -31.61 -3.76 -90.92
C PRO D 80 -31.36 -3.07 -89.58
N GLU D 81 -32.39 -2.93 -88.75
CA GLU D 81 -32.24 -2.26 -87.46
C GLU D 81 -31.21 -2.95 -86.56
N ASP D 82 -30.76 -4.14 -86.92
CA ASP D 82 -29.89 -4.95 -86.08
C ASP D 82 -28.40 -4.69 -86.30
N PHE D 83 -28.04 -3.96 -87.36
CA PHE D 83 -26.63 -3.70 -87.64
C PHE D 83 -25.99 -2.91 -86.49
N ALA D 84 -25.10 -3.55 -85.75
CA ALA D 84 -24.45 -2.94 -84.59
C ALA D 84 -23.37 -3.88 -84.07
N VAL D 85 -22.70 -3.45 -83.00
CA VAL D 85 -21.71 -4.25 -82.29
C VAL D 85 -22.37 -4.87 -81.07
N TYR D 86 -21.77 -5.95 -80.57
CA TYR D 86 -22.37 -6.71 -79.47
C TYR D 86 -21.34 -7.05 -78.41
N PHE D 87 -21.73 -6.91 -77.15
CA PHE D 87 -20.81 -6.97 -76.02
C PHE D 87 -21.33 -7.90 -74.94
N CYS D 88 -20.41 -8.52 -74.20
CA CYS D 88 -20.71 -9.38 -73.06
C CYS D 88 -20.15 -8.79 -71.79
N GLN D 89 -20.95 -8.79 -70.73
CA GLN D 89 -20.51 -8.38 -69.41
C GLN D 89 -20.99 -9.37 -68.36
N GLN D 90 -20.21 -9.49 -67.30
CA GLN D 90 -20.47 -10.47 -66.25
C GLN D 90 -21.31 -9.84 -65.15
N TYR D 91 -22.49 -10.39 -64.90
CA TYR D 91 -23.27 -10.00 -63.74
C TYR D 91 -23.04 -10.94 -62.56
N GLY D 92 -21.93 -11.68 -62.58
CA GLY D 92 -21.56 -12.52 -61.46
C GLY D 92 -20.80 -11.73 -60.42
N SER D 93 -19.57 -12.14 -60.13
CA SER D 93 -18.77 -11.42 -59.14
C SER D 93 -17.29 -11.66 -59.44
N SER D 94 -16.48 -10.65 -59.15
CA SER D 94 -15.04 -10.74 -59.40
C SER D 94 -14.23 -9.63 -58.73
N PRO D 95 -14.62 -8.34 -58.78
CA PRO D 95 -15.83 -7.69 -59.32
C PRO D 95 -15.94 -7.62 -60.84
N ARG D 96 -17.11 -7.20 -61.29
CA ARG D 96 -17.63 -7.50 -62.61
C ARG D 96 -16.70 -7.04 -63.73
N THR D 97 -16.86 -7.67 -64.90
CA THR D 97 -15.98 -7.50 -66.04
C THR D 97 -16.83 -7.44 -67.31
N PHE D 98 -16.19 -7.57 -68.46
CA PHE D 98 -16.85 -7.42 -69.74
C PHE D 98 -16.10 -8.23 -70.80
N GLY D 99 -16.53 -8.09 -72.05
CA GLY D 99 -15.94 -8.80 -73.16
C GLY D 99 -15.45 -7.85 -74.25
N GLN D 100 -14.88 -8.44 -75.31
CA GLN D 100 -14.18 -7.59 -76.26
C GLN D 100 -15.05 -7.06 -77.39
N GLY D 101 -16.27 -7.55 -77.55
CA GLY D 101 -17.17 -7.03 -78.56
C GLY D 101 -17.18 -7.84 -79.84
N THR D 102 -18.27 -7.72 -80.58
CA THR D 102 -18.40 -8.33 -81.89
C THR D 102 -19.43 -7.53 -82.70
N LYS D 103 -19.11 -7.30 -83.97
CA LYS D 103 -19.89 -6.45 -84.85
C LYS D 103 -20.74 -7.29 -85.81
N LEU D 104 -21.99 -6.89 -85.99
CA LEU D 104 -22.90 -7.56 -86.91
C LEU D 104 -23.12 -6.69 -88.13
N GLU D 105 -23.05 -7.31 -89.31
CA GLU D 105 -23.15 -6.64 -90.58
C GLU D 105 -24.28 -7.26 -91.40
N ILE D 106 -25.08 -6.42 -92.05
CA ILE D 106 -26.22 -6.86 -92.84
C ILE D 106 -25.84 -6.83 -94.31
N LYS D 107 -26.01 -7.97 -94.99
CA LYS D 107 -25.44 -8.20 -96.31
C LYS D 107 -26.53 -8.22 -97.37
N ARG D 108 -26.35 -7.44 -98.44
CA ARG D 108 -27.27 -7.47 -99.57
C ARG D 108 -26.59 -7.94 -100.85
N THR D 109 -25.55 -7.26 -101.33
CA THR D 109 -24.91 -7.59 -102.60
C THR D 109 -23.63 -6.77 -102.75
N VAL D 110 -22.73 -7.27 -103.58
CA VAL D 110 -21.38 -6.72 -103.72
C VAL D 110 -21.41 -5.51 -104.65
N ALA D 111 -20.69 -4.45 -104.28
CA ALA D 111 -20.64 -3.22 -105.06
C ALA D 111 -19.22 -2.68 -105.08
N ALA D 112 -18.73 -2.41 -106.28
CA ALA D 112 -17.39 -1.90 -106.45
C ALA D 112 -17.29 -0.44 -106.02
N PRO D 113 -16.09 0.01 -105.67
CA PRO D 113 -15.90 1.37 -105.17
C PRO D 113 -16.11 2.39 -106.28
N SER D 114 -16.37 3.63 -105.86
CA SER D 114 -16.22 4.78 -106.75
C SER D 114 -14.91 5.46 -106.38
N VAL D 115 -13.95 5.43 -107.29
CA VAL D 115 -12.59 5.85 -107.02
C VAL D 115 -12.33 7.16 -107.75
N PHE D 116 -11.87 8.16 -107.00
CA PHE D 116 -11.45 9.42 -107.56
C PHE D 116 -10.28 9.95 -106.72
N ILE D 117 -9.23 10.41 -107.40
CA ILE D 117 -8.03 10.88 -106.76
C ILE D 117 -7.92 12.38 -106.98
N PHE D 118 -7.53 13.11 -105.93
CA PHE D 118 -7.54 14.56 -105.95
C PHE D 118 -6.17 15.10 -105.57
N PRO D 119 -5.65 16.06 -106.31
CA PRO D 119 -4.29 16.56 -106.05
C PRO D 119 -4.26 17.48 -104.83
N PRO D 120 -3.08 17.77 -104.28
CA PRO D 120 -3.01 18.67 -103.14
C PRO D 120 -3.44 20.08 -103.50
N SER D 121 -3.99 20.77 -102.50
CA SER D 121 -4.42 22.15 -102.70
C SER D 121 -3.21 23.08 -102.73
N ASP D 122 -3.46 24.32 -103.14
CA ASP D 122 -2.38 25.31 -103.19
C ASP D 122 -1.84 25.60 -101.79
N GLU D 123 -2.72 25.65 -100.80
CA GLU D 123 -2.30 25.95 -99.43
C GLU D 123 -1.34 24.89 -98.91
N GLN D 124 -1.61 23.61 -99.21
CA GLN D 124 -0.71 22.55 -98.77
C GLN D 124 0.67 22.70 -99.39
N LEU D 125 0.73 22.91 -100.71
CA LEU D 125 2.01 23.08 -101.39
C LEU D 125 2.75 24.31 -100.89
N LYS D 126 2.00 25.37 -100.55
CA LYS D 126 2.62 26.56 -99.99
C LYS D 126 3.26 26.28 -98.63
N SER D 127 2.69 25.34 -97.88
CA SER D 127 3.18 25.06 -96.53
C SER D 127 4.38 24.13 -96.50
N GLY D 128 4.85 23.66 -97.65
CA GLY D 128 6.03 22.82 -97.72
C GLY D 128 5.78 21.33 -97.61
N THR D 129 4.54 20.92 -97.36
CA THR D 129 4.18 19.51 -97.28
C THR D 129 3.10 19.21 -98.30
N ALA D 130 3.28 18.14 -99.06
CA ALA D 130 2.36 17.76 -100.11
C ALA D 130 1.68 16.43 -99.75
N SER D 131 0.42 16.29 -100.16
CA SER D 131 -0.32 15.09 -99.88
C SER D 131 -1.23 14.77 -101.06
N VAL D 132 -1.54 13.48 -101.21
CA VAL D 132 -2.42 13.00 -102.27
C VAL D 132 -3.58 12.27 -101.63
N VAL D 133 -4.79 12.51 -102.14
CA VAL D 133 -6.02 12.01 -101.54
C VAL D 133 -6.73 11.10 -102.54
N CYS D 134 -7.05 9.89 -102.10
CA CYS D 134 -7.85 8.95 -102.87
C CYS D 134 -9.11 8.60 -102.08
N LEU D 135 -10.24 8.56 -102.77
CA LEU D 135 -11.53 8.38 -102.13
C LEU D 135 -12.27 7.19 -102.77
N LEU D 136 -12.71 6.27 -101.92
CA LEU D 136 -13.54 5.14 -102.33
C LEU D 136 -14.93 5.34 -101.73
N ASN D 137 -15.96 5.14 -102.54
CA ASN D 137 -17.34 5.38 -102.13
C ASN D 137 -18.19 4.16 -102.41
N ASN D 138 -19.27 4.05 -101.63
CA ASN D 138 -20.39 3.12 -101.85
C ASN D 138 -19.94 1.75 -102.33
N PHE D 139 -19.14 1.07 -101.49
CA PHE D 139 -18.66 -0.27 -101.78
C PHE D 139 -19.04 -1.24 -100.67
N TYR D 140 -19.21 -2.51 -101.05
CA TYR D 140 -19.40 -3.68 -100.19
C TYR D 140 -18.73 -4.76 -101.02
N PRO D 141 -17.77 -5.54 -100.46
CA PRO D 141 -17.35 -5.63 -99.05
C PRO D 141 -16.57 -4.46 -98.48
N ARG D 142 -16.71 -4.33 -97.16
CA ARG D 142 -15.87 -3.44 -96.40
C ARG D 142 -14.40 -3.76 -96.62
N GLU D 143 -14.10 -5.02 -96.91
CA GLU D 143 -12.73 -5.46 -97.15
C GLU D 143 -12.26 -5.01 -98.54
N ALA D 144 -12.36 -3.70 -98.76
CA ALA D 144 -11.78 -3.09 -99.95
C ALA D 144 -10.35 -2.69 -99.64
N LYS D 145 -9.43 -3.10 -100.51
CA LYS D 145 -8.01 -2.88 -100.30
C LYS D 145 -7.54 -1.76 -101.21
N VAL D 146 -6.84 -0.78 -100.64
CA VAL D 146 -6.38 0.40 -101.35
C VAL D 146 -4.87 0.53 -101.19
N GLN D 147 -4.18 0.81 -102.30
CA GLN D 147 -2.73 0.94 -102.29
C GLN D 147 -2.31 2.11 -103.16
N TRP D 148 -1.19 2.74 -102.78
CA TRP D 148 -0.64 3.89 -103.49
C TRP D 148 0.56 3.47 -104.32
N LYS D 149 0.69 4.06 -105.50
CA LYS D 149 1.84 3.80 -106.37
C LYS D 149 2.38 5.12 -106.91
N VAL D 150 3.68 5.33 -106.76
CA VAL D 150 4.35 6.55 -107.21
C VAL D 150 5.41 6.15 -108.22
N ASP D 151 5.32 6.71 -109.43
CA ASP D 151 6.18 6.31 -110.55
C ASP D 151 6.16 4.80 -110.73
N ASN D 152 4.98 4.21 -110.55
CA ASN D 152 4.74 2.77 -110.57
C ASN D 152 5.49 2.02 -109.47
N ALA D 153 6.00 2.73 -108.47
CA ALA D 153 6.65 2.10 -107.33
C ALA D 153 5.70 2.13 -106.14
N LEU D 154 5.52 0.98 -105.49
CA LEU D 154 4.55 0.86 -104.41
C LEU D 154 4.99 1.66 -103.20
N GLN D 155 4.09 2.50 -102.68
CA GLN D 155 4.31 3.28 -101.48
C GLN D 155 3.07 3.29 -100.61
N SER D 156 2.42 2.13 -100.45
CA SER D 156 1.18 2.07 -99.68
C SER D 156 1.41 2.28 -98.18
N GLY D 157 2.66 2.31 -97.73
CA GLY D 157 2.95 2.41 -96.31
C GLY D 157 3.18 3.82 -95.80
N ASN D 158 2.74 4.82 -96.55
CA ASN D 158 2.84 6.21 -96.13
C ASN D 158 1.46 6.83 -95.91
N SER D 159 0.57 6.07 -95.28
CA SER D 159 -0.82 6.49 -95.17
C SER D 159 -1.40 6.05 -93.84
N GLN D 160 -2.47 6.75 -93.43
CA GLN D 160 -3.30 6.36 -92.30
C GLN D 160 -4.75 6.46 -92.75
N GLU D 161 -5.52 5.40 -92.53
CA GLU D 161 -6.83 5.26 -93.15
C GLU D 161 -7.91 4.98 -92.12
N SER D 162 -9.12 5.42 -92.44
CA SER D 162 -10.31 5.12 -91.65
C SER D 162 -11.48 4.87 -92.60
N VAL D 163 -12.39 4.00 -92.18
CA VAL D 163 -13.54 3.60 -92.98
C VAL D 163 -14.80 3.74 -92.15
N THR D 164 -15.84 4.30 -92.77
CA THR D 164 -17.11 4.57 -92.13
C THR D 164 -17.85 3.26 -91.80
N GLU D 165 -18.81 3.35 -90.89
CA GLU D 165 -19.72 2.24 -90.61
C GLU D 165 -20.57 1.94 -91.84
N GLN D 166 -21.47 0.97 -91.70
CA GLN D 166 -22.35 0.63 -92.80
C GLN D 166 -23.32 1.76 -93.10
N ASP D 167 -23.54 1.99 -94.39
CA ASP D 167 -24.56 2.93 -94.85
C ASP D 167 -25.90 2.21 -94.80
N SER D 168 -26.81 2.72 -93.96
CA SER D 168 -28.12 2.09 -93.81
C SER D 168 -28.89 2.06 -95.12
N LYS D 169 -28.78 3.11 -95.93
CA LYS D 169 -29.61 3.22 -97.12
C LYS D 169 -29.07 2.41 -98.28
N ASP D 170 -27.74 2.33 -98.44
CA ASP D 170 -27.15 1.69 -99.61
C ASP D 170 -26.39 0.41 -99.30
N SER D 171 -26.31 0.00 -98.04
CA SER D 171 -25.66 -1.26 -97.66
C SER D 171 -24.23 -1.34 -98.19
N THR D 172 -23.52 -0.22 -98.12
CA THR D 172 -22.17 -0.13 -98.66
C THR D 172 -21.31 0.69 -97.71
N TYR D 173 -20.10 1.01 -98.17
CA TYR D 173 -19.11 1.69 -97.34
C TYR D 173 -18.32 2.69 -98.17
N SER D 174 -17.62 3.58 -97.48
CA SER D 174 -16.72 4.55 -98.11
C SER D 174 -15.45 4.66 -97.28
N LEU D 175 -14.32 4.87 -97.96
CA LEU D 175 -13.01 4.87 -97.33
C LEU D 175 -12.29 6.18 -97.62
N SER D 176 -11.47 6.61 -96.66
CA SER D 176 -10.64 7.81 -96.80
C SER D 176 -9.19 7.45 -96.55
N SER D 177 -8.33 7.76 -97.52
CA SER D 177 -6.90 7.52 -97.41
C SER D 177 -6.13 8.72 -97.93
N THR D 178 -4.97 8.97 -97.35
CA THR D 178 -4.14 10.10 -97.71
C THR D 178 -2.67 9.67 -97.83
N LEU D 179 -2.04 10.01 -98.95
CA LEU D 179 -0.62 9.81 -99.16
C LEU D 179 0.08 11.15 -99.07
N THR D 180 0.94 11.32 -98.06
CA THR D 180 1.57 12.59 -97.75
C THR D 180 3.08 12.46 -97.75
N LEU D 181 3.75 13.44 -98.36
CA LEU D 181 5.20 13.49 -98.41
C LEU D 181 5.67 14.93 -98.37
N SER D 182 6.96 15.13 -98.12
CA SER D 182 7.51 16.47 -98.15
C SER D 182 7.53 17.02 -99.57
N LYS D 183 7.64 18.34 -99.69
CA LYS D 183 7.58 18.97 -101.00
C LYS D 183 8.75 18.53 -101.88
N ALA D 184 9.94 18.42 -101.31
CA ALA D 184 11.09 17.94 -102.08
C ALA D 184 10.89 16.50 -102.53
N ASP D 185 10.43 15.64 -101.61
CA ASP D 185 10.14 14.27 -101.98
C ASP D 185 9.00 14.21 -103.00
N TYR D 186 7.99 15.04 -102.82
CA TYR D 186 6.88 15.09 -103.79
C TYR D 186 7.38 15.51 -105.17
N GLU D 187 8.39 16.37 -105.22
CA GLU D 187 8.99 16.78 -106.48
C GLU D 187 9.97 15.74 -107.02
N LYS D 188 10.45 14.82 -106.18
CA LYS D 188 11.41 13.82 -106.63
C LYS D 188 10.83 12.94 -107.73
N HIS D 189 9.60 12.48 -107.56
CA HIS D 189 8.93 11.62 -108.54
C HIS D 189 7.97 12.44 -109.39
N LYS D 190 7.43 11.79 -110.43
CA LYS D 190 6.70 12.52 -111.46
C LYS D 190 5.22 12.13 -111.57
N VAL D 191 4.87 10.86 -111.40
CA VAL D 191 3.50 10.40 -111.54
C VAL D 191 3.06 9.72 -110.25
N TYR D 192 1.83 9.99 -109.84
CA TYR D 192 1.26 9.43 -108.62
C TYR D 192 0.00 8.65 -108.95
N ALA D 193 -0.12 7.45 -108.37
CA ALA D 193 -1.20 6.54 -108.69
C ALA D 193 -1.66 5.83 -107.43
N CYS D 194 -2.88 5.30 -107.48
CA CYS D 194 -3.47 4.56 -106.38
C CYS D 194 -4.14 3.31 -106.92
N GLU D 195 -3.88 2.17 -106.30
CA GLU D 195 -4.44 0.89 -106.71
C GLU D 195 -5.54 0.47 -105.74
N VAL D 196 -6.68 0.04 -106.29
CA VAL D 196 -7.82 -0.42 -105.51
C VAL D 196 -8.17 -1.83 -105.96
N THR D 197 -8.23 -2.76 -105.01
CA THR D 197 -8.62 -4.14 -105.28
C THR D 197 -9.93 -4.42 -104.57
N HIS D 198 -10.90 -4.99 -105.30
CA HIS D 198 -12.22 -5.20 -104.75
C HIS D 198 -12.85 -6.42 -105.39
N GLN D 199 -13.82 -7.01 -104.67
CA GLN D 199 -14.46 -8.24 -105.13
C GLN D 199 -15.40 -7.97 -106.32
N GLY D 200 -16.11 -6.85 -106.30
CA GLY D 200 -17.05 -6.54 -107.36
C GLY D 200 -16.42 -6.29 -108.71
N LEU D 201 -15.11 -6.14 -108.77
CA LEU D 201 -14.39 -5.92 -110.01
C LEU D 201 -13.71 -7.21 -110.46
N SER D 202 -13.71 -7.44 -111.78
CA SER D 202 -12.99 -8.59 -112.32
C SER D 202 -11.49 -8.46 -112.12
N SER D 203 -11.00 -7.26 -111.86
CA SER D 203 -9.58 -7.03 -111.59
C SER D 203 -9.46 -5.71 -110.84
N PRO D 204 -8.36 -5.51 -110.11
CA PRO D 204 -8.15 -4.23 -109.44
C PRO D 204 -8.08 -3.09 -110.45
N VAL D 205 -8.63 -1.95 -110.05
CA VAL D 205 -8.68 -0.75 -110.89
C VAL D 205 -7.71 0.28 -110.31
N THR D 206 -6.98 0.95 -111.19
CA THR D 206 -5.98 1.93 -110.79
C THR D 206 -6.24 3.25 -111.49
N LYS D 207 -6.19 4.34 -110.73
CA LYS D 207 -6.27 5.69 -111.27
C LYS D 207 -4.95 6.42 -110.99
N SER D 208 -4.59 7.33 -111.89
CA SER D 208 -3.28 7.96 -111.81
C SER D 208 -3.35 9.37 -112.38
N PHE D 209 -2.34 10.16 -112.03
CA PHE D 209 -2.18 11.50 -112.58
C PHE D 209 -0.70 11.86 -112.53
N ASN D 210 -0.32 12.86 -113.32
CA ASN D 210 1.05 13.34 -113.38
C ASN D 210 1.19 14.58 -112.50
N ARG D 211 2.36 14.75 -111.89
CA ARG D 211 2.59 15.92 -111.04
C ARG D 211 2.48 17.21 -111.85
N GLY D 212 2.96 17.18 -113.09
CA GLY D 212 2.91 18.37 -113.93
C GLY D 212 1.52 18.81 -114.32
N GLU D 213 0.50 17.98 -114.08
CA GLU D 213 -0.88 18.33 -114.41
C GLU D 213 -1.51 19.29 -113.41
N CYS D 214 -0.71 19.84 -112.48
CA CYS D 214 -1.18 20.78 -111.46
C CYS D 214 -2.14 20.13 -110.47
N GLU E 1 -39.56 8.71 -71.58
CA GLU E 1 -39.79 8.24 -70.22
C GLU E 1 -38.61 8.57 -69.32
N VAL E 2 -37.99 7.54 -68.76
CA VAL E 2 -36.83 7.71 -67.91
C VAL E 2 -35.60 7.99 -68.77
N GLN E 3 -34.94 9.10 -68.48
CA GLN E 3 -33.77 9.51 -69.25
C GLN E 3 -32.68 10.00 -68.31
N LEU E 4 -31.43 9.76 -68.69
CA LEU E 4 -30.28 10.27 -67.96
C LEU E 4 -29.58 11.30 -68.84
N VAL E 5 -29.38 12.49 -68.29
CA VAL E 5 -28.70 13.58 -69.00
C VAL E 5 -27.44 13.95 -68.23
N GLU E 6 -26.31 13.86 -68.90
CA GLU E 6 -25.00 14.14 -68.31
C GLU E 6 -24.42 15.41 -68.93
N SER E 7 -23.21 15.73 -68.52
CA SER E 7 -22.47 16.90 -69.01
C SER E 7 -21.01 16.71 -68.61
N GLY E 8 -20.22 17.78 -68.74
CA GLY E 8 -18.86 17.75 -68.25
C GLY E 8 -17.91 16.95 -69.12
N GLY E 9 -16.89 16.40 -68.46
CA GLY E 9 -15.84 15.68 -69.15
C GLY E 9 -14.81 16.62 -69.75
N GLY E 10 -14.09 16.11 -70.74
CA GLY E 10 -13.19 16.96 -71.49
C GLY E 10 -11.72 16.64 -71.33
N LEU E 11 -10.86 17.61 -71.67
CA LEU E 11 -9.43 17.42 -71.69
C LEU E 11 -8.75 18.31 -70.65
N VAL E 12 -7.88 17.70 -69.85
CA VAL E 12 -7.01 18.42 -68.94
C VAL E 12 -5.66 17.69 -68.94
N GLN E 13 -4.59 18.44 -68.71
CA GLN E 13 -3.24 17.89 -68.74
C GLN E 13 -3.07 16.84 -67.64
N PRO E 14 -2.13 15.91 -67.81
CA PRO E 14 -1.93 14.86 -66.80
C PRO E 14 -1.64 15.44 -65.43
N GLY E 15 -2.20 14.80 -64.41
CA GLY E 15 -2.14 15.30 -63.05
C GLY E 15 -3.27 16.22 -62.67
N GLY E 16 -4.22 16.49 -63.57
CA GLY E 16 -5.31 17.40 -63.30
C GLY E 16 -6.45 16.73 -62.56
N SER E 17 -7.54 17.49 -62.42
CA SER E 17 -8.74 17.03 -61.76
C SER E 17 -9.95 17.34 -62.64
N LEU E 18 -11.03 16.60 -62.41
CA LEU E 18 -12.23 16.76 -63.23
C LEU E 18 -13.44 16.21 -62.48
N ARG E 19 -14.51 16.99 -62.43
CA ARG E 19 -15.77 16.57 -61.86
C ARG E 19 -16.82 16.43 -62.95
N LEU E 20 -17.66 15.41 -62.82
CA LEU E 20 -18.72 15.14 -63.78
C LEU E 20 -20.06 15.08 -63.06
N SER E 21 -21.13 15.21 -63.84
CA SER E 21 -22.47 15.17 -63.28
C SER E 21 -23.43 14.62 -64.30
N CYS E 22 -24.56 14.13 -63.80
CA CYS E 22 -25.62 13.60 -64.66
C CYS E 22 -26.94 13.66 -63.90
N ALA E 23 -28.01 14.04 -64.60
CA ALA E 23 -29.33 14.13 -64.02
C ALA E 23 -30.27 13.15 -64.72
N ALA E 24 -31.31 12.74 -64.00
CA ALA E 24 -32.26 11.75 -64.47
C ALA E 24 -33.61 12.40 -64.73
N SER E 25 -34.28 11.98 -65.81
CA SER E 25 -35.56 12.59 -66.16
C SER E 25 -36.65 12.19 -65.17
N GLU E 26 -36.84 10.89 -64.98
CA GLU E 26 -37.99 10.40 -64.20
C GLU E 26 -37.58 9.55 -63.00
N ILE E 27 -36.52 8.76 -63.11
CA ILE E 27 -36.06 7.95 -61.99
C ILE E 27 -35.36 8.87 -60.99
N THR E 28 -35.73 8.73 -59.72
CA THR E 28 -35.37 9.72 -58.70
C THR E 28 -33.89 9.72 -58.35
N VAL E 29 -33.14 8.69 -58.74
CA VAL E 29 -31.74 8.49 -58.39
C VAL E 29 -31.62 8.05 -56.94
N SER E 30 -32.41 8.66 -56.05
CA SER E 30 -32.28 8.38 -54.62
C SER E 30 -32.55 6.92 -54.29
N ARG E 31 -33.54 6.31 -54.94
CA ARG E 31 -33.96 4.95 -54.62
C ARG E 31 -33.45 3.92 -55.63
N ASN E 32 -32.29 4.18 -56.23
CA ASN E 32 -31.84 3.37 -57.37
C ASN E 32 -30.33 3.15 -57.30
N TYR E 33 -29.89 2.01 -57.82
CA TYR E 33 -28.46 1.75 -58.00
C TYR E 33 -27.96 2.51 -59.22
N MET E 34 -26.89 3.27 -59.06
CA MET E 34 -26.33 4.08 -60.13
C MET E 34 -24.86 3.73 -60.28
N SER E 35 -24.39 3.72 -61.53
CA SER E 35 -23.01 3.29 -61.76
C SER E 35 -22.37 4.16 -62.84
N TRP E 36 -21.04 4.09 -62.89
CA TRP E 36 -20.24 4.77 -63.89
C TRP E 36 -19.37 3.76 -64.63
N VAL E 37 -19.36 3.85 -65.95
CA VAL E 37 -18.46 3.06 -66.79
C VAL E 37 -17.93 3.94 -67.91
N ARG E 38 -16.79 3.54 -68.45
CA ARG E 38 -16.10 4.30 -69.48
C ARG E 38 -15.74 3.39 -70.64
N GLN E 39 -15.67 3.98 -71.83
CA GLN E 39 -15.34 3.23 -73.05
C GLN E 39 -14.16 3.89 -73.74
N ALA E 40 -13.10 3.13 -73.92
CA ALA E 40 -11.96 3.53 -74.75
C ALA E 40 -12.03 2.80 -76.09
N PRO E 41 -11.76 3.49 -77.19
CA PRO E 41 -11.90 2.86 -78.51
C PRO E 41 -10.96 1.69 -78.68
N GLY E 42 -11.43 0.68 -79.42
CA GLY E 42 -10.63 -0.49 -79.71
C GLY E 42 -10.21 -1.27 -78.48
N LYS E 43 -10.65 -0.83 -77.32
CA LYS E 43 -10.39 -1.50 -76.06
C LYS E 43 -11.66 -1.89 -75.32
N GLY E 44 -12.76 -1.18 -75.54
CA GLY E 44 -14.06 -1.59 -75.03
C GLY E 44 -14.52 -0.79 -73.84
N LEU E 45 -15.53 -1.34 -73.18
CA LEU E 45 -16.07 -0.80 -71.94
C LEU E 45 -15.07 -1.02 -70.81
N GLU E 46 -15.44 -0.56 -69.61
CA GLU E 46 -14.72 -0.89 -68.39
C GLU E 46 -15.53 -0.45 -67.20
N TRP E 47 -15.58 -1.29 -66.18
CA TRP E 47 -16.18 -0.92 -64.92
C TRP E 47 -15.40 0.24 -64.30
N VAL E 48 -16.11 1.13 -63.63
CA VAL E 48 -15.46 2.15 -62.83
C VAL E 48 -15.94 2.06 -61.40
N SER E 49 -17.23 2.29 -61.18
CA SER E 49 -17.80 2.22 -59.83
C SER E 49 -19.31 2.29 -59.94
N VAL E 50 -19.95 2.34 -58.76
CA VAL E 50 -21.40 2.21 -58.66
C VAL E 50 -21.77 2.69 -57.27
N ILE E 51 -23.03 3.04 -57.07
CA ILE E 51 -23.55 3.36 -55.75
C ILE E 51 -24.78 2.51 -55.47
N TYR E 52 -24.81 1.90 -54.29
CA TYR E 52 -25.94 1.10 -53.84
C TYR E 52 -27.05 1.99 -53.28
N SER E 53 -28.26 1.43 -53.19
CA SER E 53 -29.40 2.20 -52.71
C SER E 53 -29.25 2.58 -51.24
N GLY E 54 -28.45 1.83 -50.49
CA GLY E 54 -28.21 2.19 -49.11
C GLY E 54 -27.21 3.31 -48.93
N GLY E 55 -26.69 3.86 -50.02
CA GLY E 55 -25.69 4.90 -49.96
C GLY E 55 -24.26 4.40 -49.98
N SER E 56 -24.04 3.10 -49.87
CA SER E 56 -22.68 2.57 -49.89
C SER E 56 -22.11 2.63 -51.30
N THR E 57 -20.78 2.54 -51.37
CA THR E 57 -20.06 2.68 -52.62
C THR E 57 -19.01 1.58 -52.74
N PHE E 58 -18.54 1.37 -53.96
CA PHE E 58 -17.37 0.53 -54.20
C PHE E 58 -16.80 0.88 -55.57
N TYR E 59 -15.52 0.59 -55.75
CA TYR E 59 -14.80 0.99 -56.94
C TYR E 59 -13.89 -0.14 -57.40
N ALA E 60 -13.35 0.01 -58.60
CA ALA E 60 -12.35 -0.94 -59.07
C ALA E 60 -11.07 -0.80 -58.28
N ASP E 61 -10.25 -1.86 -58.31
CA ASP E 61 -9.02 -1.86 -57.54
C ASP E 61 -8.05 -0.80 -58.04
N SER E 62 -7.98 -0.60 -59.36
CA SER E 62 -7.00 0.27 -59.99
C SER E 62 -7.23 1.74 -59.70
N VAL E 63 -8.32 2.09 -59.02
CA VAL E 63 -8.71 3.49 -58.85
C VAL E 63 -9.05 3.78 -57.41
N LYS E 64 -8.79 2.82 -56.51
CA LYS E 64 -9.15 2.96 -55.10
C LYS E 64 -8.45 4.18 -54.48
N GLY E 65 -9.23 4.96 -53.74
CA GLY E 65 -8.71 6.19 -53.16
C GLY E 65 -8.43 7.27 -54.17
N ARG E 66 -8.86 7.09 -55.41
CA ARG E 66 -8.60 8.05 -56.48
C ARG E 66 -9.86 8.54 -57.15
N PHE E 67 -10.88 7.70 -57.29
CA PHE E 67 -12.09 8.06 -58.01
C PHE E 67 -13.25 8.13 -57.03
N THR E 68 -14.00 9.22 -57.06
CA THR E 68 -14.99 9.55 -56.06
C THR E 68 -16.38 9.57 -56.67
N ILE E 69 -17.39 9.38 -55.83
CA ILE E 69 -18.78 9.29 -56.27
C ILE E 69 -19.66 9.95 -55.21
N SER E 70 -20.69 10.66 -55.65
CA SER E 70 -21.60 11.32 -54.72
C SER E 70 -22.94 11.54 -55.39
N ARG E 71 -23.94 11.89 -54.59
CA ARG E 71 -25.29 12.07 -55.07
C ARG E 71 -25.91 13.31 -54.44
N ASP E 72 -26.97 13.81 -55.09
CA ASP E 72 -27.80 14.90 -54.58
C ASP E 72 -29.24 14.46 -54.77
N ASN E 73 -29.80 13.81 -53.74
CA ASN E 73 -31.17 13.31 -53.81
C ASN E 73 -32.17 14.42 -54.11
N SER E 74 -31.87 15.65 -53.67
CA SER E 74 -32.81 16.75 -53.85
C SER E 74 -33.08 17.03 -55.32
N ARG E 75 -32.13 16.71 -56.20
CA ARG E 75 -32.22 17.11 -57.60
C ARG E 75 -32.18 15.93 -58.57
N ASN E 76 -32.19 14.69 -58.07
CA ASN E 76 -32.14 13.50 -58.91
C ASN E 76 -30.96 13.57 -59.88
N THR E 77 -29.80 13.96 -59.34
CA THR E 77 -28.60 14.18 -60.12
C THR E 77 -27.46 13.37 -59.51
N LEU E 78 -26.59 12.84 -60.37
CA LEU E 78 -25.45 12.05 -59.93
C LEU E 78 -24.18 12.88 -60.11
N TYR E 79 -23.32 12.83 -59.10
CA TYR E 79 -22.08 13.60 -59.08
C TYR E 79 -20.87 12.69 -58.99
N LEU E 80 -19.90 12.96 -59.84
CA LEU E 80 -18.66 12.20 -59.86
C LEU E 80 -17.50 13.19 -59.98
N GLN E 81 -16.49 13.02 -59.14
CA GLN E 81 -15.25 13.79 -59.23
C GLN E 81 -14.11 12.84 -59.54
N MET E 82 -13.19 13.27 -60.40
CA MET E 82 -11.98 12.52 -60.71
C MET E 82 -10.76 13.39 -60.46
N ASN E 83 -9.79 12.85 -59.75
CA ASN E 83 -8.50 13.48 -59.55
C ASN E 83 -7.41 12.53 -60.01
N SER E 84 -6.20 13.07 -60.18
CA SER E 84 -5.05 12.27 -60.60
C SER E 84 -5.33 11.52 -61.89
N LEU E 85 -5.97 12.21 -62.84
CA LEU E 85 -6.19 11.62 -64.15
C LEU E 85 -4.85 11.33 -64.81
N ARG E 86 -4.72 10.14 -65.38
CA ARG E 86 -3.44 9.65 -65.89
C ARG E 86 -3.53 9.44 -67.40
N ALA E 87 -2.50 8.81 -67.96
CA ALA E 87 -2.46 8.55 -69.38
C ALA E 87 -3.42 7.41 -69.75
N ASP E 88 -3.75 7.36 -71.04
CA ASP E 88 -4.57 6.34 -71.70
C ASP E 88 -5.95 6.17 -71.06
N ASP E 89 -6.34 7.04 -70.14
CA ASP E 89 -7.69 7.01 -69.59
C ASP E 89 -8.66 7.85 -70.39
N THR E 90 -8.18 8.59 -71.39
CA THR E 90 -9.04 9.37 -72.26
C THR E 90 -10.09 8.47 -72.89
N ALA E 91 -11.36 8.82 -72.71
CA ALA E 91 -12.45 7.95 -73.12
C ALA E 91 -13.81 8.62 -72.96
N VAL E 92 -14.87 7.91 -73.32
CA VAL E 92 -16.23 8.35 -73.06
C VAL E 92 -16.74 7.59 -71.85
N TYR E 93 -17.36 8.30 -70.90
CA TYR E 93 -17.85 7.72 -69.66
C TYR E 93 -19.38 7.82 -69.63
N TYR E 94 -20.02 6.84 -69.01
CA TYR E 94 -21.48 6.75 -69.02
C TYR E 94 -22.03 6.59 -67.62
N CYS E 95 -23.28 7.03 -67.45
CA CYS E 95 -24.06 6.84 -66.23
C CYS E 95 -25.11 5.77 -66.49
N ALA E 96 -25.34 4.90 -65.51
CA ALA E 96 -26.18 3.73 -65.75
C ALA E 96 -26.86 3.26 -64.47
N ARG E 97 -28.06 2.67 -64.63
CA ARG E 97 -28.92 2.19 -63.56
C ARG E 97 -29.12 0.69 -63.71
N ASP E 98 -29.38 0.02 -62.60
CA ASP E 98 -29.55 -1.42 -62.64
C ASP E 98 -30.91 -1.82 -62.05
N TYR E 99 -31.24 -3.07 -62.30
CA TYR E 99 -32.22 -3.81 -61.50
C TYR E 99 -31.73 -5.24 -61.41
N GLY E 100 -31.92 -5.84 -60.24
CA GLY E 100 -31.19 -7.06 -59.96
C GLY E 100 -29.72 -6.76 -59.77
N ASP E 101 -28.88 -7.75 -60.08
CA ASP E 101 -27.45 -7.66 -59.83
C ASP E 101 -26.78 -6.95 -61.00
N PHE E 102 -26.83 -5.61 -60.95
CA PHE E 102 -26.14 -4.75 -61.89
C PHE E 102 -26.47 -5.09 -63.35
N TYR E 103 -27.75 -4.95 -63.69
CA TYR E 103 -28.20 -5.00 -65.07
C TYR E 103 -28.34 -3.56 -65.56
N PHE E 104 -27.33 -3.07 -66.27
CA PHE E 104 -27.35 -1.68 -66.71
C PHE E 104 -28.45 -1.53 -67.74
N ASP E 105 -29.61 -1.01 -67.31
CA ASP E 105 -30.81 -0.98 -68.14
C ASP E 105 -30.88 0.29 -68.98
N TYR E 106 -30.94 1.45 -68.33
CA TYR E 106 -31.06 2.73 -69.00
C TYR E 106 -29.70 3.43 -69.02
N TRP E 107 -29.43 4.13 -70.11
CA TRP E 107 -28.12 4.73 -70.34
C TRP E 107 -28.28 6.17 -70.78
N GLY E 108 -27.31 6.99 -70.39
CA GLY E 108 -27.23 8.36 -70.86
C GLY E 108 -26.60 8.44 -72.24
N GLN E 109 -26.31 9.67 -72.65
CA GLN E 109 -25.74 9.91 -73.96
C GLN E 109 -24.21 9.81 -73.97
N GLY E 110 -23.58 9.57 -72.83
CA GLY E 110 -22.15 9.40 -72.77
C GLY E 110 -21.38 10.70 -72.79
N THR E 111 -20.28 10.77 -72.04
CA THR E 111 -19.47 11.98 -71.94
C THR E 111 -18.02 11.65 -72.19
N LEU E 112 -17.40 12.37 -73.13
CA LEU E 112 -15.99 12.20 -73.42
C LEU E 112 -15.13 12.74 -72.29
N VAL E 113 -14.06 12.01 -71.98
CA VAL E 113 -13.04 12.46 -71.05
C VAL E 113 -11.70 12.34 -71.78
N THR E 114 -10.86 13.35 -71.62
CA THR E 114 -9.61 13.40 -72.37
C THR E 114 -8.46 13.85 -71.46
N VAL E 115 -7.30 13.22 -71.64
CA VAL E 115 -6.10 13.59 -70.91
C VAL E 115 -4.92 13.54 -71.88
N SER E 116 -4.13 14.62 -71.88
CA SER E 116 -2.90 14.70 -72.66
C SER E 116 -2.19 16.00 -72.27
N SER E 117 -0.87 15.99 -72.37
CA SER E 117 -0.11 17.22 -72.13
C SER E 117 -0.32 18.24 -73.24
N ALA E 118 -0.70 17.79 -74.44
CA ALA E 118 -0.92 18.70 -75.55
C ALA E 118 -2.16 19.56 -75.31
N SER E 119 -2.18 20.72 -75.93
CA SER E 119 -3.25 21.69 -75.78
C SER E 119 -4.21 21.61 -76.98
N THR E 120 -5.12 22.57 -77.05
CA THR E 120 -6.15 22.57 -78.09
C THR E 120 -5.68 23.32 -79.33
N LYS E 121 -6.01 22.79 -80.50
CA LYS E 121 -5.63 23.38 -81.78
C LYS E 121 -6.79 23.27 -82.76
N GLY E 122 -7.15 24.40 -83.38
CA GLY E 122 -8.22 24.41 -84.36
C GLY E 122 -7.84 23.69 -85.64
N PRO E 123 -8.83 23.34 -86.44
CA PRO E 123 -8.57 22.61 -87.69
C PRO E 123 -8.22 23.52 -88.86
N SER E 124 -7.67 22.89 -89.90
CA SER E 124 -7.33 23.55 -91.15
C SER E 124 -8.11 22.89 -92.28
N VAL E 125 -8.50 23.69 -93.27
CA VAL E 125 -9.40 23.24 -94.33
C VAL E 125 -8.73 23.45 -95.68
N PHE E 126 -8.71 22.41 -96.50
CA PHE E 126 -8.20 22.47 -97.88
C PHE E 126 -9.26 21.92 -98.82
N PRO E 127 -9.89 22.74 -99.65
CA PRO E 127 -10.92 22.22 -100.56
C PRO E 127 -10.32 21.39 -101.68
N LEU E 128 -11.15 20.50 -102.22
CA LEU E 128 -10.79 19.68 -103.39
C LEU E 128 -11.63 20.13 -104.57
N ALA E 129 -10.97 20.50 -105.66
CA ALA E 129 -11.68 20.87 -106.88
C ALA E 129 -12.12 19.60 -107.61
N PRO E 130 -13.40 19.50 -107.99
CA PRO E 130 -13.87 18.27 -108.64
C PRO E 130 -13.24 18.08 -110.02
N SER E 131 -13.10 16.83 -110.41
CA SER E 131 -12.57 16.48 -111.72
C SER E 131 -13.71 16.31 -112.72
N SER E 132 -13.35 16.35 -114.00
CA SER E 132 -14.34 16.17 -115.06
C SER E 132 -14.97 14.78 -115.00
N LYS E 133 -14.19 13.77 -114.62
CA LYS E 133 -14.74 12.42 -114.48
C LYS E 133 -15.76 12.35 -113.35
N SER E 134 -15.51 13.07 -112.25
CA SER E 134 -16.41 13.01 -111.10
C SER E 134 -17.77 13.61 -111.39
N THR E 135 -17.87 14.53 -112.33
CA THR E 135 -19.14 15.14 -112.69
C THR E 135 -19.90 14.35 -113.75
N SER E 136 -19.33 13.24 -114.24
CA SER E 136 -19.98 12.44 -115.26
C SER E 136 -21.24 11.81 -114.68
N GLY E 137 -22.40 12.32 -115.11
CA GLY E 137 -23.68 11.85 -114.64
C GLY E 137 -24.55 13.00 -114.20
N GLY E 138 -25.69 12.64 -113.61
CA GLY E 138 -26.59 13.66 -113.09
C GLY E 138 -26.02 14.40 -111.90
N THR E 139 -25.27 13.71 -111.05
CA THR E 139 -24.72 14.30 -109.83
C THR E 139 -23.21 14.14 -109.80
N ALA E 140 -22.56 14.96 -108.97
CA ALA E 140 -21.12 14.97 -108.83
C ALA E 140 -20.74 14.88 -107.35
N ALA E 141 -19.57 14.32 -107.09
CA ALA E 141 -19.08 14.13 -105.73
C ALA E 141 -17.99 15.16 -105.43
N LEU E 142 -18.26 16.05 -104.49
CA LEU E 142 -17.34 17.11 -104.10
C LEU E 142 -17.04 17.02 -102.61
N GLY E 143 -15.81 17.33 -102.23
CA GLY E 143 -15.38 17.22 -100.86
C GLY E 143 -14.23 18.16 -100.55
N CYS E 144 -13.77 18.10 -99.30
CA CYS E 144 -12.69 18.95 -98.82
C CYS E 144 -11.96 18.25 -97.68
N LEU E 145 -10.77 18.75 -97.37
CA LEU E 145 -9.90 18.15 -96.36
C LEU E 145 -9.91 18.95 -95.07
N VAL E 146 -9.85 18.24 -93.95
CA VAL E 146 -9.73 18.84 -92.62
C VAL E 146 -8.61 18.12 -91.89
N LYS E 147 -7.63 18.87 -91.40
CA LYS E 147 -6.50 18.25 -90.74
C LYS E 147 -5.81 19.25 -89.82
N ASP E 148 -4.85 18.74 -89.05
CA ASP E 148 -4.08 19.51 -88.09
C ASP E 148 -4.98 20.18 -87.05
N TYR E 149 -5.70 19.34 -86.29
CA TYR E 149 -6.49 19.81 -85.17
C TYR E 149 -6.36 18.84 -84.00
N PHE E 150 -6.68 19.36 -82.82
CA PHE E 150 -6.68 18.61 -81.57
C PHE E 150 -7.41 19.42 -80.50
N PRO E 151 -8.19 18.77 -79.63
CA PRO E 151 -8.54 17.35 -79.65
C PRO E 151 -9.83 17.09 -80.41
N GLU E 152 -10.03 15.83 -80.81
CA GLU E 152 -11.23 15.41 -81.49
C GLU E 152 -12.42 15.48 -80.53
N PRO E 153 -13.65 15.55 -81.06
CA PRO E 153 -14.05 15.51 -82.47
C PRO E 153 -14.22 16.88 -83.11
N VAL E 154 -14.61 16.91 -84.39
CA VAL E 154 -14.93 18.12 -85.11
C VAL E 154 -16.24 17.92 -85.86
N THR E 155 -17.06 18.96 -85.90
CA THR E 155 -18.35 18.92 -86.55
C THR E 155 -18.27 19.58 -87.92
N VAL E 156 -18.79 18.90 -88.94
CA VAL E 156 -18.88 19.41 -90.29
C VAL E 156 -20.36 19.55 -90.65
N SER E 157 -20.75 20.71 -91.15
CA SER E 157 -22.17 20.98 -91.36
C SER E 157 -22.38 21.95 -92.52
N TRP E 158 -23.61 21.92 -93.05
CA TRP E 158 -24.08 22.86 -94.05
C TRP E 158 -25.42 23.39 -93.58
N ASN E 159 -25.56 24.73 -93.57
CA ASN E 159 -26.80 25.39 -93.14
C ASN E 159 -27.20 24.96 -91.73
N SER E 160 -26.21 24.67 -90.88
CA SER E 160 -26.44 24.21 -89.51
C SER E 160 -27.34 22.97 -89.46
N GLY E 161 -27.02 21.99 -90.31
CA GLY E 161 -27.66 20.69 -90.23
C GLY E 161 -28.98 20.54 -90.96
N ALA E 162 -29.27 21.41 -91.93
CA ALA E 162 -30.56 21.35 -92.61
C ALA E 162 -30.63 20.22 -93.64
N LEU E 163 -29.51 19.90 -94.28
CA LEU E 163 -29.56 19.01 -95.44
C LEU E 163 -29.70 17.54 -95.04
N THR E 164 -28.72 17.02 -94.31
CA THR E 164 -28.67 15.64 -93.82
C THR E 164 -28.71 14.59 -94.93
N SER E 165 -28.57 14.99 -96.19
CA SER E 165 -28.67 14.06 -97.31
C SER E 165 -27.50 14.27 -98.26
N GLY E 166 -27.02 13.17 -98.84
CA GLY E 166 -25.95 13.22 -99.80
C GLY E 166 -24.59 13.56 -99.24
N VAL E 167 -24.39 13.39 -97.93
CA VAL E 167 -23.15 13.77 -97.26
C VAL E 167 -22.47 12.50 -96.76
N HIS E 168 -21.18 12.36 -97.07
CA HIS E 168 -20.35 11.32 -96.52
C HIS E 168 -19.18 11.96 -95.80
N THR E 169 -19.11 11.80 -94.48
CA THR E 169 -18.00 12.28 -93.68
C THR E 169 -17.27 11.08 -93.11
N PHE E 170 -15.97 11.05 -93.28
CA PHE E 170 -15.20 9.86 -92.94
C PHE E 170 -14.74 9.91 -91.49
N PRO E 171 -14.48 8.75 -90.89
CA PRO E 171 -14.09 8.73 -89.48
C PRO E 171 -12.77 9.45 -89.25
N ALA E 172 -12.63 10.00 -88.05
CA ALA E 172 -11.44 10.77 -87.71
C ALA E 172 -10.22 9.86 -87.63
N VAL E 173 -9.04 10.48 -87.68
CA VAL E 173 -7.77 9.78 -87.61
C VAL E 173 -6.83 10.60 -86.73
N LEU E 174 -6.08 9.92 -85.86
CA LEU E 174 -5.03 10.52 -85.06
C LEU E 174 -3.70 10.36 -85.78
N GLN E 175 -2.98 11.46 -85.93
CA GLN E 175 -1.70 11.46 -86.66
C GLN E 175 -0.54 11.25 -85.70
N SER E 176 0.58 10.77 -86.26
CA SER E 176 1.81 10.70 -85.49
C SER E 176 2.29 12.09 -85.04
N SER E 177 1.80 13.15 -85.71
CA SER E 177 2.13 14.51 -85.33
C SER E 177 1.44 14.93 -84.04
N GLY E 178 0.55 14.12 -83.50
CA GLY E 178 -0.18 14.47 -82.30
C GLY E 178 -1.48 15.21 -82.53
N LEU E 179 -1.82 15.47 -83.79
CA LEU E 179 -3.06 16.14 -84.14
C LEU E 179 -4.00 15.13 -84.80
N TYR E 180 -5.23 15.55 -85.01
CA TYR E 180 -6.24 14.71 -85.63
C TYR E 180 -6.52 15.19 -87.05
N SER E 181 -7.34 14.43 -87.77
CA SER E 181 -7.80 14.83 -89.09
C SER E 181 -9.06 14.05 -89.42
N LEU E 182 -9.73 14.46 -90.51
CA LEU E 182 -10.91 13.78 -91.03
C LEU E 182 -11.18 14.31 -92.44
N SER E 183 -12.26 13.81 -93.05
CA SER E 183 -12.62 14.21 -94.40
C SER E 183 -14.13 14.06 -94.57
N SER E 184 -14.68 14.81 -95.54
CA SER E 184 -16.10 14.78 -95.81
C SER E 184 -16.35 15.03 -97.29
N VAL E 185 -17.45 14.46 -97.79
CA VAL E 185 -17.83 14.55 -99.19
C VAL E 185 -19.33 14.78 -99.27
N VAL E 186 -19.75 15.61 -100.23
CA VAL E 186 -21.16 15.90 -100.46
C VAL E 186 -21.47 15.69 -101.94
N THR E 187 -22.70 15.24 -102.21
CA THR E 187 -23.14 14.94 -103.57
C THR E 187 -24.16 15.98 -104.01
N VAL E 188 -23.94 16.56 -105.20
CA VAL E 188 -24.83 17.57 -105.76
C VAL E 188 -25.02 17.29 -107.25
N PRO E 189 -26.17 17.69 -107.80
CA PRO E 189 -26.38 17.51 -109.24
C PRO E 189 -25.34 18.24 -110.06
N SER E 190 -24.96 17.62 -111.19
CA SER E 190 -23.88 18.17 -112.02
C SER E 190 -24.25 19.51 -112.64
N SER E 191 -25.55 19.84 -112.70
CA SER E 191 -25.95 21.10 -113.30
C SER E 191 -25.82 22.27 -112.33
N SER E 192 -26.26 22.10 -111.09
CA SER E 192 -26.18 23.15 -110.09
C SER E 192 -24.75 23.48 -109.70
N LEU E 193 -23.78 22.76 -110.27
CA LEU E 193 -22.36 22.97 -109.96
C LEU E 193 -21.93 24.40 -110.19
N GLY E 194 -22.54 25.09 -111.15
CA GLY E 194 -22.15 26.45 -111.46
C GLY E 194 -23.00 27.54 -110.86
N THR E 195 -24.15 27.18 -110.28
CA THR E 195 -25.11 28.18 -109.82
C THR E 195 -25.28 28.19 -108.31
N GLN E 196 -25.64 27.05 -107.70
CA GLN E 196 -25.86 27.01 -106.26
C GLN E 196 -24.58 27.34 -105.52
N THR E 197 -24.70 28.17 -104.49
CA THR E 197 -23.55 28.61 -103.70
C THR E 197 -23.24 27.57 -102.63
N TYR E 198 -21.99 27.09 -102.62
CA TYR E 198 -21.55 26.03 -101.72
C TYR E 198 -20.79 26.63 -100.55
N ILE E 199 -21.24 26.32 -99.33
CA ILE E 199 -20.54 26.73 -98.12
C ILE E 199 -20.50 25.55 -97.16
N CYS E 200 -19.31 25.26 -96.63
CA CYS E 200 -19.10 24.18 -95.67
C CYS E 200 -18.70 24.79 -94.34
N ASN E 201 -19.33 24.30 -93.26
CA ASN E 201 -19.03 24.77 -91.92
C ASN E 201 -18.26 23.70 -91.16
N VAL E 202 -17.13 24.09 -90.56
CA VAL E 202 -16.30 23.21 -89.77
C VAL E 202 -16.33 23.72 -88.33
N ASN E 203 -16.74 22.86 -87.40
CA ASN E 203 -16.93 23.22 -86.01
C ASN E 203 -16.08 22.30 -85.13
N HIS E 204 -15.22 22.90 -84.31
CA HIS E 204 -14.33 22.18 -83.41
C HIS E 204 -14.61 22.71 -82.00
N LYS E 205 -15.28 21.90 -81.18
CA LYS E 205 -15.77 22.39 -79.90
C LYS E 205 -14.65 22.76 -78.91
N PRO E 206 -13.68 21.90 -78.59
CA PRO E 206 -12.67 22.31 -77.60
C PRO E 206 -11.84 23.54 -78.00
N SER E 207 -11.71 23.87 -79.29
CA SER E 207 -11.11 25.14 -79.72
C SER E 207 -12.15 26.20 -79.93
N ASN E 208 -13.43 25.83 -79.86
CA ASN E 208 -14.51 26.77 -80.05
C ASN E 208 -14.31 27.55 -81.35
N THR E 209 -13.76 26.86 -82.35
CA THR E 209 -13.41 27.47 -83.63
C THR E 209 -14.37 26.98 -84.70
N LYS E 210 -15.00 27.92 -85.39
CA LYS E 210 -15.95 27.62 -86.45
C LYS E 210 -15.36 28.08 -87.77
N VAL E 211 -15.24 27.14 -88.71
CA VAL E 211 -14.55 27.38 -89.97
C VAL E 211 -15.55 27.25 -91.11
N ASP E 212 -15.49 28.21 -92.04
CA ASP E 212 -16.34 28.21 -93.23
C ASP E 212 -15.47 28.32 -94.46
N LYS E 213 -15.64 27.38 -95.39
CA LYS E 213 -14.90 27.37 -96.64
C LYS E 213 -15.85 27.13 -97.80
N ARG E 214 -15.67 27.90 -98.87
CA ARG E 214 -16.47 27.69 -100.06
C ARG E 214 -15.98 26.46 -100.82
N VAL E 215 -16.82 25.97 -101.72
CA VAL E 215 -16.50 24.84 -102.58
C VAL E 215 -16.89 25.23 -103.99
N GLU E 216 -15.90 25.46 -104.84
CA GLU E 216 -16.16 25.99 -106.17
C GLU E 216 -15.57 25.09 -107.24
N PRO E 217 -16.17 25.09 -108.43
CA PRO E 217 -15.71 24.16 -109.48
C PRO E 217 -14.25 24.29 -109.84
N LYS E 218 -13.76 25.53 -109.95
CA LYS E 218 -12.39 25.82 -110.34
C LYS E 218 -11.98 25.04 -111.58
N SER E 219 -10.73 24.58 -111.62
CA SER E 219 -10.26 23.81 -112.76
C SER E 219 -8.94 23.14 -112.39
N CYS E 220 -8.56 22.15 -113.20
CA CYS E 220 -7.27 21.50 -113.08
C CYS E 220 -6.23 22.11 -114.02
N ASP E 221 -6.66 22.74 -115.11
CA ASP E 221 -5.76 23.44 -116.03
C ASP E 221 -5.74 24.91 -115.63
N LYS E 222 -4.78 25.28 -114.78
CA LYS E 222 -4.75 26.62 -114.21
C LYS E 222 -3.36 26.93 -113.66
N GLU F 1 25.26 34.60 -43.37
CA GLU F 1 25.97 34.17 -44.57
C GLU F 1 27.17 35.06 -44.83
N ILE F 2 27.96 34.70 -45.82
CA ILE F 2 29.14 35.47 -46.21
C ILE F 2 28.95 35.91 -47.65
N VAL F 3 29.31 37.16 -47.93
CA VAL F 3 29.10 37.77 -49.24
C VAL F 3 30.44 37.83 -49.97
N LEU F 4 30.37 37.69 -51.29
CA LEU F 4 31.55 37.79 -52.13
C LEU F 4 31.44 39.04 -53.01
N THR F 5 32.59 39.52 -53.45
CA THR F 5 32.65 40.68 -54.32
C THR F 5 33.56 40.36 -55.50
N GLN F 6 33.12 40.78 -56.69
CA GLN F 6 33.84 40.50 -57.92
C GLN F 6 34.23 41.81 -58.60
N SER F 7 35.45 41.85 -59.12
CA SER F 7 35.94 43.00 -59.86
C SER F 7 36.77 42.50 -61.03
N PRO F 8 36.68 43.18 -62.18
CA PRO F 8 35.87 44.36 -62.46
C PRO F 8 34.39 44.04 -62.68
N GLY F 9 33.52 45.06 -62.63
CA GLY F 9 32.14 44.84 -63.02
C GLY F 9 32.00 44.52 -64.48
N THR F 10 32.95 44.96 -65.30
CA THR F 10 33.02 44.63 -66.71
C THR F 10 34.48 44.54 -67.12
N LEU F 11 34.80 43.51 -67.90
CA LEU F 11 36.15 43.36 -68.42
C LEU F 11 36.07 43.05 -69.91
N SER F 12 36.82 43.79 -70.71
CA SER F 12 36.82 43.61 -72.15
C SER F 12 38.26 43.58 -72.61
N LEU F 13 38.68 42.46 -73.21
CA LEU F 13 40.05 42.28 -73.73
C LEU F 13 40.00 41.75 -75.17
N SER F 14 41.06 42.03 -75.95
CA SER F 14 41.15 41.54 -77.32
C SER F 14 41.69 40.12 -77.35
N PRO F 15 41.58 39.42 -78.48
CA PRO F 15 42.10 38.05 -78.54
C PRO F 15 43.62 38.01 -78.40
N GLY F 16 44.12 36.86 -77.98
CA GLY F 16 45.54 36.63 -77.86
C GLY F 16 46.19 37.23 -76.64
N GLU F 17 45.48 38.06 -75.89
CA GLU F 17 46.04 38.68 -74.70
C GLU F 17 45.79 37.79 -73.49
N ARG F 18 45.96 38.36 -72.30
CA ARG F 18 45.81 37.65 -71.05
C ARG F 18 44.84 38.41 -70.15
N ALA F 19 43.73 37.78 -69.80
CA ALA F 19 42.72 38.40 -68.95
C ALA F 19 42.91 37.96 -67.51
N THR F 20 42.53 38.84 -66.59
CA THR F 20 42.72 38.62 -65.17
C THR F 20 41.43 38.95 -64.42
N LEU F 21 41.06 38.08 -63.48
CA LEU F 21 39.84 38.26 -62.70
C LEU F 21 40.13 38.01 -61.24
N SER F 22 39.63 38.90 -60.38
CA SER F 22 39.90 38.85 -58.95
C SER F 22 38.60 38.89 -58.16
N CYS F 23 38.54 38.10 -57.09
CA CYS F 23 37.36 38.02 -56.26
C CYS F 23 37.73 38.25 -54.80
N ARG F 24 36.82 38.87 -54.06
CA ARG F 24 37.03 39.27 -52.68
C ARG F 24 35.81 38.90 -51.86
N ALA F 25 36.04 38.59 -50.58
CA ALA F 25 34.98 38.14 -49.69
C ALA F 25 35.12 38.82 -48.33
N SER F 26 34.00 38.86 -47.60
CA SER F 26 34.01 39.48 -46.28
C SER F 26 34.79 38.64 -45.28
N GLN F 27 34.62 37.32 -45.31
CA GLN F 27 35.34 36.42 -44.42
C GLN F 27 36.08 35.40 -45.26
N SER F 28 37.21 34.91 -44.73
CA SER F 28 38.13 34.10 -45.51
C SER F 28 37.49 32.77 -45.92
N ILE F 29 38.13 32.11 -46.89
CA ILE F 29 37.63 30.89 -47.50
C ILE F 29 38.70 29.83 -47.36
N SER F 30 39.93 30.27 -47.08
CA SER F 30 41.08 29.38 -46.96
C SER F 30 41.28 28.55 -48.22
N SER F 31 41.28 29.23 -49.36
CA SER F 31 41.65 28.65 -50.65
C SER F 31 40.72 27.53 -51.08
N TYR F 32 39.42 27.68 -50.85
CA TYR F 32 38.44 26.69 -51.30
C TYR F 32 37.57 27.21 -52.44
N LEU F 33 37.93 28.34 -53.05
CA LEU F 33 37.07 28.96 -54.04
C LEU F 33 37.02 28.12 -55.31
N ALA F 34 36.12 28.51 -56.21
CA ALA F 34 35.98 27.81 -57.47
C ALA F 34 35.40 28.75 -58.51
N TRP F 35 35.74 28.50 -59.78
CA TRP F 35 35.26 29.28 -60.90
C TRP F 35 34.39 28.42 -61.81
N TYR F 36 33.28 28.99 -62.27
CA TYR F 36 32.40 28.35 -63.22
C TYR F 36 32.17 29.27 -64.42
N GLN F 37 31.99 28.66 -65.58
CA GLN F 37 31.68 29.37 -66.82
C GLN F 37 30.27 29.03 -67.28
N GLN F 38 29.55 30.04 -67.76
CA GLN F 38 28.22 29.82 -68.33
C GLN F 38 28.04 30.76 -69.52
N LYS F 39 28.01 30.19 -70.72
CA LYS F 39 27.62 30.91 -71.92
C LYS F 39 26.11 31.11 -71.92
N PRO F 40 25.62 32.12 -72.62
CA PRO F 40 24.17 32.34 -72.65
C PRO F 40 23.46 31.15 -73.28
N GLY F 41 22.29 30.82 -72.73
CA GLY F 41 21.53 29.70 -73.23
C GLY F 41 22.20 28.36 -73.06
N GLN F 42 23.21 28.27 -72.18
CA GLN F 42 23.90 27.02 -71.91
C GLN F 42 24.02 26.81 -70.42
N ALA F 43 24.26 25.56 -70.03
CA ALA F 43 24.46 25.22 -68.63
C ALA F 43 25.86 25.61 -68.18
N PRO F 44 26.02 26.00 -66.91
CA PRO F 44 27.35 26.36 -66.42
C PRO F 44 28.30 25.18 -66.43
N ARG F 45 29.60 25.49 -66.55
CA ARG F 45 30.65 24.49 -66.60
C ARG F 45 31.71 24.79 -65.57
N LEU F 46 32.20 23.75 -64.90
CA LEU F 46 33.23 23.91 -63.87
C LEU F 46 34.58 24.21 -64.51
N LEU F 47 35.33 25.13 -63.88
CA LEU F 47 36.63 25.54 -64.41
C LEU F 47 37.79 25.22 -63.49
N ILE F 48 37.78 25.73 -62.26
CA ILE F 48 38.94 25.62 -61.39
C ILE F 48 38.48 25.76 -59.96
N TYR F 49 39.16 25.07 -59.04
CA TYR F 49 38.81 24.98 -57.63
C TYR F 49 39.94 25.46 -56.75
N GLY F 50 39.57 25.99 -55.59
CA GLY F 50 40.58 26.35 -54.63
C GLY F 50 41.44 27.42 -55.23
N ALA F 51 42.74 27.37 -54.92
CA ALA F 51 43.65 28.34 -55.48
C ALA F 51 43.94 28.03 -56.95
N SER F 52 44.33 26.78 -57.25
CA SER F 52 44.88 26.51 -58.56
C SER F 52 44.49 25.17 -59.18
N SER F 53 43.52 24.45 -58.61
CA SER F 53 43.17 23.12 -59.13
C SER F 53 42.21 23.28 -60.30
N ARG F 54 42.74 23.21 -61.52
CA ARG F 54 41.93 23.34 -62.73
C ARG F 54 41.11 22.08 -62.97
N ALA F 55 40.00 22.25 -63.69
CA ALA F 55 39.13 21.12 -64.00
C ALA F 55 39.76 20.22 -65.06
N THR F 56 39.13 19.07 -65.27
CA THR F 56 39.66 18.08 -66.20
C THR F 56 39.57 18.56 -67.64
N GLY F 57 38.41 19.05 -68.05
CA GLY F 57 38.15 19.35 -69.45
C GLY F 57 38.56 20.72 -69.91
N ILE F 58 39.32 21.45 -69.11
CA ILE F 58 39.63 22.86 -69.37
C ILE F 58 41.08 22.94 -69.86
N PRO F 59 41.44 23.86 -70.75
CA PRO F 59 42.82 23.92 -71.23
C PRO F 59 43.71 24.64 -70.22
N ASP F 60 45.01 24.55 -70.48
CA ASP F 60 46.00 25.13 -69.59
C ASP F 60 45.96 26.64 -69.55
N ARG F 61 45.25 27.28 -70.48
CA ARG F 61 45.16 28.74 -70.50
C ARG F 61 44.53 29.31 -69.24
N PHE F 62 43.78 28.51 -68.50
CA PHE F 62 43.07 28.96 -67.32
C PHE F 62 43.94 28.75 -66.09
N SER F 63 44.04 29.77 -65.24
CA SER F 63 44.82 29.67 -64.02
C SER F 63 44.37 30.72 -63.02
N GLY F 64 44.09 30.28 -61.78
CA GLY F 64 43.71 31.18 -60.71
C GLY F 64 44.70 31.12 -59.57
N SER F 65 44.52 32.03 -58.62
CA SER F 65 45.39 32.08 -57.45
C SER F 65 44.72 32.90 -56.37
N GLY F 66 45.29 32.84 -55.17
CA GLY F 66 44.81 33.64 -54.06
C GLY F 66 44.86 32.92 -52.74
N SER F 67 44.53 33.65 -51.67
CA SER F 67 44.40 33.18 -50.30
C SER F 67 43.92 34.37 -49.48
N GLU F 68 43.36 34.08 -48.31
CA GLU F 68 42.96 35.12 -47.36
C GLU F 68 42.05 36.16 -48.00
N THR F 69 40.85 35.71 -48.37
CA THR F 69 39.74 36.54 -48.84
C THR F 69 40.07 37.37 -50.08
N ASP F 70 41.27 37.23 -50.63
CA ASP F 70 41.66 37.89 -51.88
C ASP F 70 42.14 36.82 -52.85
N PHE F 71 41.47 36.72 -54.00
CA PHE F 71 41.70 35.60 -54.89
C PHE F 71 41.61 36.09 -56.33
N THR F 72 42.48 35.56 -57.19
CA THR F 72 42.68 36.08 -58.53
C THR F 72 42.72 34.93 -59.54
N LEU F 73 42.08 35.13 -60.68
CA LEU F 73 42.10 34.20 -61.80
C LEU F 73 42.67 34.90 -63.02
N THR F 74 43.59 34.24 -63.71
CA THR F 74 44.22 34.80 -64.90
C THR F 74 44.20 33.78 -66.04
N ILE F 75 43.82 34.26 -67.22
CA ILE F 75 43.67 33.42 -68.40
C ILE F 75 44.55 34.01 -69.50
N SER F 76 45.39 33.18 -70.10
CA SER F 76 46.33 33.65 -71.11
C SER F 76 45.85 33.26 -72.50
N ARG F 77 46.27 34.06 -73.50
CA ARG F 77 46.01 33.79 -74.91
C ARG F 77 44.52 33.58 -75.16
N LEU F 78 43.78 34.66 -74.96
CA LEU F 78 42.33 34.61 -75.08
C LEU F 78 41.89 34.17 -76.46
N GLU F 79 40.80 33.41 -76.50
CA GLU F 79 40.25 32.80 -77.70
C GLU F 79 38.78 33.19 -77.83
N PRO F 80 38.24 33.21 -79.06
CA PRO F 80 36.94 33.84 -79.26
C PRO F 80 35.80 33.25 -78.45
N GLU F 81 35.77 31.92 -78.30
CA GLU F 81 34.68 31.27 -77.60
C GLU F 81 34.66 31.62 -76.11
N ASP F 82 35.77 32.13 -75.59
CA ASP F 82 35.89 32.38 -74.16
C ASP F 82 34.94 33.44 -73.65
N PHE F 83 34.20 34.10 -74.53
CA PHE F 83 33.19 35.02 -74.05
C PHE F 83 32.15 34.27 -73.24
N ALA F 84 31.88 34.78 -72.04
CA ALA F 84 30.85 34.26 -71.15
C ALA F 84 30.75 35.15 -69.92
N VAL F 85 29.83 34.82 -69.03
CA VAL F 85 29.87 35.33 -67.67
C VAL F 85 30.61 34.30 -66.83
N TYR F 86 31.24 34.74 -65.75
CA TYR F 86 31.97 33.83 -64.88
C TYR F 86 31.51 33.99 -63.44
N PHE F 87 31.63 32.91 -62.68
CA PHE F 87 31.10 32.85 -61.33
C PHE F 87 32.10 32.22 -60.37
N CYS F 88 32.24 32.82 -59.20
CA CYS F 88 33.01 32.27 -58.09
C CYS F 88 32.04 31.72 -57.05
N GLN F 89 32.40 30.59 -56.44
CA GLN F 89 31.51 29.90 -55.52
C GLN F 89 32.15 29.76 -54.14
N GLN F 90 31.32 29.94 -53.12
CA GLN F 90 31.76 30.05 -51.74
C GLN F 90 31.83 28.69 -51.07
N TYR F 91 32.68 28.61 -50.03
CA TYR F 91 32.86 27.38 -49.27
C TYR F 91 32.83 27.58 -47.75
N GLY F 92 32.68 28.80 -47.27
CA GLY F 92 32.97 29.08 -45.88
C GLY F 92 31.97 28.58 -44.86
N SER F 93 30.73 28.32 -45.25
CA SER F 93 29.72 28.00 -44.27
C SER F 93 28.50 27.44 -44.98
N SER F 94 27.57 26.99 -44.19
CA SER F 94 26.23 26.71 -44.65
C SER F 94 25.31 27.85 -44.25
N PRO F 95 24.63 28.52 -45.18
CA PRO F 95 24.39 28.04 -46.52
C PRO F 95 25.60 28.40 -47.35
N ARG F 96 25.58 27.89 -48.54
CA ARG F 96 26.53 28.40 -49.49
C ARG F 96 25.93 29.63 -50.15
N THR F 97 26.69 30.21 -51.08
CA THR F 97 26.20 31.24 -51.98
C THR F 97 27.29 31.47 -53.02
N PHE F 98 27.02 32.36 -53.96
CA PHE F 98 28.08 32.73 -54.90
C PHE F 98 27.77 34.12 -55.44
N GLY F 99 28.82 34.75 -55.96
CA GLY F 99 28.80 36.17 -56.22
C GLY F 99 27.90 36.58 -57.38
N GLN F 100 27.94 37.88 -57.66
CA GLN F 100 27.05 38.44 -58.67
C GLN F 100 27.40 37.96 -60.07
N GLY F 101 28.68 37.79 -60.37
CA GLY F 101 29.12 37.36 -61.68
C GLY F 101 29.90 38.44 -62.42
N THR F 102 30.69 37.99 -63.39
CA THR F 102 31.48 38.88 -64.25
C THR F 102 31.30 38.49 -65.70
N LYS F 103 31.12 39.48 -66.55
CA LYS F 103 31.03 39.29 -68.00
C LYS F 103 32.32 39.75 -68.66
N LEU F 104 32.87 38.91 -69.52
CA LEU F 104 34.07 39.22 -70.27
C LEU F 104 33.72 39.31 -71.75
N GLU F 105 34.26 40.33 -72.43
CA GLU F 105 33.95 40.57 -73.83
C GLU F 105 35.23 40.66 -74.64
N ILE F 106 35.14 40.27 -75.91
CA ILE F 106 36.26 40.30 -76.83
C ILE F 106 36.12 41.53 -77.73
N LYS F 107 37.25 42.15 -78.07
CA LYS F 107 37.29 43.22 -79.06
C LYS F 107 38.15 42.77 -80.23
N ARG F 108 37.57 42.74 -81.43
CA ARG F 108 38.32 42.35 -82.62
C ARG F 108 38.42 43.49 -83.63
N THR F 109 37.30 44.04 -84.09
CA THR F 109 37.30 45.11 -85.08
C THR F 109 35.87 45.62 -85.20
N VAL F 110 35.74 46.77 -85.83
CA VAL F 110 34.46 47.46 -85.99
C VAL F 110 33.94 47.20 -87.39
N ALA F 111 32.64 46.88 -87.48
CA ALA F 111 32.02 46.58 -88.76
C ALA F 111 30.59 47.12 -88.77
N ALA F 112 30.17 47.64 -89.92
CA ALA F 112 28.88 48.29 -90.06
C ALA F 112 27.74 47.28 -90.07
N PRO F 113 26.55 47.70 -89.64
CA PRO F 113 25.38 46.81 -89.68
C PRO F 113 24.76 46.74 -91.08
N SER F 114 23.74 45.90 -91.17
CA SER F 114 22.84 45.86 -92.31
C SER F 114 21.45 46.26 -91.82
N VAL F 115 20.84 47.21 -92.52
CA VAL F 115 19.58 47.82 -92.07
C VAL F 115 18.46 47.38 -93.01
N PHE F 116 17.36 46.92 -92.42
CA PHE F 116 16.18 46.52 -93.17
C PHE F 116 14.93 46.99 -92.44
N ILE F 117 13.86 47.17 -93.20
CA ILE F 117 12.56 47.57 -92.67
C ILE F 117 11.53 46.52 -93.09
N PHE F 118 10.54 46.31 -92.23
CA PHE F 118 9.49 45.34 -92.53
C PHE F 118 8.12 45.89 -92.17
N PRO F 119 7.20 45.97 -93.14
CA PRO F 119 5.91 46.61 -92.89
C PRO F 119 4.99 45.70 -92.09
N PRO F 120 3.99 46.26 -91.41
CA PRO F 120 3.01 45.41 -90.73
C PRO F 120 2.26 44.54 -91.73
N SER F 121 2.00 43.31 -91.32
CA SER F 121 1.41 42.32 -92.19
C SER F 121 -0.12 42.34 -92.07
N ASP F 122 -0.78 41.68 -93.03
CA ASP F 122 -2.23 41.76 -93.13
C ASP F 122 -2.93 41.24 -91.89
N GLU F 123 -2.39 40.19 -91.27
CA GLU F 123 -3.00 39.64 -90.06
C GLU F 123 -2.98 40.66 -88.93
N GLN F 124 -1.93 41.47 -88.86
CA GLN F 124 -1.86 42.53 -87.85
C GLN F 124 -3.02 43.50 -88.00
N LEU F 125 -3.24 44.02 -89.22
CA LEU F 125 -4.31 44.97 -89.44
C LEU F 125 -5.67 44.34 -89.18
N LYS F 126 -5.83 43.07 -89.57
CA LYS F 126 -7.06 42.35 -89.25
C LYS F 126 -7.28 42.27 -87.75
N SER F 127 -6.20 42.11 -86.99
CA SER F 127 -6.30 42.14 -85.53
C SER F 127 -6.59 43.53 -84.99
N GLY F 128 -6.49 44.57 -85.82
CA GLY F 128 -6.72 45.93 -85.38
C GLY F 128 -5.49 46.66 -84.89
N THR F 129 -4.32 46.04 -84.93
CA THR F 129 -3.08 46.65 -84.46
C THR F 129 -1.98 46.44 -85.50
N ALA F 130 -1.24 47.50 -85.80
CA ALA F 130 -0.13 47.43 -86.74
C ALA F 130 1.16 47.78 -86.02
N SER F 131 2.27 47.22 -86.50
CA SER F 131 3.57 47.48 -85.92
C SER F 131 4.64 47.45 -87.01
N VAL F 132 5.70 48.22 -86.79
CA VAL F 132 6.78 48.37 -87.75
C VAL F 132 8.09 48.02 -87.05
N VAL F 133 8.92 47.22 -87.73
CA VAL F 133 10.20 46.79 -87.17
C VAL F 133 11.31 47.19 -88.14
N CYS F 134 12.43 47.65 -87.59
CA CYS F 134 13.66 47.88 -88.34
C CYS F 134 14.76 47.03 -87.73
N LEU F 135 15.49 46.30 -88.57
CA LEU F 135 16.47 45.34 -88.11
C LEU F 135 17.87 45.82 -88.45
N LEU F 136 18.75 45.81 -87.45
CA LEU F 136 20.17 46.14 -87.62
C LEU F 136 20.96 44.92 -87.17
N ASN F 137 21.66 44.28 -88.10
CA ASN F 137 22.28 42.99 -87.83
C ASN F 137 23.75 43.01 -88.23
N ASN F 138 24.57 42.27 -87.48
CA ASN F 138 26.00 42.09 -87.78
C ASN F 138 26.75 43.42 -87.77
N PHE F 139 26.83 44.01 -86.58
CA PHE F 139 27.60 45.24 -86.40
C PHE F 139 28.40 45.20 -85.09
N TYR F 140 29.26 46.20 -84.92
CA TYR F 140 30.18 46.29 -83.80
C TYR F 140 30.39 47.78 -83.54
N PRO F 141 30.31 48.25 -82.29
CA PRO F 141 30.08 47.54 -81.05
C PRO F 141 28.61 47.33 -80.82
N ARG F 142 28.24 47.09 -79.56
CA ARG F 142 26.84 47.01 -79.21
C ARG F 142 26.14 48.35 -79.38
N GLU F 143 26.81 49.45 -79.00
CA GLU F 143 26.17 50.75 -78.91
C GLU F 143 25.93 51.32 -80.31
N ALA F 144 24.88 50.82 -80.95
CA ALA F 144 24.39 51.39 -82.19
C ALA F 144 23.29 52.39 -81.88
N LYS F 145 23.14 53.39 -82.77
CA LYS F 145 22.15 54.43 -82.61
C LYS F 145 21.18 54.39 -83.78
N VAL F 146 19.89 54.44 -83.47
CA VAL F 146 18.82 54.41 -84.46
C VAL F 146 17.71 55.34 -84.00
N GLN F 147 17.07 56.01 -84.97
CA GLN F 147 15.95 56.90 -84.69
C GLN F 147 14.83 56.64 -85.68
N TRP F 148 13.62 57.01 -85.29
CA TRP F 148 12.43 56.86 -86.10
C TRP F 148 11.86 58.23 -86.43
N LYS F 149 11.48 58.42 -87.69
CA LYS F 149 10.86 59.67 -88.15
C LYS F 149 9.55 59.36 -88.84
N VAL F 150 8.47 60.01 -88.40
CA VAL F 150 7.12 59.75 -88.87
C VAL F 150 6.58 61.04 -89.50
N ASP F 151 6.36 61.00 -90.80
CA ASP F 151 5.85 62.17 -91.54
C ASP F 151 6.71 63.40 -91.25
N ASN F 152 8.02 63.20 -91.24
CA ASN F 152 9.05 64.20 -90.96
C ASN F 152 9.04 64.67 -89.50
N ALA F 153 8.27 64.03 -88.64
CA ALA F 153 8.24 64.35 -87.21
C ALA F 153 8.93 63.24 -86.43
N LEU F 154 9.62 63.63 -85.35
CA LEU F 154 10.39 62.70 -84.55
C LEU F 154 9.48 62.05 -83.53
N GLN F 155 9.09 60.80 -83.79
CA GLN F 155 8.25 60.03 -82.87
C GLN F 155 9.16 59.13 -82.04
N SER F 156 9.74 59.72 -80.98
CA SER F 156 10.72 59.02 -80.17
C SER F 156 10.08 58.16 -79.08
N GLY F 157 8.78 58.31 -78.83
CA GLY F 157 8.15 57.67 -77.70
C GLY F 157 7.27 56.47 -77.97
N ASN F 158 7.12 56.05 -79.22
CA ASN F 158 6.21 54.97 -79.58
C ASN F 158 6.94 53.76 -80.14
N SER F 159 8.24 53.66 -79.89
CA SER F 159 9.05 52.58 -80.44
C SER F 159 9.75 51.84 -79.31
N GLN F 160 10.02 50.55 -79.54
CA GLN F 160 10.72 49.71 -78.58
C GLN F 160 11.82 48.93 -79.30
N GLU F 161 13.02 48.98 -78.75
CA GLU F 161 14.17 48.29 -79.32
C GLU F 161 14.35 46.92 -78.68
N SER F 162 15.18 46.10 -79.31
CA SER F 162 15.48 44.77 -78.83
C SER F 162 16.92 44.44 -79.21
N VAL F 163 17.61 43.70 -78.35
CA VAL F 163 19.04 43.46 -78.48
C VAL F 163 19.28 41.95 -78.58
N THR F 164 20.23 41.58 -79.44
CA THR F 164 20.66 40.19 -79.52
C THR F 164 21.83 39.96 -78.57
N GLU F 165 22.53 38.87 -78.82
CA GLU F 165 23.68 38.49 -78.03
C GLU F 165 24.83 38.26 -79.00
N GLN F 166 26.06 38.42 -78.48
CA GLN F 166 27.29 38.32 -79.26
C GLN F 166 27.50 36.95 -79.92
N ASP F 167 27.55 36.93 -81.24
CA ASP F 167 27.89 35.73 -81.97
C ASP F 167 29.39 35.45 -81.80
N SER F 168 29.71 34.26 -81.27
CA SER F 168 31.09 33.95 -80.92
C SER F 168 31.99 33.91 -82.16
N LYS F 169 31.50 33.29 -83.24
CA LYS F 169 32.34 33.10 -84.41
C LYS F 169 32.71 34.43 -85.07
N ASP F 170 31.77 35.37 -85.12
CA ASP F 170 31.98 36.61 -85.86
C ASP F 170 32.37 37.78 -84.98
N SER F 171 31.97 37.78 -83.71
CA SER F 171 32.21 38.88 -82.79
C SER F 171 31.53 40.16 -83.27
N THR F 172 30.22 40.05 -83.56
CA THR F 172 29.41 41.20 -83.93
C THR F 172 28.05 41.11 -83.26
N TYR F 173 27.45 42.27 -83.01
CA TYR F 173 26.14 42.38 -82.39
C TYR F 173 25.05 42.45 -83.46
N SER F 174 23.81 42.61 -83.00
CA SER F 174 22.67 42.85 -83.86
C SER F 174 21.60 43.51 -83.02
N LEU F 175 20.76 44.35 -83.66
CA LEU F 175 19.75 45.12 -82.94
C LEU F 175 18.45 45.16 -83.74
N SER F 176 17.33 45.11 -83.02
CA SER F 176 16.01 45.28 -83.61
C SER F 176 15.22 46.30 -82.82
N SER F 177 14.54 47.19 -83.52
CA SER F 177 13.63 48.15 -82.90
C SER F 177 12.26 47.99 -83.56
N THR F 178 11.21 48.19 -82.77
CA THR F 178 9.84 48.05 -83.25
C THR F 178 9.06 49.33 -82.98
N LEU F 179 8.46 49.87 -84.04
CA LEU F 179 7.52 50.97 -83.93
C LEU F 179 6.12 50.39 -83.91
N THR F 180 5.34 50.73 -82.88
CA THR F 180 4.00 50.21 -82.69
C THR F 180 2.98 51.31 -82.93
N LEU F 181 1.91 50.99 -83.67
CA LEU F 181 0.95 51.97 -84.11
C LEU F 181 -0.47 51.48 -83.90
N SER F 182 -1.39 52.42 -83.76
CA SER F 182 -2.81 52.12 -83.81
C SER F 182 -3.30 52.16 -85.25
N LYS F 183 -4.41 51.46 -85.50
CA LYS F 183 -4.92 51.33 -86.86
C LYS F 183 -5.20 52.69 -87.49
N ALA F 184 -5.90 53.55 -86.74
CA ALA F 184 -6.20 54.88 -87.25
C ALA F 184 -4.93 55.70 -87.46
N ASP F 185 -4.02 55.66 -86.49
CA ASP F 185 -2.75 56.36 -86.65
C ASP F 185 -1.95 55.78 -87.81
N TYR F 186 -2.02 54.46 -88.00
CA TYR F 186 -1.32 53.84 -89.12
C TYR F 186 -1.85 54.34 -90.45
N GLU F 187 -3.18 54.41 -90.60
CA GLU F 187 -3.76 54.83 -91.87
C GLU F 187 -3.59 56.33 -92.08
N LYS F 188 -3.61 57.12 -91.01
CA LYS F 188 -3.48 58.57 -91.15
C LYS F 188 -2.07 58.96 -91.56
N HIS F 189 -1.06 58.26 -91.07
CA HIS F 189 0.33 58.57 -91.35
C HIS F 189 0.82 57.75 -92.53
N LYS F 190 1.66 58.36 -93.36
CA LYS F 190 1.99 57.78 -94.66
C LYS F 190 3.48 57.50 -94.84
N VAL F 191 4.36 58.40 -94.44
CA VAL F 191 5.79 58.29 -94.69
C VAL F 191 6.49 57.85 -93.41
N TYR F 192 7.32 56.82 -93.53
CA TYR F 192 8.00 56.23 -92.38
C TYR F 192 9.48 56.11 -92.66
N ALA F 193 10.31 56.62 -91.76
CA ALA F 193 11.75 56.68 -91.94
C ALA F 193 12.46 56.26 -90.67
N CYS F 194 13.65 55.70 -90.84
CA CYS F 194 14.52 55.35 -89.72
C CYS F 194 15.93 55.87 -89.99
N GLU F 195 16.51 56.52 -88.98
CA GLU F 195 17.84 57.10 -89.08
C GLU F 195 18.79 56.36 -88.16
N VAL F 196 19.90 55.88 -88.71
CA VAL F 196 20.85 55.05 -87.98
C VAL F 196 22.23 55.68 -88.04
N THR F 197 22.90 55.75 -86.90
CA THR F 197 24.30 56.16 -86.80
C THR F 197 25.10 55.01 -86.20
N HIS F 198 26.27 54.75 -86.77
CA HIS F 198 27.10 53.65 -86.28
C HIS F 198 28.57 53.96 -86.54
N GLN F 199 29.43 53.51 -85.62
CA GLN F 199 30.85 53.80 -85.71
C GLN F 199 31.47 53.13 -86.93
N GLY F 200 31.02 51.93 -87.27
CA GLY F 200 31.47 51.25 -88.46
C GLY F 200 30.97 51.84 -89.75
N LEU F 201 30.09 52.83 -89.69
CA LEU F 201 29.63 53.55 -90.86
C LEU F 201 30.46 54.81 -91.05
N SER F 202 30.86 55.06 -92.30
CA SER F 202 31.54 56.31 -92.60
C SER F 202 30.62 57.50 -92.35
N SER F 203 29.35 57.36 -92.71
CA SER F 203 28.37 58.43 -92.56
C SER F 203 27.09 57.84 -92.01
N PRO F 204 26.27 58.63 -91.33
CA PRO F 204 24.96 58.14 -90.90
C PRO F 204 24.11 57.74 -92.10
N VAL F 205 23.36 56.67 -91.95
CA VAL F 205 22.53 56.12 -93.01
C VAL F 205 21.06 56.20 -92.60
N THR F 206 20.22 56.59 -93.55
CA THR F 206 18.79 56.72 -93.33
C THR F 206 18.03 55.82 -94.29
N LYS F 207 17.08 55.06 -93.77
CA LYS F 207 16.21 54.21 -94.58
C LYS F 207 14.77 54.62 -94.35
N SER F 208 13.98 54.59 -95.42
CA SER F 208 12.61 55.09 -95.34
C SER F 208 11.75 54.37 -96.37
N PHE F 209 10.43 54.46 -96.16
CA PHE F 209 9.46 53.90 -97.09
C PHE F 209 8.14 54.65 -96.88
N ASN F 210 7.25 54.47 -97.85
CA ASN F 210 5.92 55.09 -97.81
C ASN F 210 4.88 54.02 -97.58
N ARG F 211 3.86 54.37 -96.79
CA ARG F 211 2.77 53.43 -96.53
C ARG F 211 2.11 52.97 -97.82
N GLY F 212 2.08 53.84 -98.84
CA GLY F 212 1.50 53.50 -100.12
C GLY F 212 2.20 52.36 -100.83
N GLU F 213 3.42 52.01 -100.41
CA GLU F 213 4.12 50.86 -100.98
C GLU F 213 3.47 49.54 -100.59
N CYS F 214 2.52 49.56 -99.67
CA CYS F 214 1.77 48.38 -99.23
C CYS F 214 2.64 47.38 -98.46
N GLU G 1 28.27 13.22 -73.72
CA GLU G 1 28.67 12.18 -72.77
C GLU G 1 27.66 12.03 -71.65
N VAL G 2 27.98 12.62 -70.51
CA VAL G 2 27.12 12.53 -69.32
C VAL G 2 25.98 13.52 -69.48
N GLN G 3 24.75 13.03 -69.37
CA GLN G 3 23.56 13.81 -69.67
C GLN G 3 22.53 13.62 -68.57
N LEU G 4 21.77 14.67 -68.28
CA LEU G 4 20.67 14.62 -67.34
C LEU G 4 19.43 15.20 -68.01
N VAL G 5 18.42 14.37 -68.21
CA VAL G 5 17.18 14.80 -68.85
C VAL G 5 16.28 15.42 -67.80
N GLU G 6 15.87 16.66 -68.05
CA GLU G 6 15.06 17.43 -67.12
C GLU G 6 13.59 17.37 -67.50
N SER G 7 12.74 17.72 -66.54
CA SER G 7 11.29 17.67 -66.76
C SER G 7 10.63 18.69 -65.85
N GLY G 8 9.34 18.90 -66.09
CA GLY G 8 8.58 19.85 -65.31
C GLY G 8 8.60 21.24 -65.91
N GLY G 9 8.51 22.25 -65.05
CA GLY G 9 8.44 23.62 -65.51
C GLY G 9 7.08 23.96 -66.08
N GLY G 10 6.72 25.23 -65.92
CA GLY G 10 5.45 25.72 -66.41
C GLY G 10 4.86 26.71 -65.45
N LEU G 11 3.65 27.14 -65.77
CA LEU G 11 2.97 28.19 -65.03
C LEU G 11 2.16 27.62 -63.89
N VAL G 12 2.22 28.28 -62.74
CA VAL G 12 1.37 27.95 -61.60
C VAL G 12 0.88 29.23 -60.97
N GLN G 13 -0.35 29.21 -60.49
CA GLN G 13 -0.90 30.34 -59.76
C GLN G 13 -0.45 30.30 -58.31
N PRO G 14 -0.45 31.45 -57.63
CA PRO G 14 -0.08 31.46 -56.21
C PRO G 14 -1.01 30.61 -55.38
N GLY G 15 -0.46 30.01 -54.32
CA GLY G 15 -1.22 29.14 -53.45
C GLY G 15 -1.37 27.72 -53.96
N GLY G 16 -0.78 27.38 -55.10
CA GLY G 16 -0.89 26.06 -55.69
C GLY G 16 0.26 25.14 -55.34
N SER G 17 0.50 24.16 -56.21
CA SER G 17 1.52 23.13 -56.02
C SER G 17 2.01 22.64 -57.37
N LEU G 18 3.21 22.05 -57.38
CA LEU G 18 3.83 21.49 -58.58
C LEU G 18 5.00 20.62 -58.18
N ARG G 19 5.18 19.58 -58.96
CA ARG G 19 6.23 18.60 -58.76
C ARG G 19 7.15 18.67 -59.96
N LEU G 20 8.42 18.90 -59.70
CA LEU G 20 9.44 18.95 -60.73
C LEU G 20 10.35 17.74 -60.59
N SER G 21 11.13 17.49 -61.64
CA SER G 21 11.98 16.31 -61.63
C SER G 21 13.01 16.40 -62.76
N CYS G 22 14.02 15.55 -62.66
CA CYS G 22 15.04 15.35 -63.67
C CYS G 22 15.61 13.97 -63.48
N ALA G 23 16.14 13.40 -64.56
CA ALA G 23 16.62 12.03 -64.54
C ALA G 23 18.06 11.96 -65.01
N ALA G 24 18.67 10.80 -64.79
CA ALA G 24 20.07 10.57 -65.13
C ALA G 24 20.17 9.67 -66.36
N SER G 25 21.00 10.06 -67.31
CA SER G 25 21.27 9.20 -68.45
C SER G 25 22.05 7.96 -68.03
N GLU G 26 23.13 8.15 -67.28
CA GLU G 26 24.03 7.05 -66.96
C GLU G 26 24.40 6.99 -65.48
N ILE G 27 24.36 8.13 -64.79
CA ILE G 27 24.92 8.21 -63.45
C ILE G 27 23.94 7.69 -62.43
N THR G 28 24.46 7.22 -61.29
CA THR G 28 23.63 6.72 -60.21
C THR G 28 23.26 7.88 -59.30
N VAL G 29 22.02 8.36 -59.43
CA VAL G 29 21.52 9.43 -58.57
C VAL G 29 21.46 8.96 -57.13
N SER G 30 21.16 7.68 -56.90
CA SER G 30 21.03 7.17 -55.55
C SER G 30 22.33 7.24 -54.77
N ARG G 31 23.47 7.27 -55.44
CA ARG G 31 24.76 7.07 -54.79
C ARG G 31 25.64 8.32 -54.81
N ASN G 32 25.08 9.50 -55.06
CA ASN G 32 25.88 10.72 -55.13
C ASN G 32 25.05 11.91 -54.66
N TYR G 33 25.76 13.00 -54.33
CA TYR G 33 25.09 14.20 -53.84
C TYR G 33 24.35 14.93 -54.96
N MET G 34 23.13 15.37 -54.66
CA MET G 34 22.22 15.98 -55.60
C MET G 34 21.71 17.31 -55.04
N SER G 35 21.62 18.33 -55.89
CA SER G 35 21.17 19.62 -55.38
C SER G 35 20.44 20.42 -56.45
N TRP G 36 19.57 21.31 -55.99
CA TRP G 36 18.88 22.28 -56.84
C TRP G 36 19.49 23.65 -56.65
N VAL G 37 19.57 24.42 -57.74
CA VAL G 37 19.88 25.85 -57.68
C VAL G 37 18.93 26.57 -58.61
N ARG G 38 18.42 27.72 -58.17
CA ARG G 38 17.45 28.49 -58.95
C ARG G 38 18.11 29.77 -59.44
N GLN G 39 17.95 30.04 -60.73
CA GLN G 39 18.57 31.18 -61.39
C GLN G 39 17.48 32.08 -61.97
N ALA G 40 17.53 33.35 -61.63
CA ALA G 40 16.54 34.31 -62.10
C ALA G 40 17.22 35.47 -62.81
N PRO G 41 16.69 35.88 -63.96
CA PRO G 41 17.25 37.06 -64.63
C PRO G 41 17.12 38.31 -63.76
N GLY G 42 18.15 39.15 -63.83
CA GLY G 42 18.17 40.42 -63.14
C GLY G 42 18.22 40.35 -61.63
N LYS G 43 18.09 39.16 -61.04
CA LYS G 43 18.18 39.01 -59.60
C LYS G 43 19.40 38.20 -59.17
N GLY G 44 19.95 37.38 -60.05
CA GLY G 44 21.15 36.62 -59.73
C GLY G 44 20.91 35.12 -59.68
N LEU G 45 21.65 34.44 -58.82
CA LEU G 45 21.57 32.99 -58.69
C LEU G 45 21.69 32.63 -57.22
N GLU G 46 21.16 31.45 -56.86
CA GLU G 46 21.08 31.07 -55.46
C GLU G 46 21.19 29.56 -55.34
N TRP G 47 21.51 29.12 -54.13
CA TRP G 47 21.55 27.71 -53.78
C TRP G 47 20.28 27.36 -53.01
N VAL G 48 19.74 26.18 -53.30
CA VAL G 48 18.41 25.82 -52.80
C VAL G 48 18.51 24.77 -51.70
N SER G 49 18.99 23.59 -52.07
CA SER G 49 18.87 22.43 -51.19
C SER G 49 19.79 21.34 -51.72
N VAL G 50 19.78 20.20 -51.04
CA VAL G 50 20.65 19.09 -51.42
C VAL G 50 20.17 17.84 -50.70
N ILE G 51 20.43 16.67 -51.29
CA ILE G 51 20.28 15.39 -50.62
C ILE G 51 21.64 14.72 -50.58
N TYR G 52 22.06 14.31 -49.39
CA TYR G 52 23.32 13.60 -49.24
C TYR G 52 23.12 12.13 -49.59
N SER G 53 24.22 11.46 -49.95
CA SER G 53 24.13 10.08 -50.43
C SER G 53 23.50 9.17 -49.40
N GLY G 54 23.58 9.51 -48.13
CA GLY G 54 22.87 8.77 -47.11
C GLY G 54 21.39 9.05 -47.04
N GLY G 55 20.87 9.86 -47.95
CA GLY G 55 19.48 10.21 -47.96
C GLY G 55 19.13 11.41 -47.12
N SER G 56 20.09 11.95 -46.36
CA SER G 56 19.81 13.11 -45.53
C SER G 56 19.47 14.32 -46.38
N THR G 57 18.72 15.24 -45.78
CA THR G 57 18.23 16.43 -46.47
C THR G 57 18.84 17.67 -45.84
N PHE G 58 18.86 18.76 -46.61
CA PHE G 58 19.36 20.04 -46.13
C PHE G 58 18.96 21.16 -47.07
N TYR G 59 18.44 22.26 -46.53
CA TYR G 59 17.79 23.30 -47.32
C TYR G 59 18.47 24.65 -47.11
N ALA G 60 17.95 25.64 -47.81
CA ALA G 60 18.22 27.05 -47.56
C ALA G 60 17.01 27.65 -46.86
N ASP G 61 17.27 28.58 -45.93
CA ASP G 61 16.21 29.07 -45.06
C ASP G 61 15.08 29.73 -45.84
N SER G 62 15.34 30.12 -47.08
CA SER G 62 14.36 30.87 -47.86
C SER G 62 13.17 30.03 -48.30
N VAL G 63 13.22 28.71 -48.18
CA VAL G 63 12.14 27.87 -48.70
C VAL G 63 11.69 26.83 -47.67
N LYS G 64 12.10 27.01 -46.41
CA LYS G 64 11.65 26.11 -45.35
C LYS G 64 10.14 26.16 -45.21
N GLY G 65 9.53 25.00 -45.01
CA GLY G 65 8.09 24.92 -44.95
C GLY G 65 7.41 25.20 -46.26
N ARG G 66 8.17 25.38 -47.33
CA ARG G 66 7.64 25.63 -48.65
C ARG G 66 8.30 24.79 -49.74
N PHE G 67 9.48 24.24 -49.51
CA PHE G 67 10.13 23.39 -50.48
C PHE G 67 10.50 22.07 -49.84
N THR G 68 10.59 21.03 -50.67
CA THR G 68 10.99 19.71 -50.22
C THR G 68 11.61 18.96 -51.38
N ILE G 69 12.67 18.21 -51.06
CA ILE G 69 13.43 17.44 -52.03
C ILE G 69 13.35 15.97 -51.64
N SER G 70 13.45 15.10 -52.64
CA SER G 70 13.52 13.66 -52.39
C SER G 70 14.09 12.99 -53.63
N ARG G 71 14.02 11.66 -53.66
CA ARG G 71 14.67 10.87 -54.69
C ARG G 71 14.01 9.50 -54.76
N ASP G 72 13.56 9.11 -55.96
CA ASP G 72 12.89 7.84 -56.17
C ASP G 72 13.87 6.85 -56.78
N ASN G 73 14.20 5.80 -56.03
CA ASN G 73 15.12 4.79 -56.53
C ASN G 73 14.47 3.90 -57.59
N SER G 74 13.15 3.79 -57.58
CA SER G 74 12.47 2.89 -58.50
C SER G 74 12.67 3.30 -59.95
N ARG G 75 12.84 4.60 -60.20
CA ARG G 75 13.02 5.09 -61.56
C ARG G 75 14.29 5.91 -61.72
N ASN G 76 15.19 5.89 -60.74
CA ASN G 76 16.47 6.60 -60.82
C ASN G 76 16.25 8.07 -61.17
N THR G 77 15.23 8.65 -60.56
CA THR G 77 14.80 10.00 -60.90
C THR G 77 14.72 10.86 -59.64
N LEU G 78 15.39 12.01 -59.69
CA LEU G 78 15.32 13.00 -58.63
C LEU G 78 14.02 13.78 -58.76
N TYR G 79 13.44 14.16 -57.61
CA TYR G 79 12.17 14.86 -57.62
C TYR G 79 12.22 16.07 -56.71
N LEU G 80 11.22 16.91 -56.90
CA LEU G 80 11.17 18.21 -56.27
C LEU G 80 9.72 18.69 -56.22
N GLN G 81 9.29 19.26 -55.08
CA GLN G 81 7.89 19.59 -54.85
C GLN G 81 7.76 20.97 -54.23
N MET G 82 6.65 21.64 -54.57
CA MET G 82 6.50 23.07 -54.30
C MET G 82 5.24 23.38 -53.49
N ASN G 83 5.39 24.28 -52.52
CA ASN G 83 4.27 24.79 -51.74
C ASN G 83 4.31 26.32 -51.74
N SER G 84 3.21 26.93 -52.17
CA SER G 84 2.89 28.34 -51.90
C SER G 84 4.06 29.28 -52.25
N LEU G 85 4.33 29.38 -53.55
CA LEU G 85 5.44 30.21 -54.01
C LEU G 85 5.25 31.69 -53.70
N ARG G 86 6.26 32.47 -54.09
CA ARG G 86 6.20 33.92 -54.10
C ARG G 86 6.63 34.40 -55.48
N ALA G 87 6.21 35.62 -55.82
CA ALA G 87 6.57 36.19 -57.12
C ALA G 87 8.09 36.29 -57.27
N ASP G 88 8.79 36.54 -56.16
CA ASP G 88 10.25 36.60 -56.21
C ASP G 88 10.86 35.30 -56.69
N ASP G 89 10.23 34.17 -56.38
CA ASP G 89 10.78 32.87 -56.75
C ASP G 89 10.82 32.68 -58.26
N THR G 90 10.16 33.54 -59.01
CA THR G 90 10.21 33.47 -60.47
C THR G 90 11.65 33.32 -60.94
N ALA G 91 11.95 32.18 -61.53
CA ALA G 91 13.33 31.85 -61.85
C ALA G 91 13.35 30.56 -62.69
N VAL G 92 14.55 30.23 -63.15
CA VAL G 92 14.82 28.97 -63.83
C VAL G 92 15.58 28.08 -62.85
N TYR G 93 15.07 26.88 -62.61
CA TYR G 93 15.67 25.94 -61.67
C TYR G 93 16.45 24.89 -62.44
N TYR G 94 17.55 24.44 -61.85
CA TYR G 94 18.46 23.52 -62.51
C TYR G 94 18.75 22.31 -61.62
N CYS G 95 18.99 21.17 -62.24
CA CYS G 95 19.44 19.97 -61.57
C CYS G 95 20.91 19.76 -61.87
N ALA G 96 21.70 19.43 -60.85
CA ALA G 96 23.12 19.24 -61.05
C ALA G 96 23.70 18.39 -59.93
N ARG G 97 24.59 17.47 -60.31
CA ARG G 97 25.31 16.64 -59.35
C ARG G 97 26.55 17.36 -58.88
N ASP G 98 26.74 17.42 -57.58
CA ASP G 98 28.00 17.86 -57.01
C ASP G 98 28.59 16.73 -56.18
N TYR G 99 29.88 16.84 -55.88
CA TYR G 99 30.55 15.84 -55.07
C TYR G 99 31.32 16.53 -53.97
N GLY G 100 31.33 15.88 -52.80
CA GLY G 100 32.20 16.29 -51.71
C GLY G 100 32.04 17.75 -51.36
N ASP G 101 33.18 18.45 -51.34
CA ASP G 101 33.15 19.89 -51.17
C ASP G 101 32.70 20.54 -52.47
N PHE G 102 31.49 20.19 -52.89
CA PHE G 102 30.60 21.06 -53.64
C PHE G 102 31.27 21.77 -54.83
N TYR G 103 32.03 21.00 -55.62
CA TYR G 103 32.15 21.34 -57.03
C TYR G 103 30.83 20.98 -57.69
N PHE G 104 30.20 21.92 -58.36
CA PHE G 104 28.99 21.59 -59.11
C PHE G 104 29.44 21.07 -60.47
N ASP G 105 29.66 19.76 -60.54
CA ASP G 105 30.42 19.16 -61.64
C ASP G 105 29.65 19.13 -62.94
N TYR G 106 28.55 18.40 -63.01
CA TYR G 106 27.76 18.29 -64.23
C TYR G 106 26.39 18.90 -64.03
N TRP G 107 25.87 19.53 -65.08
CA TRP G 107 24.66 20.30 -64.99
C TRP G 107 23.67 19.86 -66.06
N GLY G 108 22.38 20.00 -65.74
CA GLY G 108 21.36 19.94 -66.77
C GLY G 108 21.19 21.29 -67.43
N GLN G 109 20.37 21.32 -68.46
CA GLN G 109 20.20 22.56 -69.20
C GLN G 109 19.29 23.55 -68.50
N GLY G 110 18.54 23.11 -67.50
CA GLY G 110 17.69 24.05 -66.77
C GLY G 110 16.29 24.11 -67.33
N THR G 111 15.34 24.41 -66.45
CA THR G 111 13.93 24.51 -66.81
C THR G 111 13.32 25.68 -66.06
N LEU G 112 12.68 26.58 -66.81
CA LEU G 112 12.06 27.75 -66.20
C LEU G 112 10.78 27.36 -65.47
N VAL G 113 10.47 28.12 -64.42
CA VAL G 113 9.19 28.03 -63.74
C VAL G 113 8.66 29.44 -63.57
N THR G 114 7.37 29.63 -63.81
CA THR G 114 6.74 30.94 -63.71
C THR G 114 5.54 30.85 -62.80
N VAL G 115 5.39 31.84 -61.91
CA VAL G 115 4.24 31.94 -61.03
C VAL G 115 3.47 33.20 -61.40
N SER G 116 2.15 33.06 -61.53
CA SER G 116 1.23 34.17 -61.72
C SER G 116 -0.18 33.60 -61.73
N SER G 117 -1.13 34.43 -61.29
CA SER G 117 -2.54 34.06 -61.43
C SER G 117 -3.01 34.18 -62.88
N ALA G 118 -2.23 34.84 -63.74
CA ALA G 118 -2.60 34.96 -65.14
C ALA G 118 -2.62 33.58 -65.80
N SER G 119 -3.63 33.36 -66.63
CA SER G 119 -3.81 32.07 -67.27
C SER G 119 -2.92 31.95 -68.51
N THR G 120 -2.83 30.73 -69.03
CA THR G 120 -2.00 30.45 -70.20
C THR G 120 -2.64 31.01 -71.46
N LYS G 121 -1.79 31.36 -72.43
CA LYS G 121 -2.24 31.89 -73.71
C LYS G 121 -1.37 31.33 -74.82
N GLY G 122 -2.00 30.97 -75.93
CA GLY G 122 -1.30 30.44 -77.07
C GLY G 122 -0.66 31.54 -77.91
N PRO G 123 0.45 31.21 -78.58
CA PRO G 123 1.16 32.22 -79.37
C PRO G 123 0.58 32.38 -80.77
N SER G 124 0.91 33.53 -81.35
CA SER G 124 0.57 33.85 -82.74
C SER G 124 1.85 34.15 -83.50
N VAL G 125 1.96 33.62 -84.71
CA VAL G 125 3.19 33.70 -85.50
C VAL G 125 2.91 34.41 -86.80
N PHE G 126 3.76 35.38 -87.15
CA PHE G 126 3.65 36.11 -88.41
C PHE G 126 4.93 35.94 -89.21
N PRO G 127 4.90 35.20 -90.31
CA PRO G 127 6.12 34.99 -91.10
C PRO G 127 6.49 36.24 -91.89
N LEU G 128 7.77 36.29 -92.29
CA LEU G 128 8.30 37.40 -93.07
C LEU G 128 8.82 36.86 -94.40
N ALA G 129 8.34 37.45 -95.50
CA ALA G 129 8.78 37.05 -96.83
C ALA G 129 10.02 37.85 -97.23
N PRO G 130 11.08 37.20 -97.69
CA PRO G 130 12.27 37.95 -98.10
C PRO G 130 12.00 38.81 -99.31
N SER G 131 12.69 39.94 -99.37
CA SER G 131 12.52 40.87 -100.48
C SER G 131 13.26 40.38 -101.72
N SER G 132 12.84 40.88 -102.87
CA SER G 132 13.54 40.56 -104.12
C SER G 132 14.95 41.12 -104.11
N LYS G 133 15.17 42.25 -103.42
CA LYS G 133 16.49 42.88 -103.43
C LYS G 133 17.53 42.01 -102.73
N SER G 134 17.17 41.40 -101.60
CA SER G 134 18.12 40.61 -100.83
C SER G 134 18.60 39.37 -101.57
N THR G 135 17.89 38.95 -102.62
CA THR G 135 18.34 37.82 -103.42
C THR G 135 19.51 38.17 -104.32
N SER G 136 19.84 39.45 -104.46
CA SER G 136 20.97 39.89 -105.29
C SER G 136 22.25 39.74 -104.47
N GLY G 137 22.80 38.54 -104.45
CA GLY G 137 24.00 38.28 -103.69
C GLY G 137 24.16 36.81 -103.41
N GLY G 138 25.16 36.51 -102.58
CA GLY G 138 25.42 35.13 -102.21
C GLY G 138 24.35 34.53 -101.31
N THR G 139 23.88 35.30 -100.33
CA THR G 139 22.96 34.79 -99.33
C THR G 139 21.88 35.83 -99.04
N ALA G 140 20.81 35.37 -98.39
CA ALA G 140 19.70 36.23 -98.01
C ALA G 140 19.17 35.80 -96.65
N ALA G 141 18.43 36.71 -95.99
CA ALA G 141 17.94 36.51 -94.64
C ALA G 141 16.45 36.25 -94.64
N LEU G 142 16.03 35.20 -93.95
CA LEU G 142 14.63 34.78 -93.86
C LEU G 142 14.24 34.70 -92.38
N GLY G 143 13.05 35.21 -92.06
CA GLY G 143 12.65 35.28 -90.67
C GLY G 143 11.15 35.24 -90.48
N CYS G 144 10.73 35.38 -89.22
CA CYS G 144 9.32 35.32 -88.84
C CYS G 144 9.16 36.03 -87.50
N LEU G 145 7.90 36.24 -87.11
CA LEU G 145 7.56 36.97 -85.89
C LEU G 145 6.52 36.21 -85.08
N VAL G 146 6.77 36.07 -83.78
CA VAL G 146 5.88 35.39 -82.86
C VAL G 146 5.60 36.33 -81.68
N LYS G 147 4.32 36.49 -81.33
CA LYS G 147 3.95 37.47 -80.33
C LYS G 147 2.59 37.12 -79.73
N ASP G 148 2.21 37.91 -78.72
CA ASP G 148 0.87 37.86 -78.10
C ASP G 148 0.63 36.53 -77.39
N TYR G 149 1.59 36.11 -76.58
CA TYR G 149 1.56 34.83 -75.89
C TYR G 149 1.90 35.02 -74.42
N PHE G 150 1.65 33.99 -73.63
CA PHE G 150 2.01 34.01 -72.22
C PHE G 150 2.21 32.58 -71.74
N PRO G 151 3.29 32.30 -71.00
CA PRO G 151 4.39 33.20 -70.69
C PRO G 151 5.62 32.87 -71.53
N GLU G 152 6.75 33.51 -71.26
CA GLU G 152 8.01 33.13 -71.87
C GLU G 152 8.44 31.76 -71.34
N PRO G 153 9.29 31.04 -72.08
CA PRO G 153 9.88 31.37 -73.38
C PRO G 153 9.18 30.66 -74.52
N VAL G 154 9.66 30.84 -75.74
CA VAL G 154 9.12 30.14 -76.91
C VAL G 154 10.29 29.59 -77.71
N THR G 155 10.30 28.27 -77.89
CA THR G 155 11.34 27.61 -78.68
C THR G 155 10.98 27.69 -80.15
N VAL G 156 11.99 27.90 -80.98
CA VAL G 156 11.81 28.04 -82.43
C VAL G 156 12.77 27.08 -83.14
N SER G 157 12.37 26.66 -84.34
CA SER G 157 13.21 25.80 -85.16
C SER G 157 12.82 25.98 -86.62
N TRP G 158 13.81 25.81 -87.50
CA TRP G 158 13.63 25.99 -88.94
C TRP G 158 13.98 24.69 -89.65
N ASN G 159 13.05 24.20 -90.48
CA ASN G 159 13.20 22.93 -91.17
C ASN G 159 13.49 21.81 -90.18
N SER G 160 12.83 21.86 -89.02
CA SER G 160 12.99 20.88 -87.96
C SER G 160 14.45 20.74 -87.52
N GLY G 161 15.18 21.85 -87.52
CA GLY G 161 16.56 21.84 -87.08
C GLY G 161 17.56 21.27 -88.06
N ALA G 162 17.16 21.02 -89.31
CA ALA G 162 18.09 20.45 -90.29
C ALA G 162 19.25 21.39 -90.55
N LEU G 163 18.98 22.69 -90.62
CA LEU G 163 20.04 23.66 -90.84
C LEU G 163 20.80 23.94 -89.55
N THR G 164 22.02 24.45 -89.70
CA THR G 164 22.82 24.76 -88.52
C THR G 164 23.39 26.17 -88.52
N SER G 165 23.76 26.71 -89.68
CA SER G 165 24.45 27.99 -89.76
C SER G 165 23.52 29.07 -90.28
N GLY G 166 23.65 30.27 -89.74
CA GLY G 166 22.88 31.41 -90.18
C GLY G 166 21.61 31.69 -89.42
N VAL G 167 21.37 31.00 -88.31
CA VAL G 167 20.14 31.14 -87.54
C VAL G 167 20.40 32.11 -86.39
N HIS G 168 19.68 33.22 -86.39
CA HIS G 168 19.75 34.20 -85.30
C HIS G 168 18.34 34.40 -84.74
N THR G 169 18.23 34.36 -83.41
CA THR G 169 16.96 34.54 -82.75
C THR G 169 17.07 35.65 -81.72
N PHE G 170 15.97 36.29 -81.46
CA PHE G 170 15.90 37.43 -80.56
C PHE G 170 15.26 37.03 -79.23
N PRO G 171 15.64 37.68 -78.14
CA PRO G 171 14.99 37.35 -76.86
C PRO G 171 13.61 37.99 -76.78
N ALA G 172 12.76 37.39 -75.95
CA ALA G 172 11.40 37.86 -75.81
C ALA G 172 11.36 39.21 -75.08
N VAL G 173 10.25 39.93 -75.26
CA VAL G 173 10.08 41.27 -74.70
C VAL G 173 8.65 41.43 -74.22
N LEU G 174 8.48 42.13 -73.08
CA LEU G 174 7.18 42.26 -72.45
C LEU G 174 6.27 43.21 -73.21
N GLN G 175 5.05 42.78 -73.45
CA GLN G 175 4.03 43.69 -73.93
C GLN G 175 3.39 44.41 -72.75
N SER G 176 2.95 45.64 -73.01
CA SER G 176 2.19 46.37 -72.00
C SER G 176 0.91 45.64 -71.63
N SER G 177 0.43 44.75 -72.51
CA SER G 177 -0.69 43.87 -72.21
C SER G 177 -0.32 42.75 -71.25
N GLY G 178 0.96 42.61 -70.91
CA GLY G 178 1.43 41.52 -70.09
C GLY G 178 1.96 40.33 -70.86
N LEU G 179 1.70 40.27 -72.17
CA LEU G 179 2.19 39.18 -73.00
C LEU G 179 3.64 39.46 -73.41
N TYR G 180 4.21 38.53 -74.16
CA TYR G 180 5.58 38.67 -74.65
C TYR G 180 5.59 38.62 -76.18
N SER G 181 6.78 38.85 -76.73
CA SER G 181 6.96 38.83 -78.18
C SER G 181 8.43 38.60 -78.50
N LEU G 182 8.68 37.86 -79.59
CA LEU G 182 10.05 37.52 -79.98
C LEU G 182 10.10 37.33 -81.49
N SER G 183 11.29 37.01 -81.99
CA SER G 183 11.50 36.88 -83.43
C SER G 183 12.70 35.97 -83.67
N SER G 184 12.85 35.56 -84.93
CA SER G 184 13.96 34.71 -85.36
C SER G 184 14.31 35.03 -86.80
N VAL G 185 15.50 34.61 -87.21
CA VAL G 185 15.94 34.80 -88.59
C VAL G 185 16.99 33.76 -88.91
N VAL G 186 16.97 33.25 -90.14
CA VAL G 186 17.89 32.22 -90.61
C VAL G 186 18.53 32.69 -91.91
N THR G 187 19.81 32.38 -92.08
CA THR G 187 20.57 32.76 -93.27
C THR G 187 20.84 31.54 -94.14
N VAL G 188 20.61 31.68 -95.43
CA VAL G 188 20.64 30.57 -96.38
C VAL G 188 21.28 31.01 -97.70
N PRO G 189 21.76 30.08 -98.53
CA PRO G 189 22.28 30.47 -99.86
C PRO G 189 21.18 31.00 -100.77
N SER G 190 21.60 31.77 -101.77
CA SER G 190 20.66 32.48 -102.64
C SER G 190 20.01 31.58 -103.68
N SER G 191 20.69 30.52 -104.12
CA SER G 191 20.24 29.78 -105.29
C SER G 191 18.92 29.05 -105.04
N SER G 192 18.72 28.48 -103.86
CA SER G 192 17.55 27.66 -103.58
C SER G 192 16.36 28.47 -103.09
N LEU G 193 16.46 29.80 -103.05
CA LEU G 193 15.33 30.62 -102.60
C LEU G 193 14.12 30.42 -103.50
N GLY G 194 14.33 30.43 -104.82
CA GLY G 194 13.28 30.10 -105.76
C GLY G 194 13.06 28.62 -105.95
N THR G 195 13.84 27.79 -105.28
CA THR G 195 13.74 26.33 -105.37
C THR G 195 13.30 25.71 -104.06
N GLN G 196 13.97 26.03 -102.96
CA GLN G 196 13.66 25.47 -101.66
C GLN G 196 12.94 26.50 -100.81
N THR G 197 11.80 26.11 -100.25
CA THR G 197 11.03 26.96 -99.35
C THR G 197 11.25 26.48 -97.92
N TYR G 198 11.57 27.42 -97.02
CA TYR G 198 11.99 27.11 -95.67
C TYR G 198 10.87 27.43 -94.68
N ILE G 199 10.58 26.49 -93.79
CA ILE G 199 9.45 26.56 -92.87
C ILE G 199 9.98 26.54 -91.45
N CYS G 200 9.48 27.46 -90.62
CA CYS G 200 9.88 27.57 -89.23
C CYS G 200 8.90 26.81 -88.35
N ASN G 201 9.42 26.05 -87.39
CA ASN G 201 8.61 25.28 -86.46
C ASN G 201 8.77 25.88 -85.07
N VAL G 202 7.64 26.25 -84.45
CA VAL G 202 7.62 27.03 -83.22
C VAL G 202 7.02 26.18 -82.11
N ASN G 203 7.61 26.28 -80.91
CA ASN G 203 7.12 25.56 -79.74
C ASN G 203 6.91 26.54 -78.59
N HIS G 204 5.67 26.66 -78.15
CA HIS G 204 5.34 27.32 -76.89
C HIS G 204 5.02 26.21 -75.88
N LYS G 205 6.07 25.64 -75.30
CA LYS G 205 5.91 24.47 -74.44
C LYS G 205 5.03 24.72 -73.21
N PRO G 206 5.17 25.82 -72.45
CA PRO G 206 4.33 25.97 -71.25
C PRO G 206 2.85 25.93 -71.55
N SER G 207 2.43 26.39 -72.73
CA SER G 207 1.09 26.17 -73.22
C SER G 207 1.00 24.94 -74.11
N ASN G 208 2.14 24.32 -74.44
CA ASN G 208 2.20 23.16 -75.34
C ASN G 208 1.48 23.45 -76.65
N THR G 209 1.80 24.61 -77.24
CA THR G 209 1.22 25.02 -78.51
C THR G 209 2.32 25.12 -79.55
N LYS G 210 2.09 24.51 -80.71
CA LYS G 210 3.03 24.51 -81.83
C LYS G 210 2.40 25.18 -83.03
N VAL G 211 3.16 26.04 -83.70
CA VAL G 211 2.71 26.71 -84.92
C VAL G 211 3.82 26.61 -85.96
N ASP G 212 3.45 26.21 -87.17
CA ASP G 212 4.39 26.07 -88.28
C ASP G 212 4.03 27.06 -89.38
N LYS G 213 5.00 27.89 -89.78
CA LYS G 213 4.78 28.87 -90.84
C LYS G 213 5.92 28.81 -91.85
N ARG G 214 5.58 29.12 -93.09
CA ARG G 214 6.50 29.06 -94.22
C ARG G 214 7.18 30.41 -94.44
N VAL G 215 8.20 30.39 -95.30
CA VAL G 215 8.85 31.61 -95.78
C VAL G 215 9.15 31.42 -97.26
N GLU G 216 8.54 32.25 -98.10
CA GLU G 216 8.70 32.17 -99.55
C GLU G 216 8.94 33.56 -100.11
N PRO G 217 9.77 33.69 -101.15
CA PRO G 217 10.00 35.02 -101.74
C PRO G 217 8.74 35.70 -102.23
N LYS G 218 7.79 34.95 -102.80
CA LYS G 218 6.56 35.51 -103.35
C LYS G 218 6.86 36.61 -104.37
N SER G 219 6.41 37.82 -104.09
CA SER G 219 6.75 38.99 -104.90
C SER G 219 6.49 40.25 -104.09
N CYS G 220 7.53 41.07 -103.93
CA CYS G 220 7.43 42.28 -103.12
C CYS G 220 7.40 43.56 -103.93
N ASP G 221 7.64 43.50 -105.24
CA ASP G 221 7.52 44.68 -106.09
C ASP G 221 6.05 44.99 -106.33
N LYS G 222 5.47 45.84 -105.49
CA LYS G 222 4.02 46.01 -105.49
C LYS G 222 3.59 47.32 -104.83
C1 NAG H . -23.13 -37.00 -13.60
C2 NAG H . -24.44 -37.57 -13.12
C3 NAG H . -24.16 -38.73 -12.18
C4 NAG H . -23.27 -39.77 -12.86
C5 NAG H . -22.09 -39.15 -13.63
C6 NAG H . -21.50 -40.11 -14.64
C7 NAG H . -25.24 -36.13 -11.25
C8 NAG H . -26.26 -35.10 -10.87
N2 NAG H . -25.31 -36.56 -12.51
O3 NAG H . -25.39 -39.31 -11.78
O4 NAG H . -22.70 -40.61 -11.87
O5 NAG H . -22.45 -37.97 -14.36
O6 NAG H . -21.86 -39.75 -15.97
O7 NAG H . -24.40 -36.53 -10.45
C1 NAG H . -23.53 -41.77 -11.74
C2 NAG H . -22.67 -43.01 -11.46
C3 NAG H . -23.56 -44.23 -11.29
C4 NAG H . -24.63 -43.98 -10.23
C5 NAG H . -25.38 -42.67 -10.51
C6 NAG H . -26.31 -42.29 -9.39
C7 NAG H . -21.95 -43.45 -13.78
C8 NAG H . -20.77 -43.65 -14.68
N2 NAG H . -21.67 -43.22 -12.49
O3 NAG H . -22.77 -45.36 -10.92
O4 NAG H . -25.57 -45.05 -10.23
O5 NAG H . -24.45 -41.58 -10.65
O6 NAG H . -27.43 -43.16 -9.32
O7 NAG H . -23.11 -43.50 -14.21
C1 NAG I . -9.97 -54.88 84.32
C2 NAG I . -10.51 -56.15 83.64
C3 NAG I . -12.00 -56.28 83.90
C4 NAG I . -12.31 -56.18 85.39
C5 NAG I . -11.73 -54.89 85.94
C6 NAG I . -11.88 -54.77 87.45
C7 NAG I . -9.07 -56.50 81.68
C8 NAG I . -8.97 -56.42 80.18
N2 NAG I . -10.25 -56.14 82.21
O3 NAG I . -12.46 -57.54 83.40
O4 NAG I . -13.72 -56.19 85.58
O5 NAG I . -10.32 -54.88 85.68
O6 NAG I . -10.92 -55.57 88.14
O7 NAG I . -8.13 -56.87 82.37
C1 NAG I . -14.07 -57.29 86.44
C2 NAG I . -15.49 -57.05 86.95
C3 NAG I . -15.93 -58.21 87.84
C4 NAG I . -15.76 -59.53 87.12
C5 NAG I . -14.34 -59.67 86.58
C6 NAG I . -14.13 -60.90 85.73
C7 NAG I . -15.92 -54.64 87.06
C8 NAG I . -15.97 -53.43 87.95
N2 NAG I . -15.59 -55.79 87.66
O3 NAG I . -17.30 -58.02 88.21
O4 NAG I . -16.02 -60.61 88.01
O5 NAG I . -14.02 -58.53 85.75
O6 NAG I . -14.36 -62.08 86.49
O7 NAG I . -16.18 -54.58 85.86
C1 NAG J . 9.84 -52.74 80.00
C2 NAG J . 11.11 -53.59 79.91
C3 NAG J . 11.37 -54.28 81.25
C4 NAG J . 11.37 -53.27 82.39
C5 NAG J . 10.09 -52.44 82.35
C6 NAG J . 10.06 -51.33 83.37
C7 NAG J . 11.19 -54.30 77.55
C8 NAG J . 11.03 -55.45 76.60
N2 NAG J . 10.99 -54.59 78.85
O3 NAG J . 12.64 -54.95 81.19
O4 NAG J . 11.44 -53.96 83.64
O5 NAG J . 9.96 -51.82 81.06
O6 NAG J . 9.72 -51.81 84.66
O7 NAG J . 11.46 -53.17 77.17
C1 NAG J . 12.59 -53.51 84.38
C2 NAG J . 12.53 -54.15 85.76
C3 NAG J . 13.74 -53.72 86.58
C4 NAG J . 15.03 -54.02 85.82
C5 NAG J . 14.98 -53.41 84.42
C6 NAG J . 16.17 -53.81 83.57
C7 NAG J . 10.74 -54.58 87.38
C8 NAG J . 9.47 -54.07 87.99
N2 NAG J . 11.30 -53.81 86.45
O3 NAG J . 13.74 -54.40 87.83
O4 NAG J . 16.15 -53.48 86.53
O5 NAG J . 13.81 -53.87 83.73
O6 NAG J . 17.39 -53.50 84.22
O7 NAG J . 11.24 -55.65 87.73
C1 NAG K . 20.82 -40.01 67.67
C2 NAG K . 21.54 -41.00 68.57
C3 NAG K . 23.01 -40.57 68.74
C4 NAG K . 23.66 -40.36 67.38
C5 NAG K . 22.82 -39.41 66.53
C6 NAG K . 23.35 -39.28 65.11
C7 NAG K . 20.62 -42.27 70.43
C8 NAG K . 19.95 -42.20 71.77
N2 NAG K . 20.90 -41.10 69.86
O3 NAG K . 23.70 -41.57 69.47
O4 NAG K . 24.94 -39.77 67.57
O5 NAG K . 21.49 -39.90 66.42
O6 NAG K . 22.45 -38.54 64.30
O7 NAG K . 20.89 -43.35 69.90
C1 NAG K . 25.97 -40.73 67.25
C2 NAG K . 27.23 -39.96 66.91
C3 NAG K . 28.37 -40.92 66.62
C4 NAG K . 28.57 -41.88 67.79
C5 NAG K . 27.25 -42.57 68.12
C6 NAG K . 27.33 -43.44 69.36
C7 NAG K . 27.15 -37.74 65.86
C8 NAG K . 26.88 -36.97 64.61
N2 NAG K . 27.02 -39.06 65.78
O3 NAG K . 29.58 -40.18 66.40
O4 NAG K . 29.53 -42.86 67.45
O5 NAG K . 26.22 -41.60 68.37
O6 NAG K . 27.51 -42.64 70.52
O7 NAG K . 27.47 -37.18 66.91
C1 NAG L . -8.86 -54.05 68.01
C2 NAG L . -9.77 -54.05 69.23
C3 NAG L . -9.71 -55.39 69.94
C4 NAG L . -9.98 -56.53 68.97
C5 NAG L . -9.10 -56.40 67.72
C6 NAG L . -9.47 -57.40 66.64
C7 NAG L . -9.90 -51.74 70.04
C8 NAG L . -9.42 -50.76 71.08
N2 NAG L . -9.41 -52.97 70.15
O3 NAG L . -10.66 -55.40 70.99
O4 NAG L . -9.67 -57.77 69.58
O5 NAG L . -9.24 -55.10 67.14
O6 NAG L . -10.55 -56.93 65.85
O7 NAG L . -10.68 -51.41 69.16
C1 NAG L . -10.82 -58.40 70.19
C2 NAG L . -10.45 -59.86 70.49
C3 NAG L . -11.59 -60.55 71.23
C4 NAG L . -11.99 -59.77 72.46
C5 NAG L . -12.32 -58.32 72.07
C6 NAG L . -12.62 -57.44 73.26
C7 NAG L . -8.91 -60.56 68.71
C8 NAG L . -8.76 -61.36 67.45
N2 NAG L . -10.13 -60.58 69.27
O3 NAG L . -11.18 -61.86 71.61
O4 NAG L . -13.12 -60.35 73.09
O5 NAG L . -11.19 -57.74 71.40
O6 NAG L . -11.49 -57.29 74.10
O7 NAG L . -7.98 -59.93 69.19
C1 NAG M . -23.97 -33.38 -36.07
C2 NAG M . -23.16 -33.03 -34.83
C3 NAG M . -21.72 -33.53 -34.98
C4 NAG M . -21.71 -35.02 -35.31
C5 NAG M . -22.61 -35.31 -36.51
C6 NAG M . -22.76 -36.78 -36.80
C7 NAG M . -23.66 -31.06 -33.45
C8 NAG M . -23.60 -29.56 -33.35
N2 NAG M . -23.17 -31.60 -34.58
O3 NAG M . -21.02 -33.27 -33.77
O4 NAG M . -20.39 -35.45 -35.63
O5 NAG M . -23.93 -34.80 -36.28
O6 NAG M . -23.59 -37.01 -37.93
O7 NAG M . -24.14 -31.75 -32.56
C1 NAG M . -19.69 -35.93 -34.46
C2 NAG M . -19.25 -37.37 -34.68
C3 NAG M . -18.42 -37.86 -33.49
C4 NAG M . -17.27 -36.91 -33.22
C5 NAG M . -17.79 -35.48 -33.06
C6 NAG M . -16.68 -34.46 -32.89
C7 NAG M . -20.39 -39.28 -35.73
C8 NAG M . -21.66 -40.07 -35.82
N2 NAG M . -20.40 -38.24 -34.90
O3 NAG M . -17.92 -39.16 -33.78
O4 NAG M . -16.59 -37.30 -32.04
O5 NAG M . -18.53 -35.10 -34.22
O6 NAG M . -17.21 -33.15 -32.72
O7 NAG M . -19.39 -39.57 -36.39
C1 NAG N . -16.44 -11.96 100.96
C2 NAG N . -17.57 -11.16 101.59
C3 NAG N . -17.04 -9.81 102.08
C4 NAG N . -15.87 -10.03 103.02
C5 NAG N . -14.81 -10.92 102.38
C6 NAG N . -13.70 -11.30 103.32
C7 NAG N . -18.61 -10.35 99.50
C8 NAG N . -19.89 -10.29 98.72
N2 NAG N . -18.69 -10.98 100.68
O3 NAG N . -18.08 -9.11 102.74
O4 NAG N . -15.27 -8.77 103.34
O5 NAG N . -15.40 -12.15 101.92
O6 NAG N . -14.19 -12.10 104.40
O7 NAG N . -17.57 -9.86 99.08
C1 NAG N . -15.60 -8.46 104.71
C2 NAG N . -14.87 -7.17 105.10
C3 NAG N . -15.23 -6.75 106.51
C4 NAG N . -16.74 -6.68 106.67
C5 NAG N . -17.40 -7.98 106.23
C6 NAG N . -18.90 -7.94 106.25
C7 NAG N . -12.68 -8.20 105.60
C8 NAG N . -11.22 -8.17 105.30
N2 NAG N . -13.43 -7.31 104.94
O3 NAG N . -14.65 -5.48 106.78
O4 NAG N . -17.08 -6.43 108.04
O5 NAG N . -17.01 -8.28 104.88
O6 NAG N . -19.40 -7.75 107.58
O7 NAG N . -13.16 -9.00 106.41
C1 NAG O . -26.58 -26.51 90.60
C2 NAG O . -27.93 -27.23 90.43
C3 NAG O . -28.08 -28.36 91.45
C4 NAG O . -26.91 -29.32 91.29
C5 NAG O . -25.61 -28.57 91.55
C6 NAG O . -24.38 -29.43 91.39
C7 NAG O . -29.34 -25.56 91.59
C8 NAG O . -30.54 -24.67 91.47
N2 NAG O . -29.05 -26.30 90.51
O3 NAG O . -29.31 -29.04 91.23
O4 NAG O . -27.05 -30.49 92.08
O5 NAG O . -25.50 -27.49 90.61
O6 NAG O . -23.48 -29.24 92.47
O7 NAG O . -28.68 -25.60 92.63
C1 NAG O . -27.18 -30.32 93.49
C2 NAG O . -28.03 -31.49 93.98
C3 NAG O . -28.14 -31.48 95.51
C4 NAG O . -26.76 -31.42 96.14
C5 NAG O . -26.01 -30.21 95.58
C6 NAG O . -24.59 -30.12 96.11
C7 NAG O . -29.79 -32.38 92.52
C8 NAG O . -31.18 -32.19 91.99
N2 NAG O . -29.35 -31.46 93.38
O3 NAG O . -28.81 -32.66 95.93
O4 NAG O . -26.88 -31.29 97.56
O5 NAG O . -25.93 -30.33 94.16
O6 NAG O . -23.87 -31.31 95.88
O7 NAG O . -29.09 -33.33 92.17
C1 NAG P . -25.66 -33.39 70.93
C2 NAG P . -26.54 -34.31 71.77
C3 NAG P . -26.79 -35.61 71.03
C4 NAG P . -27.33 -35.35 69.63
C5 NAG P . -26.43 -34.36 68.89
C6 NAG P . -26.98 -33.93 67.56
C7 NAG P . -26.60 -34.46 74.22
C8 NAG P . -25.82 -34.76 75.46
N2 NAG P . -25.93 -34.56 73.07
O3 NAG P . -27.71 -36.41 71.77
O4 NAG P . -27.40 -36.56 68.90
O5 NAG P . -26.27 -33.17 69.67
O6 NAG P . -26.10 -33.04 66.88
O7 NAG P . -27.78 -34.12 74.26
C1 NAG P . -28.78 -36.85 68.64
C2 NAG P . -28.83 -37.93 67.57
C3 NAG P . -30.28 -38.30 67.27
C4 NAG P . -31.00 -38.69 68.56
C5 NAG P . -30.85 -37.59 69.60
C6 NAG P . -31.42 -37.97 70.95
C7 NAG P . -26.91 -37.87 66.05
C8 NAG P . -26.36 -37.33 64.76
N2 NAG P . -28.16 -37.51 66.35
O3 NAG P . -30.32 -39.39 66.34
O4 NAG P . -32.38 -38.90 68.29
O5 NAG P . -29.46 -37.30 69.82
O6 NAG P . -30.52 -38.79 71.68
O7 NAG P . -26.25 -38.60 66.78
C1 NAG Q . -19.50 -47.26 55.21
C2 NAG Q . -20.39 -48.44 55.58
C3 NAG Q . -20.78 -49.22 54.33
C4 NAG Q . -21.38 -48.27 53.29
C5 NAG Q . -20.45 -47.11 53.04
C6 NAG Q . -21.05 -46.06 52.11
C7 NAG Q . -18.61 -49.97 56.36
C8 NAG Q . -18.13 -50.82 57.49
N2 NAG Q . -19.76 -49.32 56.55
O3 NAG Q . -21.72 -50.23 54.68
O4 NAG Q . -21.60 -48.97 52.07
O5 NAG Q . -20.16 -46.44 54.27
O6 NAG Q . -20.43 -46.10 50.83
O7 NAG Q . -17.97 -49.89 55.31
C1 NAG Q . -22.99 -49.27 51.93
C2 NAG Q . -23.34 -49.41 50.45
C3 NAG Q . -24.80 -49.81 50.28
C4 NAG Q . -25.11 -51.06 51.09
C5 NAG Q . -24.69 -50.87 52.55
C6 NAG Q . -24.83 -52.12 53.38
C7 NAG Q . -23.65 -47.01 49.93
C8 NAG Q . -23.21 -45.87 49.06
N2 NAG Q . -23.05 -48.18 49.71
O3 NAG Q . -25.07 -50.05 48.90
O4 NAG Q . -26.51 -51.34 51.05
O5 NAG Q . -23.30 -50.50 52.61
O6 NAG Q . -23.74 -53.00 53.17
O7 NAG Q . -24.52 -46.86 50.79
C1 NAG R . 26.62 -28.09 94.13
C2 NAG R . 28.10 -27.70 94.03
C3 NAG R . 28.96 -28.93 93.80
C4 NAG R . 28.68 -29.98 94.85
C5 NAG R . 27.19 -30.28 94.94
C6 NAG R . 26.83 -31.22 96.06
C7 NAG R . 28.16 -25.41 93.14
C8 NAG R . 28.40 -24.56 91.92
N2 NAG R . 28.29 -26.73 92.96
O3 NAG R . 30.33 -28.56 93.83
O4 NAG R . 29.37 -31.18 94.53
O5 NAG R . 26.46 -29.06 95.17
O6 NAG R . 27.32 -30.76 97.31
O7 NAG R . 27.85 -24.92 94.22
C1 NAG R . 30.35 -31.45 95.56
C2 NAG R . 30.80 -32.90 95.41
C3 NAG R . 31.85 -33.23 96.46
C4 NAG R . 33.00 -32.24 96.39
C5 NAG R . 32.47 -30.81 96.48
C6 NAG R . 33.55 -29.76 96.27
C7 NAG R . 29.25 -34.56 94.49
C8 NAG R . 28.07 -35.44 94.76
N2 NAG R . 29.67 -33.81 95.52
O3 NAG R . 32.33 -34.55 96.25
O4 NAG R . 33.91 -32.46 97.46
O5 NAG R . 31.49 -30.58 95.46
O6 NAG R . 34.73 -30.09 96.99
O7 NAG R . 29.79 -34.53 93.39
C1 NAG S . 16.82 -10.30 96.08
C2 NAG S . 17.05 -9.03 96.90
C3 NAG S . 17.03 -9.37 98.39
C4 NAG S . 15.73 -10.09 98.75
C5 NAG S . 15.54 -11.30 97.84
C6 NAG S . 14.21 -12.00 98.05
C7 NAG S . 18.39 -7.40 95.66
C8 NAG S . 19.76 -6.86 95.41
N2 NAG S . 18.31 -8.40 96.55
O3 NAG S . 17.15 -8.18 99.15
O4 NAG S . 15.79 -10.52 100.11
O5 NAG S . 15.58 -10.89 96.46
O6 NAG S . 13.17 -11.05 98.30
O7 NAG S . 17.40 -6.96 95.09
C1 NAG S . 14.78 -9.80 100.85
C2 NAG S . 14.66 -10.43 102.24
C3 NAG S . 13.63 -9.69 103.07
C4 NAG S . 13.97 -8.20 103.13
C5 NAG S . 14.14 -7.65 101.71
C6 NAG S . 14.61 -6.21 101.70
C7 NAG S . 13.26 -12.37 101.60
C8 NAG S . 13.13 -13.86 101.63
N2 NAG S . 14.35 -11.85 102.17
O3 NAG S . 13.59 -10.23 104.39
O4 NAG S . 12.92 -7.49 103.79
O5 NAG S . 15.12 -8.41 101.00
O6 NAG S . 15.88 -6.09 102.31
O7 NAG S . 12.40 -11.66 101.07
C1 NAG T . 4.17 0.93 83.81
C2 NAG T . 3.98 1.19 85.29
C3 NAG T . 2.83 2.16 85.52
C4 NAG T . 2.99 3.42 84.67
C5 NAG T . 3.26 3.04 83.21
C6 NAG T . 3.60 4.23 82.35
C7 NAG T . 4.01 -0.23 87.31
C8 NAG T . 3.71 -1.58 87.87
N2 NAG T . 3.74 -0.06 86.01
O3 NAG T . 2.78 2.52 86.90
O4 NAG T . 1.79 4.17 84.74
O5 NAG T . 4.38 2.15 83.14
O6 NAG T . 4.53 5.09 82.99
O7 NAG T . 4.49 0.68 87.99
C1 NAG T . 2.06 5.53 85.14
C2 NAG T . 0.82 6.36 84.81
C3 NAG T . 1.03 7.81 85.25
C4 NAG T . 1.44 7.87 86.71
C5 NAG T . 2.66 6.97 86.95
C6 NAG T . 3.07 6.89 88.40
C7 NAG T . -0.68 5.88 82.94
C8 NAG T . -0.84 5.88 81.44
N2 NAG T . 0.50 6.30 83.40
O3 NAG T . -0.19 8.53 85.07
O4 NAG T . 1.78 9.21 87.07
O5 NAG T . 2.36 5.63 86.52
O6 NAG T . 4.17 6.03 88.58
O7 NAG T . -1.60 5.54 83.68
C1 NAG U . 46.95 19.34 -19.64
C2 NAG U . 46.08 19.14 -18.41
C3 NAG U . 45.72 20.48 -17.79
C4 NAG U . 46.97 21.29 -17.51
C5 NAG U . 47.83 21.40 -18.77
C6 NAG U . 49.16 22.07 -18.51
C7 NAG U . 44.53 17.26 -18.10
C8 NAG U . 43.26 16.61 -18.57
N2 NAG U . 44.89 18.37 -18.74
O3 NAG U . 44.99 20.25 -16.58
O4 NAG U . 46.61 22.60 -17.09
O5 NAG U . 48.12 20.09 -19.28
O6 NAG U . 49.93 22.18 -19.70
O7 NAG U . 45.20 16.80 -17.18
C1 NAG U . 46.93 22.75 -15.69
C2 NAG U . 47.13 24.24 -15.41
C3 NAG U . 47.41 24.46 -13.93
C4 NAG U . 46.30 23.83 -13.09
C5 NAG U . 46.12 22.36 -13.47
C6 NAG U . 44.96 21.70 -12.77
C7 NAG U . 48.04 25.67 -17.19
C8 NAG U . 49.27 26.11 -17.92
N2 NAG U . 48.22 24.76 -16.22
O3 NAG U . 47.48 25.85 -13.67
O4 NAG U . 46.64 23.91 -11.71
O5 NAG U . 45.86 22.26 -14.88
O6 NAG U . 44.81 20.35 -13.18
O7 NAG U . 46.92 26.11 -17.46
C1 NAG V . 46.80 6.28 1.96
C2 NAG V . 46.85 7.32 3.06
C3 NAG V . 48.29 7.50 3.51
C4 NAG V . 48.92 6.16 3.87
C5 NAG V . 48.59 5.03 2.89
C6 NAG V . 48.81 3.66 3.50
C7 NAG V . 46.76 9.38 1.68
C8 NAG V . 46.01 10.64 1.42
N2 NAG V . 46.28 8.58 2.64
O3 NAG V . 48.32 8.37 4.64
O4 NAG V . 50.34 6.29 3.83
O5 NAG V . 47.21 5.05 2.48
O6 NAG V . 48.34 3.61 4.84
O7 NAG V . 47.77 9.09 1.04
C1 NAG V . 50.84 6.60 5.14
C2 NAG V . 52.14 5.82 5.35
C3 NAG V . 52.75 6.18 6.70
C4 NAG V . 52.89 7.68 6.87
C5 NAG V . 51.57 8.38 6.57
C6 NAG V . 51.67 9.89 6.56
C7 NAG V . 52.47 3.63 4.30
C8 NAG V . 52.12 2.18 4.34
N2 NAG V . 51.92 4.39 5.25
O3 NAG V . 54.02 5.55 6.84
O4 NAG V . 53.26 7.99 8.20
O5 NAG V . 51.10 7.99 5.26
O6 NAG V . 50.65 10.48 5.76
O7 NAG V . 53.21 4.10 3.44
C1 BMA V . 54.66 8.35 8.24
C2 BMA V . 54.91 9.04 9.61
C3 BMA V . 56.41 9.18 9.89
C4 BMA V . 57.15 7.86 9.60
C5 BMA V . 56.86 7.43 8.16
C6 BMA V . 57.58 6.15 7.77
O2 BMA V . 54.37 8.28 10.67
O3 BMA V . 56.66 9.60 11.22
O4 BMA V . 58.54 8.04 9.78
O5 BMA V . 55.46 7.20 8.06
O6 BMA V . 58.98 6.34 7.96
C1 NAG W . 44.44 -13.68 20.70
C2 NAG W . 45.22 -14.97 20.93
C3 NAG W . 46.19 -14.78 22.09
C4 NAG W . 47.09 -13.58 21.83
C5 NAG W . 46.26 -12.33 21.49
C6 NAG W . 47.10 -11.16 21.07
C7 NAG W . 44.40 -17.25 20.54
C8 NAG W . 43.40 -18.28 20.93
N2 NAG W . 44.32 -16.08 21.20
O3 NAG W . 46.98 -15.95 22.26
O4 NAG W . 47.89 -13.31 22.98
O5 NAG W . 45.36 -12.62 20.41
O6 NAG W . 48.43 -11.57 20.73
O7 NAG W . 45.24 -17.45 19.68
C1 NAG X . 6.50 -55.45 28.37
C2 NAG X . 6.79 -56.86 27.86
C3 NAG X . 5.90 -57.19 26.67
C4 NAG X . 4.44 -56.95 27.02
C5 NAG X . 4.24 -55.55 27.59
C6 NAG X . 2.84 -55.30 28.08
C7 NAG X . 8.83 -56.32 26.57
C8 NAG X . 10.29 -56.64 26.38
N2 NAG X . 8.20 -57.02 27.52
O3 NAG X . 6.10 -58.55 26.29
O4 NAG X . 3.63 -57.10 25.86
O5 NAG X . 5.12 -55.34 28.70
O6 NAG X . 2.61 -55.95 29.33
O7 NAG X . 8.27 -55.47 25.89
C1 NAG Y . -1.91 -44.80 13.36
C2 NAG Y . -3.23 -44.90 14.13
C3 NAG Y . -3.58 -46.37 14.37
C4 NAG Y . -3.60 -47.13 13.05
C5 NAG Y . -2.28 -46.93 12.32
C6 NAG Y . -2.28 -47.56 10.94
C7 NAG Y . -3.48 -42.89 15.52
C8 NAG Y . -3.33 -42.32 16.90
N2 NAG Y . -3.15 -44.19 15.40
O3 NAG Y . -4.86 -46.44 15.00
O4 NAG Y . -3.82 -48.51 13.29
O5 NAG Y . -2.02 -45.53 12.13
O6 NAG Y . -2.56 -48.95 11.00
O7 NAG Y . -3.87 -42.23 14.57
C1 NAG Z . 33.53 -22.62 63.68
C2 NAG Z . 34.73 -22.58 64.63
C3 NAG Z . 35.98 -22.12 63.89
C4 NAG Z . 36.21 -22.98 62.66
C5 NAG Z . 34.96 -23.01 61.78
C6 NAG Z . 35.09 -23.95 60.61
C7 NAG Z . 35.06 -21.83 66.95
C8 NAG Z . 34.66 -20.85 68.00
N2 NAG Z . 34.45 -21.71 65.76
O3 NAG Z . 37.09 -22.20 64.76
O4 NAG Z . 37.31 -22.47 61.90
O5 NAG Z . 33.85 -23.46 62.56
O6 NAG Z . 36.35 -23.84 59.97
O7 NAG Z . 35.90 -22.71 67.15
C1 NAG AA . 6.06 -52.46 63.66
C2 NAG AA . 7.07 -51.82 62.70
C3 NAG AA . 6.77 -52.22 61.26
C4 NAG AA . 6.66 -53.73 61.12
C5 NAG AA . 5.64 -54.26 62.12
C6 NAG AA . 5.53 -55.77 62.10
C7 NAG AA . 8.03 -49.57 62.42
C8 NAG AA . 7.83 -48.11 62.64
N2 NAG AA . 7.04 -50.37 62.84
O3 NAG AA . 7.82 -51.74 60.41
O4 NAG AA . 6.26 -54.08 59.80
O5 NAG AA . 6.03 -53.88 63.44
O6 NAG AA . 6.67 -56.39 62.68
O7 NAG AA . 9.05 -50.02 61.90
C1 NAG BA . 28.18 -40.68 -0.58
C2 NAG BA . 27.41 -41.75 -1.35
C3 NAG BA . 26.86 -42.76 -0.36
C4 NAG BA . 28.03 -43.41 0.37
C5 NAG BA . 29.00 -42.37 0.97
C6 NAG BA . 30.31 -42.99 1.38
C7 NAG BA . 25.80 -40.06 -2.34
C8 NAG BA . 24.78 -39.90 -3.43
N2 NAG BA . 26.37 -41.27 -2.27
O3 NAG BA . 26.09 -43.74 -1.04
O4 NAG BA . 27.55 -44.24 1.41
O5 NAG BA . 29.32 -41.30 0.06
O6 NAG BA . 30.26 -44.40 1.28
O7 NAG BA . 26.08 -39.14 -1.58
C1 NAG CA . 22.74 -12.92 -17.43
C2 NAG CA . 22.46 -12.04 -18.65
C3 NAG CA . 21.17 -11.25 -18.44
C4 NAG CA . 20.03 -12.19 -18.11
C5 NAG CA . 20.40 -13.08 -16.92
C6 NAG CA . 19.36 -14.12 -16.62
C7 NAG CA . 24.49 -11.38 -19.87
C8 NAG CA . 25.57 -10.36 -20.00
N2 NAG CA . 23.58 -11.15 -18.91
O3 NAG CA . 20.88 -10.51 -19.63
O4 NAG CA . 18.86 -11.43 -17.77
O5 NAG CA . 21.62 -13.78 -17.20
O6 NAG CA . 19.14 -14.99 -17.73
O7 NAG CA . 24.43 -12.37 -20.60
C1 NAG DA . 30.97 -6.58 -26.16
C2 NAG DA . 30.50 -5.90 -24.87
C3 NAG DA . 29.19 -5.17 -25.12
C4 NAG DA . 29.33 -4.20 -26.30
C5 NAG DA . 29.87 -4.94 -27.52
C6 NAG DA . 30.15 -4.02 -28.68
C7 NAG DA . 30.35 -6.46 -22.49
C8 NAG DA . 30.20 -7.57 -21.49
N2 NAG DA . 30.37 -6.85 -23.78
O3 NAG DA . 28.80 -4.46 -23.96
O4 NAG DA . 28.06 -3.63 -26.61
O5 NAG DA . 31.10 -5.61 -27.21
O6 NAG DA . 28.96 -3.49 -29.24
O7 NAG DA . 30.44 -5.29 -22.17
C1 NAG EA . 28.20 -34.65 33.25
C2 NAG EA . 29.60 -34.17 33.61
C3 NAG EA . 30.04 -34.79 34.94
C4 NAG EA . 29.00 -34.53 36.02
C5 NAG EA . 27.63 -35.00 35.56
C6 NAG EA . 26.53 -34.67 36.53
C7 NAG EA . 31.54 -33.64 32.20
C8 NAG EA . 32.43 -34.12 31.10
N2 NAG EA . 30.56 -34.48 32.57
O3 NAG EA . 31.29 -34.24 35.33
O4 NAG EA . 29.35 -35.20 37.22
O5 NAG EA . 27.28 -34.36 34.32
O6 NAG EA . 26.72 -35.32 37.78
O7 NAG EA . 31.69 -32.54 32.73
C1 NAG FA . -32.31 -38.15 13.62
C2 NAG FA . -33.79 -38.36 13.95
C3 NAG FA . -33.95 -39.56 14.88
C4 NAG FA . -33.28 -40.78 14.29
C5 NAG FA . -31.82 -40.47 13.93
C6 NAG FA . -31.14 -41.62 13.20
C7 NAG FA . -34.99 -36.23 13.82
C8 NAG FA . -35.54 -35.06 14.58
N2 NAG FA . -34.37 -37.17 14.54
O3 NAG FA . -35.33 -39.81 15.09
O4 NAG FA . -33.31 -41.85 15.22
O5 NAG FA . -31.77 -39.33 13.05
O6 NAG FA . -31.81 -41.95 11.99
O7 NAG FA . -35.11 -36.31 12.59
C1 NAG GA . -43.72 2.63 50.73
C2 NAG GA . -44.97 2.74 49.87
C3 NAG GA . -45.13 4.16 49.33
C4 NAG GA . -45.08 5.17 50.48
C5 NAG GA . -43.83 4.94 51.33
C6 NAG GA . -43.78 5.83 52.55
C7 NAG GA . -44.02 1.73 47.81
C8 NAG GA . -44.21 0.66 46.78
N2 NAG GA . -44.96 1.78 48.78
O3 NAG GA . -46.37 4.28 48.64
O4 NAG GA . -45.06 6.50 49.97
O5 NAG GA . -43.78 3.59 51.79
O6 NAG GA . -45.03 5.82 53.24
O7 NAG GA . -43.08 2.51 47.77
C1 NAG HA . -36.00 13.91 35.95
C2 NAG HA . -35.53 14.58 37.23
C3 NAG HA . -36.68 15.35 37.89
C4 NAG HA . -37.30 16.32 36.89
C5 NAG HA . -37.69 15.59 35.61
C6 NAG HA . -38.17 16.54 34.53
C7 NAG HA . -33.67 13.26 38.16
C8 NAG HA . -33.27 12.24 39.18
N2 NAG HA . -34.97 13.61 38.15
O3 NAG HA . -36.20 16.05 39.03
O4 NAG HA . -38.45 16.92 37.46
O5 NAG HA . -36.56 14.90 35.07
O6 NAG HA . -37.08 17.03 33.76
O7 NAG HA . -32.88 13.74 37.36
C1 NAG IA . -20.54 -4.96 86.72
C2 NAG IA . -22.03 -4.68 86.95
C3 NAG IA . -22.27 -4.24 88.38
C4 NAG IA . -21.70 -5.27 89.36
C5 NAG IA . -20.23 -5.54 89.02
C6 NAG IA . -19.64 -6.65 89.86
C7 NAG IA . -23.45 -3.92 85.10
C8 NAG IA . -23.84 -2.76 84.22
N2 NAG IA . -22.51 -3.67 86.01
O3 NAG IA . -23.67 -4.10 88.60
O4 NAG IA . -21.80 -4.78 90.69
O5 NAG IA . -20.10 -5.94 87.65
O6 NAG IA . -18.55 -7.27 89.20
O7 NAG IA . -23.97 -5.02 84.99
C1 NAG JA . -29.93 -16.94 78.12
C2 NAG JA . -30.32 -15.56 78.65
C3 NAG JA . -31.15 -14.81 77.61
C4 NAG JA . -30.43 -14.78 76.27
C5 NAG JA . -30.05 -16.19 75.85
C6 NAG JA . -29.23 -16.23 74.58
C7 NAG JA . -30.44 -15.66 81.10
C8 NAG JA . -31.35 -15.78 82.30
N2 NAG JA . -31.04 -15.67 79.91
O3 NAG JA . -31.39 -13.48 78.07
O4 NAG JA . -31.27 -14.19 75.28
O5 NAG JA . -29.25 -16.80 76.87
O6 NAG JA . -30.04 -15.98 73.43
O7 NAG JA . -29.22 -15.56 81.22
C1 NAG KA . -34.66 -24.33 37.06
C2 NAG KA . -34.71 -24.98 38.45
C3 NAG KA . -34.01 -24.07 39.47
C4 NAG KA . -32.60 -23.72 39.00
C5 NAG KA . -32.65 -23.15 37.58
C6 NAG KA . -31.29 -22.87 37.01
C7 NAG KA . -36.75 -26.33 38.50
C8 NAG KA . -38.16 -26.43 39.01
N2 NAG KA . -36.08 -25.23 38.85
O3 NAG KA . -33.94 -24.75 40.72
O4 NAG KA . -32.03 -22.76 39.87
O5 NAG KA . -33.30 -24.07 36.70
O6 NAG KA . -30.32 -23.81 37.44
O7 NAG KA . -36.25 -27.20 37.80
C1 NAG LA . -62.51 -4.08 -20.63
C2 NAG LA . -61.34 -3.58 -19.75
C3 NAG LA . -60.90 -2.20 -20.20
C4 NAG LA . -60.61 -2.17 -21.70
C5 NAG LA . -61.79 -2.75 -22.48
C6 NAG LA . -61.51 -2.88 -23.96
C7 NAG LA . -62.69 -2.89 -17.80
C8 NAG LA . -62.87 -3.05 -16.32
N2 NAG LA . -61.69 -3.59 -18.34
O3 NAG LA . -59.73 -1.81 -19.48
O4 NAG LA . -60.37 -0.84 -22.13
O5 NAG LA . -62.11 -4.06 -22.00
O6 NAG LA . -62.70 -3.19 -24.69
O7 NAG LA . -63.41 -2.15 -18.47
C1 NAG MA . -16.15 35.79 38.58
C2 NAG MA . -15.38 36.58 39.63
C3 NAG MA . -16.30 36.95 40.79
C4 NAG MA . -17.53 37.69 40.27
C5 NAG MA . -18.21 36.87 39.17
C6 NAG MA . -19.36 37.61 38.51
C7 NAG MA . -13.02 35.89 39.56
C8 NAG MA . -11.95 35.04 40.20
N2 NAG MA . -14.23 35.82 40.12
O3 NAG MA . -15.59 37.79 41.70
O4 NAG MA . -18.45 37.90 41.33
O5 NAG MA . -17.26 36.56 38.13
O6 NAG MA . -18.93 38.86 38.00
O7 NAG MA . -12.79 36.61 38.60
C1 NAG NA . 33.92 14.30 55.57
C2 NAG NA . 34.91 15.28 56.19
C3 NAG NA . 36.18 15.37 55.35
C4 NAG NA . 36.76 13.98 55.12
C5 NAG NA . 35.70 13.05 54.53
C6 NAG NA . 36.17 11.63 54.39
C7 NAG NA . 33.87 17.38 55.38
C8 NAG NA . 33.30 18.71 55.80
N2 NAG NA . 34.33 16.61 56.37
O3 NAG NA . 37.14 16.20 56.00
O4 NAG NA . 37.87 14.05 54.23
O5 NAG NA . 34.55 13.03 55.39
O6 NAG NA . 37.41 11.55 53.68
O7 NAG NA . 33.92 17.04 54.21
C1 NAG OA . 34.79 11.93 34.82
C2 NAG OA . 35.21 10.61 35.43
C3 NAG OA . 36.56 10.76 36.12
C4 NAG OA . 37.59 11.33 35.16
C5 NAG OA . 37.08 12.63 34.56
C6 NAG OA . 38.00 13.20 33.50
C7 NAG OA . 33.49 9.01 36.15
C8 NAG OA . 32.51 8.65 37.21
N2 NAG OA . 34.21 10.12 36.36
O3 NAG OA . 37.00 9.48 36.60
O4 NAG OA . 38.81 11.58 35.85
O5 NAG OA . 35.81 12.41 33.93
O6 NAG OA . 38.32 12.23 32.53
O7 NAG OA . 33.63 8.33 35.13
C1 NAG PA . 29.82 -18.92 80.99
C2 NAG PA . 29.85 -20.27 81.72
C3 NAG PA . 30.90 -20.25 82.84
C4 NAG PA . 32.25 -19.79 82.30
C5 NAG PA . 32.09 -18.45 81.59
C6 NAG PA . 33.37 -17.96 80.95
C7 NAG PA . 27.58 -21.16 81.52
C8 NAG PA . 26.29 -21.42 82.23
N2 NAG PA . 28.55 -20.60 82.25
O3 NAG PA . 31.02 -21.56 83.38
O4 NAG PA . 33.17 -19.64 83.38
O5 NAG PA . 31.13 -18.59 80.53
O6 NAG PA . 33.28 -16.58 80.61
O7 NAG PA . 27.73 -21.43 80.33
C1 NAG QA . 22.93 -6.43 83.42
C2 NAG QA . 22.92 -4.89 83.38
C3 NAG QA . 24.05 -4.31 84.22
C4 NAG QA . 24.05 -4.91 85.63
C5 NAG QA . 24.08 -6.43 85.53
C6 NAG QA . 24.02 -7.13 86.87
C7 NAG QA . 21.95 -4.17 81.23
C8 NAG QA . 22.25 -3.67 79.85
N2 NAG QA . 23.01 -4.40 82.01
O3 NAG QA . 23.90 -2.90 84.31
O4 NAG QA . 25.17 -4.46 86.36
O5 NAG QA . 22.95 -6.87 84.77
O6 NAG QA . 23.83 -8.52 86.71
O7 NAG QA . 20.81 -4.34 81.63
C1 NAG RA . 3.03 22.16 53.42
C2 NAG RA . 1.99 22.43 54.51
C3 NAG RA . 2.33 21.62 55.76
C4 NAG RA . 2.46 20.15 55.41
C5 NAG RA . 3.44 19.95 54.26
C6 NAG RA . 3.50 18.52 53.77
C7 NAG RA . 1.06 24.67 54.20
C8 NAG RA . 1.10 26.11 54.63
N2 NAG RA . 1.90 23.85 54.81
O3 NAG RA . 1.30 21.81 56.73
O4 NAG RA . 2.92 19.42 56.55
O5 NAG RA . 3.06 20.76 53.13
O6 NAG RA . 2.27 18.13 53.18
O7 NAG RA . 0.29 24.28 53.32
C1 NAG SA . 3.09 50.91 -7.02
C2 NAG SA . 3.48 49.86 -8.07
C3 NAG SA . 4.99 49.84 -8.25
C4 NAG SA . 5.51 51.23 -8.58
C5 NAG SA . 5.06 52.22 -7.51
C6 NAG SA . 5.43 53.64 -7.83
C7 NAG SA . 2.76 47.57 -8.57
C8 NAG SA . 2.26 46.27 -8.02
N2 NAG SA . 2.98 48.55 -7.69
O3 NAG SA . 5.33 48.94 -9.31
O4 NAG SA . 6.93 51.23 -8.63
O5 NAG SA . 3.62 52.19 -7.40
O6 NAG SA . 4.62 54.18 -8.86
O7 NAG SA . 2.97 47.72 -9.77
#